data_3JW7
#
_entry.id   3JW7
#
_cell.length_a   194.918
_cell.length_b   187.442
_cell.length_c   91.894
_cell.angle_alpha   90.00
_cell.angle_beta   89.99
_cell.angle_gamma   90.00
#
_symmetry.space_group_name_H-M   'C 1 2 1'
#
loop_
_entity.id
_entity.type
_entity.pdbx_description
1 polymer 'Dipeptide Epimerase'
2 non-polymer ISOLEUCINE
3 non-polymer TYROSINE
4 non-polymer GLYCEROL
5 non-polymer 'MAGNESIUM ION'
6 water water
#
_entity_poly.entity_id   1
_entity_poly.type   'polypeptide(L)'
_entity_poly.pdbx_seq_one_letter_code
;MKIKQVHVRASKIKLKETFTIALGTIESADSAIVEIETEEGLVGYGEGGPGIFITGETLAGTLETIELFGQAIIGLNPFN
IEKIHEVMDKISAFAPAAKAAIDIACYDLMGQKAQLPLYQLLGGYDNQVITDITLGIDEPNVMAQKAVEKVKLGFDTLKI
KVGTGIEADIARVKAIREAVGFDIKLRLDANQAWTPKDAVKAIQALADYQIELVEQPVKRRDLEGLKYVTSQVNTTIMAD
ESCFDAQDALELVKKGTVDVINIKLMKCGGIHEALKINQICETAGIECMIGCMAEETTIGITAAAHLAAAQKNITRADLD
ATFGLETAPVTGGVSLEAKPLLELGEAAGLGISH
;
_entity_poly.pdbx_strand_id   A,B,C,D,E,F,G,H
#
# COMPACT_ATOMS: atom_id res chain seq x y z
N MET A 1 5.26 22.20 48.01
CA MET A 1 4.18 23.14 47.61
C MET A 1 2.89 22.34 47.42
N LYS A 2 1.77 22.88 47.92
CA LYS A 2 0.49 22.20 47.83
C LYS A 2 -0.66 23.13 47.50
N ILE A 3 -1.53 22.71 46.60
CA ILE A 3 -2.67 23.52 46.23
C ILE A 3 -3.67 23.53 47.36
N LYS A 4 -4.05 24.74 47.79
CA LYS A 4 -5.02 24.89 48.87
C LYS A 4 -6.41 25.10 48.33
N GLN A 5 -6.53 25.95 47.32
CA GLN A 5 -7.83 26.24 46.73
C GLN A 5 -7.70 26.73 45.30
N VAL A 6 -8.70 26.42 44.48
CA VAL A 6 -8.71 26.87 43.11
C VAL A 6 -9.90 27.81 42.95
N HIS A 7 -9.61 29.07 42.65
CA HIS A 7 -10.64 30.07 42.46
C HIS A 7 -10.82 30.30 40.97
N VAL A 8 -12.06 30.53 40.54
CA VAL A 8 -12.31 30.76 39.14
C VAL A 8 -13.40 31.81 38.99
N ARG A 9 -13.29 32.64 37.96
CA ARG A 9 -14.29 33.68 37.73
C ARG A 9 -14.45 33.96 36.26
N ALA A 10 -15.64 34.44 35.89
CA ALA A 10 -15.92 34.77 34.51
C ALA A 10 -15.34 36.15 34.22
N SER A 11 -14.80 36.31 33.03
CA SER A 11 -14.25 37.59 32.60
C SER A 11 -14.88 37.88 31.24
N LYS A 12 -15.50 39.04 31.11
CA LYS A 12 -16.14 39.42 29.86
C LYS A 12 -15.63 40.79 29.47
N ILE A 13 -14.78 40.85 28.44
CA ILE A 13 -14.21 42.11 28.00
C ILE A 13 -14.59 42.42 26.55
N LYS A 14 -15.28 43.53 26.34
CA LYS A 14 -15.69 43.89 24.99
C LYS A 14 -14.47 44.20 24.12
N LEU A 15 -14.57 43.85 22.84
CA LEU A 15 -13.49 44.12 21.91
C LEU A 15 -13.69 45.52 21.34
N LYS A 16 -12.58 46.19 21.03
CA LYS A 16 -12.63 47.54 20.49
C LYS A 16 -13.32 47.55 19.13
N GLU A 17 -13.26 46.42 18.44
CA GLU A 17 -13.90 46.29 17.15
C GLU A 17 -14.25 44.82 16.93
N THR A 18 -15.38 44.57 16.27
CA THR A 18 -15.79 43.21 15.99
C THR A 18 -14.85 42.57 14.97
N PHE A 19 -14.47 41.32 15.20
CA PHE A 19 -13.58 40.63 14.29
C PHE A 19 -14.32 39.52 13.58
N THR A 20 -14.17 39.47 12.26
CA THR A 20 -14.83 38.47 11.44
C THR A 20 -13.85 37.53 10.74
N ILE A 21 -14.11 36.23 10.87
CA ILE A 21 -13.29 35.24 10.19
C ILE A 21 -14.28 34.35 9.45
N ALA A 22 -13.77 33.39 8.69
CA ALA A 22 -14.63 32.51 7.92
C ALA A 22 -15.68 31.76 8.76
N LEU A 23 -15.34 31.48 10.00
CA LEU A 23 -16.22 30.73 10.90
C LEU A 23 -17.27 31.55 11.65
N GLY A 24 -17.08 32.85 11.72
CA GLY A 24 -18.03 33.68 12.43
C GLY A 24 -17.41 34.98 12.92
N THR A 25 -18.11 35.65 13.83
CA THR A 25 -17.64 36.91 14.37
C THR A 25 -17.57 36.89 15.89
N ILE A 26 -16.71 37.73 16.44
CA ILE A 26 -16.57 37.83 17.88
C ILE A 26 -16.57 39.32 18.22
N GLU A 27 -17.23 39.69 19.31
CA GLU A 27 -17.27 41.09 19.69
C GLU A 27 -16.94 41.27 21.17
N SER A 28 -16.68 40.16 21.84
CA SER A 28 -16.34 40.21 23.26
C SER A 28 -15.48 39.01 23.65
N ALA A 29 -14.46 39.26 24.45
CA ALA A 29 -13.58 38.19 24.90
C ALA A 29 -14.11 37.73 26.25
N ASP A 30 -14.73 36.56 26.27
CA ASP A 30 -15.27 36.02 27.52
C ASP A 30 -14.48 34.77 27.88
N SER A 31 -13.78 34.85 28.99
CA SER A 31 -12.96 33.73 29.43
C SER A 31 -13.13 33.43 30.91
N ALA A 32 -12.48 32.35 31.34
CA ALA A 32 -12.52 31.94 32.73
C ALA A 32 -11.13 32.23 33.28
N ILE A 33 -11.06 33.03 34.33
CA ILE A 33 -9.77 33.34 34.93
C ILE A 33 -9.63 32.52 36.20
N VAL A 34 -8.53 31.78 36.26
CA VAL A 34 -8.25 30.92 37.39
C VAL A 34 -7.10 31.44 38.21
N GLU A 35 -7.23 31.25 39.52
CA GLU A 35 -6.21 31.64 40.47
C GLU A 35 -6.05 30.47 41.42
N ILE A 36 -4.94 29.75 41.31
CA ILE A 36 -4.70 28.63 42.19
C ILE A 36 -3.88 29.10 43.36
N GLU A 37 -4.44 28.98 44.55
CA GLU A 37 -3.79 29.39 45.78
C GLU A 37 -3.14 28.21 46.49
N THR A 38 -1.87 28.35 46.83
CA THR A 38 -1.17 27.28 47.53
C THR A 38 -1.20 27.54 49.03
N GLU A 39 -0.85 26.52 49.81
CA GLU A 39 -0.83 26.62 51.26
C GLU A 39 0.11 27.72 51.74
N GLU A 40 1.26 27.85 51.09
CA GLU A 40 2.24 28.84 51.47
C GLU A 40 1.88 30.28 51.07
N GLY A 41 0.83 30.43 50.27
CA GLY A 41 0.42 31.77 49.88
C GLY A 41 0.67 32.19 48.44
N LEU A 42 1.47 31.42 47.70
CA LEU A 42 1.71 31.78 46.32
C LEU A 42 0.42 31.56 45.52
N VAL A 43 0.16 32.45 44.57
CA VAL A 43 -1.03 32.36 43.73
C VAL A 43 -0.64 32.35 42.26
N GLY A 44 -1.09 31.32 41.55
CA GLY A 44 -0.79 31.21 40.14
C GLY A 44 -2.01 31.56 39.32
N TYR A 45 -1.78 32.21 38.17
CA TYR A 45 -2.85 32.65 37.27
C TYR A 45 -2.98 31.75 36.06
N GLY A 46 -4.23 31.45 35.70
CA GLY A 46 -4.51 30.62 34.55
C GLY A 46 -5.73 31.16 33.84
N GLU A 47 -5.92 30.77 32.60
CA GLU A 47 -7.08 31.25 31.86
C GLU A 47 -7.55 30.23 30.82
N GLY A 48 -8.86 30.22 30.61
CA GLY A 48 -9.47 29.35 29.63
C GLY A 48 -10.36 30.19 28.74
N GLY A 49 -9.96 30.37 27.49
CA GLY A 49 -10.74 31.18 26.56
C GLY A 49 -11.38 30.27 25.53
N PRO A 50 -12.62 29.81 25.78
CA PRO A 50 -13.34 28.91 24.87
C PRO A 50 -13.99 29.55 23.65
N GLY A 51 -13.56 29.11 22.47
CA GLY A 51 -14.11 29.60 21.22
C GLY A 51 -15.10 28.56 20.70
N ILE A 52 -16.39 28.87 20.79
CA ILE A 52 -17.41 27.92 20.39
C ILE A 52 -17.34 27.47 18.93
N PHE A 53 -17.02 28.35 18.00
CA PHE A 53 -16.94 27.89 16.62
C PHE A 53 -15.58 27.28 16.29
N ILE A 54 -14.75 27.10 17.30
CA ILE A 54 -13.45 26.46 17.11
C ILE A 54 -13.45 25.07 17.75
N THR A 55 -13.78 25.01 19.05
CA THR A 55 -13.80 23.75 19.79
C THR A 55 -15.18 23.33 20.29
N GLY A 56 -16.14 24.25 20.27
CA GLY A 56 -17.47 23.92 20.76
C GLY A 56 -17.62 24.26 22.24
N GLU A 57 -16.51 24.59 22.89
CA GLU A 57 -16.56 24.93 24.31
C GLU A 57 -17.24 26.28 24.54
N THR A 58 -17.94 26.39 25.66
CA THR A 58 -18.64 27.61 26.02
C THR A 58 -18.11 28.05 27.38
N LEU A 59 -18.39 29.30 27.75
CA LEU A 59 -17.92 29.79 29.03
C LEU A 59 -18.56 29.01 30.18
N ALA A 60 -19.86 28.75 30.09
CA ALA A 60 -20.55 28.02 31.16
C ALA A 60 -20.01 26.59 31.31
N GLY A 61 -19.76 25.93 30.19
CA GLY A 61 -19.22 24.57 30.26
C GLY A 61 -17.82 24.58 30.82
N THR A 62 -17.03 25.55 30.38
CA THR A 62 -15.65 25.69 30.85
C THR A 62 -15.60 25.99 32.35
N LEU A 63 -16.46 26.89 32.81
CA LEU A 63 -16.50 27.24 34.23
C LEU A 63 -16.85 26.01 35.09
N GLU A 64 -17.86 25.27 34.66
CA GLU A 64 -18.27 24.08 35.39
C GLU A 64 -17.15 23.05 35.43
N THR A 65 -16.47 22.85 34.30
CA THR A 65 -15.40 21.87 34.26
C THR A 65 -14.22 22.28 35.16
N ILE A 66 -13.87 23.56 35.15
CA ILE A 66 -12.77 24.03 35.97
C ILE A 66 -13.07 23.79 37.44
N GLU A 67 -14.32 23.98 37.85
CA GLU A 67 -14.68 23.76 39.24
C GLU A 67 -14.48 22.30 39.63
N LEU A 68 -14.80 21.39 38.72
CA LEU A 68 -14.61 19.97 38.99
C LEU A 68 -13.12 19.70 39.11
N PHE A 69 -12.33 20.26 38.20
CA PHE A 69 -10.88 20.07 38.26
C PHE A 69 -10.35 20.63 39.57
N GLY A 70 -10.81 21.83 39.92
CA GLY A 70 -10.37 22.50 41.13
C GLY A 70 -10.46 21.67 42.39
N GLN A 71 -11.61 21.04 42.60
CA GLN A 71 -11.80 20.21 43.78
C GLN A 71 -10.91 18.98 43.75
N ALA A 72 -10.75 18.39 42.57
CA ALA A 72 -9.94 17.20 42.42
C ALA A 72 -8.44 17.37 42.62
N ILE A 73 -7.91 18.58 42.47
CA ILE A 73 -6.47 18.76 42.63
C ILE A 73 -5.99 19.37 43.94
N ILE A 74 -6.93 19.64 44.85
CA ILE A 74 -6.55 20.19 46.14
C ILE A 74 -5.57 19.22 46.80
N GLY A 75 -4.51 19.78 47.38
CA GLY A 75 -3.51 18.96 48.05
C GLY A 75 -2.35 18.51 47.18
N LEU A 76 -2.49 18.66 45.85
CA LEU A 76 -1.41 18.24 44.96
C LEU A 76 -0.34 19.32 44.80
N ASN A 77 0.84 18.89 44.39
CA ASN A 77 1.96 19.81 44.17
C ASN A 77 1.88 20.32 42.73
N PRO A 78 1.92 21.64 42.52
CA PRO A 78 1.85 22.18 41.16
C PRO A 78 2.91 21.62 40.22
N PHE A 79 4.05 21.20 40.79
CA PHE A 79 5.13 20.62 39.99
C PHE A 79 4.76 19.23 39.47
N ASN A 80 3.78 18.60 40.12
CA ASN A 80 3.34 17.27 39.69
C ASN A 80 2.34 17.48 38.55
N ILE A 81 2.84 18.07 37.47
CA ILE A 81 2.02 18.37 36.30
C ILE A 81 1.54 17.08 35.63
N GLU A 82 2.31 16.01 35.79
CA GLU A 82 1.95 14.71 35.27
C GLU A 82 0.66 14.22 35.93
N LYS A 83 0.61 14.27 37.26
CA LYS A 83 -0.59 13.83 37.95
C LYS A 83 -1.75 14.79 37.72
N ILE A 84 -1.46 16.08 37.69
CA ILE A 84 -2.51 17.08 37.47
C ILE A 84 -3.26 16.82 36.16
N HIS A 85 -2.54 16.52 35.09
CA HIS A 85 -3.19 16.24 33.81
C HIS A 85 -3.90 14.88 33.81
N GLU A 86 -3.32 13.94 34.54
CA GLU A 86 -3.89 12.59 34.67
C GLU A 86 -5.27 12.73 35.30
N VAL A 87 -5.35 13.52 36.37
CA VAL A 87 -6.61 13.75 37.07
C VAL A 87 -7.66 14.44 36.18
N MET A 88 -7.24 15.49 35.48
CA MET A 88 -8.15 16.22 34.61
C MET A 88 -8.62 15.34 33.44
N ASP A 89 -7.72 14.53 32.89
CA ASP A 89 -8.07 13.68 31.76
C ASP A 89 -9.05 12.57 32.13
N LYS A 90 -9.02 12.18 33.40
CA LYS A 90 -9.91 11.14 33.90
C LYS A 90 -11.29 11.77 34.12
N ILE A 91 -11.31 13.02 34.55
CA ILE A 91 -12.57 13.71 34.80
C ILE A 91 -13.31 14.07 33.50
N SER A 92 -12.60 14.63 32.54
CA SER A 92 -13.21 15.04 31.27
C SER A 92 -12.49 14.51 30.05
N ALA A 93 -13.26 13.97 29.13
CA ALA A 93 -12.74 13.43 27.88
C ALA A 93 -12.34 14.52 26.89
N PHE A 94 -12.85 15.73 27.08
CA PHE A 94 -12.54 16.85 26.19
C PHE A 94 -12.93 18.20 26.78
N ALA A 95 -11.94 19.01 27.12
CA ALA A 95 -12.15 20.35 27.67
C ALA A 95 -10.82 21.09 27.71
N PRO A 96 -10.19 21.29 26.53
CA PRO A 96 -8.90 21.97 26.49
C PRO A 96 -8.85 23.36 27.13
N ALA A 97 -9.92 24.14 27.05
CA ALA A 97 -9.92 25.47 27.66
C ALA A 97 -9.81 25.32 29.18
N ALA A 98 -10.59 24.42 29.76
CA ALA A 98 -10.57 24.21 31.21
C ALA A 98 -9.25 23.64 31.70
N LYS A 99 -8.68 22.71 30.93
CA LYS A 99 -7.41 22.07 31.30
C LYS A 99 -6.28 23.08 31.17
N ALA A 100 -6.35 23.94 30.16
CA ALA A 100 -5.33 24.96 29.97
C ALA A 100 -5.35 25.94 31.15
N ALA A 101 -6.54 26.29 31.59
CA ALA A 101 -6.67 27.23 32.70
C ALA A 101 -5.93 26.73 33.95
N ILE A 102 -6.09 25.45 34.26
CA ILE A 102 -5.42 24.84 35.42
C ILE A 102 -3.92 24.72 35.18
N ASP A 103 -3.57 24.16 34.02
CA ASP A 103 -2.18 23.95 33.62
C ASP A 103 -1.37 25.25 33.67
N ILE A 104 -1.91 26.31 33.07
CA ILE A 104 -1.19 27.59 33.06
C ILE A 104 -0.91 28.11 34.47
N ALA A 105 -1.89 28.00 35.37
CA ALA A 105 -1.71 28.45 36.74
C ALA A 105 -0.65 27.60 37.42
N CYS A 106 -0.61 26.31 37.13
CA CYS A 106 0.40 25.45 37.75
C CYS A 106 1.79 25.86 37.30
N TYR A 107 1.97 26.14 36.02
CA TYR A 107 3.28 26.55 35.53
C TYR A 107 3.66 27.90 36.12
N ASP A 108 2.69 28.78 36.30
CA ASP A 108 2.96 30.08 36.87
C ASP A 108 3.52 29.85 38.28
N LEU A 109 2.89 28.94 39.03
CA LEU A 109 3.35 28.62 40.38
C LEU A 109 4.73 27.98 40.38
N MET A 110 5.00 27.15 39.37
CA MET A 110 6.30 26.51 39.28
C MET A 110 7.38 27.57 39.14
N GLY A 111 7.14 28.54 38.25
CA GLY A 111 8.09 29.61 38.05
C GLY A 111 8.29 30.46 39.29
N GLN A 112 7.19 30.79 39.96
CA GLN A 112 7.28 31.60 41.17
C GLN A 112 8.03 30.90 42.30
N LYS A 113 7.81 29.60 42.43
CA LYS A 113 8.47 28.80 43.47
C LYS A 113 9.95 28.67 43.17
N ALA A 114 10.27 28.46 41.90
CA ALA A 114 11.67 28.32 41.50
C ALA A 114 12.32 29.70 41.36
N GLN A 115 11.51 30.75 41.48
CA GLN A 115 11.97 32.12 41.35
C GLN A 115 12.63 32.36 39.99
N LEU A 116 11.96 31.92 38.94
CA LEU A 116 12.45 32.06 37.58
C LEU A 116 11.31 32.44 36.65
N PRO A 117 11.61 33.22 35.60
CA PRO A 117 10.58 33.61 34.64
C PRO A 117 10.21 32.28 34.00
N LEU A 118 8.95 32.09 33.63
CA LEU A 118 8.53 30.83 33.04
C LEU A 118 9.33 30.33 31.84
N TYR A 119 9.75 31.22 30.95
CA TYR A 119 10.49 30.78 29.77
C TYR A 119 11.77 30.02 30.14
N GLN A 120 12.33 30.30 31.31
CA GLN A 120 13.54 29.60 31.74
C GLN A 120 13.25 28.14 32.10
N LEU A 121 12.03 27.85 32.51
CA LEU A 121 11.65 26.48 32.85
C LEU A 121 11.17 25.70 31.63
N LEU A 122 10.93 26.41 30.53
CA LEU A 122 10.41 25.75 29.34
C LEU A 122 11.37 25.57 28.16
N GLY A 123 12.66 25.83 28.38
CA GLY A 123 13.62 25.67 27.29
C GLY A 123 14.70 26.73 27.28
N GLY A 124 14.33 27.92 27.73
CA GLY A 124 15.26 29.05 27.81
C GLY A 124 15.92 29.56 26.54
N TYR A 125 15.37 29.27 25.38
CA TYR A 125 16.00 29.71 24.13
C TYR A 125 16.04 31.23 23.95
N ASP A 126 14.97 31.91 24.37
CA ASP A 126 14.89 33.36 24.24
C ASP A 126 13.99 33.95 25.33
N ASN A 127 13.95 35.27 25.42
CA ASN A 127 13.12 35.94 26.43
C ASN A 127 12.17 36.93 25.80
N GLN A 128 11.91 36.76 24.51
CA GLN A 128 11.01 37.65 23.78
C GLN A 128 10.52 36.94 22.55
N VAL A 129 9.46 37.46 21.95
CA VAL A 129 8.91 36.89 20.75
C VAL A 129 8.32 38.00 19.90
N ILE A 130 8.40 37.83 18.58
CA ILE A 130 7.86 38.81 17.66
C ILE A 130 6.56 38.22 17.09
N THR A 131 5.47 38.95 17.27
CA THR A 131 4.19 38.49 16.78
C THR A 131 3.68 39.25 15.56
N ASP A 132 2.82 38.60 14.79
CA ASP A 132 2.20 39.23 13.64
C ASP A 132 0.96 39.90 14.24
N ILE A 133 0.09 40.41 13.39
CA ILE A 133 -1.16 40.99 13.84
C ILE A 133 -2.15 40.57 12.76
N THR A 134 -3.36 40.23 13.19
CA THR A 134 -4.40 39.78 12.28
C THR A 134 -5.33 40.85 11.74
N LEU A 135 -5.67 40.71 10.46
CA LEU A 135 -6.58 41.61 9.79
C LEU A 135 -7.85 40.80 9.52
N GLY A 136 -8.95 41.19 10.17
CA GLY A 136 -10.20 40.48 9.97
C GLY A 136 -10.77 40.66 8.58
N ILE A 137 -11.66 39.76 8.19
CA ILE A 137 -12.28 39.81 6.88
C ILE A 137 -13.06 41.12 6.67
N ASP A 138 -12.86 41.73 5.51
CA ASP A 138 -13.57 42.97 5.18
C ASP A 138 -13.31 43.26 3.70
N GLU A 139 -13.81 44.37 3.20
CA GLU A 139 -13.59 44.73 1.80
C GLU A 139 -12.10 44.96 1.54
N PRO A 140 -11.64 44.61 0.34
CA PRO A 140 -10.22 44.78 -0.03
C PRO A 140 -9.59 46.11 0.36
N ASN A 141 -10.18 47.22 -0.06
CA ASN A 141 -9.63 48.52 0.26
C ASN A 141 -9.57 48.77 1.76
N VAL A 142 -10.55 48.26 2.49
CA VAL A 142 -10.59 48.44 3.94
C VAL A 142 -9.44 47.68 4.59
N MET A 143 -9.29 46.40 4.26
CA MET A 143 -8.21 45.59 4.81
C MET A 143 -6.87 46.21 4.47
N ALA A 144 -6.77 46.74 3.25
CA ALA A 144 -5.54 47.36 2.78
C ALA A 144 -5.16 48.57 3.64
N GLN A 145 -6.14 49.42 3.95
CA GLN A 145 -5.87 50.58 4.78
C GLN A 145 -5.40 50.16 6.16
N LYS A 146 -6.07 49.16 6.72
CA LYS A 146 -5.72 48.63 8.02
C LYS A 146 -4.28 48.12 8.00
N ALA A 147 -3.92 47.47 6.90
CA ALA A 147 -2.58 46.92 6.74
C ALA A 147 -1.55 48.04 6.83
N VAL A 148 -1.82 49.14 6.12
CA VAL A 148 -0.92 50.28 6.14
C VAL A 148 -0.81 50.82 7.56
N GLU A 149 -1.92 50.83 8.28
CA GLU A 149 -1.92 51.34 9.65
C GLU A 149 -1.08 50.44 10.56
N LYS A 150 -1.23 49.14 10.42
CA LYS A 150 -0.47 48.21 11.25
C LYS A 150 1.02 48.27 10.94
N VAL A 151 1.37 48.38 9.67
CA VAL A 151 2.78 48.47 9.31
C VAL A 151 3.39 49.71 9.95
N LYS A 152 2.60 50.77 10.05
CA LYS A 152 3.06 52.01 10.65
C LYS A 152 3.34 51.80 12.13
N LEU A 153 2.63 50.85 12.74
CA LEU A 153 2.83 50.56 14.15
C LEU A 153 4.07 49.71 14.36
N GLY A 154 4.72 49.31 13.26
CA GLY A 154 5.92 48.51 13.39
C GLY A 154 5.82 47.04 13.03
N PHE A 155 4.64 46.59 12.63
CA PHE A 155 4.46 45.19 12.26
C PHE A 155 5.04 44.89 10.89
N ASP A 156 5.89 43.86 10.82
CA ASP A 156 6.50 43.46 9.56
C ASP A 156 5.87 42.17 9.03
N THR A 157 4.90 41.65 9.77
CA THR A 157 4.20 40.44 9.37
C THR A 157 2.72 40.58 9.65
N LEU A 158 1.90 40.42 8.62
CA LEU A 158 0.46 40.54 8.75
C LEU A 158 -0.21 39.19 8.45
N LYS A 159 -1.17 38.81 9.29
CA LYS A 159 -1.91 37.57 9.10
C LYS A 159 -3.25 37.98 8.48
N ILE A 160 -3.45 37.62 7.22
CA ILE A 160 -4.66 37.99 6.48
C ILE A 160 -5.78 36.97 6.53
N LYS A 161 -6.93 37.37 7.07
CA LYS A 161 -8.08 36.48 7.13
C LYS A 161 -8.85 36.54 5.81
N VAL A 162 -9.18 35.37 5.28
CA VAL A 162 -9.92 35.28 4.03
C VAL A 162 -10.93 34.14 4.18
N GLY A 163 -11.75 33.93 3.14
CA GLY A 163 -12.70 32.83 3.21
C GLY A 163 -14.14 33.01 2.78
N THR A 164 -14.45 34.06 2.03
CA THR A 164 -15.83 34.28 1.60
C THR A 164 -16.05 33.75 0.18
N GLY A 165 -14.96 33.61 -0.56
CA GLY A 165 -15.01 33.14 -1.93
C GLY A 165 -13.67 33.47 -2.55
N ILE A 166 -13.05 32.50 -3.21
CA ILE A 166 -11.73 32.72 -3.80
C ILE A 166 -11.57 34.01 -4.58
N GLU A 167 -12.61 34.39 -5.32
CA GLU A 167 -12.58 35.62 -6.12
C GLU A 167 -12.30 36.81 -5.22
N ALA A 168 -13.15 36.96 -4.20
CA ALA A 168 -13.04 38.05 -3.24
C ALA A 168 -11.80 37.93 -2.37
N ASP A 169 -11.42 36.71 -2.02
CA ASP A 169 -10.25 36.49 -1.17
C ASP A 169 -8.96 36.86 -1.88
N ILE A 170 -8.89 36.52 -3.16
CA ILE A 170 -7.71 36.84 -3.95
C ILE A 170 -7.61 38.37 -4.03
N ALA A 171 -8.75 39.02 -4.26
CA ALA A 171 -8.78 40.48 -4.37
C ALA A 171 -8.28 41.14 -3.10
N ARG A 172 -8.59 40.55 -1.95
CA ARG A 172 -8.17 41.08 -0.66
C ARG A 172 -6.66 41.05 -0.54
N VAL A 173 -6.07 39.92 -0.88
CA VAL A 173 -4.63 39.75 -0.81
C VAL A 173 -3.88 40.69 -1.75
N LYS A 174 -4.37 40.81 -2.98
CA LYS A 174 -3.72 41.68 -3.95
C LYS A 174 -3.75 43.14 -3.51
N ALA A 175 -4.87 43.58 -2.96
CA ALA A 175 -5.01 44.95 -2.50
C ALA A 175 -4.05 45.22 -1.35
N ILE A 176 -3.97 44.28 -0.41
CA ILE A 176 -3.07 44.43 0.72
C ILE A 176 -1.61 44.47 0.28
N ARG A 177 -1.23 43.55 -0.60
CA ARG A 177 0.14 43.51 -1.10
C ARG A 177 0.52 44.80 -1.81
N GLU A 178 -0.36 45.28 -2.67
CA GLU A 178 -0.11 46.53 -3.40
C GLU A 178 0.02 47.71 -2.46
N ALA A 179 -0.76 47.72 -1.39
CA ALA A 179 -0.72 48.81 -0.43
C ALA A 179 0.53 48.87 0.44
N VAL A 180 1.02 47.72 0.90
CA VAL A 180 2.19 47.70 1.77
C VAL A 180 3.55 47.33 1.14
N GLY A 181 3.53 46.81 -0.08
CA GLY A 181 4.80 46.46 -0.71
C GLY A 181 5.25 45.06 -0.37
N PHE A 182 6.43 44.67 -0.88
CA PHE A 182 6.97 43.34 -0.67
C PHE A 182 7.95 43.16 0.49
N ASP A 183 8.16 44.19 1.28
CA ASP A 183 9.07 44.10 2.42
C ASP A 183 8.28 43.57 3.62
N ILE A 184 6.97 43.42 3.45
CA ILE A 184 6.13 42.94 4.53
C ILE A 184 5.75 41.48 4.27
N LYS A 185 5.85 40.65 5.30
CA LYS A 185 5.50 39.24 5.15
C LYS A 185 4.00 39.10 5.31
N LEU A 186 3.39 38.32 4.44
CA LEU A 186 1.95 38.10 4.49
C LEU A 186 1.63 36.61 4.57
N ARG A 187 0.93 36.22 5.63
CA ARG A 187 0.51 34.84 5.77
C ARG A 187 -1.02 34.89 5.70
N LEU A 188 -1.61 33.88 5.07
CA LEU A 188 -3.06 33.84 4.89
C LEU A 188 -3.70 32.78 5.78
N ASP A 189 -4.96 32.99 6.12
CA ASP A 189 -5.69 32.03 6.94
C ASP A 189 -7.13 31.99 6.42
N ALA A 190 -7.50 30.86 5.84
CA ALA A 190 -8.84 30.68 5.29
C ALA A 190 -9.84 30.07 6.24
N ASN A 191 -9.36 29.65 7.41
CA ASN A 191 -10.21 29.04 8.43
C ASN A 191 -11.21 28.01 7.87
N GLN A 192 -10.66 27.03 7.14
CA GLN A 192 -11.42 25.91 6.56
C GLN A 192 -12.42 26.25 5.46
N ALA A 193 -12.37 27.47 4.95
CA ALA A 193 -13.33 27.92 3.93
C ALA A 193 -13.27 27.39 2.50
N TRP A 194 -12.10 26.96 2.04
CA TRP A 194 -11.98 26.50 0.66
C TRP A 194 -11.98 25.00 0.42
N THR A 195 -12.45 24.60 -0.76
CA THR A 195 -12.42 23.20 -1.13
C THR A 195 -10.96 22.99 -1.53
N PRO A 196 -10.48 21.74 -1.53
CA PRO A 196 -9.07 21.53 -1.89
C PRO A 196 -8.71 22.14 -3.25
N LYS A 197 -9.59 21.97 -4.23
CA LYS A 197 -9.36 22.51 -5.57
C LYS A 197 -9.26 24.03 -5.59
N ASP A 198 -10.21 24.69 -4.93
CA ASP A 198 -10.24 26.15 -4.87
C ASP A 198 -9.03 26.69 -4.12
N ALA A 199 -8.60 25.96 -3.09
CA ALA A 199 -7.44 26.38 -2.32
C ALA A 199 -6.23 26.45 -3.25
N VAL A 200 -6.00 25.37 -3.99
CA VAL A 200 -4.88 25.30 -4.92
C VAL A 200 -5.00 26.40 -5.98
N LYS A 201 -6.21 26.60 -6.48
CA LYS A 201 -6.45 27.62 -7.48
C LYS A 201 -6.08 29.01 -6.94
N ALA A 202 -6.58 29.32 -5.74
CA ALA A 202 -6.32 30.61 -5.11
C ALA A 202 -4.85 30.80 -4.76
N ILE A 203 -4.20 29.75 -4.28
CA ILE A 203 -2.79 29.86 -3.93
C ILE A 203 -1.94 30.10 -5.17
N GLN A 204 -2.30 29.46 -6.28
CA GLN A 204 -1.55 29.64 -7.52
C GLN A 204 -1.78 31.03 -8.09
N ALA A 205 -2.98 31.57 -7.89
CA ALA A 205 -3.30 32.90 -8.39
C ALA A 205 -2.52 33.97 -7.62
N LEU A 206 -2.10 33.63 -6.40
CA LEU A 206 -1.35 34.57 -5.57
C LEU A 206 0.15 34.31 -5.58
N ALA A 207 0.59 33.45 -6.49
CA ALA A 207 2.00 33.10 -6.62
C ALA A 207 2.98 34.28 -6.68
N ASP A 208 2.67 35.28 -7.49
CA ASP A 208 3.55 36.43 -7.62
C ASP A 208 3.38 37.47 -6.52
N TYR A 209 2.56 37.14 -5.54
CA TYR A 209 2.31 38.06 -4.43
C TYR A 209 3.11 37.70 -3.18
N GLN A 210 4.02 36.74 -3.34
CA GLN A 210 4.91 36.31 -2.27
C GLN A 210 4.20 35.98 -0.95
N ILE A 211 3.38 34.95 -0.96
CA ILE A 211 2.66 34.53 0.23
C ILE A 211 3.58 33.67 1.10
N GLU A 212 3.71 34.03 2.38
CA GLU A 212 4.58 33.26 3.27
C GLU A 212 4.05 31.85 3.52
N LEU A 213 2.76 31.76 3.84
CA LEU A 213 2.15 30.47 4.12
C LEU A 213 0.64 30.65 4.11
N VAL A 214 -0.06 29.53 4.09
CA VAL A 214 -1.51 29.53 4.13
C VAL A 214 -1.95 28.58 5.24
N GLU A 215 -2.78 29.10 6.14
CA GLU A 215 -3.29 28.33 7.26
C GLU A 215 -4.65 27.68 6.96
N GLN A 216 -4.78 26.43 7.39
CA GLN A 216 -6.00 25.62 7.26
C GLN A 216 -6.94 26.04 6.13
N PRO A 217 -6.54 25.78 4.88
CA PRO A 217 -7.39 26.15 3.74
C PRO A 217 -8.68 25.35 3.61
N VAL A 218 -8.67 24.12 4.10
CA VAL A 218 -9.83 23.23 4.02
C VAL A 218 -10.45 22.80 5.35
N LYS A 219 -11.61 22.15 5.28
CA LYS A 219 -12.31 21.68 6.46
C LYS A 219 -11.37 20.85 7.34
N ARG A 220 -11.48 21.05 8.66
CA ARG A 220 -10.60 20.34 9.59
C ARG A 220 -10.59 18.82 9.51
N ARG A 221 -11.75 18.21 9.21
CA ARG A 221 -11.83 16.76 9.14
C ARG A 221 -11.35 16.19 7.80
N ASP A 222 -11.04 17.06 6.85
CA ASP A 222 -10.59 16.61 5.55
C ASP A 222 -9.07 16.58 5.46
N LEU A 223 -8.46 15.60 6.12
CA LEU A 223 -7.01 15.48 6.14
C LEU A 223 -6.45 15.11 4.77
N GLU A 224 -7.25 14.41 3.98
CA GLU A 224 -6.82 14.01 2.65
C GLU A 224 -6.77 15.27 1.79
N GLY A 225 -7.82 16.08 1.91
CA GLY A 225 -7.88 17.32 1.15
C GLY A 225 -6.77 18.28 1.57
N LEU A 226 -6.48 18.31 2.86
CA LEU A 226 -5.43 19.20 3.36
C LEU A 226 -4.10 18.77 2.77
N LYS A 227 -3.85 17.46 2.76
CA LYS A 227 -2.61 16.96 2.21
C LYS A 227 -2.55 17.23 0.72
N TYR A 228 -3.70 17.19 0.05
CA TYR A 228 -3.77 17.46 -1.37
C TYR A 228 -3.20 18.84 -1.67
N VAL A 229 -3.66 19.84 -0.92
CA VAL A 229 -3.19 21.21 -1.09
C VAL A 229 -1.69 21.29 -0.83
N THR A 230 -1.25 20.70 0.28
CA THR A 230 0.16 20.72 0.63
C THR A 230 1.03 20.14 -0.48
N SER A 231 0.56 19.06 -1.07
CA SER A 231 1.30 18.38 -2.13
C SER A 231 1.13 19.01 -3.51
N GLN A 232 0.24 19.99 -3.65
CA GLN A 232 0.01 20.62 -4.95
C GLN A 232 0.60 22.02 -5.12
N VAL A 233 1.11 22.61 -4.04
CA VAL A 233 1.68 23.94 -4.14
C VAL A 233 3.02 24.02 -3.40
N ASN A 234 3.91 24.90 -3.84
CA ASN A 234 5.21 25.02 -3.16
C ASN A 234 5.03 25.87 -1.90
N THR A 235 3.93 26.61 -1.86
CA THR A 235 3.63 27.46 -0.71
C THR A 235 3.49 26.62 0.56
N THR A 236 4.00 27.16 1.66
CA THR A 236 3.92 26.46 2.95
C THR A 236 2.47 26.37 3.43
N ILE A 237 2.05 25.18 3.82
CA ILE A 237 0.69 24.95 4.31
C ILE A 237 0.74 24.64 5.81
N MET A 238 -0.07 25.34 6.59
CA MET A 238 -0.11 25.16 8.04
C MET A 238 -1.42 24.58 8.50
N ALA A 239 -1.35 23.62 9.43
CA ALA A 239 -2.57 23.04 9.96
C ALA A 239 -2.91 23.80 11.24
N ASP A 240 -4.19 24.05 11.45
CA ASP A 240 -4.63 24.72 12.67
C ASP A 240 -5.76 23.89 13.26
N GLU A 241 -6.99 24.11 12.79
CA GLU A 241 -8.12 23.37 13.33
C GLU A 241 -7.98 21.86 13.17
N SER A 242 -7.15 21.40 12.22
CA SER A 242 -6.94 19.98 12.01
C SER A 242 -6.02 19.39 13.08
N CYS A 243 -5.41 20.24 13.90
CA CYS A 243 -4.51 19.73 14.94
C CYS A 243 -4.78 20.36 16.31
N PHE A 244 -5.42 19.60 17.18
CA PHE A 244 -5.74 20.08 18.52
C PHE A 244 -4.68 19.63 19.53
N ASP A 245 -4.41 18.32 19.54
CA ASP A 245 -3.46 17.76 20.51
C ASP A 245 -2.30 16.98 19.92
N ALA A 246 -1.54 16.35 20.82
CA ALA A 246 -0.38 15.55 20.44
C ALA A 246 -0.73 14.39 19.52
N GLN A 247 -1.85 13.72 19.81
CA GLN A 247 -2.28 12.60 18.99
C GLN A 247 -2.57 13.07 17.57
N ASP A 248 -3.16 14.26 17.44
CA ASP A 248 -3.44 14.80 16.12
C ASP A 248 -2.11 15.07 15.41
N ALA A 249 -1.17 15.65 16.15
CA ALA A 249 0.13 15.98 15.59
C ALA A 249 0.81 14.71 15.10
N LEU A 250 0.72 13.65 15.89
CA LEU A 250 1.32 12.38 15.49
C LEU A 250 0.69 11.89 14.19
N GLU A 251 -0.62 12.07 14.05
CA GLU A 251 -1.32 11.62 12.85
C GLU A 251 -0.90 12.44 11.62
N LEU A 252 -0.81 13.75 11.76
CA LEU A 252 -0.41 14.60 10.66
C LEU A 252 1.02 14.32 10.25
N VAL A 253 1.87 14.01 11.22
CA VAL A 253 3.27 13.72 10.87
C VAL A 253 3.41 12.39 10.14
N LYS A 254 2.63 11.38 10.54
CA LYS A 254 2.71 10.10 9.87
C LYS A 254 2.19 10.20 8.44
N LYS A 255 1.19 11.05 8.24
CA LYS A 255 0.60 11.23 6.92
C LYS A 255 1.25 12.29 6.04
N GLY A 256 2.10 13.14 6.63
CA GLY A 256 2.76 14.19 5.87
C GLY A 256 1.74 15.19 5.35
N THR A 257 0.71 15.42 6.15
CA THR A 257 -0.39 16.30 5.82
C THR A 257 -0.08 17.77 5.57
N VAL A 258 0.77 18.35 6.40
CA VAL A 258 1.12 19.77 6.28
C VAL A 258 2.61 20.03 6.47
N ASP A 259 3.00 21.29 6.30
CA ASP A 259 4.39 21.73 6.44
C ASP A 259 4.71 22.35 7.81
N VAL A 260 3.71 22.99 8.40
CA VAL A 260 3.86 23.67 9.70
C VAL A 260 2.57 23.46 10.49
N ILE A 261 2.67 23.58 11.81
CA ILE A 261 1.50 23.40 12.65
C ILE A 261 1.30 24.54 13.65
N ASN A 262 0.06 25.01 13.75
CA ASN A 262 -0.33 26.07 14.66
C ASN A 262 -0.67 25.46 16.02
N ILE A 263 0.05 25.84 17.07
CA ILE A 263 -0.19 25.35 18.42
C ILE A 263 -0.95 26.38 19.24
N LYS A 264 -2.03 25.97 19.90
CA LYS A 264 -2.80 26.88 20.74
C LYS A 264 -3.00 26.21 22.11
N LEU A 265 -2.69 26.93 23.18
CA LEU A 265 -2.87 26.36 24.52
C LEU A 265 -4.33 26.00 24.72
N MET A 266 -5.23 26.80 24.12
CA MET A 266 -6.65 26.53 24.26
C MET A 266 -7.15 25.35 23.43
N LYS A 267 -6.33 24.86 22.50
CA LYS A 267 -6.70 23.70 21.69
C LYS A 267 -6.17 22.40 22.29
N CYS A 268 -4.98 22.47 22.88
CA CYS A 268 -4.35 21.27 23.44
C CYS A 268 -4.47 21.10 24.94
N GLY A 269 -5.04 22.07 25.62
CA GLY A 269 -5.20 21.95 27.06
C GLY A 269 -4.02 22.33 27.92
N GLY A 270 -3.22 23.30 27.49
CA GLY A 270 -2.12 23.74 28.33
C GLY A 270 -0.71 23.58 27.80
N ILE A 271 0.23 24.11 28.58
CA ILE A 271 1.65 24.08 28.25
C ILE A 271 2.19 22.65 28.19
N HIS A 272 1.74 21.81 29.11
CA HIS A 272 2.19 20.42 29.17
C HIS A 272 1.98 19.70 27.84
N GLU A 273 0.80 19.90 27.25
CA GLU A 273 0.48 19.25 25.98
C GLU A 273 1.11 20.00 24.79
N ALA A 274 1.20 21.31 24.89
CA ALA A 274 1.80 22.11 23.82
C ALA A 274 3.26 21.69 23.63
N LEU A 275 3.95 21.42 24.72
CA LEU A 275 5.34 20.99 24.62
C LEU A 275 5.44 19.67 23.84
N LYS A 276 4.51 18.76 24.09
CA LYS A 276 4.52 17.47 23.40
C LYS A 276 4.31 17.67 21.89
N ILE A 277 3.37 18.55 21.53
CA ILE A 277 3.12 18.79 20.13
C ILE A 277 4.38 19.34 19.46
N ASN A 278 5.00 20.32 20.08
CA ASN A 278 6.20 20.91 19.52
C ASN A 278 7.33 19.89 19.36
N GLN A 279 7.53 19.04 20.38
CA GLN A 279 8.60 18.04 20.34
C GLN A 279 8.37 17.03 19.22
N ILE A 280 7.12 16.63 19.03
CA ILE A 280 6.78 15.69 17.97
C ILE A 280 7.09 16.35 16.63
N CYS A 281 6.66 17.59 16.47
CA CYS A 281 6.87 18.31 15.22
C CYS A 281 8.35 18.52 14.92
N GLU A 282 9.12 18.95 15.92
CA GLU A 282 10.53 19.20 15.71
C GLU A 282 11.26 17.94 15.30
N THR A 283 10.86 16.82 15.91
CA THR A 283 11.47 15.54 15.58
C THR A 283 11.18 15.20 14.13
N ALA A 284 9.99 15.55 13.67
CA ALA A 284 9.57 15.29 12.29
C ALA A 284 10.02 16.35 11.28
N GLY A 285 10.67 17.41 11.75
CA GLY A 285 11.13 18.44 10.83
C GLY A 285 10.04 19.44 10.46
N ILE A 286 9.06 19.57 11.34
CA ILE A 286 7.95 20.49 11.14
C ILE A 286 8.05 21.63 12.15
N GLU A 287 8.09 22.87 11.67
CA GLU A 287 8.15 24.01 12.58
C GLU A 287 6.76 24.33 13.09
N CYS A 288 6.68 25.02 14.23
CA CYS A 288 5.39 25.36 14.80
C CYS A 288 5.21 26.86 15.01
N MET A 289 3.96 27.30 14.95
CA MET A 289 3.61 28.69 15.19
C MET A 289 2.66 28.69 16.38
N ILE A 290 2.95 29.52 17.36
CA ILE A 290 2.10 29.62 18.54
C ILE A 290 0.97 30.59 18.17
N GLY A 291 -0.27 30.20 18.45
CA GLY A 291 -1.42 31.03 18.12
C GLY A 291 -2.29 31.33 19.31
N CYS A 292 -3.50 31.84 19.08
CA CYS A 292 -4.40 32.17 20.17
C CYS A 292 -5.85 32.32 19.72
N MET A 293 -6.75 32.33 20.70
CA MET A 293 -8.18 32.50 20.45
C MET A 293 -8.46 33.97 20.71
N ALA A 294 -9.45 34.54 20.04
CA ALA A 294 -9.77 35.94 20.28
C ALA A 294 -10.41 36.08 21.67
N GLU A 295 -10.82 34.94 22.25
CA GLU A 295 -11.45 34.93 23.57
C GLU A 295 -10.49 35.04 24.75
N GLU A 296 -9.22 34.72 24.52
CA GLU A 296 -8.29 34.80 25.63
C GLU A 296 -7.68 36.18 25.78
N THR A 297 -7.08 36.42 26.94
CA THR A 297 -6.52 37.73 27.24
C THR A 297 -5.10 37.66 27.79
N THR A 298 -4.76 38.63 28.64
CA THR A 298 -3.43 38.73 29.21
C THR A 298 -2.79 37.41 29.67
N ILE A 299 -3.50 36.65 30.50
CA ILE A 299 -2.94 35.41 30.99
C ILE A 299 -2.61 34.39 29.92
N GLY A 300 -3.59 34.07 29.08
CA GLY A 300 -3.36 33.09 28.03
C GLY A 300 -2.24 33.49 27.09
N ILE A 301 -2.25 34.76 26.68
CA ILE A 301 -1.23 35.26 25.77
C ILE A 301 0.14 35.28 26.44
N THR A 302 0.21 35.66 27.71
CA THR A 302 1.50 35.69 28.38
C THR A 302 2.10 34.29 28.48
N ALA A 303 1.29 33.30 28.85
CA ALA A 303 1.78 31.93 28.96
C ALA A 303 2.30 31.44 27.61
N ALA A 304 1.54 31.75 26.56
CA ALA A 304 1.91 31.34 25.20
C ALA A 304 3.23 31.99 24.78
N ALA A 305 3.43 33.24 25.16
CA ALA A 305 4.65 33.96 24.81
C ALA A 305 5.86 33.35 25.49
N HIS A 306 5.71 32.95 26.75
CA HIS A 306 6.82 32.33 27.48
C HIS A 306 7.19 31.01 26.82
N LEU A 307 6.19 30.23 26.42
CA LEU A 307 6.44 28.95 25.77
C LEU A 307 7.12 29.15 24.42
N ALA A 308 6.60 30.10 23.63
CA ALA A 308 7.16 30.39 22.30
C ALA A 308 8.60 30.88 22.39
N ALA A 309 8.88 31.75 23.35
CA ALA A 309 10.23 32.26 23.51
C ALA A 309 11.21 31.16 23.95
N ALA A 310 10.73 30.26 24.79
CA ALA A 310 11.56 29.19 25.33
C ALA A 310 11.94 28.06 24.36
N GLN A 311 11.08 27.81 23.38
CA GLN A 311 11.31 26.72 22.42
C GLN A 311 11.79 27.15 21.05
N LYS A 312 12.93 26.61 20.64
CA LYS A 312 13.51 26.94 19.34
C LYS A 312 12.62 26.58 18.15
N ASN A 313 11.93 25.46 18.22
CA ASN A 313 11.10 25.04 17.09
C ASN A 313 9.80 25.82 16.89
N ILE A 314 9.42 26.63 17.87
CA ILE A 314 8.23 27.48 17.72
C ILE A 314 8.87 28.73 17.11
N THR A 315 8.86 28.77 15.78
CA THR A 315 9.50 29.85 15.03
C THR A 315 8.65 31.02 14.59
N ARG A 316 7.34 30.90 14.75
CA ARG A 316 6.44 31.98 14.38
C ARG A 316 5.48 32.22 15.54
N ALA A 317 4.89 33.40 15.58
CA ALA A 317 3.94 33.71 16.64
C ALA A 317 2.82 34.61 16.16
N ASP A 318 1.60 34.24 16.55
CA ASP A 318 0.40 34.98 16.23
C ASP A 318 -0.27 35.14 17.59
N LEU A 319 0.25 36.08 18.39
CA LEU A 319 -0.28 36.34 19.73
C LEU A 319 -0.75 37.77 19.82
N ASP A 320 -1.90 38.04 19.19
CA ASP A 320 -2.44 39.38 19.14
C ASP A 320 -3.79 39.60 19.83
N ALA A 321 -4.26 38.61 20.59
CA ALA A 321 -5.55 38.72 21.25
C ALA A 321 -5.71 39.91 22.19
N THR A 322 -4.64 40.36 22.82
CA THR A 322 -4.75 41.50 23.74
C THR A 322 -4.93 42.82 23.01
N PHE A 323 -4.55 42.87 21.74
CA PHE A 323 -4.64 44.11 20.96
C PHE A 323 -6.07 44.61 20.73
N GLY A 324 -7.06 43.73 20.82
CA GLY A 324 -8.42 44.17 20.59
C GLY A 324 -9.23 44.41 21.86
N LEU A 325 -8.64 44.07 23.00
CA LEU A 325 -9.32 44.23 24.28
C LEU A 325 -9.52 45.66 24.76
N GLU A 326 -10.74 45.96 25.25
CA GLU A 326 -11.02 47.28 25.76
C GLU A 326 -10.26 47.48 27.07
N THR A 327 -10.05 46.40 27.81
CA THR A 327 -9.35 46.47 29.09
C THR A 327 -8.58 45.19 29.42
N ALA A 328 -7.62 45.31 30.34
CA ALA A 328 -6.82 44.18 30.80
C ALA A 328 -7.41 43.68 32.12
N PRO A 329 -7.69 42.38 32.22
CA PRO A 329 -8.27 41.80 33.44
C PRO A 329 -7.30 41.63 34.60
N VAL A 330 -6.01 41.75 34.33
CA VAL A 330 -5.00 41.57 35.36
C VAL A 330 -3.83 42.53 35.15
N THR A 331 -2.89 42.55 36.10
CA THR A 331 -1.72 43.42 36.02
C THR A 331 -0.49 42.65 35.56
N GLY A 332 0.37 43.31 34.78
CA GLY A 332 1.58 42.68 34.28
C GLY A 332 1.34 41.82 33.05
N GLY A 333 2.37 41.07 32.65
CA GLY A 333 2.24 40.21 31.48
C GLY A 333 2.23 41.01 30.19
N VAL A 334 1.86 40.35 29.10
CA VAL A 334 1.83 41.00 27.80
C VAL A 334 0.78 42.13 27.80
N SER A 335 1.25 43.30 27.42
CA SER A 335 0.44 44.51 27.36
C SER A 335 -0.66 44.50 26.31
N LEU A 336 -1.63 45.39 26.49
CA LEU A 336 -2.73 45.55 25.53
C LEU A 336 -2.20 46.32 24.31
N GLU A 337 -1.00 46.86 24.44
CA GLU A 337 -0.39 47.64 23.36
C GLU A 337 -0.17 46.86 22.08
N ALA A 338 -0.66 47.41 20.97
CA ALA A 338 -0.49 46.78 19.66
C ALA A 338 0.94 47.02 19.18
N LYS A 339 1.82 46.05 19.45
CA LYS A 339 3.22 46.11 19.05
C LYS A 339 3.70 44.70 18.71
N PRO A 340 4.62 44.60 17.74
CA PRO A 340 5.14 43.29 17.32
C PRO A 340 6.08 42.63 18.32
N LEU A 341 6.80 43.44 19.10
CA LEU A 341 7.73 42.89 20.08
C LEU A 341 7.14 42.64 21.45
N LEU A 342 7.13 41.36 21.86
CA LEU A 342 6.63 40.99 23.17
C LEU A 342 7.84 40.58 24.01
N GLU A 343 8.34 41.50 24.82
CA GLU A 343 9.49 41.23 25.68
C GLU A 343 9.00 40.75 27.04
N LEU A 344 9.60 39.65 27.50
CA LEU A 344 9.22 39.10 28.79
C LEU A 344 10.24 39.58 29.81
N GLY A 345 9.76 40.13 30.91
CA GLY A 345 10.67 40.63 31.92
C GLY A 345 11.37 39.50 32.66
N GLU A 346 11.91 39.82 33.83
CA GLU A 346 12.60 38.86 34.66
C GLU A 346 11.73 38.42 35.84
N ALA A 347 10.47 38.86 35.83
CA ALA A 347 9.54 38.50 36.90
C ALA A 347 9.30 36.99 36.87
N ALA A 348 9.29 36.37 38.04
CA ALA A 348 9.09 34.91 38.15
C ALA A 348 7.73 34.48 37.63
N GLY A 349 7.66 33.25 37.11
CA GLY A 349 6.40 32.75 36.58
C GLY A 349 5.93 33.59 35.40
N LEU A 350 4.66 33.99 35.41
CA LEU A 350 4.12 34.80 34.34
C LEU A 350 4.28 36.30 34.58
N GLY A 351 4.72 36.66 35.78
CA GLY A 351 4.90 38.07 36.10
C GLY A 351 3.57 38.81 36.12
N ILE A 352 2.52 38.08 36.47
CA ILE A 352 1.18 38.64 36.54
C ILE A 352 0.71 38.77 37.98
N SER A 353 -0.02 39.85 38.26
CA SER A 353 -0.52 40.12 39.61
C SER A 353 -1.93 40.72 39.61
N MET B 1 22.28 32.89 35.36
CA MET B 1 23.33 31.84 35.58
C MET B 1 24.11 31.67 34.28
N LYS B 2 25.43 31.58 34.40
CA LYS B 2 26.29 31.42 33.23
C LYS B 2 27.40 30.42 33.46
N ILE B 3 27.66 29.59 32.46
CA ILE B 3 28.71 28.59 32.55
C ILE B 3 30.05 29.26 32.45
N LYS B 4 30.91 28.98 33.42
CA LYS B 4 32.24 29.57 33.46
C LYS B 4 33.27 28.61 32.86
N GLN B 5 33.19 27.35 33.26
CA GLN B 5 34.13 26.35 32.79
C GLN B 5 33.54 24.96 32.85
N VAL B 6 33.97 24.10 31.93
CA VAL B 6 33.51 22.72 31.89
C VAL B 6 34.72 21.83 32.15
N HIS B 7 34.67 21.08 33.25
CA HIS B 7 35.76 20.19 33.61
C HIS B 7 35.34 18.77 33.30
N VAL B 8 36.29 17.95 32.85
CA VAL B 8 36.00 16.56 32.55
C VAL B 8 37.19 15.70 32.93
N ARG B 9 36.91 14.49 33.39
CA ARG B 9 37.98 13.58 33.79
C ARG B 9 37.55 12.15 33.55
N ALA B 10 38.52 11.29 33.31
CA ALA B 10 38.25 9.89 33.07
C ALA B 10 38.04 9.22 34.41
N SER B 11 37.14 8.25 34.44
CA SER B 11 36.86 7.49 35.65
C SER B 11 36.86 6.03 35.22
N LYS B 12 37.69 5.23 35.87
CA LYS B 12 37.79 3.81 35.56
C LYS B 12 37.57 3.02 36.84
N ILE B 13 36.41 2.37 36.93
CA ILE B 13 36.07 1.59 38.12
C ILE B 13 35.86 0.11 37.81
N LYS B 14 36.69 -0.73 38.40
CA LYS B 14 36.58 -2.17 38.18
C LYS B 14 35.26 -2.71 38.71
N LEU B 15 34.68 -3.67 38.00
CA LEU B 15 33.43 -4.28 38.42
C LEU B 15 33.74 -5.46 39.33
N LYS B 16 32.84 -5.74 40.26
CA LYS B 16 33.03 -6.83 41.21
C LYS B 16 32.97 -8.18 40.51
N GLU B 17 32.23 -8.23 39.41
CA GLU B 17 32.08 -9.45 38.62
C GLU B 17 32.07 -9.04 37.16
N THR B 18 32.64 -9.87 36.29
CA THR B 18 32.61 -9.55 34.87
C THR B 18 31.20 -9.89 34.41
N PHE B 19 30.60 -9.03 33.60
CA PHE B 19 29.25 -9.28 33.10
C PHE B 19 29.30 -9.65 31.63
N THR B 20 28.54 -10.68 31.28
CA THR B 20 28.48 -11.17 29.91
C THR B 20 27.09 -11.08 29.31
N ILE B 21 27.00 -10.49 28.12
CA ILE B 21 25.73 -10.41 27.40
C ILE B 21 26.05 -10.93 26.00
N ALA B 22 25.03 -11.02 25.16
CA ALA B 22 25.21 -11.54 23.82
C ALA B 22 26.26 -10.77 23.00
N LEU B 23 26.38 -9.48 23.26
CA LEU B 23 27.30 -8.61 22.52
C LEU B 23 28.75 -8.62 22.99
N GLY B 24 29.00 -9.09 24.21
CA GLY B 24 30.35 -9.11 24.72
C GLY B 24 30.38 -9.06 26.23
N THR B 25 31.55 -8.84 26.80
CA THR B 25 31.70 -8.80 28.23
C THR B 25 32.31 -7.48 28.69
N ILE B 26 32.06 -7.13 29.95
CA ILE B 26 32.60 -5.91 30.52
C ILE B 26 33.16 -6.28 31.89
N GLU B 27 34.29 -5.68 32.24
CA GLU B 27 34.92 -5.96 33.53
C GLU B 27 35.28 -4.67 34.25
N SER B 28 35.04 -3.55 33.58
CA SER B 28 35.35 -2.25 34.18
C SER B 28 34.42 -1.19 33.62
N ALA B 29 33.95 -0.30 34.50
CA ALA B 29 33.07 0.79 34.09
C ALA B 29 33.96 2.01 33.91
N ASP B 30 34.20 2.37 32.66
CA ASP B 30 35.03 3.53 32.36
C ASP B 30 34.18 4.62 31.73
N SER B 31 34.07 5.74 32.43
CA SER B 31 33.25 6.83 31.94
C SER B 31 33.95 8.17 32.03
N ALA B 32 33.28 9.19 31.51
CA ALA B 32 33.78 10.55 31.52
C ALA B 32 32.90 11.29 32.53
N ILE B 33 33.53 11.85 33.56
CA ILE B 33 32.78 12.58 34.55
C ILE B 33 32.94 14.07 34.30
N VAL B 34 31.81 14.76 34.17
CA VAL B 34 31.80 16.18 33.90
C VAL B 34 31.31 17.02 35.07
N GLU B 35 31.96 18.16 35.27
CA GLU B 35 31.58 19.10 36.30
C GLU B 35 31.51 20.45 35.60
N ILE B 36 30.30 20.99 35.48
CA ILE B 36 30.14 22.30 34.86
C ILE B 36 30.07 23.33 35.97
N GLU B 37 31.05 24.23 35.98
CA GLU B 37 31.13 25.28 36.98
C GLU B 37 30.54 26.57 36.44
N THR B 38 29.67 27.20 37.22
CA THR B 38 29.06 28.46 36.82
C THR B 38 29.81 29.62 37.47
N GLU B 39 29.56 30.83 36.96
CA GLU B 39 30.22 32.02 37.49
C GLU B 39 29.90 32.23 38.96
N GLU B 40 28.67 31.94 39.36
CA GLU B 40 28.27 32.11 40.75
C GLU B 40 28.80 31.05 41.68
N GLY B 41 29.39 29.99 41.13
CA GLY B 41 29.95 28.95 41.98
C GLY B 41 29.23 27.61 42.03
N LEU B 42 28.02 27.53 41.49
CA LEU B 42 27.32 26.26 41.51
C LEU B 42 27.99 25.31 40.52
N VAL B 43 28.11 24.04 40.89
CA VAL B 43 28.74 23.05 40.04
C VAL B 43 27.79 21.89 39.78
N GLY B 44 27.55 21.59 38.50
CA GLY B 44 26.66 20.50 38.14
C GLY B 44 27.45 19.30 37.68
N TYR B 45 26.95 18.11 37.99
CA TYR B 45 27.60 16.84 37.65
C TYR B 45 26.94 16.15 36.47
N GLY B 46 27.78 15.65 35.56
CA GLY B 46 27.28 14.94 34.39
C GLY B 46 28.18 13.76 34.13
N GLU B 47 27.71 12.80 33.33
CA GLU B 47 28.51 11.64 33.02
C GLU B 47 28.24 11.08 31.64
N GLY B 48 29.27 10.52 31.03
CA GLY B 48 29.15 9.90 29.74
C GLY B 48 29.77 8.52 29.84
N GLY B 49 28.94 7.48 29.80
CA GLY B 49 29.44 6.12 29.88
C GLY B 49 29.28 5.44 28.53
N PRO B 50 30.30 5.50 27.67
CA PRO B 50 30.26 4.90 26.34
C PRO B 50 30.46 3.39 26.24
N GLY B 51 29.47 2.70 25.68
CA GLY B 51 29.55 1.26 25.49
C GLY B 51 29.89 1.00 24.04
N ILE B 52 31.13 0.56 23.79
CA ILE B 52 31.58 0.33 22.42
C ILE B 52 30.78 -0.70 21.62
N PHE B 53 30.32 -1.77 22.25
CA PHE B 53 29.55 -2.73 21.47
C PHE B 53 28.07 -2.37 21.42
N ILE B 54 27.74 -1.17 21.92
CA ILE B 54 26.35 -0.69 21.87
C ILE B 54 26.23 0.47 20.89
N THR B 55 27.07 1.48 21.04
CA THR B 55 27.05 2.66 20.18
C THR B 55 28.33 2.92 19.41
N GLY B 56 29.39 2.18 19.74
CA GLY B 56 30.66 2.41 19.06
C GLY B 56 31.51 3.48 19.74
N GLU B 57 30.91 4.20 20.68
CA GLU B 57 31.65 5.24 21.39
C GLU B 57 32.71 4.66 22.30
N THR B 58 33.81 5.39 22.44
CA THR B 58 34.93 4.97 23.28
C THR B 58 35.20 6.07 24.29
N LEU B 59 35.96 5.76 25.33
CA LEU B 59 36.25 6.76 26.32
C LEU B 59 37.07 7.91 25.71
N ALA B 60 38.07 7.58 24.91
CA ALA B 60 38.91 8.61 24.28
C ALA B 60 38.09 9.54 23.38
N GLY B 61 37.20 8.95 22.58
CA GLY B 61 36.38 9.76 21.70
C GLY B 61 35.44 10.64 22.49
N THR B 62 34.82 10.05 23.51
CA THR B 62 33.88 10.79 24.35
C THR B 62 34.56 11.95 25.06
N LEU B 63 35.75 11.72 25.61
CA LEU B 63 36.47 12.79 26.29
C LEU B 63 36.81 13.93 25.35
N GLU B 64 37.28 13.59 24.16
CA GLU B 64 37.63 14.60 23.16
C GLU B 64 36.40 15.43 22.77
N THR B 65 35.28 14.75 22.55
CA THR B 65 34.06 15.44 22.16
C THR B 65 33.55 16.35 23.27
N ILE B 66 33.63 15.89 24.51
CA ILE B 66 33.17 16.71 25.63
C ILE B 66 33.99 17.99 25.73
N GLU B 67 35.29 17.88 25.46
CA GLU B 67 36.16 19.06 25.54
C GLU B 67 35.75 20.09 24.49
N LEU B 68 35.35 19.63 23.31
CA LEU B 68 34.89 20.53 22.26
C LEU B 68 33.59 21.20 22.71
N PHE B 69 32.68 20.39 23.24
CA PHE B 69 31.40 20.91 23.73
C PHE B 69 31.65 21.95 24.83
N GLY B 70 32.53 21.61 25.76
CA GLY B 70 32.83 22.50 26.87
C GLY B 70 33.24 23.91 26.50
N GLN B 71 34.16 24.02 25.55
CA GLN B 71 34.62 25.34 25.13
C GLN B 71 33.51 26.11 24.42
N ALA B 72 32.67 25.38 23.69
CA ALA B 72 31.59 26.00 22.95
C ALA B 72 30.40 26.50 23.77
N ILE B 73 30.25 26.02 25.00
CA ILE B 73 29.10 26.47 25.79
C ILE B 73 29.43 27.47 26.91
N ILE B 74 30.70 27.83 27.02
CA ILE B 74 31.10 28.80 28.02
C ILE B 74 30.28 30.07 27.80
N GLY B 75 29.73 30.61 28.90
CA GLY B 75 28.94 31.81 28.82
C GLY B 75 27.44 31.59 28.70
N LEU B 76 27.04 30.36 28.37
CA LEU B 76 25.62 30.06 28.22
C LEU B 76 24.93 29.76 29.54
N ASN B 77 23.61 29.95 29.56
CA ASN B 77 22.82 29.69 30.76
C ASN B 77 22.41 28.21 30.72
N PRO B 78 22.67 27.47 31.80
CA PRO B 78 22.29 26.05 31.82
C PRO B 78 20.81 25.80 31.53
N PHE B 79 19.97 26.79 31.83
CA PHE B 79 18.53 26.68 31.56
C PHE B 79 18.22 26.74 30.06
N ASN B 80 19.16 27.28 29.28
CA ASN B 80 18.97 27.36 27.84
C ASN B 80 19.39 26.01 27.26
N ILE B 81 18.70 24.96 27.68
CA ILE B 81 18.99 23.60 27.24
C ILE B 81 18.75 23.46 25.74
N GLU B 82 17.86 24.29 25.21
CA GLU B 82 17.56 24.31 23.78
C GLU B 82 18.82 24.71 23.01
N LYS B 83 19.45 25.82 23.41
CA LYS B 83 20.66 26.27 22.73
C LYS B 83 21.83 25.33 22.97
N ILE B 84 21.95 24.83 24.19
CA ILE B 84 23.05 23.92 24.51
C ILE B 84 23.03 22.70 23.59
N HIS B 85 21.85 22.12 23.37
CA HIS B 85 21.78 20.97 22.48
C HIS B 85 22.01 21.36 21.01
N GLU B 86 21.56 22.56 20.66
CA GLU B 86 21.72 23.08 19.30
C GLU B 86 23.22 23.18 19.00
N VAL B 87 23.98 23.70 19.96
CA VAL B 87 25.42 23.84 19.80
C VAL B 87 26.10 22.48 19.68
N MET B 88 25.79 21.57 20.58
CA MET B 88 26.38 20.24 20.54
C MET B 88 26.04 19.49 19.26
N ASP B 89 24.81 19.65 18.78
CA ASP B 89 24.39 18.95 17.57
C ASP B 89 25.09 19.45 16.31
N LYS B 90 25.47 20.73 16.30
CA LYS B 90 26.17 21.25 15.13
C LYS B 90 27.62 20.81 15.19
N ILE B 91 28.16 20.67 16.40
CA ILE B 91 29.56 20.24 16.55
C ILE B 91 29.76 18.77 16.17
N SER B 92 28.89 17.91 16.67
CA SER B 92 28.99 16.47 16.41
C SER B 92 27.72 15.85 15.89
N ALA B 93 27.84 15.06 14.83
CA ALA B 93 26.70 14.38 14.22
C ALA B 93 26.23 13.18 15.04
N PHE B 94 27.11 12.64 15.89
CA PHE B 94 26.76 11.48 16.72
C PHE B 94 27.72 11.30 17.90
N ALA B 95 27.21 11.51 19.11
CA ALA B 95 28.01 11.36 20.31
C ALA B 95 27.09 11.46 21.52
N PRO B 96 26.11 10.54 21.63
CA PRO B 96 25.17 10.59 22.76
C PRO B 96 25.78 10.55 24.16
N ALA B 97 26.90 9.84 24.33
CA ALA B 97 27.52 9.80 25.67
C ALA B 97 28.05 11.18 26.04
N ALA B 98 28.72 11.83 25.09
CA ALA B 98 29.29 13.16 25.33
C ALA B 98 28.19 14.21 25.56
N LYS B 99 27.12 14.11 24.77
CA LYS B 99 26.01 15.06 24.90
C LYS B 99 25.27 14.85 26.21
N ALA B 100 25.14 13.59 26.63
CA ALA B 100 24.47 13.28 27.89
C ALA B 100 25.25 13.85 29.05
N ALA B 101 26.58 13.75 28.97
CA ALA B 101 27.43 14.26 30.04
C ALA B 101 27.19 15.75 30.29
N ILE B 102 27.09 16.53 29.21
CA ILE B 102 26.84 17.96 29.32
C ILE B 102 25.41 18.22 29.80
N ASP B 103 24.46 17.57 29.12
CA ASP B 103 23.03 17.70 29.42
C ASP B 103 22.71 17.42 30.88
N ILE B 104 23.19 16.27 31.39
CA ILE B 104 22.92 15.91 32.78
C ILE B 104 23.44 16.98 33.75
N ALA B 105 24.64 17.49 33.52
CA ALA B 105 25.20 18.51 34.37
C ALA B 105 24.36 19.79 34.30
N CYS B 106 23.84 20.12 33.13
CA CYS B 106 23.01 21.30 33.01
C CYS B 106 21.75 21.14 33.84
N TYR B 107 21.10 19.97 33.77
CA TYR B 107 19.89 19.75 34.55
C TYR B 107 20.20 19.77 36.04
N ASP B 108 21.37 19.30 36.41
CA ASP B 108 21.75 19.29 37.82
C ASP B 108 21.79 20.75 38.26
N LEU B 109 22.40 21.60 37.45
CA LEU B 109 22.48 23.03 37.75
C LEU B 109 21.11 23.68 37.80
N MET B 110 20.21 23.28 36.90
CA MET B 110 18.88 23.85 36.89
C MET B 110 18.20 23.57 38.22
N GLY B 111 18.31 22.33 38.70
CA GLY B 111 17.69 21.96 39.96
C GLY B 111 18.32 22.69 41.13
N GLN B 112 19.65 22.80 41.12
CA GLN B 112 20.33 23.50 42.21
C GLN B 112 19.94 24.96 42.27
N LYS B 113 19.84 25.60 41.10
CA LYS B 113 19.48 27.02 41.03
C LYS B 113 18.03 27.24 41.45
N ALA B 114 17.14 26.33 41.08
CA ALA B 114 15.74 26.45 41.44
C ALA B 114 15.51 25.91 42.85
N GLN B 115 16.54 25.31 43.43
CA GLN B 115 16.47 24.73 44.76
C GLN B 115 15.38 23.66 44.83
N LEU B 116 15.42 22.78 43.85
CA LEU B 116 14.47 21.67 43.75
C LEU B 116 15.16 20.41 43.32
N PRO B 117 14.68 19.25 43.79
CA PRO B 117 15.27 17.97 43.40
C PRO B 117 14.93 17.89 41.92
N LEU B 118 15.79 17.29 41.11
CA LEU B 118 15.54 17.23 39.68
C LEU B 118 14.19 16.64 39.25
N TYR B 119 13.72 15.60 39.91
CA TYR B 119 12.46 15.01 39.52
C TYR B 119 11.28 16.00 39.52
N GLN B 120 11.36 17.03 40.36
CA GLN B 120 10.29 18.03 40.41
C GLN B 120 10.28 18.89 39.14
N LEU B 121 11.44 19.04 38.51
CA LEU B 121 11.53 19.83 37.29
C LEU B 121 11.21 19.00 36.05
N LEU B 122 11.13 17.69 36.21
CA LEU B 122 10.89 16.82 35.06
C LEU B 122 9.51 16.17 34.96
N GLY B 123 8.57 16.60 35.80
CA GLY B 123 7.25 16.02 35.75
C GLY B 123 6.62 15.85 37.12
N GLY B 124 7.47 15.59 38.11
CA GLY B 124 7.02 15.44 39.49
C GLY B 124 6.06 14.32 39.86
N TYR B 125 5.93 13.30 39.03
CA TYR B 125 4.97 12.22 39.32
C TYR B 125 5.31 11.43 40.58
N ASP B 126 6.59 11.21 40.84
CA ASP B 126 7.00 10.45 42.01
C ASP B 126 8.42 10.86 42.44
N ASN B 127 8.87 10.34 43.57
CA ASN B 127 10.20 10.67 44.09
C ASN B 127 11.03 9.42 44.34
N GLN B 128 10.65 8.31 43.72
CA GLN B 128 11.36 7.06 43.88
C GLN B 128 11.07 6.18 42.68
N VAL B 129 11.86 5.14 42.52
CA VAL B 129 11.66 4.20 41.43
C VAL B 129 12.11 2.82 41.88
N ILE B 130 11.43 1.80 41.39
CA ILE B 130 11.77 0.42 41.73
C ILE B 130 12.50 -0.17 40.53
N THR B 131 13.71 -0.66 40.76
CA THR B 131 14.48 -1.24 39.66
C THR B 131 14.58 -2.75 39.72
N ASP B 132 14.81 -3.36 38.57
CA ASP B 132 15.02 -4.78 38.49
C ASP B 132 16.53 -4.92 38.69
N ILE B 133 17.04 -6.12 38.54
CA ILE B 133 18.48 -6.34 38.62
C ILE B 133 18.75 -7.35 37.51
N THR B 134 19.90 -7.21 36.86
CA THR B 134 20.27 -8.07 35.75
C THR B 134 21.14 -9.25 36.09
N LEU B 135 20.84 -10.39 35.46
CA LEU B 135 21.60 -11.62 35.64
C LEU B 135 22.32 -11.86 34.33
N GLY B 136 23.65 -11.76 34.36
CA GLY B 136 24.42 -11.97 33.16
C GLY B 136 24.41 -13.41 32.69
N ILE B 137 24.72 -13.60 31.40
CA ILE B 137 24.74 -14.94 30.81
C ILE B 137 25.69 -15.89 31.54
N ASP B 138 25.21 -17.08 31.82
CA ASP B 138 26.01 -18.11 32.48
C ASP B 138 25.22 -19.41 32.38
N GLU B 139 25.77 -20.49 32.95
CA GLU B 139 25.07 -21.77 32.92
C GLU B 139 23.76 -21.63 33.68
N PRO B 140 22.72 -22.35 33.23
CA PRO B 140 21.41 -22.31 33.88
C PRO B 140 21.43 -22.42 35.40
N ASN B 141 22.12 -23.44 35.90
CA ASN B 141 22.19 -23.64 37.35
C ASN B 141 22.81 -22.46 38.06
N VAL B 142 23.83 -21.85 37.45
CA VAL B 142 24.49 -20.70 38.05
C VAL B 142 23.56 -19.48 38.06
N MET B 143 22.94 -19.17 36.93
CA MET B 143 22.03 -18.03 36.86
C MET B 143 20.89 -18.23 37.86
N ALA B 144 20.42 -19.48 37.95
CA ALA B 144 19.33 -19.81 38.86
C ALA B 144 19.72 -19.51 40.31
N GLN B 145 20.92 -19.92 40.70
CA GLN B 145 21.39 -19.67 42.06
C GLN B 145 21.46 -18.16 42.32
N LYS B 146 21.99 -17.43 41.34
CA LYS B 146 22.11 -15.98 41.44
C LYS B 146 20.73 -15.37 41.59
N ALA B 147 19.77 -15.92 40.85
CA ALA B 147 18.39 -15.44 40.90
C ALA B 147 17.84 -15.56 42.32
N VAL B 148 18.06 -16.71 42.95
CA VAL B 148 17.59 -16.93 44.32
C VAL B 148 18.23 -15.93 45.25
N GLU B 149 19.51 -15.65 45.02
CA GLU B 149 20.26 -14.71 45.84
C GLU B 149 19.70 -13.29 45.74
N LYS B 150 19.38 -12.86 44.52
CA LYS B 150 18.86 -11.52 44.33
C LYS B 150 17.45 -11.38 44.92
N VAL B 151 16.64 -12.42 44.82
CA VAL B 151 15.30 -12.36 45.37
C VAL B 151 15.40 -12.16 46.88
N LYS B 152 16.46 -12.71 47.48
CA LYS B 152 16.65 -12.58 48.91
C LYS B 152 16.95 -11.14 49.30
N LEU B 153 17.57 -10.40 48.39
CA LEU B 153 17.89 -9.01 48.64
C LEU B 153 16.67 -8.13 48.48
N GLY B 154 15.54 -8.75 48.10
CA GLY B 154 14.32 -7.98 47.95
C GLY B 154 13.86 -7.70 46.52
N PHE B 155 14.57 -8.21 45.53
CA PHE B 155 14.19 -7.97 44.14
C PHE B 155 13.00 -8.83 43.72
N ASP B 156 11.97 -8.18 43.18
CA ASP B 156 10.77 -8.87 42.71
C ASP B 156 10.75 -8.97 41.19
N THR B 157 11.74 -8.38 40.54
CA THR B 157 11.83 -8.42 39.09
C THR B 157 13.27 -8.67 38.67
N LEU B 158 13.47 -9.69 37.86
CA LEU B 158 14.81 -10.02 37.39
C LEU B 158 14.87 -9.90 35.87
N LYS B 159 15.94 -9.29 35.37
CA LYS B 159 16.14 -9.14 33.94
C LYS B 159 17.14 -10.22 33.56
N ILE B 160 16.68 -11.18 32.77
CA ILE B 160 17.51 -12.32 32.37
C ILE B 160 18.20 -12.15 31.02
N LYS B 161 19.54 -12.16 31.04
CA LYS B 161 20.30 -12.05 29.80
C LYS B 161 20.40 -13.43 29.14
N VAL B 162 20.11 -13.47 27.85
CA VAL B 162 20.17 -14.71 27.09
C VAL B 162 20.77 -14.39 25.73
N GLY B 163 21.04 -15.41 24.92
CA GLY B 163 21.57 -15.14 23.59
C GLY B 163 22.71 -15.99 23.03
N THR B 164 22.90 -17.20 23.54
CA THR B 164 23.97 -18.05 23.02
C THR B 164 23.41 -19.09 22.04
N GLY B 165 22.11 -19.36 22.17
CA GLY B 165 21.46 -20.33 21.32
C GLY B 165 20.12 -20.66 21.96
N ILE B 166 19.08 -20.70 21.14
CA ILE B 166 17.73 -20.97 21.61
C ILE B 166 17.59 -22.05 22.69
N GLU B 167 18.13 -23.23 22.42
CA GLU B 167 18.04 -24.35 23.37
C GLU B 167 18.64 -23.99 24.72
N ALA B 168 19.85 -23.43 24.70
CA ALA B 168 20.53 -23.04 25.93
C ALA B 168 19.80 -21.88 26.63
N ASP B 169 19.29 -20.94 25.84
CA ASP B 169 18.59 -19.79 26.41
C ASP B 169 17.28 -20.21 27.08
N ILE B 170 16.57 -21.13 26.44
CA ILE B 170 15.32 -21.62 27.01
C ILE B 170 15.64 -22.33 28.32
N ALA B 171 16.70 -23.15 28.31
CA ALA B 171 17.11 -23.89 29.50
C ALA B 171 17.40 -22.94 30.65
N ARG B 172 18.04 -21.82 30.34
CA ARG B 172 18.37 -20.81 31.34
C ARG B 172 17.13 -20.26 32.01
N VAL B 173 16.15 -19.89 31.19
CA VAL B 173 14.90 -19.33 31.70
C VAL B 173 14.14 -20.34 32.56
N LYS B 174 14.06 -21.58 32.09
CA LYS B 174 13.35 -22.62 32.84
C LYS B 174 13.96 -22.86 34.22
N ALA B 175 15.29 -22.86 34.29
CA ALA B 175 15.98 -23.09 35.55
C ALA B 175 15.71 -21.96 36.54
N ILE B 176 15.76 -20.72 36.05
CA ILE B 176 15.52 -19.57 36.90
C ILE B 176 14.08 -19.58 37.42
N ARG B 177 13.12 -19.75 36.52
CA ARG B 177 11.72 -19.77 36.90
C ARG B 177 11.46 -20.85 37.95
N GLU B 178 12.04 -22.03 37.72
CA GLU B 178 11.88 -23.16 38.62
C GLU B 178 12.48 -22.90 39.99
N ALA B 179 13.57 -22.15 40.04
CA ALA B 179 14.23 -21.84 41.30
C ALA B 179 13.54 -20.77 42.13
N VAL B 180 13.02 -19.73 41.49
CA VAL B 180 12.38 -18.62 42.21
C VAL B 180 10.86 -18.64 42.31
N GLY B 181 10.19 -19.45 41.50
CA GLY B 181 8.74 -19.50 41.58
C GLY B 181 8.07 -18.48 40.67
N PHE B 182 6.74 -18.42 40.73
CA PHE B 182 5.98 -17.52 39.88
C PHE B 182 5.60 -16.16 40.45
N ASP B 183 6.03 -15.86 41.66
CA ASP B 183 5.71 -14.57 42.25
C ASP B 183 6.73 -13.52 41.82
N ILE B 184 7.80 -13.99 41.17
CA ILE B 184 8.86 -13.09 40.71
C ILE B 184 8.64 -12.78 39.24
N LYS B 185 8.77 -11.51 38.86
CA LYS B 185 8.60 -11.13 37.46
C LYS B 185 9.91 -11.36 36.73
N LEU B 186 9.82 -11.92 35.53
CA LEU B 186 11.01 -12.18 34.72
C LEU B 186 10.90 -11.55 33.33
N ARG B 187 11.87 -10.69 33.01
CA ARG B 187 11.90 -10.07 31.69
C ARG B 187 13.19 -10.60 31.07
N LEU B 188 13.14 -10.90 29.78
CA LEU B 188 14.31 -11.44 29.06
C LEU B 188 14.93 -10.38 28.16
N ASP B 189 16.20 -10.56 27.83
CA ASP B 189 16.91 -9.63 26.96
C ASP B 189 17.95 -10.43 26.19
N ALA B 190 17.71 -10.60 24.89
CA ALA B 190 18.59 -11.36 24.02
C ALA B 190 19.65 -10.54 23.32
N ASN B 191 19.63 -9.23 23.55
CA ASN B 191 20.60 -8.32 22.93
C ASN B 191 20.91 -8.63 21.48
N GLN B 192 19.84 -8.72 20.67
CA GLN B 192 19.94 -8.94 19.22
C GLN B 192 20.42 -10.32 18.76
N ALA B 193 20.51 -11.27 19.67
CA ALA B 193 21.03 -12.61 19.33
C ALA B 193 20.22 -13.57 18.48
N TRP B 194 18.90 -13.44 18.48
CA TRP B 194 18.06 -14.38 17.73
C TRP B 194 17.53 -13.93 16.37
N THR B 195 17.32 -14.90 15.49
CA THR B 195 16.73 -14.62 14.18
C THR B 195 15.25 -14.44 14.51
N PRO B 196 14.48 -13.77 13.64
CA PRO B 196 13.05 -13.57 13.93
C PRO B 196 12.29 -14.87 14.26
N LYS B 197 12.54 -15.92 13.47
CA LYS B 197 11.86 -17.19 13.71
C LYS B 197 12.29 -17.88 14.99
N ASP B 198 13.58 -17.84 15.30
CA ASP B 198 14.09 -18.46 16.52
C ASP B 198 13.53 -17.73 17.73
N ALA B 199 13.42 -16.41 17.63
CA ALA B 199 12.87 -15.62 18.71
C ALA B 199 11.45 -16.09 19.01
N VAL B 200 10.63 -16.18 17.96
CA VAL B 200 9.25 -16.61 18.12
C VAL B 200 9.19 -18.02 18.69
N LYS B 201 10.09 -18.88 18.21
CA LYS B 201 10.14 -20.26 18.68
C LYS B 201 10.45 -20.31 20.18
N ALA B 202 11.45 -19.53 20.60
CA ALA B 202 11.86 -19.48 21.99
C ALA B 202 10.79 -18.87 22.88
N ILE B 203 10.16 -17.79 22.41
CA ILE B 203 9.12 -17.15 23.20
C ILE B 203 7.94 -18.08 23.40
N GLN B 204 7.60 -18.84 22.36
CA GLN B 204 6.48 -19.77 22.45
C GLN B 204 6.82 -20.95 23.35
N ALA B 205 8.09 -21.34 23.38
CA ALA B 205 8.50 -22.46 24.22
C ALA B 205 8.49 -22.04 25.69
N LEU B 206 8.53 -20.74 25.93
CA LEU B 206 8.54 -20.23 27.30
C LEU B 206 7.18 -19.69 27.74
N ALA B 207 6.16 -19.93 26.91
CA ALA B 207 4.80 -19.45 27.19
C ALA B 207 4.28 -19.77 28.58
N ASP B 208 4.52 -20.98 29.07
CA ASP B 208 4.03 -21.37 30.39
C ASP B 208 4.93 -20.91 31.53
N TYR B 209 5.99 -20.19 31.20
CA TYR B 209 6.92 -19.71 32.20
C TYR B 209 6.66 -18.27 32.60
N GLN B 210 5.53 -17.74 32.14
CA GLN B 210 5.09 -16.39 32.48
C GLN B 210 6.16 -15.32 32.27
N ILE B 211 6.54 -15.10 31.02
CA ILE B 211 7.56 -14.10 30.68
C ILE B 211 6.92 -12.72 30.61
N GLU B 212 7.46 -11.75 31.35
CA GLU B 212 6.88 -10.42 31.34
C GLU B 212 7.02 -9.73 29.99
N LEU B 213 8.23 -9.76 29.45
CA LEU B 213 8.51 -9.12 28.17
C LEU B 213 9.87 -9.61 27.67
N VAL B 214 10.13 -9.40 26.39
CA VAL B 214 11.40 -9.78 25.79
C VAL B 214 12.00 -8.55 25.11
N GLU B 215 13.23 -8.23 25.50
CA GLU B 215 13.95 -7.09 24.98
C GLU B 215 14.80 -7.44 23.74
N GLN B 216 14.74 -6.54 22.74
CA GLN B 216 15.49 -6.64 21.49
C GLN B 216 15.94 -8.05 21.10
N PRO B 217 15.00 -8.91 20.69
CA PRO B 217 15.31 -10.28 20.30
C PRO B 217 16.15 -10.41 19.04
N VAL B 218 16.03 -9.43 18.14
CA VAL B 218 16.75 -9.45 16.87
C VAL B 218 17.70 -8.28 16.62
N LYS B 219 18.48 -8.39 15.54
CA LYS B 219 19.44 -7.36 15.16
C LYS B 219 18.78 -5.97 15.12
N ARG B 220 19.49 -4.97 15.63
CA ARG B 220 18.95 -3.62 15.70
C ARG B 220 18.46 -3.03 14.38
N ARG B 221 19.13 -3.37 13.27
CA ARG B 221 18.76 -2.85 11.97
C ARG B 221 17.63 -3.63 11.29
N ASP B 222 17.20 -4.73 11.89
CA ASP B 222 16.13 -5.54 11.30
C ASP B 222 14.77 -5.17 11.88
N LEU B 223 14.29 -3.97 11.54
CA LEU B 223 13.01 -3.49 12.05
C LEU B 223 11.82 -4.32 11.58
N GLU B 224 11.95 -4.93 10.42
CA GLU B 224 10.87 -5.75 9.90
C GLU B 224 10.85 -7.05 10.69
N GLY B 225 12.04 -7.57 10.98
CA GLY B 225 12.14 -8.79 11.77
C GLY B 225 11.66 -8.55 13.19
N LEU B 226 11.92 -7.36 13.72
CA LEU B 226 11.48 -7.03 15.08
C LEU B 226 9.96 -6.96 15.09
N LYS B 227 9.39 -6.35 14.05
CA LYS B 227 7.95 -6.24 13.98
C LYS B 227 7.32 -7.62 13.83
N TYR B 228 8.01 -8.49 13.10
CA TYR B 228 7.53 -9.86 12.89
C TYR B 228 7.35 -10.54 14.24
N VAL B 229 8.36 -10.47 15.10
CA VAL B 229 8.27 -11.09 16.41
C VAL B 229 7.11 -10.49 17.20
N THR B 230 7.06 -9.15 17.26
CA THR B 230 6.01 -8.47 17.99
C THR B 230 4.62 -8.91 17.53
N SER B 231 4.47 -9.06 16.22
CA SER B 231 3.19 -9.46 15.64
C SER B 231 2.90 -10.96 15.69
N GLN B 232 3.88 -11.76 16.10
CA GLN B 232 3.69 -13.21 16.17
C GLN B 232 3.47 -13.78 17.56
N VAL B 233 3.74 -12.99 18.60
CA VAL B 233 3.56 -13.48 19.96
C VAL B 233 2.75 -12.48 20.80
N ASN B 234 2.03 -12.99 21.80
CA ASN B 234 1.25 -12.11 22.66
C ASN B 234 2.17 -11.49 23.71
N THR B 235 3.35 -12.06 23.86
CA THR B 235 4.33 -11.55 24.82
C THR B 235 4.77 -10.14 24.42
N THR B 236 4.98 -9.29 25.42
CA THR B 236 5.41 -7.92 25.21
C THR B 236 6.83 -7.85 24.66
N ILE B 237 7.01 -7.17 23.53
CA ILE B 237 8.33 -7.02 22.92
C ILE B 237 8.81 -5.57 23.12
N MET B 238 10.06 -5.43 23.58
CA MET B 238 10.64 -4.12 23.83
C MET B 238 11.82 -3.84 22.92
N ALA B 239 11.87 -2.63 22.37
CA ALA B 239 13.00 -2.26 21.53
C ALA B 239 14.04 -1.60 22.42
N ASP B 240 15.30 -1.89 22.15
CA ASP B 240 16.38 -1.26 22.90
C ASP B 240 17.38 -0.70 21.90
N GLU B 241 18.27 -1.55 21.38
CA GLU B 241 19.27 -1.08 20.44
C GLU B 241 18.66 -0.50 19.16
N SER B 242 17.44 -0.91 18.82
CA SER B 242 16.77 -0.40 17.63
C SER B 242 16.25 1.02 17.83
N CYS B 243 16.29 1.52 19.05
CA CYS B 243 15.81 2.88 19.31
C CYS B 243 16.79 3.71 20.14
N PHE B 244 17.53 4.58 19.46
CA PHE B 244 18.50 5.44 20.14
C PHE B 244 17.92 6.81 20.50
N ASP B 245 17.32 7.48 19.51
CA ASP B 245 16.79 8.82 19.72
C ASP B 245 15.31 9.00 19.38
N ALA B 246 14.87 10.24 19.42
CA ALA B 246 13.48 10.57 19.14
C ALA B 246 13.08 10.22 17.71
N GLN B 247 13.98 10.43 16.76
CA GLN B 247 13.67 10.10 15.38
C GLN B 247 13.45 8.59 15.22
N ASP B 248 14.21 7.80 15.96
CA ASP B 248 14.04 6.34 15.90
C ASP B 248 12.66 5.99 16.49
N ALA B 249 12.33 6.62 17.62
CA ALA B 249 11.05 6.38 18.29
C ALA B 249 9.90 6.69 17.35
N LEU B 250 10.02 7.81 16.64
CA LEU B 250 8.97 8.21 15.71
C LEU B 250 8.82 7.14 14.63
N GLU B 251 9.93 6.58 14.17
CA GLU B 251 9.88 5.56 13.13
C GLU B 251 9.24 4.26 13.65
N LEU B 252 9.61 3.87 14.87
CA LEU B 252 9.07 2.66 15.46
C LEU B 252 7.57 2.80 15.73
N VAL B 253 7.13 4.01 16.10
CA VAL B 253 5.71 4.21 16.35
C VAL B 253 4.92 4.20 15.04
N LYS B 254 5.50 4.77 13.98
CA LYS B 254 4.83 4.79 12.67
C LYS B 254 4.64 3.37 12.16
N LYS B 255 5.65 2.54 12.36
CA LYS B 255 5.63 1.16 11.89
C LYS B 255 4.97 0.16 12.84
N GLY B 256 4.74 0.55 14.09
CA GLY B 256 4.14 -0.35 15.06
C GLY B 256 5.06 -1.53 15.29
N THR B 257 6.35 -1.23 15.31
CA THR B 257 7.41 -2.22 15.48
C THR B 257 7.45 -2.98 16.80
N VAL B 258 7.26 -2.27 17.90
CA VAL B 258 7.30 -2.90 19.23
C VAL B 258 6.17 -2.44 20.13
N ASP B 259 6.13 -3.02 21.33
CA ASP B 259 5.11 -2.68 22.33
C ASP B 259 5.61 -1.71 23.39
N VAL B 260 6.90 -1.80 23.71
CA VAL B 260 7.53 -0.96 24.72
C VAL B 260 8.91 -0.55 24.22
N ILE B 261 9.43 0.56 24.74
CA ILE B 261 10.75 1.03 24.33
C ILE B 261 11.64 1.34 25.52
N ASN B 262 12.89 0.89 25.43
CA ASN B 262 13.90 1.11 26.46
C ASN B 262 14.60 2.44 26.18
N ILE B 263 14.55 3.36 27.13
CA ILE B 263 15.19 4.66 26.99
C ILE B 263 16.49 4.68 27.80
N LYS B 264 17.58 5.12 27.18
CA LYS B 264 18.86 5.23 27.87
C LYS B 264 19.43 6.62 27.63
N LEU B 265 19.83 7.32 28.68
CA LEU B 265 20.39 8.65 28.49
C LEU B 265 21.66 8.60 27.64
N MET B 266 22.36 7.47 27.69
CA MET B 266 23.59 7.33 26.93
C MET B 266 23.34 6.98 25.46
N LYS B 267 22.09 6.64 25.13
CA LYS B 267 21.73 6.31 23.75
C LYS B 267 21.17 7.55 23.04
N CYS B 268 20.41 8.36 23.78
CA CYS B 268 19.78 9.54 23.21
C CYS B 268 20.45 10.87 23.45
N GLY B 269 21.55 10.89 24.19
CA GLY B 269 22.21 12.17 24.42
C GLY B 269 21.69 13.04 25.55
N GLY B 270 21.08 12.43 26.56
CA GLY B 270 20.63 13.22 27.68
C GLY B 270 19.15 13.25 27.99
N ILE B 271 18.84 13.94 29.09
CA ILE B 271 17.46 14.08 29.55
C ILE B 271 16.57 14.81 28.55
N HIS B 272 17.11 15.87 27.95
CA HIS B 272 16.36 16.66 26.98
C HIS B 272 15.77 15.77 25.88
N GLU B 273 16.58 14.86 25.34
CA GLU B 273 16.12 13.97 24.28
C GLU B 273 15.29 12.80 24.83
N ALA B 274 15.60 12.36 26.06
CA ALA B 274 14.85 11.26 26.67
C ALA B 274 13.39 11.67 26.87
N LEU B 275 13.18 12.92 27.27
CA LEU B 275 11.83 13.42 27.46
C LEU B 275 11.03 13.36 26.15
N LYS B 276 11.68 13.71 25.04
CA LYS B 276 11.02 13.67 23.73
C LYS B 276 10.62 12.25 23.37
N ILE B 277 11.52 11.31 23.62
CA ILE B 277 11.24 9.92 23.32
C ILE B 277 10.02 9.46 24.11
N ASN B 278 10.03 9.74 25.40
CA ASN B 278 8.92 9.32 26.23
C ASN B 278 7.58 9.95 25.85
N GLN B 279 7.59 11.23 25.51
CA GLN B 279 6.35 11.90 25.14
C GLN B 279 5.81 11.40 23.81
N ILE B 280 6.70 11.04 22.89
CA ILE B 280 6.29 10.50 21.61
C ILE B 280 5.65 9.14 21.90
N CYS B 281 6.31 8.32 22.71
CA CYS B 281 5.79 7.00 23.05
C CYS B 281 4.45 7.05 23.77
N GLU B 282 4.34 7.94 24.77
CA GLU B 282 3.11 8.05 25.53
C GLU B 282 1.95 8.43 24.62
N THR B 283 2.23 9.33 23.68
CA THR B 283 1.22 9.79 22.75
C THR B 283 0.75 8.62 21.89
N ALA B 284 1.69 7.72 21.57
CA ALA B 284 1.40 6.55 20.76
C ALA B 284 0.87 5.35 21.57
N GLY B 285 0.80 5.50 22.90
CA GLY B 285 0.31 4.42 23.73
C GLY B 285 1.38 3.37 24.02
N ILE B 286 2.63 3.78 23.94
CA ILE B 286 3.77 2.89 24.19
C ILE B 286 4.43 3.30 25.50
N GLU B 287 4.53 2.36 26.44
CA GLU B 287 5.17 2.63 27.72
C GLU B 287 6.68 2.52 27.54
N CYS B 288 7.42 3.15 28.43
CA CYS B 288 8.88 3.13 28.33
C CYS B 288 9.54 2.61 29.60
N MET B 289 10.70 1.99 29.43
CA MET B 289 11.49 1.51 30.56
C MET B 289 12.81 2.25 30.51
N ILE B 290 13.22 2.82 31.63
CA ILE B 290 14.49 3.54 31.69
C ILE B 290 15.58 2.48 31.91
N GLY B 291 16.64 2.54 31.13
CA GLY B 291 17.72 1.58 31.24
C GLY B 291 19.07 2.23 31.48
N CYS B 292 20.14 1.46 31.36
CA CYS B 292 21.48 1.99 31.57
C CYS B 292 22.57 1.15 30.93
N MET B 293 23.78 1.72 30.84
CA MET B 293 24.93 1.03 30.28
C MET B 293 25.69 0.55 31.50
N ALA B 294 26.43 -0.54 31.38
CA ALA B 294 27.21 -1.04 32.50
C ALA B 294 28.39 -0.08 32.77
N GLU B 295 28.71 0.76 31.80
CA GLU B 295 29.80 1.72 31.92
C GLU B 295 29.47 2.95 32.76
N GLU B 296 28.18 3.15 33.03
CA GLU B 296 27.73 4.30 33.80
C GLU B 296 27.85 4.05 35.28
N THR B 297 27.86 5.13 36.05
CA THR B 297 27.95 5.01 37.50
C THR B 297 26.95 5.92 38.19
N THR B 298 27.25 6.29 39.43
CA THR B 298 26.38 7.13 40.23
C THR B 298 25.65 8.30 39.53
N ILE B 299 26.40 9.10 38.79
CA ILE B 299 25.80 10.25 38.13
C ILE B 299 24.75 9.89 37.07
N GLY B 300 25.13 9.02 36.14
CA GLY B 300 24.22 8.63 35.08
C GLY B 300 22.99 7.94 35.61
N ILE B 301 23.18 7.05 36.59
CA ILE B 301 22.06 6.33 37.18
C ILE B 301 21.16 7.28 37.97
N THR B 302 21.75 8.21 38.70
CA THR B 302 20.94 9.14 39.49
C THR B 302 20.08 10.01 38.56
N ALA B 303 20.67 10.50 37.47
CA ALA B 303 19.90 11.33 36.54
C ALA B 303 18.74 10.54 35.97
N ALA B 304 19.02 9.30 35.58
CA ALA B 304 18.01 8.41 35.01
C ALA B 304 16.88 8.15 35.99
N ALA B 305 17.22 8.00 37.26
CA ALA B 305 16.23 7.74 38.29
C ALA B 305 15.31 8.92 38.48
N HIS B 306 15.86 10.14 38.47
CA HIS B 306 15.03 11.34 38.62
C HIS B 306 14.06 11.44 37.45
N LEU B 307 14.55 11.17 36.24
CA LEU B 307 13.67 11.23 35.06
C LEU B 307 12.57 10.18 35.14
N ALA B 308 12.95 8.96 35.52
CA ALA B 308 12.00 7.85 35.62
C ALA B 308 10.92 8.14 36.67
N ALA B 309 11.34 8.64 37.83
CA ALA B 309 10.39 8.95 38.89
C ALA B 309 9.43 10.06 38.46
N ALA B 310 9.94 11.05 37.74
CA ALA B 310 9.15 12.20 37.31
C ALA B 310 8.11 11.95 36.23
N GLN B 311 8.37 11.00 35.34
CA GLN B 311 7.46 10.73 34.22
C GLN B 311 6.57 9.52 34.40
N LYS B 312 5.26 9.72 34.30
CA LYS B 312 4.29 8.64 34.47
C LYS B 312 4.44 7.53 33.44
N ASN B 313 4.74 7.87 32.19
CA ASN B 313 4.86 6.85 31.15
C ASN B 313 6.10 5.98 31.20
N ILE B 314 7.06 6.34 32.05
CA ILE B 314 8.25 5.50 32.22
C ILE B 314 7.81 4.63 33.39
N THR B 315 7.26 3.46 33.06
CA THR B 315 6.70 2.55 34.04
C THR B 315 7.57 1.41 34.53
N ARG B 316 8.74 1.25 33.93
CA ARG B 316 9.67 0.20 34.34
C ARG B 316 11.06 0.80 34.45
N ALA B 317 11.91 0.18 35.26
CA ALA B 317 13.27 0.66 35.44
C ALA B 317 14.28 -0.47 35.53
N ASP B 318 15.39 -0.29 34.84
CA ASP B 318 16.49 -1.24 34.85
C ASP B 318 17.70 -0.33 35.09
N LEU B 319 17.88 0.08 36.34
CA LEU B 319 18.97 0.97 36.73
C LEU B 319 19.81 0.28 37.78
N ASP B 320 20.59 -0.69 37.34
CA ASP B 320 21.42 -1.48 38.24
C ASP B 320 22.94 -1.37 38.05
N ALA B 321 23.39 -0.44 37.22
CA ALA B 321 24.82 -0.27 36.96
C ALA B 321 25.68 -0.03 38.21
N THR B 322 25.16 0.66 39.22
CA THR B 322 25.98 0.90 40.42
C THR B 322 26.19 -0.37 41.24
N PHE B 323 25.30 -1.35 41.06
CA PHE B 323 25.38 -2.59 41.84
C PHE B 323 26.65 -3.41 41.63
N GLY B 324 27.30 -3.26 40.48
CA GLY B 324 28.51 -4.02 40.23
C GLY B 324 29.81 -3.27 40.45
N LEU B 325 29.70 -1.97 40.74
CA LEU B 325 30.88 -1.13 40.94
C LEU B 325 31.69 -1.39 42.21
N GLU B 326 33.01 -1.44 42.08
CA GLU B 326 33.88 -1.65 43.23
C GLU B 326 33.84 -0.42 44.13
N THR B 327 33.70 0.75 43.51
CA THR B 327 33.66 2.00 44.26
C THR B 327 32.76 3.06 43.61
N ALA B 328 32.39 4.06 44.40
CA ALA B 328 31.56 5.17 43.94
C ALA B 328 32.45 6.36 43.62
N PRO B 329 32.34 6.92 42.41
CA PRO B 329 33.17 8.05 41.99
C PRO B 329 32.79 9.39 42.61
N VAL B 330 31.60 9.48 43.19
CA VAL B 330 31.13 10.72 43.77
C VAL B 330 30.29 10.45 45.02
N THR B 331 29.93 11.51 45.74
CA THR B 331 29.13 11.39 46.95
C THR B 331 27.65 11.70 46.71
N GLY B 332 26.78 10.98 47.39
CA GLY B 332 25.34 11.20 47.24
C GLY B 332 24.77 10.47 46.03
N GLY B 333 23.50 10.74 45.74
CA GLY B 333 22.86 10.08 44.61
C GLY B 333 22.57 8.62 44.89
N VAL B 334 22.22 7.88 43.85
CA VAL B 334 21.91 6.47 43.98
C VAL B 334 23.11 5.69 44.49
N SER B 335 22.87 4.94 45.56
CA SER B 335 23.89 4.14 46.23
C SER B 335 24.38 2.92 45.45
N LEU B 336 25.53 2.41 45.86
CA LEU B 336 26.12 1.21 45.26
C LEU B 336 25.36 -0.02 45.78
N GLU B 337 24.56 0.19 46.82
CA GLU B 337 23.79 -0.90 47.41
C GLU B 337 22.82 -1.59 46.45
N ALA B 338 22.94 -2.91 46.35
CA ALA B 338 22.06 -3.68 45.48
C ALA B 338 20.71 -3.81 46.17
N LYS B 339 19.81 -2.87 45.84
CA LYS B 339 18.47 -2.86 46.39
C LYS B 339 17.49 -2.43 45.30
N PRO B 340 16.26 -2.95 45.33
CA PRO B 340 15.25 -2.60 44.33
C PRO B 340 14.69 -1.19 44.43
N LEU B 341 14.62 -0.66 45.64
CA LEU B 341 14.08 0.68 45.85
C LEU B 341 15.11 1.80 45.79
N LEU B 342 14.91 2.71 44.85
CA LEU B 342 15.80 3.86 44.69
C LEU B 342 15.00 5.10 45.08
N GLU B 343 15.17 5.53 46.33
CA GLU B 343 14.47 6.70 46.83
C GLU B 343 15.32 7.94 46.59
N LEU B 344 14.69 8.98 46.07
CA LEU B 344 15.40 10.22 45.80
C LEU B 344 15.13 11.17 46.95
N GLY B 345 16.20 11.73 47.51
CA GLY B 345 16.05 12.65 48.62
C GLY B 345 15.47 13.98 48.18
N GLU B 346 15.52 14.96 49.07
CA GLU B 346 15.01 16.30 48.76
C GLU B 346 16.14 17.25 48.37
N ALA B 347 17.35 16.73 48.24
CA ALA B 347 18.49 17.55 47.85
C ALA B 347 18.24 18.11 46.46
N ALA B 348 18.60 19.37 46.24
CA ALA B 348 18.38 20.02 44.95
C ALA B 348 19.21 19.39 43.84
N GLY B 349 18.68 19.41 42.62
CA GLY B 349 19.38 18.82 41.50
C GLY B 349 19.51 17.32 41.66
N LEU B 350 20.72 16.79 41.45
CA LEU B 350 20.98 15.36 41.59
C LEU B 350 21.36 14.98 43.02
N GLY B 351 21.60 15.97 43.87
CA GLY B 351 21.98 15.70 45.24
C GLY B 351 23.35 15.03 45.31
N ILE B 352 24.20 15.34 44.33
CA ILE B 352 25.54 14.77 44.26
C ILE B 352 26.60 15.81 44.59
N SER B 353 27.65 15.36 45.28
CA SER B 353 28.74 16.25 45.68
C SER B 353 30.12 15.59 45.59
N MET C 1 -7.22 -35.87 -37.96
CA MET C 1 -5.80 -35.87 -38.45
C MET C 1 -4.88 -36.53 -37.43
N LYS C 2 -3.69 -36.86 -37.91
CA LYS C 2 -2.66 -37.48 -37.07
C LYS C 2 -1.30 -37.14 -37.66
N ILE C 3 -0.48 -36.46 -36.88
CA ILE C 3 0.85 -36.09 -37.33
C ILE C 3 1.65 -37.36 -37.60
N LYS C 4 2.20 -37.46 -38.81
CA LYS C 4 2.99 -38.62 -39.19
C LYS C 4 4.47 -38.37 -38.91
N GLN C 5 4.97 -37.25 -39.42
CA GLN C 5 6.37 -36.89 -39.24
C GLN C 5 6.55 -35.37 -39.27
N VAL C 6 7.61 -34.89 -38.60
CA VAL C 6 7.90 -33.47 -38.56
C VAL C 6 9.24 -33.19 -39.23
N HIS C 7 9.21 -32.40 -40.29
CA HIS C 7 10.43 -32.07 -41.04
C HIS C 7 10.81 -30.61 -40.80
N VAL C 8 12.11 -30.37 -40.63
CA VAL C 8 12.61 -29.02 -40.40
C VAL C 8 13.86 -28.78 -41.23
N ARG C 9 14.05 -27.54 -41.67
CA ARG C 9 15.21 -27.21 -42.48
C ARG C 9 15.64 -25.76 -42.27
N ALA C 10 16.94 -25.51 -42.44
CA ALA C 10 17.47 -24.16 -42.27
C ALA C 10 17.26 -23.30 -43.51
N SER C 11 16.86 -22.06 -43.28
CA SER C 11 16.64 -21.11 -44.37
C SER C 11 17.39 -19.82 -44.08
N LYS C 12 18.36 -19.50 -44.93
CA LYS C 12 19.15 -18.28 -44.77
C LYS C 12 18.96 -17.41 -45.99
N ILE C 13 18.20 -16.33 -45.82
CA ILE C 13 17.90 -15.41 -46.91
C ILE C 13 18.49 -14.02 -46.68
N LYS C 14 19.42 -13.62 -47.54
CA LYS C 14 20.05 -12.32 -47.44
C LYS C 14 19.00 -11.22 -47.63
N LEU C 15 19.26 -10.05 -47.06
CA LEU C 15 18.34 -8.92 -47.16
C LEU C 15 18.86 -7.89 -48.16
N LYS C 16 17.95 -7.17 -48.79
CA LYS C 16 18.33 -6.15 -49.76
C LYS C 16 19.25 -5.13 -49.11
N GLU C 17 18.85 -4.65 -47.94
CA GLU C 17 19.63 -3.67 -47.19
C GLU C 17 19.89 -4.17 -45.78
N THR C 18 20.84 -3.55 -45.10
CA THR C 18 21.15 -3.92 -43.73
C THR C 18 20.34 -3.00 -42.81
N PHE C 19 19.57 -3.59 -41.90
CA PHE C 19 18.76 -2.81 -40.98
C PHE C 19 19.44 -2.62 -39.64
N THR C 20 19.36 -1.40 -39.13
CA THR C 20 19.98 -1.05 -37.86
C THR C 20 18.99 -0.53 -36.82
N ILE C 21 19.00 -1.15 -35.65
CA ILE C 21 18.14 -0.70 -34.56
C ILE C 21 19.05 -0.54 -33.34
N ALA C 22 18.51 0.03 -32.27
CA ALA C 22 19.30 0.26 -31.07
C ALA C 22 20.03 -0.98 -30.55
N LEU C 23 19.42 -2.15 -30.74
CA LEU C 23 19.98 -3.41 -30.26
C LEU C 23 21.05 -4.06 -31.14
N GLY C 24 21.16 -3.62 -32.39
CA GLY C 24 22.17 -4.20 -33.27
C GLY C 24 21.75 -4.10 -34.73
N THR C 25 22.36 -4.91 -35.59
CA THR C 25 22.03 -4.88 -37.00
C THR C 25 21.76 -6.28 -37.55
N ILE C 26 20.92 -6.36 -38.58
CA ILE C 26 20.58 -7.62 -39.20
C ILE C 26 20.95 -7.54 -40.69
N GLU C 27 21.58 -8.59 -41.21
CA GLU C 27 22.00 -8.62 -42.60
C GLU C 27 21.39 -9.77 -43.37
N SER C 28 20.92 -10.79 -42.65
CA SER C 28 20.31 -11.95 -43.29
C SER C 28 19.17 -12.53 -42.46
N ALA C 29 18.12 -12.98 -43.13
CA ALA C 29 16.95 -13.56 -42.46
C ALA C 29 17.15 -15.07 -42.35
N ASP C 30 17.69 -15.50 -41.22
CA ASP C 30 17.95 -16.92 -40.97
C ASP C 30 16.88 -17.50 -40.07
N SER C 31 16.16 -18.51 -40.56
CA SER C 31 15.10 -19.12 -39.78
C SER C 31 14.96 -20.62 -39.97
N ALA C 32 14.15 -21.23 -39.12
CA ALA C 32 13.89 -22.66 -39.20
C ALA C 32 12.50 -22.84 -39.83
N ILE C 33 12.47 -23.49 -40.98
CA ILE C 33 11.20 -23.73 -41.67
C ILE C 33 10.75 -25.15 -41.41
N VAL C 34 9.53 -25.30 -40.91
CA VAL C 34 9.00 -26.62 -40.59
C VAL C 34 7.82 -27.04 -41.45
N GLU C 35 7.75 -28.33 -41.74
CA GLU C 35 6.67 -28.90 -42.53
C GLU C 35 6.18 -30.13 -41.77
N ILE C 36 4.98 -30.04 -41.21
CA ILE C 36 4.41 -31.15 -40.47
C ILE C 36 3.54 -32.01 -41.39
N GLU C 37 3.92 -33.26 -41.57
CA GLU C 37 3.19 -34.18 -42.42
C GLU C 37 2.22 -35.05 -41.63
N THR C 38 0.97 -35.09 -42.08
CA THR C 38 -0.05 -35.89 -41.42
C THR C 38 -0.21 -37.24 -42.11
N GLU C 39 -0.93 -38.15 -41.47
CA GLU C 39 -1.16 -39.48 -42.02
C GLU C 39 -1.96 -39.45 -43.32
N GLU C 40 -2.81 -38.43 -43.48
CA GLU C 40 -3.63 -38.31 -44.68
C GLU C 40 -2.95 -37.53 -45.80
N GLY C 41 -1.71 -37.11 -45.57
CA GLY C 41 -0.98 -36.39 -46.60
C GLY C 41 -0.97 -34.88 -46.49
N LEU C 42 -1.85 -34.33 -45.66
CA LEU C 42 -1.89 -32.87 -45.50
C LEU C 42 -0.59 -32.42 -44.86
N VAL C 43 -0.07 -31.28 -45.33
CA VAL C 43 1.18 -30.75 -44.81
C VAL C 43 1.01 -29.30 -44.33
N GLY C 44 1.38 -29.07 -43.08
CA GLY C 44 1.29 -27.73 -42.50
C GLY C 44 2.65 -27.06 -42.49
N TYR C 45 2.67 -25.76 -42.72
CA TYR C 45 3.92 -25.01 -42.74
C TYR C 45 4.08 -24.08 -41.55
N GLY C 46 5.26 -24.11 -40.95
CA GLY C 46 5.53 -23.27 -39.80
C GLY C 46 6.92 -22.68 -39.89
N GLU C 47 7.24 -21.72 -39.04
CA GLU C 47 8.54 -21.09 -39.07
C GLU C 47 8.98 -20.52 -37.72
N GLY C 48 10.28 -20.53 -37.48
CA GLY C 48 10.84 -19.99 -36.26
C GLY C 48 11.94 -19.02 -36.60
N GLY C 49 11.68 -17.74 -36.38
CA GLY C 49 12.67 -16.72 -36.66
C GLY C 49 13.28 -16.23 -35.37
N PRO C 50 14.38 -16.85 -34.91
CA PRO C 50 15.06 -16.47 -33.67
C PRO C 50 15.95 -15.23 -33.78
N GLY C 51 15.65 -14.22 -32.98
CA GLY C 51 16.45 -13.00 -32.96
C GLY C 51 17.29 -13.05 -31.70
N ILE C 52 18.59 -13.25 -31.87
CA ILE C 52 19.50 -13.36 -30.73
C ILE C 52 19.52 -12.15 -29.79
N PHE C 53 19.48 -10.94 -30.32
CA PHE C 53 19.50 -9.76 -29.45
C PHE C 53 18.11 -9.37 -28.94
N ILE C 54 17.15 -10.26 -29.12
CA ILE C 54 15.79 -10.03 -28.65
C ILE C 54 15.45 -11.07 -27.60
N THR C 55 15.52 -12.35 -27.99
CA THR C 55 15.21 -13.44 -27.09
C THR C 55 16.43 -14.28 -26.73
N GLY C 56 17.54 -14.06 -27.44
CA GLY C 56 18.74 -14.83 -27.18
C GLY C 56 18.77 -16.14 -27.96
N GLU C 57 17.65 -16.46 -28.61
CA GLU C 57 17.55 -17.68 -29.40
C GLU C 57 18.42 -17.63 -30.66
N THR C 58 18.99 -18.76 -31.03
CA THR C 58 19.84 -18.85 -32.21
C THR C 58 19.28 -19.88 -33.17
N LEU C 59 19.79 -19.90 -34.39
CA LEU C 59 19.31 -20.85 -35.39
C LEU C 59 19.58 -22.29 -34.95
N ALA C 60 20.83 -22.57 -34.59
CA ALA C 60 21.21 -23.92 -34.17
C ALA C 60 20.40 -24.40 -32.97
N GLY C 61 20.17 -23.50 -32.02
CA GLY C 61 19.40 -23.87 -30.85
C GLY C 61 17.95 -24.15 -31.19
N THR C 62 17.37 -23.32 -32.05
CA THR C 62 15.97 -23.48 -32.46
C THR C 62 15.80 -24.78 -33.23
N LEU C 63 16.72 -25.06 -34.15
CA LEU C 63 16.67 -26.27 -34.96
C LEU C 63 16.69 -27.50 -34.05
N GLU C 64 17.64 -27.53 -33.12
CA GLU C 64 17.76 -28.66 -32.20
C GLU C 64 16.50 -28.85 -31.36
N THR C 65 15.88 -27.75 -30.94
CA THR C 65 14.68 -27.84 -30.13
C THR C 65 13.49 -28.32 -30.97
N ILE C 66 13.37 -27.80 -32.18
CA ILE C 66 12.27 -28.21 -33.05
C ILE C 66 12.29 -29.71 -33.29
N GLU C 67 13.48 -30.28 -33.45
CA GLU C 67 13.59 -31.72 -33.67
C GLU C 67 13.10 -32.51 -32.47
N LEU C 68 13.37 -32.00 -31.27
CA LEU C 68 12.92 -32.68 -30.06
C LEU C 68 11.39 -32.61 -30.02
N PHE C 69 10.85 -31.45 -30.37
CA PHE C 69 9.40 -31.27 -30.40
C PHE C 69 8.77 -32.24 -31.39
N GLY C 70 9.24 -32.19 -32.63
CA GLY C 70 8.72 -33.05 -33.69
C GLY C 70 8.54 -34.51 -33.33
N GLN C 71 9.54 -35.12 -32.71
CA GLN C 71 9.46 -36.52 -32.36
C GLN C 71 8.50 -36.80 -31.21
N ALA C 72 8.23 -35.78 -30.39
CA ALA C 72 7.32 -35.95 -29.26
C ALA C 72 5.86 -35.77 -29.65
N ILE C 73 5.61 -35.06 -30.73
CA ILE C 73 4.23 -34.82 -31.16
C ILE C 73 3.72 -35.79 -32.23
N ILE C 74 4.57 -36.70 -32.69
CA ILE C 74 4.16 -37.66 -33.71
C ILE C 74 2.98 -38.48 -33.18
N GLY C 75 1.94 -38.59 -33.99
CA GLY C 75 0.77 -39.36 -33.60
C GLY C 75 -0.33 -38.51 -32.98
N LEU C 76 -0.04 -37.22 -32.78
CA LEU C 76 -1.00 -36.31 -32.18
C LEU C 76 -1.84 -35.58 -33.24
N ASN C 77 -3.04 -35.18 -32.85
CA ASN C 77 -3.94 -34.47 -33.74
C ASN C 77 -3.60 -32.99 -33.68
N PRO C 78 -3.33 -32.36 -34.84
CA PRO C 78 -2.99 -30.94 -34.91
C PRO C 78 -4.04 -30.05 -34.24
N PHE C 79 -5.26 -30.57 -34.12
CA PHE C 79 -6.35 -29.82 -33.51
C PHE C 79 -6.21 -29.79 -31.98
N ASN C 80 -5.43 -30.74 -31.46
CA ASN C 80 -5.21 -30.81 -30.01
C ASN C 80 -4.05 -29.87 -29.68
N ILE C 81 -4.21 -28.60 -30.05
CA ILE C 81 -3.20 -27.58 -29.82
C ILE C 81 -2.89 -27.43 -28.32
N GLU C 82 -3.85 -27.81 -27.49
CA GLU C 82 -3.67 -27.74 -26.03
C GLU C 82 -2.58 -28.72 -25.60
N LYS C 83 -2.68 -29.95 -26.08
CA LYS C 83 -1.70 -30.98 -25.73
C LYS C 83 -0.37 -30.72 -26.41
N ILE C 84 -0.42 -30.15 -27.62
CA ILE C 84 0.81 -29.85 -28.36
C ILE C 84 1.69 -28.91 -27.56
N HIS C 85 1.10 -27.84 -27.05
CA HIS C 85 1.85 -26.87 -26.26
C HIS C 85 2.24 -27.47 -24.91
N GLU C 86 1.38 -28.34 -24.37
CA GLU C 86 1.67 -28.99 -23.09
C GLU C 86 2.95 -29.80 -23.25
N VAL C 87 3.03 -30.55 -24.33
CA VAL C 87 4.19 -31.38 -24.62
C VAL C 87 5.43 -30.53 -24.87
N MET C 88 5.29 -29.41 -25.58
CA MET C 88 6.42 -28.55 -25.86
C MET C 88 6.93 -27.81 -24.63
N ASP C 89 6.00 -27.39 -23.77
CA ASP C 89 6.38 -26.67 -22.57
C ASP C 89 7.09 -27.58 -21.57
N LYS C 90 6.75 -28.87 -21.59
CA LYS C 90 7.39 -29.81 -20.69
C LYS C 90 8.80 -30.11 -21.18
N ILE C 91 8.98 -30.05 -22.50
CA ILE C 91 10.28 -30.31 -23.11
C ILE C 91 11.27 -29.15 -22.94
N SER C 92 10.78 -27.92 -23.14
CA SER C 92 11.64 -26.74 -23.03
C SER C 92 11.00 -25.64 -22.19
N ALA C 93 11.78 -25.09 -21.25
CA ALA C 93 11.30 -24.02 -20.38
C ALA C 93 11.23 -22.69 -21.13
N PHE C 94 11.97 -22.58 -22.22
CA PHE C 94 11.98 -21.35 -23.01
C PHE C 94 12.53 -21.56 -24.43
N ALA C 95 11.66 -21.36 -25.42
CA ALA C 95 12.02 -21.50 -26.83
C ALA C 95 10.83 -21.10 -27.68
N PRO C 96 10.43 -19.82 -27.60
CA PRO C 96 9.28 -19.29 -28.36
C PRO C 96 9.39 -19.47 -29.87
N ALA C 97 10.59 -19.32 -30.42
CA ALA C 97 10.79 -19.47 -31.85
C ALA C 97 10.48 -20.91 -32.26
N ALA C 98 11.02 -21.85 -31.51
CA ALA C 98 10.79 -23.27 -31.78
C ALA C 98 9.33 -23.66 -31.62
N LYS C 99 8.72 -23.24 -30.53
CA LYS C 99 7.32 -23.56 -30.27
C LYS C 99 6.39 -22.92 -31.30
N ALA C 100 6.76 -21.75 -31.80
CA ALA C 100 5.94 -21.05 -32.79
C ALA C 100 5.99 -21.79 -34.13
N ALA C 101 7.14 -22.37 -34.45
CA ALA C 101 7.29 -23.10 -35.70
C ALA C 101 6.29 -24.26 -35.73
N ILE C 102 6.22 -25.01 -34.63
CA ILE C 102 5.30 -26.13 -34.51
C ILE C 102 3.86 -25.63 -34.47
N ASP C 103 3.63 -24.60 -33.66
CA ASP C 103 2.31 -24.00 -33.48
C ASP C 103 1.70 -23.55 -34.82
N ILE C 104 2.44 -22.73 -35.54
CA ILE C 104 1.98 -22.21 -36.83
C ILE C 104 1.61 -23.35 -37.78
N ALA C 105 2.48 -24.35 -37.87
CA ALA C 105 2.24 -25.49 -38.74
C ALA C 105 0.94 -26.19 -38.39
N CYS C 106 0.67 -26.31 -37.09
CA CYS C 106 -0.55 -26.98 -36.63
C CYS C 106 -1.80 -26.20 -37.02
N TYR C 107 -1.77 -24.89 -36.87
CA TYR C 107 -2.91 -24.05 -37.23
C TYR C 107 -3.13 -24.08 -38.73
N ASP C 108 -2.04 -24.07 -39.49
CA ASP C 108 -2.14 -24.12 -40.94
C ASP C 108 -2.86 -25.41 -41.32
N LEU C 109 -2.53 -26.50 -40.61
CA LEU C 109 -3.17 -27.78 -40.86
C LEU C 109 -4.65 -27.70 -40.52
N MET C 110 -4.96 -27.15 -39.35
CA MET C 110 -6.35 -27.01 -38.92
C MET C 110 -7.16 -26.29 -40.00
N GLY C 111 -6.55 -25.25 -40.59
CA GLY C 111 -7.23 -24.49 -41.62
C GLY C 111 -7.52 -25.33 -42.86
N GLN C 112 -6.56 -26.16 -43.25
CA GLN C 112 -6.72 -27.02 -44.42
C GLN C 112 -7.76 -28.11 -44.18
N LYS C 113 -7.62 -28.84 -43.08
CA LYS C 113 -8.55 -29.91 -42.73
C LYS C 113 -9.99 -29.40 -42.64
N ALA C 114 -10.16 -28.16 -42.19
CA ALA C 114 -11.48 -27.57 -42.07
C ALA C 114 -11.85 -26.88 -43.37
N GLN C 115 -10.86 -26.73 -44.26
CA GLN C 115 -11.06 -26.09 -45.54
C GLN C 115 -11.56 -24.65 -45.37
N LEU C 116 -10.82 -23.89 -44.58
CA LEU C 116 -11.14 -22.51 -44.29
C LEU C 116 -9.86 -21.71 -44.11
N PRO C 117 -9.87 -20.42 -44.50
CA PRO C 117 -8.65 -19.62 -44.32
C PRO C 117 -8.38 -19.58 -42.81
N LEU C 118 -7.13 -19.36 -42.43
CA LEU C 118 -6.79 -19.34 -41.01
C LEU C 118 -7.58 -18.32 -40.19
N TYR C 119 -7.72 -17.11 -40.71
CA TYR C 119 -8.44 -16.06 -39.98
C TYR C 119 -9.87 -16.40 -39.60
N GLN C 120 -10.49 -17.35 -40.30
CA GLN C 120 -11.86 -17.74 -40.00
C GLN C 120 -11.93 -18.59 -38.73
N LEU C 121 -10.80 -19.19 -38.37
CA LEU C 121 -10.74 -20.01 -37.17
C LEU C 121 -10.21 -19.23 -35.97
N LEU C 122 -9.68 -18.05 -36.23
CA LEU C 122 -9.12 -17.20 -35.19
C LEU C 122 -9.99 -16.01 -34.79
N GLY C 123 -11.22 -15.97 -35.28
CA GLY C 123 -12.10 -14.87 -34.93
C GLY C 123 -12.90 -14.35 -36.11
N GLY C 124 -12.27 -14.36 -37.28
CA GLY C 124 -12.93 -13.91 -38.50
C GLY C 124 -13.50 -12.50 -38.51
N TYR C 125 -12.86 -11.57 -37.79
CA TYR C 125 -13.34 -10.20 -37.76
C TYR C 125 -13.10 -9.52 -39.10
N ASP C 126 -12.02 -9.91 -39.76
CA ASP C 126 -11.65 -9.34 -41.05
C ASP C 126 -10.80 -10.37 -41.80
N ASN C 127 -10.43 -10.03 -43.03
CA ASN C 127 -9.60 -10.92 -43.85
C ASN C 127 -8.43 -10.16 -44.47
N GLN C 128 -8.13 -8.99 -43.91
CA GLN C 128 -7.02 -8.17 -44.39
C GLN C 128 -6.51 -7.30 -43.25
N VAL C 129 -5.30 -6.79 -43.41
CA VAL C 129 -4.70 -5.93 -42.39
C VAL C 129 -3.77 -4.91 -43.05
N ILE C 130 -3.73 -3.72 -42.47
CA ILE C 130 -2.88 -2.65 -42.97
C ILE C 130 -1.64 -2.59 -42.10
N THR C 131 -0.47 -2.79 -42.70
CA THR C 131 0.78 -2.75 -41.95
C THR C 131 1.59 -1.51 -42.26
N ASP C 132 2.39 -1.08 -41.29
CA ASP C 132 3.25 0.07 -41.48
C ASP C 132 4.52 -0.48 -42.10
N ILE C 133 5.55 0.35 -42.16
CA ILE C 133 6.85 -0.09 -42.67
C ILE C 133 7.90 0.57 -41.80
N THR C 134 8.95 -0.17 -41.50
CA THR C 134 10.03 0.33 -40.64
C THR C 134 11.22 0.91 -41.38
N LEU C 135 11.73 2.02 -40.87
CA LEU C 135 12.91 2.65 -41.43
C LEU C 135 14.00 2.59 -40.34
N GLY C 136 15.06 1.84 -40.63
CA GLY C 136 16.13 1.68 -39.67
C GLY C 136 16.83 2.97 -39.30
N ILE C 137 17.64 2.90 -38.26
CA ILE C 137 18.38 4.05 -37.77
C ILE C 137 19.42 4.52 -38.78
N ASP C 138 19.42 5.82 -39.06
CA ASP C 138 20.36 6.41 -40.00
C ASP C 138 20.33 7.92 -39.79
N GLU C 139 21.14 8.65 -40.55
CA GLU C 139 21.17 10.10 -40.44
C GLU C 139 19.78 10.67 -40.68
N PRO C 140 19.45 11.81 -40.04
CA PRO C 140 18.14 12.45 -40.19
C PRO C 140 17.67 12.56 -41.64
N ASN C 141 18.42 13.30 -42.46
CA ASN C 141 18.05 13.50 -43.85
C ASN C 141 17.90 12.18 -44.61
N VAL C 142 18.73 11.19 -44.27
CA VAL C 142 18.67 9.90 -44.92
C VAL C 142 17.37 9.18 -44.59
N MET C 143 16.96 9.24 -43.33
CA MET C 143 15.73 8.61 -42.89
C MET C 143 14.55 9.38 -43.47
N ALA C 144 14.69 10.70 -43.58
CA ALA C 144 13.64 11.55 -44.12
C ALA C 144 13.40 11.23 -45.59
N GLN C 145 14.49 11.01 -46.33
CA GLN C 145 14.40 10.68 -47.74
C GLN C 145 13.81 9.28 -47.92
N LYS C 146 14.23 8.36 -47.05
CA LYS C 146 13.72 6.99 -47.10
C LYS C 146 12.24 7.04 -46.78
N ALA C 147 11.87 7.97 -45.90
CA ALA C 147 10.47 8.14 -45.50
C ALA C 147 9.63 8.55 -46.70
N VAL C 148 10.16 9.49 -47.48
CA VAL C 148 9.47 9.96 -48.66
C VAL C 148 9.23 8.80 -49.63
N GLU C 149 10.28 8.02 -49.87
CA GLU C 149 10.19 6.88 -50.78
C GLU C 149 9.12 5.88 -50.34
N LYS C 150 8.95 5.73 -49.03
CA LYS C 150 7.97 4.81 -48.48
C LYS C 150 6.55 5.33 -48.64
N VAL C 151 6.38 6.64 -48.54
CA VAL C 151 5.06 7.23 -48.70
C VAL C 151 4.61 7.06 -50.15
N LYS C 152 5.57 6.96 -51.06
CA LYS C 152 5.29 6.76 -52.48
C LYS C 152 4.74 5.37 -52.73
N LEU C 153 5.09 4.42 -51.87
CA LEU C 153 4.63 3.05 -52.02
C LEU C 153 3.23 2.84 -51.43
N GLY C 154 2.62 3.92 -50.96
CA GLY C 154 1.30 3.83 -50.40
C GLY C 154 1.24 3.66 -48.89
N PHE C 155 2.38 3.80 -48.23
CA PHE C 155 2.43 3.66 -46.77
C PHE C 155 1.97 4.93 -46.06
N ASP C 156 0.91 4.80 -45.26
CA ASP C 156 0.35 5.92 -44.52
C ASP C 156 0.85 5.96 -43.07
N THR C 157 1.51 4.88 -42.64
CA THR C 157 2.04 4.82 -41.28
C THR C 157 3.49 4.33 -41.32
N LEU C 158 4.39 5.11 -40.72
CA LEU C 158 5.81 4.76 -40.69
C LEU C 158 6.31 4.55 -39.27
N LYS C 159 7.00 3.43 -39.04
CA LYS C 159 7.58 3.10 -37.74
C LYS C 159 9.04 3.54 -37.76
N ILE C 160 9.35 4.57 -36.99
CA ILE C 160 10.69 5.15 -36.93
C ILE C 160 11.59 4.58 -35.85
N LYS C 161 12.68 3.92 -36.26
CA LYS C 161 13.63 3.36 -35.31
C LYS C 161 14.58 4.46 -34.83
N VAL C 162 14.79 4.53 -33.53
CA VAL C 162 15.68 5.52 -32.95
C VAL C 162 16.38 4.87 -31.78
N GLY C 163 17.27 5.61 -31.11
CA GLY C 163 17.96 5.04 -29.96
C GLY C 163 19.45 5.21 -29.84
N THR C 164 20.03 6.24 -30.46
CA THR C 164 21.47 6.44 -30.35
C THR C 164 21.79 7.60 -29.41
N GLY C 165 20.74 8.33 -29.00
CA GLY C 165 20.91 9.47 -28.12
C GLY C 165 19.79 10.46 -28.36
N ILE C 166 19.26 11.03 -27.28
CA ILE C 166 18.16 11.99 -27.34
C ILE C 166 18.25 12.98 -28.50
N GLU C 167 19.24 13.87 -28.41
CA GLU C 167 19.46 14.89 -29.42
C GLU C 167 19.41 14.34 -30.84
N ALA C 168 20.14 13.25 -31.07
CA ALA C 168 20.18 12.62 -32.39
C ALA C 168 18.82 12.02 -32.76
N ASP C 169 18.18 11.37 -31.80
CA ASP C 169 16.88 10.75 -32.03
C ASP C 169 15.77 11.76 -32.32
N ILE C 170 15.81 12.89 -31.62
CA ILE C 170 14.80 13.93 -31.84
C ILE C 170 14.97 14.54 -33.23
N ALA C 171 16.22 14.69 -33.65
CA ALA C 171 16.52 15.25 -34.97
C ALA C 171 15.97 14.36 -36.09
N ARG C 172 16.11 13.05 -35.92
CA ARG C 172 15.62 12.10 -36.91
C ARG C 172 14.12 12.26 -37.13
N VAL C 173 13.37 12.31 -36.04
CA VAL C 173 11.93 12.44 -36.12
C VAL C 173 11.49 13.76 -36.75
N LYS C 174 12.08 14.87 -36.28
CA LYS C 174 11.74 16.18 -36.82
C LYS C 174 11.99 16.22 -38.33
N ALA C 175 13.17 15.78 -38.75
CA ALA C 175 13.52 15.77 -40.15
C ALA C 175 12.51 14.99 -40.99
N ILE C 176 12.07 13.85 -40.47
CA ILE C 176 11.11 13.01 -41.17
C ILE C 176 9.73 13.68 -41.25
N ARG C 177 9.28 14.22 -40.11
CA ARG C 177 7.98 14.89 -40.06
C ARG C 177 7.89 16.04 -41.04
N GLU C 178 8.98 16.79 -41.16
CA GLU C 178 9.02 17.93 -42.07
C GLU C 178 8.91 17.49 -43.53
N ALA C 179 9.60 16.40 -43.86
CA ALA C 179 9.62 15.87 -45.21
C ALA C 179 8.35 15.19 -45.69
N VAL C 180 7.61 14.57 -44.77
CA VAL C 180 6.38 13.86 -45.17
C VAL C 180 5.07 14.56 -44.83
N GLY C 181 5.11 15.54 -43.95
CA GLY C 181 3.89 16.24 -43.58
C GLY C 181 3.09 15.53 -42.51
N PHE C 182 2.06 16.19 -42.00
CA PHE C 182 1.23 15.64 -40.94
C PHE C 182 0.11 14.68 -41.37
N ASP C 183 0.11 14.28 -42.63
CA ASP C 183 -0.91 13.35 -43.11
C ASP C 183 -0.44 11.92 -42.89
N ILE C 184 0.83 11.79 -42.53
CA ILE C 184 1.43 10.49 -42.28
C ILE C 184 1.56 10.26 -40.76
N LYS C 185 1.12 9.10 -40.31
CA LYS C 185 1.20 8.76 -38.89
C LYS C 185 2.60 8.24 -38.61
N LEU C 186 3.20 8.70 -37.53
CA LEU C 186 4.55 8.28 -37.17
C LEU C 186 4.60 7.63 -35.79
N ARG C 187 5.05 6.38 -35.75
CA ARG C 187 5.19 5.67 -34.49
C ARG C 187 6.68 5.48 -34.30
N LEU C 188 7.15 5.65 -33.07
CA LEU C 188 8.57 5.54 -32.79
C LEU C 188 8.90 4.26 -32.04
N ASP C 189 10.15 3.81 -32.16
CA ASP C 189 10.60 2.62 -31.47
C ASP C 189 12.05 2.81 -31.09
N ALA C 190 12.31 2.98 -29.80
CA ALA C 190 13.66 3.19 -29.32
C ALA C 190 14.35 1.89 -28.92
N ASN C 191 13.62 0.78 -29.00
CA ASN C 191 14.15 -0.52 -28.64
C ASN C 191 14.96 -0.46 -27.33
N GLN C 192 14.27 -0.01 -26.28
CA GLN C 192 14.82 0.13 -24.93
C GLN C 192 16.13 0.89 -24.78
N ALA C 193 16.37 1.86 -25.66
CA ALA C 193 17.60 2.64 -25.63
C ALA C 193 17.66 3.86 -24.72
N TRP C 194 16.51 4.32 -24.21
CA TRP C 194 16.52 5.51 -23.36
C TRP C 194 16.27 5.24 -21.87
N THR C 195 16.71 6.19 -21.04
CA THR C 195 16.49 6.09 -19.60
C THR C 195 15.07 6.65 -19.45
N PRO C 196 14.36 6.29 -18.36
CA PRO C 196 13.00 6.80 -18.16
C PRO C 196 12.89 8.31 -18.32
N LYS C 197 13.81 9.05 -17.71
CA LYS C 197 13.79 10.50 -17.80
C LYS C 197 14.09 11.02 -19.20
N ASP C 198 15.06 10.42 -19.87
CA ASP C 198 15.41 10.86 -21.22
C ASP C 198 14.25 10.58 -22.15
N ALA C 199 13.58 9.46 -21.94
CA ALA C 199 12.43 9.07 -22.76
C ALA C 199 11.36 10.15 -22.63
N VAL C 200 11.07 10.55 -21.41
CA VAL C 200 10.08 11.58 -21.17
C VAL C 200 10.49 12.86 -21.89
N LYS C 201 11.75 13.26 -21.72
CA LYS C 201 12.28 14.47 -22.34
C LYS C 201 12.11 14.46 -23.86
N ALA C 202 12.55 13.38 -24.50
CA ALA C 202 12.44 13.25 -25.95
C ALA C 202 10.99 13.32 -26.41
N ILE C 203 10.13 12.53 -25.78
CA ILE C 203 8.72 12.50 -26.15
C ILE C 203 8.11 13.89 -26.04
N GLN C 204 8.44 14.62 -24.98
CA GLN C 204 7.92 15.97 -24.80
C GLN C 204 8.43 16.90 -25.89
N ALA C 205 9.72 16.79 -26.21
CA ALA C 205 10.32 17.63 -27.24
C ALA C 205 9.66 17.43 -28.61
N LEU C 206 9.02 16.27 -28.79
CA LEU C 206 8.35 15.96 -30.05
C LEU C 206 6.84 16.13 -29.91
N ALA C 207 6.42 16.90 -28.91
CA ALA C 207 5.01 17.14 -28.67
C ALA C 207 4.27 17.64 -29.90
N ASP C 208 4.74 18.76 -30.45
CA ASP C 208 4.11 19.37 -31.61
C ASP C 208 4.48 18.69 -32.93
N TYR C 209 4.81 17.41 -32.87
CA TYR C 209 5.17 16.66 -34.08
C TYR C 209 4.22 15.50 -34.33
N GLN C 210 3.10 15.48 -33.59
CA GLN C 210 2.09 14.46 -33.74
C GLN C 210 2.62 13.02 -33.74
N ILE C 211 3.08 12.56 -32.58
CA ILE C 211 3.59 11.19 -32.45
C ILE C 211 2.44 10.28 -32.05
N GLU C 212 2.23 9.22 -32.83
CA GLU C 212 1.15 8.29 -32.53
C GLU C 212 1.41 7.47 -31.27
N LEU C 213 2.64 6.96 -31.14
CA LEU C 213 3.01 6.16 -30.00
C LEU C 213 4.51 5.92 -29.97
N VAL C 214 5.03 5.54 -28.81
CA VAL C 214 6.44 5.25 -28.66
C VAL C 214 6.54 3.81 -28.13
N GLU C 215 7.32 3.00 -28.83
CA GLU C 215 7.51 1.60 -28.48
C GLU C 215 8.73 1.35 -27.58
N GLN C 216 8.52 0.58 -26.52
CA GLN C 216 9.57 0.19 -25.56
C GLN C 216 10.69 1.22 -25.44
N PRO C 217 10.43 2.35 -24.76
CA PRO C 217 11.45 3.39 -24.59
C PRO C 217 12.60 3.08 -23.63
N VAL C 218 12.36 2.16 -22.69
CA VAL C 218 13.38 1.81 -21.69
C VAL C 218 13.70 0.31 -21.64
N LYS C 219 14.76 -0.04 -20.93
CA LYS C 219 15.19 -1.43 -20.80
C LYS C 219 14.00 -2.33 -20.46
N ARG C 220 13.97 -3.51 -21.07
CA ARG C 220 12.86 -4.44 -20.87
C ARG C 220 12.63 -4.90 -19.44
N ARG C 221 13.69 -4.94 -18.63
CA ARG C 221 13.57 -5.37 -17.23
C ARG C 221 13.12 -4.25 -16.31
N ASP C 222 13.20 -3.01 -16.77
CA ASP C 222 12.82 -1.86 -15.95
C ASP C 222 11.33 -1.50 -16.06
N LEU C 223 10.47 -2.37 -15.52
CA LEU C 223 9.04 -2.13 -15.58
C LEU C 223 8.59 -0.86 -14.86
N GLU C 224 9.27 -0.50 -13.77
CA GLU C 224 8.92 0.72 -13.05
C GLU C 224 9.22 1.92 -13.94
N GLY C 225 10.36 1.86 -14.62
CA GLY C 225 10.75 2.95 -15.51
C GLY C 225 9.81 3.07 -16.69
N LEU C 226 9.34 1.92 -17.18
CA LEU C 226 8.41 1.92 -18.31
C LEU C 226 7.11 2.57 -17.84
N LYS C 227 6.62 2.17 -16.68
CA LYS C 227 5.38 2.74 -16.16
C LYS C 227 5.55 4.24 -15.95
N TYR C 228 6.73 4.65 -15.51
CA TYR C 228 7.03 6.05 -15.27
C TYR C 228 6.80 6.87 -16.53
N VAL C 229 7.35 6.39 -17.65
CA VAL C 229 7.17 7.10 -18.92
C VAL C 229 5.69 7.17 -19.23
N THR C 230 5.03 6.02 -19.20
CA THR C 230 3.60 5.94 -19.48
C THR C 230 2.76 6.93 -18.67
N SER C 231 3.10 7.10 -17.40
CA SER C 231 2.33 7.99 -16.53
C SER C 231 2.84 9.43 -16.53
N GLN C 232 3.83 9.73 -17.37
CA GLN C 232 4.38 11.07 -17.41
C GLN C 232 4.06 11.80 -18.72
N VAL C 233 3.56 11.06 -19.71
CA VAL C 233 3.23 11.66 -20.99
C VAL C 233 1.87 11.22 -21.49
N ASN C 234 1.22 12.07 -22.28
CA ASN C 234 -0.09 11.74 -22.83
C ASN C 234 0.07 10.86 -24.06
N THR C 235 1.29 10.81 -24.60
CA THR C 235 1.57 9.99 -25.76
C THR C 235 1.38 8.52 -25.42
N THR C 236 0.86 7.75 -26.36
CA THR C 236 0.63 6.33 -26.15
C THR C 236 1.97 5.59 -26.02
N ILE C 237 2.06 4.70 -25.04
CA ILE C 237 3.29 3.94 -24.83
C ILE C 237 3.01 2.45 -25.02
N MET C 238 3.81 1.80 -25.86
CA MET C 238 3.65 0.39 -26.14
C MET C 238 4.82 -0.44 -25.62
N ALA C 239 4.50 -1.60 -25.05
CA ALA C 239 5.53 -2.49 -24.54
C ALA C 239 5.82 -3.51 -25.63
N ASP C 240 7.09 -3.89 -25.78
CA ASP C 240 7.47 -4.89 -26.76
C ASP C 240 8.35 -5.91 -26.05
N GLU C 241 9.64 -5.61 -25.92
CA GLU C 241 10.54 -6.54 -25.25
C GLU C 241 10.12 -6.85 -23.82
N SER C 242 9.38 -5.94 -23.19
CA SER C 242 8.92 -6.15 -21.81
C SER C 242 7.75 -7.12 -21.71
N CYS C 243 7.21 -7.56 -22.85
CA CYS C 243 6.11 -8.51 -22.84
C CYS C 243 6.28 -9.62 -23.86
N PHE C 244 6.65 -10.80 -23.38
CA PHE C 244 6.85 -11.95 -24.25
C PHE C 244 5.63 -12.85 -24.30
N ASP C 245 5.17 -13.29 -23.13
CA ASP C 245 4.01 -14.18 -23.05
C ASP C 245 2.83 -13.61 -22.29
N ALA C 246 1.82 -14.46 -22.09
CA ALA C 246 0.60 -14.08 -21.39
C ALA C 246 0.86 -13.69 -19.94
N GLN C 247 1.79 -14.38 -19.30
CA GLN C 247 2.10 -14.07 -17.91
C GLN C 247 2.69 -12.65 -17.84
N ASP C 248 3.48 -12.29 -18.84
CA ASP C 248 4.06 -10.95 -18.88
C ASP C 248 2.93 -9.96 -19.07
N ALA C 249 1.99 -10.28 -19.96
CA ALA C 249 0.86 -9.42 -20.23
C ALA C 249 0.01 -9.23 -18.96
N LEU C 250 -0.19 -10.31 -18.22
CA LEU C 250 -0.98 -10.22 -17.00
C LEU C 250 -0.31 -9.31 -15.99
N GLU C 251 1.02 -9.41 -15.90
CA GLU C 251 1.77 -8.56 -14.98
C GLU C 251 1.65 -7.10 -15.40
N LEU C 252 1.80 -6.84 -16.70
CA LEU C 252 1.70 -5.48 -17.21
C LEU C 252 0.31 -4.87 -16.98
N VAL C 253 -0.74 -5.67 -17.09
CA VAL C 253 -2.08 -5.14 -16.88
C VAL C 253 -2.29 -4.85 -15.39
N LYS C 254 -1.80 -5.75 -14.54
CA LYS C 254 -1.93 -5.55 -13.09
C LYS C 254 -1.25 -4.26 -12.67
N LYS C 255 -0.07 -4.01 -13.23
CA LYS C 255 0.71 -2.82 -12.90
C LYS C 255 0.33 -1.57 -13.70
N GLY C 256 -0.49 -1.72 -14.73
CA GLY C 256 -0.87 -0.59 -15.55
C GLY C 256 0.38 0.04 -16.13
N THR C 257 1.32 -0.81 -16.52
CA THR C 257 2.60 -0.38 -17.06
C THR C 257 2.58 0.37 -18.39
N VAL C 258 1.75 -0.09 -19.33
CA VAL C 258 1.69 0.56 -20.63
C VAL C 258 0.27 0.71 -21.15
N ASP C 259 0.15 1.36 -22.31
CA ASP C 259 -1.14 1.60 -22.95
C ASP C 259 -1.48 0.55 -24.00
N VAL C 260 -0.45 0.09 -24.71
CA VAL C 260 -0.62 -0.91 -25.76
C VAL C 260 0.51 -1.93 -25.71
N ILE C 261 0.26 -3.13 -26.24
CA ILE C 261 1.27 -4.17 -26.25
C ILE C 261 1.53 -4.75 -27.64
N ASN C 262 2.80 -4.93 -27.95
CA ASN C 262 3.23 -5.50 -29.22
C ASN C 262 3.28 -7.02 -29.09
N ILE C 263 2.52 -7.72 -29.92
CA ILE C 263 2.51 -9.18 -29.88
C ILE C 263 3.31 -9.76 -31.06
N LYS C 264 4.24 -10.66 -30.75
CA LYS C 264 5.05 -11.32 -31.78
C LYS C 264 4.99 -12.82 -31.55
N LEU C 265 4.62 -13.57 -32.58
CA LEU C 265 4.54 -15.01 -32.46
C LEU C 265 5.87 -15.62 -32.04
N MET C 266 6.96 -14.93 -32.38
CA MET C 266 8.31 -15.42 -32.04
C MET C 266 8.70 -15.11 -30.60
N LYS C 267 7.86 -14.35 -29.90
CA LYS C 267 8.12 -14.03 -28.50
C LYS C 267 7.28 -14.92 -27.60
N CYS C 268 6.01 -15.10 -27.97
CA CYS C 268 5.08 -15.90 -27.19
C CYS C 268 5.00 -17.39 -27.51
N GLY C 269 5.67 -17.83 -28.57
CA GLY C 269 5.63 -19.23 -28.91
C GLY C 269 4.44 -19.68 -29.75
N GLY C 270 3.95 -18.80 -30.62
CA GLY C 270 2.83 -19.19 -31.47
C GLY C 270 1.50 -18.49 -31.28
N ILE C 271 0.57 -18.81 -32.18
CA ILE C 271 -0.77 -18.23 -32.17
C ILE C 271 -1.59 -18.63 -30.95
N HIS C 272 -1.38 -19.84 -30.46
CA HIS C 272 -2.11 -20.32 -29.29
C HIS C 272 -1.89 -19.38 -28.10
N GLU C 273 -0.64 -18.93 -27.94
CA GLU C 273 -0.28 -18.04 -26.85
C GLU C 273 -0.63 -16.59 -27.18
N ALA C 274 -0.46 -16.21 -28.44
CA ALA C 274 -0.77 -14.85 -28.87
C ALA C 274 -2.25 -14.56 -28.62
N LEU C 275 -3.08 -15.58 -28.76
CA LEU C 275 -4.51 -15.42 -28.54
C LEU C 275 -4.77 -15.03 -27.08
N LYS C 276 -4.09 -15.72 -26.16
CA LYS C 276 -4.24 -15.46 -24.74
C LYS C 276 -3.84 -14.02 -24.42
N ILE C 277 -2.72 -13.58 -24.98
CA ILE C 277 -2.24 -12.23 -24.76
C ILE C 277 -3.28 -11.19 -25.18
N ASN C 278 -3.82 -11.35 -26.38
CA ASN C 278 -4.81 -10.40 -26.87
C ASN C 278 -6.09 -10.39 -26.03
N GLN C 279 -6.54 -11.58 -25.63
CA GLN C 279 -7.76 -11.70 -24.83
C GLN C 279 -7.57 -11.03 -23.48
N ILE C 280 -6.38 -11.21 -22.91
CA ILE C 280 -6.05 -10.61 -21.62
C ILE C 280 -6.08 -9.09 -21.79
N CYS C 281 -5.30 -8.61 -22.77
CA CYS C 281 -5.24 -7.18 -23.05
C CYS C 281 -6.61 -6.58 -23.33
N GLU C 282 -7.36 -7.21 -24.23
CA GLU C 282 -8.68 -6.70 -24.58
C GLU C 282 -9.56 -6.56 -23.34
N THR C 283 -9.54 -7.58 -22.48
CA THR C 283 -10.33 -7.55 -21.26
C THR C 283 -9.92 -6.36 -20.40
N ALA C 284 -8.63 -6.02 -20.44
CA ALA C 284 -8.08 -4.92 -19.66
C ALA C 284 -8.18 -3.55 -20.34
N GLY C 285 -8.71 -3.53 -21.56
CA GLY C 285 -8.84 -2.27 -22.27
C GLY C 285 -7.55 -1.85 -22.91
N ILE C 286 -6.69 -2.83 -23.19
CA ILE C 286 -5.40 -2.59 -23.81
C ILE C 286 -5.41 -3.15 -25.23
N GLU C 287 -5.15 -2.29 -26.20
CA GLU C 287 -5.11 -2.70 -27.59
C GLU C 287 -3.76 -3.34 -27.89
N CYS C 288 -3.69 -4.15 -28.93
CA CYS C 288 -2.44 -4.81 -29.29
C CYS C 288 -2.04 -4.57 -30.73
N MET C 289 -0.74 -4.62 -30.98
CA MET C 289 -0.23 -4.46 -32.33
C MET C 289 0.55 -5.73 -32.63
N ILE C 290 0.29 -6.32 -33.80
CA ILE C 290 0.99 -7.52 -34.21
C ILE C 290 2.33 -7.06 -34.80
N GLY C 291 3.42 -7.72 -34.41
CA GLY C 291 4.72 -7.33 -34.91
C GLY C 291 5.48 -8.50 -35.49
N CYS C 292 6.76 -8.31 -35.78
CA CYS C 292 7.56 -9.38 -36.36
C CYS C 292 9.06 -9.21 -36.11
N MET C 293 9.80 -10.28 -36.36
CA MET C 293 11.25 -10.28 -36.23
C MET C 293 11.75 -10.13 -37.66
N ALA C 294 12.94 -9.54 -37.83
CA ALA C 294 13.50 -9.38 -39.17
C ALA C 294 14.00 -10.73 -39.64
N GLU C 295 14.09 -11.68 -38.72
CA GLU C 295 14.56 -13.04 -39.00
C GLU C 295 13.51 -13.91 -39.70
N GLU C 296 12.23 -13.70 -39.38
CA GLU C 296 11.19 -14.52 -39.98
C GLU C 296 10.82 -14.06 -41.40
N THR C 297 10.08 -14.89 -42.12
CA THR C 297 9.71 -14.57 -43.49
C THR C 297 8.24 -14.74 -43.82
N THR C 298 7.98 -15.26 -45.02
CA THR C 298 6.62 -15.47 -45.51
C THR C 298 5.71 -16.25 -44.56
N ILE C 299 6.17 -17.40 -44.08
CA ILE C 299 5.39 -18.23 -43.18
C ILE C 299 5.01 -17.51 -41.89
N GLY C 300 5.99 -16.93 -41.22
CA GLY C 300 5.74 -16.21 -39.98
C GLY C 300 4.85 -15.00 -40.16
N ILE C 301 5.11 -14.21 -41.20
CA ILE C 301 4.31 -13.01 -41.46
C ILE C 301 2.87 -13.38 -41.82
N THR C 302 2.70 -14.39 -42.67
CA THR C 302 1.37 -14.83 -43.08
C THR C 302 0.54 -15.28 -41.89
N ALA C 303 1.15 -16.07 -41.01
CA ALA C 303 0.46 -16.57 -39.83
C ALA C 303 0.02 -15.41 -38.95
N ALA C 304 0.92 -14.46 -38.74
CA ALA C 304 0.65 -13.29 -37.92
C ALA C 304 -0.44 -12.44 -38.57
N ALA C 305 -0.46 -12.45 -39.89
CA ALA C 305 -1.45 -11.70 -40.65
C ALA C 305 -2.86 -12.22 -40.41
N HIS C 306 -3.00 -13.55 -40.44
CA HIS C 306 -4.29 -14.19 -40.22
C HIS C 306 -4.82 -13.91 -38.82
N LEU C 307 -3.93 -13.98 -37.84
CA LEU C 307 -4.32 -13.73 -36.46
C LEU C 307 -4.78 -12.28 -36.29
N ALA C 308 -3.96 -11.35 -36.76
CA ALA C 308 -4.28 -9.93 -36.67
C ALA C 308 -5.61 -9.59 -37.32
N ALA C 309 -5.82 -10.09 -38.53
CA ALA C 309 -7.05 -9.83 -39.25
C ALA C 309 -8.27 -10.39 -38.50
N ALA C 310 -8.10 -11.57 -37.93
CA ALA C 310 -9.17 -12.24 -37.20
C ALA C 310 -9.56 -11.59 -35.87
N GLN C 311 -8.60 -10.98 -35.20
CA GLN C 311 -8.85 -10.36 -33.89
C GLN C 311 -9.14 -8.86 -33.88
N LYS C 312 -10.30 -8.49 -33.35
CA LYS C 312 -10.71 -7.10 -33.27
C LYS C 312 -9.77 -6.21 -32.47
N ASN C 313 -9.28 -6.70 -31.32
CA ASN C 313 -8.40 -5.91 -30.47
C ASN C 313 -6.97 -5.73 -30.98
N ILE C 314 -6.61 -6.43 -32.05
CA ILE C 314 -5.29 -6.26 -32.64
C ILE C 314 -5.55 -5.17 -33.70
N THR C 315 -5.50 -3.93 -33.26
CA THR C 315 -5.78 -2.78 -34.10
C THR C 315 -4.64 -2.22 -34.93
N ARG C 316 -3.41 -2.64 -34.65
CA ARG C 316 -2.26 -2.15 -35.40
C ARG C 316 -1.44 -3.31 -35.93
N ALA C 317 -0.64 -3.05 -36.96
CA ALA C 317 0.20 -4.09 -37.55
C ALA C 317 1.55 -3.58 -38.02
N ASP C 318 2.57 -4.39 -37.77
CA ASP C 318 3.93 -4.07 -38.18
C ASP C 318 4.52 -5.37 -38.71
N LEU C 319 4.04 -5.78 -39.87
CA LEU C 319 4.48 -7.00 -40.53
C LEU C 319 5.15 -6.65 -41.85
N ASP C 320 6.42 -6.29 -41.78
CA ASP C 320 7.17 -5.88 -42.97
C ASP C 320 8.45 -6.69 -43.18
N ALA C 321 8.56 -7.83 -42.51
CA ALA C 321 9.74 -8.68 -42.62
C ALA C 321 10.03 -9.18 -44.03
N THR C 322 8.98 -9.48 -44.81
CA THR C 322 9.17 -9.99 -46.16
C THR C 322 9.69 -8.95 -47.16
N PHE C 323 9.42 -7.68 -46.88
CA PHE C 323 9.84 -6.59 -47.77
C PHE C 323 11.34 -6.53 -48.09
N GLY C 324 12.19 -6.99 -47.17
CA GLY C 324 13.62 -6.93 -47.42
C GLY C 324 14.26 -8.22 -47.87
N LEU C 325 13.47 -9.29 -47.92
CA LEU C 325 13.98 -10.59 -48.33
C LEU C 325 14.37 -10.60 -49.80
N GLU C 326 15.56 -11.11 -50.11
CA GLU C 326 16.02 -11.19 -51.49
C GLU C 326 15.17 -12.23 -52.21
N THR C 327 14.63 -13.18 -51.46
CA THR C 327 13.80 -14.23 -52.02
C THR C 327 12.84 -14.81 -50.98
N ALA C 328 11.92 -15.65 -51.45
CA ALA C 328 10.94 -16.28 -50.58
C ALA C 328 11.26 -17.77 -50.49
N PRO C 329 11.28 -18.32 -49.26
CA PRO C 329 11.59 -19.74 -49.06
C PRO C 329 10.40 -20.68 -49.30
N VAL C 330 9.23 -20.11 -49.55
CA VAL C 330 8.04 -20.92 -49.77
C VAL C 330 7.10 -20.25 -50.78
N THR C 331 6.09 -20.98 -51.23
CA THR C 331 5.13 -20.45 -52.20
C THR C 331 3.78 -20.12 -51.57
N GLY C 332 3.27 -18.94 -51.87
CA GLY C 332 1.98 -18.52 -51.34
C GLY C 332 2.10 -17.53 -50.19
N GLY C 333 0.96 -17.24 -49.56
CA GLY C 333 0.95 -16.31 -48.44
C GLY C 333 1.40 -14.91 -48.82
N VAL C 334 1.63 -14.08 -47.81
CA VAL C 334 2.08 -12.70 -48.01
C VAL C 334 3.31 -12.65 -48.91
N SER C 335 3.25 -11.84 -49.96
CA SER C 335 4.35 -11.70 -50.91
C SER C 335 5.46 -10.80 -50.41
N LEU C 336 6.55 -10.73 -51.17
CA LEU C 336 7.71 -9.91 -50.83
C LEU C 336 7.45 -8.46 -51.23
N GLU C 337 6.31 -8.23 -51.88
CA GLU C 337 5.90 -6.90 -52.33
C GLU C 337 5.82 -5.91 -51.17
N ALA C 338 6.47 -4.76 -51.32
CA ALA C 338 6.47 -3.73 -50.30
C ALA C 338 5.21 -2.87 -50.38
N LYS C 339 4.11 -3.38 -49.81
CA LYS C 339 2.84 -2.67 -49.83
C LYS C 339 2.21 -2.66 -48.43
N PRO C 340 1.44 -1.61 -48.11
CA PRO C 340 0.79 -1.48 -46.80
C PRO C 340 -0.38 -2.44 -46.59
N LEU C 341 -1.05 -2.83 -47.67
CA LEU C 341 -2.19 -3.72 -47.57
C LEU C 341 -1.83 -5.20 -47.72
N LEU C 342 -2.15 -5.98 -46.69
CA LEU C 342 -1.89 -7.41 -46.71
C LEU C 342 -3.21 -8.16 -46.74
N GLU C 343 -3.78 -8.32 -47.92
CA GLU C 343 -5.05 -9.01 -48.06
C GLU C 343 -4.88 -10.52 -48.12
N LEU C 344 -5.67 -11.21 -47.30
CA LEU C 344 -5.62 -12.66 -47.24
C LEU C 344 -6.65 -13.25 -48.20
N GLY C 345 -6.21 -14.19 -49.03
CA GLY C 345 -7.09 -14.81 -49.99
C GLY C 345 -8.12 -15.68 -49.31
N GLU C 346 -8.65 -16.66 -50.05
CA GLU C 346 -9.65 -17.56 -49.51
C GLU C 346 -9.12 -18.98 -49.40
N ALA C 347 -7.82 -19.15 -49.65
CA ALA C 347 -7.19 -20.46 -49.58
C ALA C 347 -7.20 -20.96 -48.14
N ALA C 348 -7.37 -22.26 -47.97
CA ALA C 348 -7.41 -22.87 -46.64
C ALA C 348 -6.08 -22.68 -45.91
N GLY C 349 -6.14 -22.68 -44.59
CA GLY C 349 -4.94 -22.50 -43.79
C GLY C 349 -4.21 -21.22 -44.12
N LEU C 350 -2.88 -21.30 -44.26
CA LEU C 350 -2.07 -20.14 -44.59
C LEU C 350 -2.05 -19.90 -46.09
N GLY C 351 -2.53 -20.88 -46.85
CA GLY C 351 -2.54 -20.75 -48.30
C GLY C 351 -1.10 -20.74 -48.78
N ILE C 352 -0.31 -21.67 -48.26
CA ILE C 352 1.10 -21.79 -48.62
C ILE C 352 1.46 -23.20 -49.10
N SER C 353 2.44 -23.28 -49.99
CA SER C 353 2.91 -24.55 -50.54
C SER C 353 4.40 -24.48 -50.81
N MET D 1 -20.37 -18.61 -45.67
CA MET D 1 -21.57 -18.91 -44.84
C MET D 1 -22.15 -17.60 -44.29
N LYS D 2 -23.45 -17.42 -44.44
CA LYS D 2 -24.11 -16.21 -43.96
C LYS D 2 -25.42 -16.53 -43.25
N ILE D 3 -25.71 -15.77 -42.20
CA ILE D 3 -26.93 -15.96 -41.44
C ILE D 3 -28.10 -15.42 -42.26
N LYS D 4 -29.13 -16.22 -42.43
CA LYS D 4 -30.30 -15.81 -43.19
C LYS D 4 -31.39 -15.29 -42.24
N GLN D 5 -31.71 -16.11 -41.24
CA GLN D 5 -32.73 -15.76 -40.27
C GLN D 5 -32.47 -16.41 -38.92
N VAL D 6 -32.91 -15.77 -37.84
CA VAL D 6 -32.72 -16.30 -36.51
C VAL D 6 -34.10 -16.60 -35.90
N HIS D 7 -34.31 -17.86 -35.55
CA HIS D 7 -35.58 -18.28 -34.97
C HIS D 7 -35.40 -18.62 -33.50
N VAL D 8 -36.35 -18.17 -32.68
CA VAL D 8 -36.30 -18.44 -31.25
C VAL D 8 -37.67 -18.87 -30.75
N ARG D 9 -37.68 -19.79 -29.79
CA ARG D 9 -38.93 -20.28 -29.23
C ARG D 9 -38.78 -20.56 -27.75
N ALA D 10 -39.89 -20.47 -27.02
CA ALA D 10 -39.89 -20.71 -25.58
C ALA D 10 -40.03 -22.19 -25.28
N SER D 11 -39.18 -22.69 -24.38
CA SER D 11 -39.21 -24.08 -23.97
C SER D 11 -39.38 -24.17 -22.47
N LYS D 12 -40.44 -24.83 -22.04
CA LYS D 12 -40.71 -24.99 -20.62
C LYS D 12 -40.80 -26.47 -20.29
N ILE D 13 -39.72 -27.00 -19.73
CA ILE D 13 -39.63 -28.42 -19.38
C ILE D 13 -39.71 -28.64 -17.87
N LYS D 14 -40.78 -29.29 -17.43
CA LYS D 14 -40.98 -29.57 -16.02
C LYS D 14 -39.85 -30.50 -15.53
N LEU D 15 -39.51 -30.40 -14.25
CA LEU D 15 -38.46 -31.24 -13.66
C LEU D 15 -39.07 -32.37 -12.85
N LYS D 16 -38.36 -33.50 -12.80
CA LYS D 16 -38.83 -34.66 -12.05
C LYS D 16 -38.99 -34.29 -10.59
N GLU D 17 -38.02 -33.54 -10.06
CA GLU D 17 -38.05 -33.10 -8.68
C GLU D 17 -37.69 -31.63 -8.57
N THR D 18 -38.27 -30.94 -7.59
CA THR D 18 -37.98 -29.53 -7.39
C THR D 18 -36.64 -29.46 -6.66
N PHE D 19 -35.72 -28.67 -7.19
CA PHE D 19 -34.41 -28.51 -6.57
C PHE D 19 -34.36 -27.29 -5.69
N THR D 20 -33.73 -27.42 -4.53
CA THR D 20 -33.63 -26.31 -3.60
C THR D 20 -32.19 -25.93 -3.26
N ILE D 21 -31.89 -24.65 -3.38
CA ILE D 21 -30.56 -24.14 -3.04
C ILE D 21 -30.78 -22.93 -2.15
N ALA D 22 -29.69 -22.40 -1.59
CA ALA D 22 -29.78 -21.25 -0.70
C ALA D 22 -30.55 -20.07 -1.32
N LEU D 23 -30.40 -19.89 -2.63
CA LEU D 23 -31.05 -18.77 -3.33
C LEU D 23 -32.53 -18.93 -3.65
N GLY D 24 -33.04 -20.15 -3.55
CA GLY D 24 -34.45 -20.37 -3.84
C GLY D 24 -34.68 -21.76 -4.40
N THR D 25 -35.79 -21.96 -5.10
CA THR D 25 -36.11 -23.27 -5.65
C THR D 25 -36.55 -23.22 -7.11
N ILE D 26 -36.36 -24.32 -7.83
CA ILE D 26 -36.74 -24.40 -9.22
C ILE D 26 -37.56 -25.68 -9.44
N GLU D 27 -38.61 -25.57 -10.23
CA GLU D 27 -39.48 -26.71 -10.52
C GLU D 27 -39.63 -26.95 -12.01
N SER D 28 -39.21 -25.98 -12.82
CA SER D 28 -39.31 -26.11 -14.27
C SER D 28 -38.12 -25.45 -14.97
N ALA D 29 -37.66 -26.08 -16.05
CA ALA D 29 -36.54 -25.57 -16.84
C ALA D 29 -37.07 -24.80 -18.04
N ASP D 30 -37.19 -23.49 -17.88
CA ASP D 30 -37.70 -22.64 -18.96
C ASP D 30 -36.57 -21.86 -19.60
N SER D 31 -36.43 -22.01 -20.90
CA SER D 31 -35.36 -21.34 -21.64
C SER D 31 -35.78 -20.90 -23.03
N ALA D 32 -34.87 -20.19 -23.70
CA ALA D 32 -35.11 -19.74 -25.06
C ALA D 32 -34.27 -20.59 -26.00
N ILE D 33 -34.94 -21.36 -26.85
CA ILE D 33 -34.24 -22.21 -27.81
C ILE D 33 -34.10 -21.45 -29.12
N VAL D 34 -32.86 -21.29 -29.57
CA VAL D 34 -32.59 -20.56 -30.81
C VAL D 34 -32.03 -21.45 -31.91
N GLU D 35 -32.49 -21.19 -33.13
CA GLU D 35 -32.02 -21.94 -34.30
C GLU D 35 -31.63 -20.89 -35.33
N ILE D 36 -30.34 -20.79 -35.62
CA ILE D 36 -29.85 -19.83 -36.59
C ILE D 36 -29.74 -20.47 -37.97
N GLU D 37 -30.55 -19.98 -38.91
CA GLU D 37 -30.57 -20.50 -40.27
C GLU D 37 -29.65 -19.72 -41.20
N THR D 38 -28.77 -20.43 -41.88
CA THR D 38 -27.83 -19.83 -42.82
C THR D 38 -28.40 -19.88 -44.24
N GLU D 39 -27.82 -19.10 -45.14
CA GLU D 39 -28.25 -19.06 -46.52
C GLU D 39 -28.00 -20.36 -47.27
N GLU D 40 -27.24 -21.27 -46.66
CA GLU D 40 -26.94 -22.54 -47.31
C GLU D 40 -27.72 -23.70 -46.70
N GLY D 41 -28.58 -23.40 -45.73
CA GLY D 41 -29.38 -24.44 -45.13
C GLY D 41 -28.91 -24.96 -43.78
N LEU D 42 -27.63 -24.75 -43.47
CA LEU D 42 -27.08 -25.22 -42.20
C LEU D 42 -27.77 -24.46 -41.06
N VAL D 43 -28.21 -25.18 -40.05
CA VAL D 43 -28.89 -24.58 -38.90
C VAL D 43 -28.14 -24.86 -37.60
N GLY D 44 -27.82 -23.79 -36.89
CA GLY D 44 -27.12 -23.91 -35.62
C GLY D 44 -28.09 -23.82 -34.45
N TYR D 45 -27.85 -24.58 -33.40
CA TYR D 45 -28.72 -24.58 -32.23
C TYR D 45 -28.08 -23.95 -31.01
N GLY D 46 -28.78 -22.98 -30.43
CA GLY D 46 -28.30 -22.30 -29.24
C GLY D 46 -29.38 -22.24 -28.18
N GLU D 47 -29.02 -21.88 -26.96
CA GLU D 47 -30.00 -21.81 -25.89
C GLU D 47 -29.65 -20.78 -24.82
N GLY D 48 -30.68 -20.21 -24.21
CA GLY D 48 -30.48 -19.23 -23.17
C GLY D 48 -31.29 -19.60 -21.94
N GLY D 49 -30.60 -20.09 -20.90
CA GLY D 49 -31.29 -20.48 -19.68
C GLY D 49 -31.13 -19.39 -18.63
N PRO D 50 -32.11 -18.49 -18.49
CA PRO D 50 -32.04 -17.40 -17.52
C PRO D 50 -32.51 -17.76 -16.12
N GLY D 51 -31.61 -17.61 -15.14
CA GLY D 51 -31.94 -17.89 -13.76
C GLY D 51 -32.14 -16.55 -13.06
N ILE D 52 -33.38 -16.24 -12.72
CA ILE D 52 -33.68 -14.96 -12.09
C ILE D 52 -32.96 -14.66 -10.78
N PHE D 53 -32.79 -15.66 -9.91
CA PHE D 53 -32.11 -15.41 -8.65
C PHE D 53 -30.58 -15.54 -8.76
N ILE D 54 -30.09 -15.59 -9.98
CA ILE D 54 -28.65 -15.67 -10.23
C ILE D 54 -28.21 -14.42 -10.98
N THR D 55 -28.82 -14.18 -12.14
CA THR D 55 -28.48 -13.03 -12.96
C THR D 55 -29.60 -12.00 -13.04
N GLY D 56 -30.79 -12.39 -12.61
CA GLY D 56 -31.93 -11.48 -12.66
C GLY D 56 -32.64 -11.58 -14.00
N GLU D 57 -32.08 -12.34 -14.93
CA GLU D 57 -32.67 -12.51 -16.25
C GLU D 57 -33.94 -13.35 -16.21
N THR D 58 -34.91 -12.99 -17.02
CA THR D 58 -36.18 -13.70 -17.10
C THR D 58 -36.36 -14.23 -18.52
N LEU D 59 -37.29 -15.16 -18.69
CA LEU D 59 -37.53 -15.73 -20.01
C LEU D 59 -38.02 -14.66 -20.98
N ALA D 60 -39.01 -13.88 -20.56
CA ALA D 60 -39.57 -12.83 -21.41
C ALA D 60 -38.49 -11.82 -21.81
N GLY D 61 -37.63 -11.46 -20.86
CA GLY D 61 -36.57 -10.52 -21.15
C GLY D 61 -35.55 -11.08 -22.13
N THR D 62 -35.19 -12.34 -21.93
CA THR D 62 -34.23 -13.01 -22.79
C THR D 62 -34.78 -13.17 -24.20
N LEU D 63 -36.05 -13.56 -24.31
CA LEU D 63 -36.69 -13.74 -25.61
C LEU D 63 -36.66 -12.42 -26.39
N GLU D 64 -37.08 -11.34 -25.74
CA GLU D 64 -37.11 -10.02 -26.37
C GLU D 64 -35.72 -9.57 -26.83
N THR D 65 -34.70 -9.89 -26.04
CA THR D 65 -33.34 -9.50 -26.38
C THR D 65 -32.78 -10.32 -27.55
N ILE D 66 -33.06 -11.62 -27.55
CA ILE D 66 -32.60 -12.48 -28.63
C ILE D 66 -33.19 -12.01 -29.95
N GLU D 67 -34.42 -11.52 -29.90
CA GLU D 67 -35.10 -11.04 -31.10
C GLU D 67 -34.33 -9.85 -31.68
N LEU D 68 -33.91 -8.94 -30.80
CA LEU D 68 -33.16 -7.76 -31.23
C LEU D 68 -31.83 -8.22 -31.82
N PHE D 69 -31.21 -9.19 -31.17
CA PHE D 69 -29.93 -9.71 -31.66
C PHE D 69 -30.08 -10.31 -33.06
N GLY D 70 -30.95 -11.31 -33.17
CA GLY D 70 -31.18 -11.97 -34.44
C GLY D 70 -31.33 -11.06 -35.64
N GLN D 71 -32.11 -9.99 -35.50
CA GLN D 71 -32.32 -9.07 -36.60
C GLN D 71 -31.11 -8.21 -36.93
N ALA D 72 -30.19 -8.08 -35.99
CA ALA D 72 -28.99 -7.28 -36.21
C ALA D 72 -27.84 -8.08 -36.81
N ILE D 73 -27.86 -9.39 -36.61
CA ILE D 73 -26.79 -10.24 -37.13
C ILE D 73 -27.07 -10.89 -38.48
N ILE D 74 -28.27 -10.68 -39.02
CA ILE D 74 -28.61 -11.26 -40.31
C ILE D 74 -27.62 -10.78 -41.37
N GLY D 75 -27.10 -11.72 -42.17
CA GLY D 75 -26.15 -11.37 -43.21
C GLY D 75 -24.71 -11.53 -42.78
N LEU D 76 -24.49 -11.77 -41.49
CA LEU D 76 -23.15 -11.95 -40.96
C LEU D 76 -22.69 -13.40 -41.01
N ASN D 77 -21.37 -13.57 -41.04
CA ASN D 77 -20.77 -14.90 -41.09
C ASN D 77 -20.62 -15.38 -39.65
N PRO D 78 -21.18 -16.57 -39.33
CA PRO D 78 -21.09 -17.13 -37.97
C PRO D 78 -19.65 -17.26 -37.47
N PHE D 79 -18.70 -17.34 -38.40
CA PHE D 79 -17.29 -17.46 -38.05
C PHE D 79 -16.76 -16.13 -37.54
N ASN D 80 -17.49 -15.06 -37.79
CA ASN D 80 -17.10 -13.73 -37.35
C ASN D 80 -17.66 -13.52 -35.94
N ILE D 81 -17.34 -14.46 -35.05
CA ILE D 81 -17.82 -14.41 -33.67
C ILE D 81 -17.39 -13.11 -32.98
N GLU D 82 -16.32 -12.50 -33.49
CA GLU D 82 -15.82 -11.24 -32.93
C GLU D 82 -16.84 -10.12 -33.18
N LYS D 83 -17.32 -10.02 -34.42
CA LYS D 83 -18.30 -9.01 -34.78
C LYS D 83 -19.66 -9.32 -34.18
N ILE D 84 -19.99 -10.61 -34.09
CA ILE D 84 -21.26 -11.04 -33.52
C ILE D 84 -21.40 -10.53 -32.09
N HIS D 85 -20.34 -10.68 -31.30
CA HIS D 85 -20.38 -10.22 -29.92
C HIS D 85 -20.30 -8.69 -29.85
N GLU D 86 -19.61 -8.08 -30.80
CA GLU D 86 -19.51 -6.62 -30.82
C GLU D 86 -20.91 -6.04 -31.02
N VAL D 87 -21.65 -6.63 -31.95
CA VAL D 87 -22.99 -6.18 -32.24
C VAL D 87 -23.93 -6.41 -31.06
N MET D 88 -23.81 -7.57 -30.40
CA MET D 88 -24.66 -7.88 -29.28
C MET D 88 -24.36 -7.02 -28.05
N ASP D 89 -23.08 -6.70 -27.84
CA ASP D 89 -22.71 -5.86 -26.70
C ASP D 89 -23.16 -4.43 -26.90
N LYS D 90 -23.18 -3.98 -28.17
CA LYS D 90 -23.63 -2.64 -28.50
C LYS D 90 -25.14 -2.54 -28.20
N ILE D 91 -25.85 -3.62 -28.51
CA ILE D 91 -27.29 -3.68 -28.30
C ILE D 91 -27.69 -3.77 -26.83
N SER D 92 -27.02 -4.62 -26.07
CA SER D 92 -27.35 -4.79 -24.65
C SER D 92 -26.13 -4.71 -23.74
N ALA D 93 -26.26 -3.94 -22.67
CA ALA D 93 -25.18 -3.78 -21.70
C ALA D 93 -25.06 -5.00 -20.79
N PHE D 94 -26.12 -5.79 -20.72
CA PHE D 94 -26.13 -6.99 -19.88
C PHE D 94 -27.27 -7.95 -20.24
N ALA D 95 -26.91 -9.12 -20.73
CA ALA D 95 -27.87 -10.15 -21.11
C ALA D 95 -27.10 -11.42 -21.51
N PRO D 96 -26.37 -12.02 -20.56
CA PRO D 96 -25.58 -13.23 -20.82
C PRO D 96 -26.36 -14.41 -21.40
N ALA D 97 -27.60 -14.58 -20.93
CA ALA D 97 -28.44 -15.68 -21.42
C ALA D 97 -28.71 -15.51 -22.91
N ALA D 98 -29.17 -14.33 -23.30
CA ALA D 98 -29.48 -14.04 -24.69
C ALA D 98 -28.25 -14.12 -25.58
N LYS D 99 -27.13 -13.58 -25.11
CA LYS D 99 -25.90 -13.59 -25.89
C LYS D 99 -25.36 -15.01 -26.05
N ALA D 100 -25.56 -15.84 -25.03
CA ALA D 100 -25.11 -17.23 -25.07
C ALA D 100 -25.89 -18.03 -26.11
N ALA D 101 -27.18 -17.75 -26.23
CA ALA D 101 -28.02 -18.46 -27.19
C ALA D 101 -27.51 -18.24 -28.62
N ILE D 102 -27.19 -16.99 -28.94
CA ILE D 102 -26.69 -16.65 -30.28
C ILE D 102 -25.29 -17.25 -30.44
N ASP D 103 -24.46 -17.04 -29.42
CA ASP D 103 -23.08 -17.53 -29.41
C ASP D 103 -23.02 -19.03 -29.68
N ILE D 104 -23.72 -19.81 -28.86
CA ILE D 104 -23.74 -21.26 -28.99
C ILE D 104 -24.16 -21.70 -30.39
N ALA D 105 -25.21 -21.08 -30.92
CA ALA D 105 -25.70 -21.43 -32.25
C ALA D 105 -24.62 -21.17 -33.29
N CYS D 106 -23.89 -20.06 -33.15
CA CYS D 106 -22.84 -19.72 -34.09
C CYS D 106 -21.70 -20.75 -34.07
N TYR D 107 -21.30 -21.16 -32.87
CA TYR D 107 -20.24 -22.15 -32.75
C TYR D 107 -20.70 -23.49 -33.32
N ASP D 108 -21.98 -23.79 -33.12
CA ASP D 108 -22.53 -25.04 -33.63
C ASP D 108 -22.41 -25.01 -35.16
N LEU D 109 -22.75 -23.87 -35.75
CA LEU D 109 -22.66 -23.70 -37.19
C LEU D 109 -21.21 -23.84 -37.66
N MET D 110 -20.28 -23.27 -36.90
CA MET D 110 -18.87 -23.35 -37.23
C MET D 110 -18.42 -24.81 -37.26
N GLY D 111 -18.92 -25.61 -36.33
CA GLY D 111 -18.55 -27.01 -36.27
C GLY D 111 -19.06 -27.78 -37.48
N GLN D 112 -20.29 -27.47 -37.90
CA GLN D 112 -20.89 -28.14 -39.04
C GLN D 112 -20.20 -27.75 -40.34
N LYS D 113 -20.02 -26.44 -40.55
CA LYS D 113 -19.37 -25.93 -41.75
C LYS D 113 -17.98 -26.54 -41.95
N ALA D 114 -17.25 -26.73 -40.86
CA ALA D 114 -15.91 -27.32 -40.93
C ALA D 114 -15.96 -28.83 -40.82
N GLN D 115 -17.15 -29.36 -40.57
CA GLN D 115 -17.34 -30.81 -40.45
C GLN D 115 -16.44 -31.37 -39.36
N LEU D 116 -16.56 -30.82 -38.17
CA LEU D 116 -15.76 -31.24 -37.03
C LEU D 116 -16.54 -31.07 -35.73
N PRO D 117 -16.30 -31.96 -34.75
CA PRO D 117 -17.02 -31.83 -33.48
C PRO D 117 -16.60 -30.49 -32.88
N LEU D 118 -17.47 -29.88 -32.09
CA LEU D 118 -17.16 -28.58 -31.52
C LEU D 118 -15.87 -28.54 -30.69
N TYR D 119 -15.64 -29.58 -29.90
CA TYR D 119 -14.45 -29.63 -29.06
C TYR D 119 -13.13 -29.58 -29.83
N GLN D 120 -13.19 -29.88 -31.13
CA GLN D 120 -12.00 -29.85 -31.97
C GLN D 120 -11.62 -28.42 -32.34
N LEU D 121 -12.60 -27.53 -32.31
CA LEU D 121 -12.35 -26.12 -32.64
C LEU D 121 -12.05 -25.31 -31.38
N LEU D 122 -12.28 -25.92 -30.22
CA LEU D 122 -12.07 -25.24 -28.94
C LEU D 122 -10.80 -25.66 -28.18
N GLY D 123 -9.95 -26.45 -28.81
CA GLY D 123 -8.73 -26.88 -28.14
C GLY D 123 -8.44 -28.36 -28.29
N GLY D 124 -9.49 -29.14 -28.52
CA GLY D 124 -9.36 -30.58 -28.69
C GLY D 124 -8.48 -31.35 -27.74
N TYR D 125 -8.43 -30.94 -26.47
CA TYR D 125 -7.60 -31.65 -25.50
C TYR D 125 -8.21 -33.01 -25.19
N ASP D 126 -9.53 -33.08 -25.24
CA ASP D 126 -10.26 -34.31 -24.97
C ASP D 126 -11.57 -34.33 -25.75
N ASN D 127 -12.28 -35.45 -25.65
CA ASN D 127 -13.56 -35.60 -26.35
C ASN D 127 -14.65 -36.02 -25.36
N GLN D 128 -14.28 -36.05 -24.08
CA GLN D 128 -15.22 -36.43 -23.04
C GLN D 128 -14.93 -35.66 -21.77
N VAL D 129 -15.86 -35.72 -20.82
CA VAL D 129 -15.70 -35.04 -19.54
C VAL D 129 -16.52 -35.76 -18.49
N ILE D 130 -16.01 -35.75 -17.26
CA ILE D 130 -16.69 -36.39 -16.14
C ILE D 130 -17.35 -35.32 -15.30
N THR D 131 -18.66 -35.43 -15.13
CA THR D 131 -19.40 -34.45 -14.33
C THR D 131 -19.86 -35.03 -13.01
N ASP D 132 -20.02 -34.17 -12.03
CA ASP D 132 -20.51 -34.60 -10.73
C ASP D 132 -22.02 -34.52 -10.84
N ILE D 133 -22.70 -34.65 -9.71
CA ILE D 133 -24.16 -34.52 -9.69
C ILE D 133 -24.49 -33.77 -8.42
N THR D 134 -25.46 -32.87 -8.50
CA THR D 134 -25.86 -32.05 -7.37
C THR D 134 -26.97 -32.63 -6.51
N LEU D 135 -26.84 -32.42 -5.20
CA LEU D 135 -27.82 -32.86 -4.22
C LEU D 135 -28.41 -31.59 -3.63
N GLY D 136 -29.68 -31.32 -3.90
CA GLY D 136 -30.32 -30.14 -3.38
C GLY D 136 -30.40 -30.16 -1.86
N ILE D 137 -30.67 -29.00 -1.27
CA ILE D 137 -30.77 -28.87 0.18
C ILE D 137 -31.99 -29.62 0.71
N ASP D 138 -31.75 -30.47 1.70
CA ASP D 138 -32.81 -31.25 2.34
C ASP D 138 -32.26 -31.73 3.67
N GLU D 139 -33.08 -32.46 4.43
CA GLU D 139 -32.63 -32.97 5.72
C GLU D 139 -31.38 -33.82 5.56
N PRO D 140 -30.53 -33.85 6.59
CA PRO D 140 -29.28 -34.63 6.57
C PRO D 140 -29.46 -36.08 6.08
N ASN D 141 -30.34 -36.81 6.72
CA ASN D 141 -30.58 -38.20 6.35
C ASN D 141 -31.10 -38.33 4.92
N VAL D 142 -31.98 -37.42 4.51
CA VAL D 142 -32.53 -37.45 3.15
C VAL D 142 -31.45 -37.21 2.10
N MET D 143 -30.53 -36.29 2.39
CA MET D 143 -29.45 -35.98 1.46
C MET D 143 -28.47 -37.15 1.42
N ALA D 144 -28.29 -37.81 2.56
CA ALA D 144 -27.39 -38.95 2.65
C ALA D 144 -27.96 -40.11 1.85
N GLN D 145 -29.28 -40.31 1.94
CA GLN D 145 -29.95 -41.38 1.22
C GLN D 145 -29.88 -41.14 -0.28
N LYS D 146 -30.07 -39.89 -0.71
CA LYS D 146 -30.00 -39.58 -2.12
C LYS D 146 -28.55 -39.62 -2.58
N ALA D 147 -27.64 -39.41 -1.65
CA ALA D 147 -26.21 -39.44 -1.95
C ALA D 147 -25.81 -40.85 -2.37
N VAL D 148 -26.12 -41.82 -1.51
CA VAL D 148 -25.81 -43.21 -1.80
C VAL D 148 -26.49 -43.64 -3.11
N GLU D 149 -27.68 -43.09 -3.35
CA GLU D 149 -28.43 -43.41 -4.56
C GLU D 149 -27.67 -42.99 -5.81
N LYS D 150 -27.04 -41.82 -5.75
CA LYS D 150 -26.28 -41.30 -6.88
C LYS D 150 -24.96 -42.05 -7.07
N VAL D 151 -24.38 -42.52 -5.97
CA VAL D 151 -23.12 -43.25 -6.06
C VAL D 151 -23.36 -44.55 -6.83
N LYS D 152 -24.57 -45.09 -6.69
CA LYS D 152 -24.94 -46.33 -7.38
C LYS D 152 -25.11 -46.10 -8.88
N LEU D 153 -25.21 -44.84 -9.29
CA LEU D 153 -25.37 -44.53 -10.70
C LEU D 153 -24.01 -44.33 -11.37
N GLY D 154 -22.95 -44.49 -10.60
CA GLY D 154 -21.61 -44.32 -11.13
C GLY D 154 -20.93 -43.01 -10.81
N PHE D 155 -21.59 -42.18 -10.01
CA PHE D 155 -21.03 -40.88 -9.63
C PHE D 155 -20.03 -40.99 -8.47
N ASP D 156 -18.80 -40.58 -8.73
CA ASP D 156 -17.75 -40.62 -7.71
C ASP D 156 -17.48 -39.23 -7.13
N THR D 157 -18.23 -38.23 -7.60
CA THR D 157 -18.08 -36.86 -7.12
C THR D 157 -19.48 -36.26 -6.96
N LEU D 158 -19.79 -35.81 -5.75
CA LEU D 158 -21.08 -35.22 -5.45
C LEU D 158 -20.98 -33.77 -4.99
N LYS D 159 -21.81 -32.90 -5.56
CA LYS D 159 -21.83 -31.48 -5.20
C LYS D 159 -22.97 -31.27 -4.21
N ILE D 160 -22.62 -30.99 -2.97
CA ILE D 160 -23.57 -30.81 -1.88
C ILE D 160 -24.03 -29.38 -1.66
N LYS D 161 -25.33 -29.13 -1.87
CA LYS D 161 -25.88 -27.79 -1.65
C LYS D 161 -26.19 -27.60 -0.16
N VAL D 162 -25.78 -26.46 0.38
CA VAL D 162 -26.01 -26.14 1.77
C VAL D 162 -26.33 -24.66 1.85
N GLY D 163 -26.63 -24.15 3.05
CA GLY D 163 -26.90 -22.74 3.17
C GLY D 163 -28.08 -22.26 4.00
N THR D 164 -28.57 -23.07 4.94
CA THR D 164 -29.69 -22.64 5.77
C THR D 164 -29.21 -22.32 7.18
N GLY D 165 -27.93 -22.60 7.44
CA GLY D 165 -27.35 -22.36 8.74
C GLY D 165 -26.20 -23.31 8.97
N ILE D 166 -25.07 -22.79 9.44
CA ILE D 166 -23.87 -23.58 9.68
C ILE D 166 -24.10 -24.91 10.40
N GLU D 167 -24.71 -24.83 11.59
CA GLU D 167 -24.98 -26.03 12.37
C GLU D 167 -25.71 -27.09 11.56
N ALA D 168 -26.72 -26.68 10.80
CA ALA D 168 -27.47 -27.60 9.97
C ALA D 168 -26.69 -28.01 8.72
N ASP D 169 -25.97 -27.05 8.14
CA ASP D 169 -25.18 -27.32 6.95
C ASP D 169 -24.06 -28.30 7.24
N ILE D 170 -23.49 -28.22 8.44
CA ILE D 170 -22.41 -29.13 8.82
C ILE D 170 -22.99 -30.53 9.01
N ALA D 171 -24.17 -30.60 9.61
CA ALA D 171 -24.83 -31.88 9.86
C ALA D 171 -25.08 -32.59 8.53
N ARG D 172 -25.50 -31.83 7.52
CA ARG D 172 -25.76 -32.40 6.21
C ARG D 172 -24.53 -33.08 5.64
N VAL D 173 -23.40 -32.38 5.65
CA VAL D 173 -22.15 -32.92 5.12
C VAL D 173 -21.68 -34.15 5.89
N LYS D 174 -21.67 -34.08 7.22
CA LYS D 174 -21.25 -35.22 8.03
C LYS D 174 -22.05 -36.46 7.67
N ALA D 175 -23.38 -36.31 7.67
CA ALA D 175 -24.28 -37.43 7.36
C ALA D 175 -23.98 -38.08 6.01
N ILE D 176 -23.74 -37.26 5.00
CA ILE D 176 -23.44 -37.76 3.66
C ILE D 176 -22.11 -38.50 3.62
N ARG D 177 -21.09 -37.92 4.26
CA ARG D 177 -19.76 -38.53 4.29
C ARG D 177 -19.80 -39.91 4.97
N GLU D 178 -20.57 -40.02 6.04
CA GLU D 178 -20.69 -41.28 6.76
C GLU D 178 -21.36 -42.33 5.89
N ALA D 179 -22.34 -41.90 5.11
CA ALA D 179 -23.09 -42.79 4.24
C ALA D 179 -22.30 -43.33 3.05
N VAL D 180 -21.63 -42.45 2.32
CA VAL D 180 -20.87 -42.87 1.14
C VAL D 180 -19.41 -43.23 1.37
N GLY D 181 -18.87 -42.89 2.53
CA GLY D 181 -17.48 -43.19 2.80
C GLY D 181 -16.51 -42.20 2.19
N PHE D 182 -15.23 -42.40 2.45
CA PHE D 182 -14.18 -41.52 1.95
C PHE D 182 -13.68 -41.77 0.54
N ASP D 183 -14.34 -42.68 -0.19
CA ASP D 183 -13.94 -42.97 -1.56
C ASP D 183 -14.64 -42.03 -2.52
N ILE D 184 -15.61 -41.29 -2.01
CA ILE D 184 -16.37 -40.35 -2.81
C ILE D 184 -15.89 -38.91 -2.58
N LYS D 185 -15.65 -38.20 -3.68
CA LYS D 185 -15.21 -36.81 -3.64
C LYS D 185 -16.41 -35.92 -3.37
N LEU D 186 -16.31 -35.05 -2.37
CA LEU D 186 -17.40 -34.15 -2.03
C LEU D 186 -17.03 -32.68 -2.15
N ARG D 187 -17.82 -31.94 -2.93
CA ARG D 187 -17.60 -30.51 -3.10
C ARG D 187 -18.84 -29.84 -2.56
N LEU D 188 -18.64 -28.73 -1.86
CA LEU D 188 -19.76 -28.01 -1.25
C LEU D 188 -20.10 -26.72 -1.98
N ASP D 189 -21.35 -26.27 -1.85
CA ASP D 189 -21.79 -25.03 -2.47
C ASP D 189 -22.84 -24.40 -1.56
N ALA D 190 -22.48 -23.27 -0.96
CA ALA D 190 -23.39 -22.57 -0.05
C ALA D 190 -24.18 -21.47 -0.75
N ASN D 191 -23.86 -21.24 -2.02
CA ASN D 191 -24.53 -20.21 -2.79
C ASN D 191 -24.70 -18.88 -2.05
N GLN D 192 -23.57 -18.35 -1.55
CA GLN D 192 -23.52 -17.05 -0.85
C GLN D 192 -24.22 -16.99 0.50
N ALA D 193 -24.63 -18.14 1.03
CA ALA D 193 -25.37 -18.17 2.29
C ALA D 193 -24.66 -17.84 3.60
N TRP D 194 -23.33 -17.93 3.65
CA TRP D 194 -22.63 -17.66 4.91
C TRP D 194 -21.85 -16.35 5.00
N THR D 195 -21.61 -15.93 6.23
CA THR D 195 -20.81 -14.73 6.48
C THR D 195 -19.39 -15.25 6.38
N PRO D 196 -18.40 -14.37 6.15
CA PRO D 196 -17.01 -14.81 6.04
C PRO D 196 -16.59 -15.66 7.24
N LYS D 197 -16.89 -15.16 8.45
CA LYS D 197 -16.54 -15.86 9.68
C LYS D 197 -17.20 -17.23 9.75
N ASP D 198 -18.51 -17.28 9.53
CA ASP D 198 -19.24 -18.55 9.58
C ASP D 198 -18.71 -19.54 8.57
N ALA D 199 -18.35 -19.06 7.39
CA ALA D 199 -17.81 -19.93 6.34
C ALA D 199 -16.57 -20.63 6.88
N VAL D 200 -15.62 -19.82 7.35
CA VAL D 200 -14.37 -20.35 7.89
C VAL D 200 -14.69 -21.37 8.99
N LYS D 201 -15.59 -20.99 9.89
CA LYS D 201 -16.00 -21.84 11.00
C LYS D 201 -16.50 -23.19 10.49
N ALA D 202 -17.46 -23.15 9.57
CA ALA D 202 -18.03 -24.37 9.01
C ALA D 202 -16.98 -25.23 8.30
N ILE D 203 -16.14 -24.59 7.49
CA ILE D 203 -15.12 -25.31 6.76
C ILE D 203 -14.15 -26.02 7.71
N GLN D 204 -13.77 -25.34 8.79
CA GLN D 204 -12.86 -25.93 9.76
C GLN D 204 -13.51 -27.11 10.51
N ALA D 205 -14.81 -27.00 10.76
CA ALA D 205 -15.53 -28.07 11.45
C ALA D 205 -15.59 -29.33 10.59
N LEU D 206 -15.48 -29.17 9.28
CA LEU D 206 -15.53 -30.29 8.36
C LEU D 206 -14.13 -30.69 7.87
N ALA D 207 -13.11 -30.22 8.58
CA ALA D 207 -11.73 -30.51 8.23
C ALA D 207 -11.45 -32.01 8.09
N ASP D 208 -11.93 -32.79 9.05
CA ASP D 208 -11.71 -34.23 9.04
C ASP D 208 -12.71 -35.00 8.19
N TYR D 209 -13.36 -34.31 7.25
CA TYR D 209 -14.33 -34.95 6.39
C TYR D 209 -13.93 -34.91 4.92
N GLN D 210 -12.68 -34.52 4.68
CA GLN D 210 -12.13 -34.47 3.33
C GLN D 210 -13.01 -33.74 2.31
N ILE D 211 -13.09 -32.42 2.43
CA ILE D 211 -13.88 -31.61 1.51
C ILE D 211 -12.99 -31.20 0.34
N GLU D 212 -13.40 -31.49 -0.88
CA GLU D 212 -12.59 -31.14 -2.04
C GLU D 212 -12.48 -29.62 -2.21
N LEU D 213 -13.63 -28.95 -2.18
CA LEU D 213 -13.65 -27.50 -2.34
C LEU D 213 -14.99 -26.95 -1.87
N VAL D 214 -15.05 -25.63 -1.71
CA VAL D 214 -16.28 -24.97 -1.28
C VAL D 214 -16.56 -23.86 -2.28
N GLU D 215 -17.76 -23.90 -2.86
CA GLU D 215 -18.19 -22.92 -3.87
C GLU D 215 -18.92 -21.70 -3.27
N GLN D 216 -18.51 -20.52 -3.73
CA GLN D 216 -19.10 -19.24 -3.32
C GLN D 216 -19.73 -19.25 -1.93
N PRO D 217 -18.89 -19.26 -0.88
CA PRO D 217 -19.38 -19.27 0.50
C PRO D 217 -20.05 -17.99 1.00
N VAL D 218 -19.66 -16.85 0.44
CA VAL D 218 -20.22 -15.56 0.87
C VAL D 218 -20.92 -14.77 -0.24
N LYS D 219 -21.57 -13.68 0.14
CA LYS D 219 -22.29 -12.84 -0.82
C LYS D 219 -21.38 -12.52 -2.00
N ARG D 220 -21.93 -12.54 -3.20
CA ARG D 220 -21.15 -12.29 -4.40
C ARG D 220 -20.46 -10.93 -4.46
N ARG D 221 -21.06 -9.92 -3.85
CA ARG D 221 -20.49 -8.57 -3.86
C ARG D 221 -19.41 -8.37 -2.80
N ASP D 222 -19.30 -9.30 -1.87
CA ASP D 222 -18.31 -9.20 -0.80
C ASP D 222 -17.00 -9.88 -1.15
N LEU D 223 -16.27 -9.30 -2.10
CA LEU D 223 -14.99 -9.87 -2.54
C LEU D 223 -13.96 -9.94 -1.42
N GLU D 224 -13.96 -8.95 -0.53
CA GLU D 224 -13.02 -8.95 0.57
C GLU D 224 -13.32 -10.15 1.47
N GLY D 225 -14.60 -10.39 1.70
CA GLY D 225 -15.01 -11.51 2.53
C GLY D 225 -14.65 -12.84 1.88
N LEU D 226 -14.84 -12.92 0.57
CA LEU D 226 -14.52 -14.14 -0.15
C LEU D 226 -13.02 -14.41 -0.02
N LYS D 227 -12.21 -13.38 -0.29
CA LYS D 227 -10.77 -13.53 -0.18
C LYS D 227 -10.40 -13.92 1.25
N TYR D 228 -11.13 -13.36 2.22
CA TYR D 228 -10.88 -13.67 3.62
C TYR D 228 -10.99 -15.18 3.87
N VAL D 229 -12.07 -15.78 3.39
CA VAL D 229 -12.26 -17.22 3.58
C VAL D 229 -11.11 -17.96 2.91
N THR D 230 -10.83 -17.60 1.66
CA THR D 230 -9.76 -18.23 0.90
C THR D 230 -8.41 -18.21 1.64
N SER D 231 -8.09 -17.10 2.29
CA SER D 231 -6.81 -16.98 2.98
C SER D 231 -6.82 -17.47 4.44
N GLN D 232 -7.95 -18.02 4.89
CA GLN D 232 -8.06 -18.50 6.25
C GLN D 232 -8.21 -20.03 6.32
N VAL D 233 -8.33 -20.67 5.15
CA VAL D 233 -8.48 -22.12 5.13
C VAL D 233 -7.65 -22.76 4.02
N ASN D 234 -7.18 -23.98 4.27
CA ASN D 234 -6.37 -24.69 3.28
C ASN D 234 -7.28 -25.29 2.22
N THR D 235 -8.57 -25.38 2.55
CA THR D 235 -9.56 -25.92 1.62
C THR D 235 -9.68 -25.03 0.38
N THR D 236 -9.82 -25.66 -0.77
CA THR D 236 -9.95 -24.90 -2.01
C THR D 236 -11.26 -24.11 -2.04
N ILE D 237 -11.19 -22.85 -2.44
CA ILE D 237 -12.37 -22.01 -2.51
C ILE D 237 -12.61 -21.60 -3.97
N MET D 238 -13.85 -21.79 -4.43
CA MET D 238 -14.21 -21.47 -5.80
C MET D 238 -15.24 -20.34 -5.85
N ALA D 239 -15.03 -19.41 -6.78
CA ALA D 239 -15.96 -18.30 -6.95
C ALA D 239 -16.96 -18.72 -8.01
N ASP D 240 -18.20 -18.31 -7.84
CA ASP D 240 -19.24 -18.61 -8.82
C ASP D 240 -19.97 -17.31 -9.12
N GLU D 241 -20.96 -16.97 -8.30
CA GLU D 241 -21.72 -15.74 -8.51
C GLU D 241 -20.83 -14.49 -8.52
N SER D 242 -19.68 -14.56 -7.88
CA SER D 242 -18.75 -13.42 -7.85
C SER D 242 -18.02 -13.23 -9.18
N CYS D 243 -18.11 -14.21 -10.07
CA CYS D 243 -17.43 -14.10 -11.36
C CYS D 243 -18.36 -14.43 -12.54
N PHE D 244 -18.77 -13.40 -13.26
CA PHE D 244 -19.64 -13.58 -14.42
C PHE D 244 -18.86 -13.57 -15.73
N ASP D 245 -18.10 -12.51 -15.96
CA ASP D 245 -17.33 -12.38 -17.19
C ASP D 245 -15.83 -12.30 -17.01
N ALA D 246 -15.11 -12.14 -18.11
CA ALA D 246 -13.67 -12.06 -18.09
C ALA D 246 -13.16 -10.90 -17.27
N GLN D 247 -13.91 -9.79 -17.25
CA GLN D 247 -13.51 -8.64 -16.47
C GLN D 247 -13.59 -9.01 -14.99
N ASP D 248 -14.59 -9.78 -14.61
CA ASP D 248 -14.72 -10.23 -13.23
C ASP D 248 -13.54 -11.13 -12.90
N ALA D 249 -13.17 -11.95 -13.88
CA ALA D 249 -12.05 -12.89 -13.71
C ALA D 249 -10.74 -12.15 -13.51
N LEU D 250 -10.51 -11.11 -14.30
CA LEU D 250 -9.28 -10.33 -14.19
C LEU D 250 -9.17 -9.69 -12.80
N GLU D 251 -10.30 -9.18 -12.31
CA GLU D 251 -10.34 -8.54 -11.00
C GLU D 251 -9.98 -9.56 -9.92
N LEU D 252 -10.59 -10.74 -10.01
CA LEU D 252 -10.34 -11.80 -9.04
C LEU D 252 -8.89 -12.27 -9.03
N VAL D 253 -8.27 -12.38 -10.21
CA VAL D 253 -6.89 -12.81 -10.27
C VAL D 253 -5.96 -11.74 -9.69
N LYS D 254 -6.25 -10.49 -9.96
CA LYS D 254 -5.43 -9.40 -9.45
C LYS D 254 -5.51 -9.31 -7.93
N LYS D 255 -6.67 -9.64 -7.37
CA LYS D 255 -6.86 -9.59 -5.92
C LYS D 255 -6.54 -10.91 -5.23
N GLY D 256 -6.33 -11.97 -6.01
CA GLY D 256 -6.06 -13.27 -5.42
C GLY D 256 -7.21 -13.66 -4.52
N THR D 257 -8.43 -13.43 -5.02
CA THR D 257 -9.64 -13.69 -4.26
C THR D 257 -9.98 -15.16 -4.01
N VAL D 258 -9.80 -16.01 -5.02
CA VAL D 258 -10.11 -17.43 -4.87
C VAL D 258 -9.09 -18.35 -5.51
N ASP D 259 -9.28 -19.65 -5.30
CA ASP D 259 -8.38 -20.67 -5.83
C ASP D 259 -8.86 -21.21 -7.19
N VAL D 260 -10.17 -21.32 -7.35
CA VAL D 260 -10.76 -21.82 -8.58
C VAL D 260 -11.97 -20.99 -8.98
N ILE D 261 -12.31 -20.98 -10.26
CA ILE D 261 -13.46 -20.23 -10.74
C ILE D 261 -14.44 -21.10 -11.53
N ASN D 262 -15.72 -20.92 -11.25
CA ASN D 262 -16.80 -21.65 -11.91
C ASN D 262 -17.21 -20.86 -13.15
N ILE D 263 -17.16 -21.49 -14.31
CA ILE D 263 -17.54 -20.83 -15.57
C ILE D 263 -18.91 -21.34 -16.04
N LYS D 264 -19.79 -20.41 -16.40
CA LYS D 264 -21.13 -20.76 -16.89
C LYS D 264 -21.38 -19.96 -18.16
N LEU D 265 -21.76 -20.62 -19.24
CA LEU D 265 -22.02 -19.93 -20.49
C LEU D 265 -23.15 -18.92 -20.30
N MET D 266 -24.05 -19.22 -19.36
CA MET D 266 -25.18 -18.34 -19.09
C MET D 266 -24.82 -17.12 -18.22
N LYS D 267 -23.59 -17.10 -17.72
CA LYS D 267 -23.11 -15.98 -16.92
C LYS D 267 -22.25 -15.05 -17.77
N CYS D 268 -21.39 -15.64 -18.59
CA CYS D 268 -20.46 -14.88 -19.43
C CYS D 268 -20.96 -14.52 -20.84
N GLY D 269 -22.12 -15.06 -21.23
CA GLY D 269 -22.62 -14.75 -22.55
C GLY D 269 -22.11 -15.67 -23.66
N GLY D 270 -21.85 -16.93 -23.34
CA GLY D 270 -21.39 -17.85 -24.37
C GLY D 270 -19.95 -18.34 -24.31
N ILE D 271 -19.61 -19.21 -25.26
CA ILE D 271 -18.28 -19.81 -25.37
C ILE D 271 -17.17 -18.80 -25.70
N HIS D 272 -17.48 -17.80 -26.51
CA HIS D 272 -16.49 -16.80 -26.88
C HIS D 272 -15.92 -16.12 -25.64
N GLU D 273 -16.80 -15.82 -24.69
CA GLU D 273 -16.41 -15.17 -23.45
C GLU D 273 -15.81 -16.16 -22.46
N ALA D 274 -16.38 -17.36 -22.40
CA ALA D 274 -15.91 -18.40 -21.49
C ALA D 274 -14.45 -18.74 -21.80
N LEU D 275 -14.07 -18.65 -23.08
CA LEU D 275 -12.69 -18.93 -23.49
C LEU D 275 -11.75 -17.95 -22.82
N LYS D 276 -12.14 -16.67 -22.85
CA LYS D 276 -11.34 -15.60 -22.26
C LYS D 276 -11.13 -15.88 -20.78
N ILE D 277 -12.20 -16.19 -20.07
CA ILE D 277 -12.12 -16.47 -18.64
C ILE D 277 -11.14 -17.59 -18.32
N ASN D 278 -11.24 -18.70 -19.05
CA ASN D 278 -10.34 -19.82 -18.81
C ASN D 278 -8.88 -19.49 -19.08
N GLN D 279 -8.62 -18.83 -20.20
CA GLN D 279 -7.25 -18.47 -20.54
C GLN D 279 -6.69 -17.47 -19.54
N ILE D 280 -7.54 -16.60 -19.01
CA ILE D 280 -7.11 -15.63 -18.02
C ILE D 280 -6.73 -16.39 -16.76
N CYS D 281 -7.61 -17.29 -16.32
CA CYS D 281 -7.36 -18.09 -15.13
C CYS D 281 -6.15 -18.98 -15.29
N GLU D 282 -6.05 -19.66 -16.43
CA GLU D 282 -4.92 -20.57 -16.66
C GLU D 282 -3.59 -19.82 -16.59
N THR D 283 -3.57 -18.62 -17.13
CA THR D 283 -2.35 -17.81 -17.11
C THR D 283 -2.01 -17.46 -15.66
N ALA D 284 -3.05 -17.32 -14.83
CA ALA D 284 -2.87 -16.98 -13.43
C ALA D 284 -2.68 -18.18 -12.51
N GLY D 285 -2.76 -19.38 -13.07
CA GLY D 285 -2.58 -20.57 -12.26
C GLY D 285 -3.85 -20.98 -11.52
N ILE D 286 -4.99 -20.52 -12.03
CA ILE D 286 -6.29 -20.82 -11.45
C ILE D 286 -7.02 -21.79 -12.37
N GLU D 287 -7.44 -22.92 -11.81
CA GLU D 287 -8.17 -23.91 -12.59
C GLU D 287 -9.63 -23.49 -12.63
N CYS D 288 -10.35 -23.96 -13.66
CA CYS D 288 -11.76 -23.61 -13.79
C CYS D 288 -12.65 -24.83 -13.85
N MET D 289 -13.88 -24.66 -13.37
CA MET D 289 -14.87 -25.72 -13.41
C MET D 289 -16.01 -25.20 -14.27
N ILE D 290 -16.50 -26.03 -15.17
CA ILE D 290 -17.60 -25.64 -16.04
C ILE D 290 -18.88 -25.99 -15.27
N GLY D 291 -19.84 -25.06 -15.26
CA GLY D 291 -21.08 -25.32 -14.54
C GLY D 291 -22.30 -25.07 -15.39
N CYS D 292 -23.48 -25.11 -14.77
CA CYS D 292 -24.71 -24.88 -15.52
C CYS D 292 -25.83 -24.31 -14.67
N MET D 293 -26.88 -23.87 -15.34
CA MET D 293 -28.07 -23.34 -14.70
C MET D 293 -29.09 -24.46 -14.79
N ALA D 294 -29.97 -24.58 -13.80
CA ALA D 294 -30.99 -25.61 -13.83
C ALA D 294 -32.01 -25.27 -14.92
N GLU D 295 -31.93 -24.03 -15.41
CA GLU D 295 -32.84 -23.55 -16.45
C GLU D 295 -32.50 -24.06 -17.85
N GLU D 296 -31.21 -24.24 -18.13
CA GLU D 296 -30.81 -24.71 -19.46
C GLU D 296 -30.98 -26.21 -19.64
N THR D 297 -30.94 -26.66 -20.89
CA THR D 297 -31.13 -28.08 -21.18
C THR D 297 -30.04 -28.70 -22.03
N THR D 298 -30.44 -29.65 -22.87
CA THR D 298 -29.52 -30.36 -23.75
C THR D 298 -28.58 -29.46 -24.53
N ILE D 299 -29.11 -28.40 -25.13
CA ILE D 299 -28.30 -27.49 -25.93
C ILE D 299 -27.20 -26.83 -25.10
N GLY D 300 -27.60 -26.17 -24.01
CA GLY D 300 -26.62 -25.51 -23.16
C GLY D 300 -25.58 -26.46 -22.59
N ILE D 301 -26.03 -27.59 -22.06
CA ILE D 301 -25.11 -28.58 -21.49
C ILE D 301 -24.13 -29.13 -22.52
N THR D 302 -24.63 -29.45 -23.70
CA THR D 302 -23.78 -29.99 -24.76
C THR D 302 -22.68 -29.01 -25.13
N ALA D 303 -23.07 -27.75 -25.36
CA ALA D 303 -22.11 -26.71 -25.72
C ALA D 303 -21.04 -26.57 -24.64
N ALA D 304 -21.46 -26.64 -23.39
CA ALA D 304 -20.55 -26.53 -22.26
C ALA D 304 -19.65 -27.76 -22.20
N ALA D 305 -20.19 -28.91 -22.57
CA ALA D 305 -19.45 -30.15 -22.57
C ALA D 305 -18.28 -30.09 -23.55
N HIS D 306 -18.55 -29.59 -24.75
CA HIS D 306 -17.52 -29.47 -25.78
C HIS D 306 -16.40 -28.54 -25.36
N LEU D 307 -16.76 -27.41 -24.77
CA LEU D 307 -15.78 -26.43 -24.31
C LEU D 307 -14.91 -27.03 -23.22
N ALA D 308 -15.56 -27.64 -22.22
CA ALA D 308 -14.84 -28.25 -21.11
C ALA D 308 -13.89 -29.34 -21.57
N ALA D 309 -14.36 -30.17 -22.50
CA ALA D 309 -13.53 -31.26 -23.02
C ALA D 309 -12.32 -30.72 -23.77
N ALA D 310 -12.52 -29.64 -24.52
CA ALA D 310 -11.45 -29.05 -25.32
C ALA D 310 -10.38 -28.27 -24.53
N GLN D 311 -10.74 -27.74 -23.38
CA GLN D 311 -9.80 -26.96 -22.58
C GLN D 311 -9.13 -27.68 -21.42
N LYS D 312 -7.80 -27.70 -21.45
CA LYS D 312 -7.01 -28.35 -20.41
C LYS D 312 -7.23 -27.78 -19.02
N ASN D 313 -7.32 -26.44 -18.92
CA ASN D 313 -7.48 -25.80 -17.63
C ASN D 313 -8.87 -25.93 -17.00
N ILE D 314 -9.84 -26.46 -17.74
CA ILE D 314 -11.17 -26.68 -17.19
C ILE D 314 -11.08 -28.11 -16.66
N THR D 315 -10.60 -28.23 -15.44
CA THR D 315 -10.37 -29.53 -14.80
C THR D 315 -11.56 -30.17 -14.09
N ARG D 316 -12.63 -29.41 -13.88
CA ARG D 316 -13.80 -29.96 -13.21
C ARG D 316 -15.07 -29.66 -14.00
N ALA D 317 -16.10 -30.45 -13.79
CA ALA D 317 -17.36 -30.25 -14.50
C ALA D 317 -18.58 -30.52 -13.62
N ASP D 318 -19.58 -29.66 -13.77
CA ASP D 318 -20.83 -29.78 -13.03
C ASP D 318 -21.93 -29.50 -14.04
N LEU D 319 -22.17 -30.46 -14.93
CA LEU D 319 -23.17 -30.34 -15.98
C LEU D 319 -24.23 -31.42 -15.81
N ASP D 320 -25.15 -31.21 -14.88
CA ASP D 320 -26.18 -32.19 -14.60
C ASP D 320 -27.61 -31.67 -14.79
N ALA D 321 -27.74 -30.54 -15.49
CA ALA D 321 -29.04 -29.92 -15.73
C ALA D 321 -30.04 -30.81 -16.48
N THR D 322 -29.55 -31.63 -17.41
CA THR D 322 -30.43 -32.50 -18.18
C THR D 322 -30.98 -33.67 -17.40
N PHE D 323 -30.35 -34.01 -16.27
CA PHE D 323 -30.78 -35.14 -15.46
C PHE D 323 -32.18 -35.04 -14.84
N GLY D 324 -32.67 -33.82 -14.64
CA GLY D 324 -33.98 -33.66 -14.04
C GLY D 324 -35.08 -33.32 -15.02
N LEU D 325 -34.71 -33.12 -16.28
CA LEU D 325 -35.68 -32.78 -17.32
C LEU D 325 -36.65 -33.93 -17.58
N GLU D 326 -37.92 -33.60 -17.76
CA GLU D 326 -38.93 -34.61 -18.07
C GLU D 326 -38.74 -35.03 -19.52
N THR D 327 -38.27 -34.09 -20.34
CA THR D 327 -38.06 -34.35 -21.76
C THR D 327 -36.96 -33.46 -22.32
N ALA D 328 -36.58 -33.71 -23.57
CA ALA D 328 -35.55 -32.93 -24.25
C ALA D 328 -36.19 -32.16 -25.39
N PRO D 329 -35.95 -30.84 -25.46
CA PRO D 329 -36.51 -29.99 -26.51
C PRO D 329 -35.88 -30.18 -27.88
N VAL D 330 -34.81 -30.98 -27.94
CA VAL D 330 -34.14 -31.22 -29.21
C VAL D 330 -33.53 -32.63 -29.28
N THR D 331 -33.08 -33.02 -30.46
CA THR D 331 -32.48 -34.34 -30.66
C THR D 331 -30.96 -34.30 -30.70
N GLY D 332 -30.33 -35.28 -30.03
CA GLY D 332 -28.88 -35.35 -30.00
C GLY D 332 -28.25 -34.79 -28.74
N GLY D 333 -26.95 -34.54 -28.80
CA GLY D 333 -26.24 -33.99 -27.66
C GLY D 333 -26.37 -34.83 -26.39
N VAL D 334 -25.89 -34.27 -25.27
CA VAL D 334 -25.94 -34.95 -23.99
C VAL D 334 -27.35 -35.45 -23.66
N SER D 335 -27.46 -36.73 -23.31
CA SER D 335 -28.74 -37.34 -22.99
C SER D 335 -29.26 -36.97 -21.60
N LEU D 336 -30.55 -37.25 -21.38
CA LEU D 336 -31.20 -36.98 -20.10
C LEU D 336 -30.78 -38.04 -19.10
N GLU D 337 -29.95 -38.98 -19.56
CA GLU D 337 -29.45 -40.08 -18.75
C GLU D 337 -28.58 -39.57 -17.59
N ALA D 338 -28.91 -39.98 -16.37
CA ALA D 338 -28.15 -39.57 -15.19
C ALA D 338 -26.85 -40.35 -15.08
N LYS D 339 -25.87 -39.98 -15.91
CA LYS D 339 -24.57 -40.63 -15.93
C LYS D 339 -23.42 -39.65 -15.66
N PRO D 340 -22.35 -40.11 -15.00
CA PRO D 340 -21.21 -39.26 -14.70
C PRO D 340 -20.32 -38.99 -15.92
N LEU D 341 -20.35 -39.90 -16.88
CA LEU D 341 -19.54 -39.75 -18.07
C LEU D 341 -20.30 -39.11 -19.24
N LEU D 342 -19.80 -37.97 -19.70
CA LEU D 342 -20.43 -37.26 -20.81
C LEU D 342 -19.49 -37.30 -22.01
N GLU D 343 -19.56 -38.38 -22.78
CA GLU D 343 -18.71 -38.51 -23.95
C GLU D 343 -19.32 -37.88 -25.19
N LEU D 344 -18.51 -37.12 -25.91
CA LEU D 344 -18.94 -36.45 -27.12
C LEU D 344 -18.62 -37.32 -28.32
N GLY D 345 -19.59 -37.47 -29.22
CA GLY D 345 -19.40 -38.28 -30.41
C GLY D 345 -18.43 -37.66 -31.40
N GLU D 346 -18.68 -37.89 -32.68
CA GLU D 346 -17.82 -37.35 -33.73
C GLU D 346 -18.63 -36.48 -34.68
N ALA D 347 -19.90 -36.25 -34.33
CA ALA D 347 -20.79 -35.43 -35.15
C ALA D 347 -20.32 -33.97 -35.17
N ALA D 348 -20.49 -33.32 -36.31
CA ALA D 348 -20.08 -31.92 -36.46
C ALA D 348 -20.89 -31.03 -35.53
N GLY D 349 -20.25 -29.98 -35.03
CA GLY D 349 -20.93 -29.07 -34.12
C GLY D 349 -21.29 -29.77 -32.82
N LEU D 350 -22.47 -29.47 -32.28
CA LEU D 350 -22.91 -30.11 -31.04
C LEU D 350 -23.62 -31.43 -31.33
N GLY D 351 -23.70 -31.78 -32.61
CA GLY D 351 -24.35 -33.03 -32.98
C GLY D 351 -25.80 -32.97 -32.54
N ILE D 352 -26.44 -31.83 -32.77
CA ILE D 352 -27.83 -31.63 -32.40
C ILE D 352 -28.72 -31.44 -33.62
N SER D 353 -29.94 -31.99 -33.55
CA SER D 353 -30.90 -31.89 -34.64
C SER D 353 -32.29 -31.57 -34.10
N MET E 1 -45.21 23.83 8.58
CA MET E 1 -44.86 23.83 10.04
C MET E 1 -43.67 24.74 10.28
N LYS E 2 -43.78 25.59 11.30
CA LYS E 2 -42.72 26.53 11.62
C LYS E 2 -42.45 26.59 13.12
N ILE E 3 -41.18 26.61 13.48
CA ILE E 3 -40.80 26.69 14.88
C ILE E 3 -41.10 28.07 15.44
N LYS E 4 -41.82 28.11 16.54
CA LYS E 4 -42.20 29.37 17.18
C LYS E 4 -41.23 29.73 18.30
N GLN E 5 -40.96 28.75 19.17
CA GLN E 5 -40.07 28.97 20.30
C GLN E 5 -39.46 27.65 20.76
N VAL E 6 -38.26 27.74 21.31
CA VAL E 6 -37.55 26.56 21.80
C VAL E 6 -37.33 26.76 23.30
N HIS E 7 -37.86 25.84 24.09
CA HIS E 7 -37.72 25.92 25.55
C HIS E 7 -36.79 24.82 26.02
N VAL E 8 -35.99 25.11 27.05
CA VAL E 8 -35.09 24.10 27.58
C VAL E 8 -35.04 24.23 29.10
N ARG E 9 -34.88 23.11 29.79
CA ARG E 9 -34.81 23.11 31.24
C ARG E 9 -33.87 22.01 31.67
N ALA E 10 -33.34 22.13 32.87
CA ALA E 10 -32.42 21.12 33.39
C ALA E 10 -33.21 20.04 34.12
N SER E 11 -32.76 18.80 33.97
CA SER E 11 -33.39 17.68 34.64
C SER E 11 -32.28 16.94 35.38
N LYS E 12 -32.46 16.75 36.69
CA LYS E 12 -31.47 16.04 37.51
C LYS E 12 -32.22 14.94 38.24
N ILE E 13 -32.03 13.71 37.78
CA ILE E 13 -32.71 12.55 38.36
C ILE E 13 -31.74 11.58 39.01
N LYS E 14 -31.88 11.39 40.32
CA LYS E 14 -30.99 10.49 41.04
C LYS E 14 -31.15 9.05 40.57
N LEU E 15 -30.06 8.30 40.54
CA LEU E 15 -30.12 6.90 40.14
C LEU E 15 -30.35 6.04 41.39
N LYS E 16 -31.05 4.92 41.22
CA LYS E 16 -31.33 4.01 42.33
C LYS E 16 -30.04 3.36 42.81
N GLU E 17 -29.08 3.23 41.91
CA GLU E 17 -27.78 2.64 42.22
C GLU E 17 -26.73 3.38 41.44
N THR E 18 -25.53 3.48 42.01
CA THR E 18 -24.44 4.14 41.30
C THR E 18 -23.88 3.10 40.33
N PHE E 19 -23.43 3.53 39.17
CA PHE E 19 -22.83 2.62 38.21
C PHE E 19 -21.39 3.03 37.98
N THR E 20 -20.52 2.03 37.91
CA THR E 20 -19.10 2.27 37.69
C THR E 20 -18.61 1.60 36.43
N ILE E 21 -17.90 2.35 35.60
CA ILE E 21 -17.33 1.79 34.39
C ILE E 21 -15.83 2.14 34.46
N ALA E 22 -15.06 1.67 33.50
CA ALA E 22 -13.62 1.95 33.51
C ALA E 22 -13.30 3.43 33.54
N LEU E 23 -14.19 4.25 32.99
CA LEU E 23 -14.00 5.70 32.90
C LEU E 23 -14.43 6.52 34.09
N GLY E 24 -15.26 5.93 34.96
CA GLY E 24 -15.72 6.67 36.13
C GLY E 24 -17.03 6.14 36.67
N THR E 25 -17.68 6.94 37.52
CA THR E 25 -18.94 6.54 38.12
C THR E 25 -20.03 7.58 37.94
N ILE E 26 -21.29 7.14 37.96
CA ILE E 26 -22.40 8.07 37.81
C ILE E 26 -23.43 7.76 38.89
N GLU E 27 -24.00 8.79 39.50
CA GLU E 27 -25.01 8.61 40.53
C GLU E 27 -26.27 9.40 40.24
N SER E 28 -26.22 10.25 39.21
CA SER E 28 -27.39 11.04 38.83
C SER E 28 -27.43 11.23 37.32
N ALA E 29 -28.64 11.23 36.76
CA ALA E 29 -28.81 11.43 35.33
C ALA E 29 -29.23 12.87 35.13
N ASP E 30 -28.27 13.72 34.77
CA ASP E 30 -28.56 15.13 34.57
C ASP E 30 -28.54 15.45 33.09
N SER E 31 -29.67 15.91 32.59
CA SER E 31 -29.80 16.20 31.17
C SER E 31 -30.58 17.48 30.91
N ALA E 32 -30.57 17.89 29.65
CA ALA E 32 -31.30 19.08 29.23
C ALA E 32 -32.51 18.58 28.47
N ILE E 33 -33.69 19.01 28.90
CA ILE E 33 -34.93 18.62 28.24
C ILE E 33 -35.45 19.81 27.42
N VAL E 34 -35.63 19.56 26.13
CA VAL E 34 -36.07 20.57 25.18
C VAL E 34 -37.49 20.33 24.72
N GLU E 35 -38.23 21.43 24.52
CA GLU E 35 -39.58 21.37 24.02
C GLU E 35 -39.63 22.41 22.92
N ILE E 36 -39.77 21.96 21.67
CA ILE E 36 -39.84 22.89 20.56
C ILE E 36 -41.29 23.10 20.16
N GLU E 37 -41.76 24.32 20.36
CA GLU E 37 -43.14 24.66 20.07
C GLU E 37 -43.26 25.27 18.68
N THR E 38 -44.25 24.80 17.92
CA THR E 38 -44.48 25.32 16.58
C THR E 38 -45.60 26.34 16.62
N GLU E 39 -45.75 27.09 15.53
CA GLU E 39 -46.79 28.09 15.45
C GLU E 39 -48.18 27.45 15.58
N GLU E 40 -48.37 26.31 14.90
CA GLU E 40 -49.65 25.62 14.94
C GLU E 40 -49.98 24.99 16.28
N GLY E 41 -49.02 24.94 17.19
CA GLY E 41 -49.28 24.38 18.50
C GLY E 41 -48.65 23.04 18.83
N LEU E 42 -48.11 22.35 17.84
CA LEU E 42 -47.48 21.07 18.12
C LEU E 42 -46.18 21.32 18.87
N VAL E 43 -45.89 20.44 19.82
CA VAL E 43 -44.68 20.56 20.63
C VAL E 43 -43.88 19.26 20.57
N GLY E 44 -42.60 19.36 20.17
CA GLY E 44 -41.74 18.20 20.08
C GLY E 44 -40.78 18.16 21.27
N TYR E 45 -40.49 16.95 21.76
CA TYR E 45 -39.60 16.77 22.91
C TYR E 45 -38.24 16.25 22.47
N GLY E 46 -37.20 16.79 23.09
CA GLY E 46 -35.84 16.37 22.78
C GLY E 46 -35.05 16.33 24.08
N GLU E 47 -33.88 15.71 24.05
CA GLU E 47 -33.08 15.65 25.25
C GLU E 47 -31.59 15.56 24.94
N GLY E 48 -30.79 16.15 25.81
CA GLY E 48 -29.35 16.11 25.66
C GLY E 48 -28.78 15.65 26.98
N GLY E 49 -28.26 14.43 27.02
CA GLY E 49 -27.69 13.89 28.24
C GLY E 49 -26.19 13.73 28.05
N PRO E 50 -25.40 14.75 28.41
CA PRO E 50 -23.95 14.78 28.27
C PRO E 50 -23.14 13.98 29.30
N GLY E 51 -22.28 13.10 28.81
CA GLY E 51 -21.44 12.29 29.66
C GLY E 51 -20.05 12.91 29.61
N ILE E 52 -19.66 13.58 30.69
CA ILE E 52 -18.38 14.28 30.72
C ILE E 52 -17.17 13.39 30.43
N PHE E 53 -17.18 12.14 30.89
CA PHE E 53 -16.03 11.28 30.60
C PHE E 53 -16.12 10.55 29.28
N ILE E 54 -17.13 10.90 28.48
CA ILE E 54 -17.28 10.30 27.16
C ILE E 54 -17.01 11.35 26.10
N THR E 55 -17.66 12.50 26.22
CA THR E 55 -17.51 13.57 25.24
C THR E 55 -16.97 14.87 25.80
N GLY E 56 -16.89 14.97 27.12
CA GLY E 56 -16.41 16.18 27.75
C GLY E 56 -17.52 17.20 27.98
N GLU E 57 -18.71 16.92 27.45
CA GLU E 57 -19.83 17.84 27.61
C GLU E 57 -20.39 17.83 29.02
N THR E 58 -20.87 19.00 29.45
CA THR E 58 -21.44 19.16 30.77
C THR E 58 -22.85 19.71 30.61
N LEU E 59 -23.62 19.69 31.69
CA LEU E 59 -24.98 20.20 31.63
C LEU E 59 -24.98 21.71 31.36
N ALA E 60 -24.11 22.44 32.05
CA ALA E 60 -24.04 23.89 31.87
C ALA E 60 -23.73 24.25 30.42
N GLY E 61 -22.71 23.60 29.85
CA GLY E 61 -22.33 23.87 28.48
C GLY E 61 -23.43 23.48 27.51
N THR E 62 -24.09 22.35 27.78
CA THR E 62 -25.16 21.87 26.90
C THR E 62 -26.37 22.82 26.94
N LEU E 63 -26.73 23.28 28.13
CA LEU E 63 -27.86 24.21 28.26
C LEU E 63 -27.57 25.52 27.53
N GLU E 64 -26.37 26.05 27.72
CA GLU E 64 -25.99 27.30 27.06
C GLU E 64 -26.01 27.15 25.55
N THR E 65 -25.51 26.02 25.06
CA THR E 65 -25.48 25.80 23.61
C THR E 65 -26.87 25.64 23.02
N ILE E 66 -27.73 24.86 23.67
CA ILE E 66 -29.09 24.65 23.18
C ILE E 66 -29.83 25.98 23.07
N GLU E 67 -29.57 26.88 24.01
CA GLU E 67 -30.22 28.19 24.01
C GLU E 67 -29.81 28.97 22.76
N LEU E 68 -28.55 28.81 22.35
CA LEU E 68 -28.05 29.50 21.15
C LEU E 68 -28.73 28.92 19.93
N PHE E 69 -28.82 27.58 19.88
CA PHE E 69 -29.47 26.91 18.76
C PHE E 69 -30.95 27.32 18.72
N GLY E 70 -31.57 27.32 19.90
CA GLY E 70 -32.97 27.67 20.00
C GLY E 70 -33.34 28.96 19.32
N GLN E 71 -32.61 30.02 19.64
CA GLN E 71 -32.90 31.31 19.04
C GLN E 71 -32.58 31.38 17.56
N ALA E 72 -31.66 30.53 17.12
CA ALA E 72 -31.25 30.52 15.71
C ALA E 72 -32.15 29.75 14.76
N ILE E 73 -33.00 28.85 15.29
CA ILE E 73 -33.86 28.07 14.41
C ILE E 73 -35.33 28.50 14.40
N ILE E 74 -35.65 29.57 15.12
CA ILE E 74 -37.03 30.05 15.12
C ILE E 74 -37.40 30.40 13.68
N GLY E 75 -38.58 29.94 13.25
CA GLY E 75 -39.02 30.23 11.89
C GLY E 75 -38.77 29.11 10.89
N LEU E 76 -37.89 28.18 11.25
CA LEU E 76 -37.59 27.08 10.35
C LEU E 76 -38.61 25.95 10.50
N ASN E 77 -38.69 25.13 9.44
CA ASN E 77 -39.59 23.98 9.38
C ASN E 77 -38.84 22.77 9.95
N PRO E 78 -39.41 22.11 10.96
CA PRO E 78 -38.75 20.93 11.55
C PRO E 78 -38.34 19.87 10.52
N PHE E 79 -39.05 19.82 9.40
CA PHE E 79 -38.75 18.85 8.35
C PHE E 79 -37.47 19.16 7.60
N ASN E 80 -37.05 20.42 7.65
CA ASN E 80 -35.82 20.82 6.97
C ASN E 80 -34.68 20.49 7.93
N ILE E 81 -34.56 19.21 8.24
CA ILE E 81 -33.56 18.72 9.17
C ILE E 81 -32.13 19.06 8.80
N GLU E 82 -31.82 19.13 7.51
CA GLU E 82 -30.45 19.46 7.11
C GLU E 82 -30.13 20.92 7.43
N LYS E 83 -31.07 21.83 7.15
CA LYS E 83 -30.84 23.24 7.44
C LYS E 83 -30.69 23.44 8.94
N ILE E 84 -31.51 22.74 9.72
CA ILE E 84 -31.42 22.87 11.17
C ILE E 84 -30.01 22.49 11.62
N HIS E 85 -29.46 21.43 11.06
CA HIS E 85 -28.10 21.02 11.43
C HIS E 85 -27.05 21.99 10.90
N GLU E 86 -27.29 22.58 9.74
CA GLU E 86 -26.34 23.56 9.18
C GLU E 86 -26.24 24.69 10.16
N VAL E 87 -27.40 25.16 10.61
CA VAL E 87 -27.47 26.26 11.55
C VAL E 87 -26.72 25.94 12.84
N MET E 88 -26.94 24.74 13.38
CA MET E 88 -26.27 24.34 14.61
C MET E 88 -24.76 24.17 14.43
N ASP E 89 -24.36 23.58 13.30
CA ASP E 89 -22.94 23.37 13.04
C ASP E 89 -22.18 24.68 12.84
N LYS E 90 -22.86 25.70 12.33
CA LYS E 90 -22.21 27.00 12.13
C LYS E 90 -21.97 27.65 13.48
N ILE E 91 -22.90 27.42 14.40
CA ILE E 91 -22.80 27.99 15.73
C ILE E 91 -21.73 27.32 16.58
N SER E 92 -21.76 25.99 16.62
CA SER E 92 -20.83 25.23 17.44
C SER E 92 -20.06 24.15 16.71
N ALA E 93 -18.75 24.12 16.91
CA ALA E 93 -17.88 23.15 16.26
C ALA E 93 -18.01 21.73 16.83
N PHE E 94 -18.55 21.61 18.04
CA PHE E 94 -18.71 20.31 18.68
C PHE E 94 -19.65 20.39 19.90
N ALA E 95 -20.80 19.75 19.78
CA ALA E 95 -21.78 19.73 20.86
C ALA E 95 -22.88 18.73 20.48
N PRO E 96 -22.50 17.45 20.37
CA PRO E 96 -23.47 16.41 20.01
C PRO E 96 -24.69 16.30 20.92
N ALA E 97 -24.51 16.48 22.22
CA ALA E 97 -25.65 16.38 23.14
C ALA E 97 -26.67 17.49 22.85
N ALA E 98 -26.18 18.71 22.69
CA ALA E 98 -27.04 19.85 22.41
C ALA E 98 -27.70 19.73 21.04
N LYS E 99 -26.93 19.22 20.07
CA LYS E 99 -27.46 19.07 18.73
C LYS E 99 -28.51 17.94 18.70
N ALA E 100 -28.26 16.88 19.46
CA ALA E 100 -29.21 15.76 19.51
C ALA E 100 -30.53 16.20 20.13
N ALA E 101 -30.46 17.07 21.14
CA ALA E 101 -31.64 17.57 21.82
C ALA E 101 -32.58 18.26 20.83
N ILE E 102 -32.02 19.10 19.98
CA ILE E 102 -32.81 19.82 18.98
C ILE E 102 -33.31 18.85 17.91
N ASP E 103 -32.38 18.03 17.40
CA ASP E 103 -32.68 17.05 16.36
C ASP E 103 -33.82 16.11 16.76
N ILE E 104 -33.76 15.59 17.97
CA ILE E 104 -34.78 14.67 18.45
C ILE E 104 -36.17 15.32 18.49
N ALA E 105 -36.23 16.56 18.98
CA ALA E 105 -37.49 17.27 19.07
C ALA E 105 -38.05 17.54 17.67
N CYS E 106 -37.18 17.72 16.69
CA CYS E 106 -37.62 17.95 15.33
C CYS E 106 -38.22 16.68 14.74
N TYR E 107 -37.64 15.52 15.05
CA TYR E 107 -38.18 14.28 14.53
C TYR E 107 -39.50 13.96 15.22
N ASP E 108 -39.63 14.34 16.49
CA ASP E 108 -40.87 14.12 17.22
C ASP E 108 -41.95 14.93 16.51
N LEU E 109 -41.63 16.17 16.16
CA LEU E 109 -42.58 17.04 15.46
C LEU E 109 -42.91 16.51 14.07
N MET E 110 -41.92 15.95 13.37
CA MET E 110 -42.19 15.41 12.05
C MET E 110 -43.19 14.26 12.18
N GLY E 111 -42.98 13.42 13.19
CA GLY E 111 -43.89 12.30 13.40
C GLY E 111 -45.29 12.78 13.75
N GLN E 112 -45.39 13.79 14.61
CA GLN E 112 -46.68 14.30 15.02
C GLN E 112 -47.46 14.94 13.85
N LYS E 113 -46.74 15.64 12.98
CA LYS E 113 -47.38 16.28 11.81
C LYS E 113 -47.84 15.22 10.83
N ALA E 114 -47.01 14.19 10.65
CA ALA E 114 -47.31 13.10 9.74
C ALA E 114 -48.33 12.14 10.36
N GLN E 115 -48.57 12.33 11.66
CA GLN E 115 -49.50 11.49 12.42
C GLN E 115 -49.08 10.02 12.32
N LEU E 116 -47.78 9.80 12.51
CA LEU E 116 -47.21 8.46 12.46
C LEU E 116 -46.22 8.28 13.59
N PRO E 117 -46.10 7.05 14.11
CA PRO E 117 -45.16 6.76 15.20
C PRO E 117 -43.80 6.97 14.56
N LEU E 118 -42.84 7.51 15.30
CA LEU E 118 -41.52 7.77 14.73
C LEU E 118 -40.88 6.57 14.04
N TYR E 119 -41.04 5.37 14.59
CA TYR E 119 -40.42 4.20 13.97
C TYR E 119 -40.88 3.99 12.53
N GLN E 120 -42.09 4.46 12.19
CA GLN E 120 -42.57 4.31 10.83
C GLN E 120 -41.84 5.30 9.93
N LEU E 121 -41.72 6.53 10.38
CA LEU E 121 -41.01 7.55 9.58
C LEU E 121 -39.55 7.17 9.35
N LEU E 122 -38.92 6.58 10.35
CA LEU E 122 -37.50 6.25 10.25
C LEU E 122 -37.09 4.97 9.51
N GLY E 123 -38.06 4.20 9.02
CA GLY E 123 -37.71 2.99 8.29
C GLY E 123 -38.76 1.89 8.33
N GLY E 124 -39.50 1.83 9.44
CA GLY E 124 -40.57 0.86 9.59
C GLY E 124 -40.28 -0.64 9.58
N TYR E 125 -39.04 -1.05 9.80
CA TYR E 125 -38.75 -2.48 9.78
C TYR E 125 -39.42 -3.26 10.90
N ASP E 126 -39.55 -2.65 12.07
CA ASP E 126 -40.19 -3.32 13.20
C ASP E 126 -40.75 -2.26 14.13
N ASN E 127 -41.42 -2.67 15.19
CA ASN E 127 -42.01 -1.71 16.12
C ASN E 127 -41.58 -2.00 17.55
N GLN E 128 -40.50 -2.75 17.70
CA GLN E 128 -40.01 -3.09 19.02
C GLN E 128 -38.54 -3.51 18.95
N VAL E 129 -37.88 -3.49 20.08
CA VAL E 129 -36.49 -3.92 20.15
C VAL E 129 -36.26 -4.58 21.49
N ILE E 130 -35.34 -5.54 21.53
CA ILE E 130 -35.02 -6.21 22.76
C ILE E 130 -33.68 -5.65 23.24
N THR E 131 -33.68 -5.12 24.46
CA THR E 131 -32.46 -4.54 25.00
C THR E 131 -31.75 -5.45 25.99
N ASP E 132 -30.46 -5.23 26.14
CA ASP E 132 -29.69 -5.98 27.11
C ASP E 132 -29.79 -5.10 28.36
N ILE E 133 -29.10 -5.50 29.41
CA ILE E 133 -29.07 -4.69 30.62
C ILE E 133 -27.61 -4.74 31.05
N THR E 134 -27.11 -3.60 31.54
CA THR E 134 -25.72 -3.48 31.95
C THR E 134 -25.44 -3.82 33.41
N LEU E 135 -24.30 -4.44 33.66
CA LEU E 135 -23.88 -4.77 35.01
C LEU E 135 -22.64 -3.91 35.26
N GLY E 136 -22.72 -2.99 36.22
CA GLY E 136 -21.59 -2.12 36.52
C GLY E 136 -20.43 -2.88 37.13
N ILE E 137 -19.22 -2.30 37.09
CA ILE E 137 -18.05 -2.96 37.64
C ILE E 137 -18.17 -3.14 39.16
N ASP E 138 -17.80 -4.32 39.64
CA ASP E 138 -17.83 -4.62 41.07
C ASP E 138 -17.07 -5.93 41.25
N GLU E 139 -17.02 -6.43 42.47
CA GLU E 139 -16.33 -7.69 42.72
C GLU E 139 -17.01 -8.82 41.95
N PRO E 140 -16.23 -9.81 41.49
CA PRO E 140 -16.77 -10.95 40.74
C PRO E 140 -18.06 -11.56 41.31
N ASN E 141 -18.05 -11.92 42.60
CA ASN E 141 -19.23 -12.53 43.20
C ASN E 141 -20.42 -11.58 43.24
N VAL E 142 -20.16 -10.29 43.41
CA VAL E 142 -21.24 -9.29 43.45
C VAL E 142 -21.85 -9.16 42.05
N MET E 143 -21.00 -9.08 41.04
CA MET E 143 -21.49 -8.97 39.67
C MET E 143 -22.27 -10.24 39.31
N ALA E 144 -21.77 -11.40 39.77
CA ALA E 144 -22.42 -12.67 39.50
C ALA E 144 -23.85 -12.71 40.06
N GLN E 145 -24.00 -12.27 41.30
CA GLN E 145 -25.33 -12.25 41.94
C GLN E 145 -26.26 -11.31 41.19
N LYS E 146 -25.73 -10.15 40.81
CA LYS E 146 -26.50 -9.15 40.08
C LYS E 146 -26.98 -9.73 38.75
N ALA E 147 -26.11 -10.50 38.10
CA ALA E 147 -26.43 -11.13 36.82
C ALA E 147 -27.64 -12.05 36.98
N VAL E 148 -27.61 -12.89 38.01
CA VAL E 148 -28.71 -13.81 38.25
C VAL E 148 -30.01 -13.05 38.49
N GLU E 149 -29.94 -11.96 39.26
CA GLU E 149 -31.12 -11.16 39.55
C GLU E 149 -31.70 -10.50 38.30
N LYS E 150 -30.84 -10.09 37.37
CA LYS E 150 -31.34 -9.47 36.16
C LYS E 150 -31.92 -10.50 35.20
N VAL E 151 -31.33 -11.68 35.16
CA VAL E 151 -31.87 -12.72 34.29
C VAL E 151 -33.28 -13.07 34.78
N LYS E 152 -33.51 -12.95 36.08
CA LYS E 152 -34.83 -13.24 36.62
C LYS E 152 -35.87 -12.25 36.09
N LEU E 153 -35.39 -11.12 35.57
CA LEU E 153 -36.28 -10.09 35.03
C LEU E 153 -36.58 -10.38 33.56
N GLY E 154 -36.06 -11.49 33.06
CA GLY E 154 -36.30 -11.84 31.67
C GLY E 154 -35.22 -11.45 30.68
N PHE E 155 -34.14 -10.84 31.17
CA PHE E 155 -33.06 -10.45 30.28
C PHE E 155 -32.25 -11.65 29.83
N ASP E 156 -32.14 -11.82 28.51
CA ASP E 156 -31.40 -12.94 27.93
C ASP E 156 -30.00 -12.51 27.52
N THR E 157 -29.72 -11.21 27.57
CA THR E 157 -28.41 -10.68 27.21
C THR E 157 -27.94 -9.68 28.26
N LEU E 158 -26.72 -9.90 28.76
CA LEU E 158 -26.17 -9.01 29.76
C LEU E 158 -24.91 -8.34 29.22
N LYS E 159 -24.76 -7.06 29.51
CA LYS E 159 -23.59 -6.30 29.07
C LYS E 159 -22.73 -6.15 30.32
N ILE E 160 -21.58 -6.82 30.31
CA ILE E 160 -20.67 -6.81 31.45
C ILE E 160 -19.60 -5.72 31.38
N LYS E 161 -19.59 -4.83 32.36
CA LYS E 161 -18.59 -3.77 32.40
C LYS E 161 -17.33 -4.30 33.09
N VAL E 162 -16.19 -4.09 32.45
CA VAL E 162 -14.91 -4.53 33.01
C VAL E 162 -13.86 -3.45 32.70
N GLY E 163 -12.64 -3.64 33.19
CA GLY E 163 -11.60 -2.66 32.91
C GLY E 163 -10.65 -2.23 34.02
N THR E 164 -10.60 -2.97 35.14
CA THR E 164 -9.69 -2.59 36.22
C THR E 164 -8.34 -3.29 36.10
N GLY E 165 -8.31 -4.34 35.29
CA GLY E 165 -7.09 -5.10 35.10
C GLY E 165 -7.45 -6.49 34.62
N ILE E 166 -6.72 -6.97 33.61
CA ILE E 166 -6.95 -8.28 33.01
C ILE E 166 -7.29 -9.41 33.97
N GLU E 167 -6.45 -9.62 34.99
CA GLU E 167 -6.71 -10.69 35.94
C GLU E 167 -8.07 -10.58 36.59
N ALA E 168 -8.38 -9.41 37.14
CA ALA E 168 -9.66 -9.18 37.80
C ALA E 168 -10.84 -9.18 36.82
N ASP E 169 -10.64 -8.61 35.63
CA ASP E 169 -11.71 -8.58 34.65
C ASP E 169 -12.06 -9.98 34.19
N ILE E 170 -11.04 -10.81 33.98
CA ILE E 170 -11.25 -12.19 33.57
C ILE E 170 -12.07 -12.91 34.63
N ALA E 171 -11.71 -12.71 35.91
CA ALA E 171 -12.39 -13.35 37.02
C ALA E 171 -13.87 -12.96 37.07
N ARG E 172 -14.15 -11.69 36.78
CA ARG E 172 -15.52 -11.20 36.78
C ARG E 172 -16.37 -11.95 35.77
N VAL E 173 -15.83 -12.11 34.56
CA VAL E 173 -16.58 -12.78 33.50
C VAL E 173 -16.81 -14.27 33.82
N LYS E 174 -15.77 -14.94 34.33
CA LYS E 174 -15.93 -16.34 34.66
C LYS E 174 -17.00 -16.55 35.72
N ALA E 175 -16.98 -15.72 36.76
CA ALA E 175 -17.94 -15.82 37.85
C ALA E 175 -19.39 -15.63 37.36
N ILE E 176 -19.58 -14.64 36.48
CA ILE E 176 -20.90 -14.36 35.94
C ILE E 176 -21.38 -15.53 35.07
N ARG E 177 -20.51 -16.01 34.19
CA ARG E 177 -20.86 -17.12 33.32
C ARG E 177 -21.26 -18.35 34.14
N GLU E 178 -20.47 -18.65 35.17
CA GLU E 178 -20.77 -19.81 36.01
C GLU E 178 -22.09 -19.64 36.75
N ALA E 179 -22.41 -18.41 37.11
CA ALA E 179 -23.65 -18.13 37.83
C ALA E 179 -24.92 -18.18 36.98
N VAL E 180 -24.82 -17.76 35.71
CA VAL E 180 -26.00 -17.74 34.84
C VAL E 180 -26.10 -18.88 33.81
N GLY E 181 -24.99 -19.52 33.50
CA GLY E 181 -25.04 -20.60 32.53
C GLY E 181 -24.84 -20.13 31.09
N PHE E 182 -24.78 -21.08 30.17
CA PHE E 182 -24.56 -20.78 28.77
C PHE E 182 -25.78 -20.43 27.92
N ASP E 183 -26.95 -20.33 28.53
CA ASP E 183 -28.15 -19.97 27.76
C ASP E 183 -28.24 -18.44 27.63
N ILE E 184 -27.44 -17.75 28.44
CA ILE E 184 -27.44 -16.28 28.44
C ILE E 184 -26.33 -15.69 27.59
N LYS E 185 -26.66 -14.66 26.82
CA LYS E 185 -25.66 -14.00 25.98
C LYS E 185 -24.89 -12.99 26.81
N LEU E 186 -23.57 -13.03 26.69
CA LEU E 186 -22.72 -12.12 27.44
C LEU E 186 -21.84 -11.30 26.51
N ARG E 187 -22.01 -9.98 26.57
CA ARG E 187 -21.21 -9.07 25.78
C ARG E 187 -20.38 -8.28 26.79
N LEU E 188 -19.11 -8.06 26.48
CA LEU E 188 -18.24 -7.33 27.40
C LEU E 188 -17.97 -5.93 26.92
N ASP E 189 -17.63 -5.05 27.86
CA ASP E 189 -17.31 -3.67 27.50
C ASP E 189 -16.21 -3.19 28.43
N ALA E 190 -15.01 -3.00 27.89
CA ALA E 190 -13.89 -2.58 28.70
C ALA E 190 -13.76 -1.06 28.75
N ASN E 191 -14.56 -0.36 27.95
CA ASN E 191 -14.50 1.09 27.90
C ASN E 191 -13.06 1.63 27.82
N GLN E 192 -12.32 1.15 26.82
CA GLN E 192 -10.94 1.58 26.52
C GLN E 192 -9.85 1.22 27.52
N ALA E 193 -10.17 0.42 28.53
CA ALA E 193 -9.21 0.08 29.58
C ALA E 193 -8.00 -0.80 29.30
N TRP E 194 -8.02 -1.59 28.24
CA TRP E 194 -6.90 -2.49 27.98
C TRP E 194 -5.94 -2.11 26.87
N THR E 195 -4.70 -2.59 26.98
CA THR E 195 -3.72 -2.34 25.93
C THR E 195 -4.10 -3.38 24.89
N PRO E 196 -3.66 -3.20 23.64
CA PRO E 196 -3.99 -4.18 22.60
C PRO E 196 -3.68 -5.63 22.95
N LYS E 197 -2.47 -5.90 23.43
CA LYS E 197 -2.10 -7.26 23.77
C LYS E 197 -2.84 -7.80 25.00
N ASP E 198 -3.09 -6.94 25.99
CA ASP E 198 -3.82 -7.41 27.16
C ASP E 198 -5.23 -7.81 26.74
N ALA E 199 -5.83 -7.02 25.85
CA ALA E 199 -7.17 -7.32 25.37
C ALA E 199 -7.19 -8.71 24.71
N VAL E 200 -6.21 -8.96 23.84
CA VAL E 200 -6.14 -10.26 23.17
C VAL E 200 -5.96 -11.38 24.19
N LYS E 201 -5.08 -11.17 25.17
CA LYS E 201 -4.83 -12.18 26.20
C LYS E 201 -6.10 -12.47 26.99
N ALA E 202 -6.82 -11.41 27.37
CA ALA E 202 -8.05 -11.58 28.14
C ALA E 202 -9.13 -12.28 27.32
N ILE E 203 -9.25 -11.90 26.06
CA ILE E 203 -10.25 -12.49 25.17
C ILE E 203 -9.97 -13.97 24.91
N GLN E 204 -8.71 -14.32 24.71
CA GLN E 204 -8.36 -15.71 24.46
C GLN E 204 -8.54 -16.54 25.72
N ALA E 205 -8.32 -15.93 26.87
CA ALA E 205 -8.46 -16.64 28.13
C ALA E 205 -9.93 -16.95 28.39
N LEU E 206 -10.81 -16.17 27.76
CA LEU E 206 -12.25 -16.34 27.92
C LEU E 206 -12.91 -17.10 26.77
N ALA E 207 -12.09 -17.72 25.93
CA ALA E 207 -12.57 -18.47 24.78
C ALA E 207 -13.70 -19.47 25.08
N ASP E 208 -13.50 -20.31 26.09
CA ASP E 208 -14.51 -21.31 26.42
C ASP E 208 -15.70 -20.78 27.22
N TYR E 209 -15.79 -19.47 27.35
CA TYR E 209 -16.90 -18.88 28.09
C TYR E 209 -17.95 -18.26 27.20
N GLN E 210 -17.85 -18.54 25.90
CA GLN E 210 -18.82 -18.06 24.91
C GLN E 210 -19.12 -16.57 24.98
N ILE E 211 -18.14 -15.73 24.69
CA ILE E 211 -18.32 -14.29 24.70
C ILE E 211 -18.94 -13.84 23.38
N GLU E 212 -20.05 -13.13 23.44
CA GLU E 212 -20.70 -12.67 22.22
C GLU E 212 -19.83 -11.63 21.51
N LEU E 213 -19.42 -10.60 22.25
CA LEU E 213 -18.59 -9.55 21.66
C LEU E 213 -17.94 -8.74 22.76
N VAL E 214 -16.92 -7.97 22.37
CA VAL E 214 -16.21 -7.11 23.29
C VAL E 214 -16.27 -5.70 22.74
N GLU E 215 -16.76 -4.78 23.55
CA GLU E 215 -16.89 -3.38 23.16
C GLU E 215 -15.65 -2.56 23.52
N GLN E 216 -15.18 -1.77 22.55
CA GLN E 216 -14.03 -0.87 22.68
C GLN E 216 -13.01 -1.31 23.73
N PRO E 217 -12.21 -2.33 23.41
CA PRO E 217 -11.20 -2.82 24.37
C PRO E 217 -10.02 -1.87 24.60
N VAL E 218 -9.72 -1.03 23.62
CA VAL E 218 -8.58 -0.12 23.74
C VAL E 218 -8.95 1.37 23.64
N LYS E 219 -7.95 2.22 23.86
CA LYS E 219 -8.16 3.66 23.79
C LYS E 219 -8.81 4.11 22.49
N ARG E 220 -9.75 5.05 22.58
CA ARG E 220 -10.48 5.50 21.41
C ARG E 220 -9.65 6.00 20.23
N ARG E 221 -8.51 6.63 20.50
CA ARG E 221 -7.67 7.15 19.43
C ARG E 221 -6.69 6.11 18.88
N ASP E 222 -6.63 4.94 19.51
CA ASP E 222 -5.71 3.88 19.07
C ASP E 222 -6.38 2.95 18.06
N LEU E 223 -6.61 3.47 16.86
CA LEU E 223 -7.26 2.70 15.80
C LEU E 223 -6.43 1.52 15.30
N GLU E 224 -5.11 1.66 15.32
CA GLU E 224 -4.25 0.57 14.88
C GLU E 224 -4.34 -0.52 15.93
N GLY E 225 -4.35 -0.11 17.19
CA GLY E 225 -4.45 -1.07 18.28
C GLY E 225 -5.79 -1.78 18.28
N LEU E 226 -6.85 -1.06 17.95
CA LEU E 226 -8.19 -1.64 17.91
C LEU E 226 -8.25 -2.68 16.79
N LYS E 227 -7.71 -2.34 15.63
CA LYS E 227 -7.71 -3.27 14.50
C LYS E 227 -6.85 -4.50 14.82
N TYR E 228 -5.78 -4.29 15.58
CA TYR E 228 -4.91 -5.38 15.98
C TYR E 228 -5.71 -6.43 16.74
N VAL E 229 -6.49 -5.97 17.72
CA VAL E 229 -7.32 -6.89 18.50
C VAL E 229 -8.28 -7.64 17.60
N THR E 230 -8.98 -6.89 16.74
CA THR E 230 -9.93 -7.48 15.82
C THR E 230 -9.26 -8.53 14.92
N SER E 231 -8.02 -8.28 14.52
CA SER E 231 -7.33 -9.22 13.64
C SER E 231 -6.79 -10.45 14.35
N GLN E 232 -6.61 -10.37 15.67
CA GLN E 232 -6.04 -11.48 16.44
C GLN E 232 -7.05 -12.42 17.10
N VAL E 233 -8.28 -11.97 17.29
CA VAL E 233 -9.28 -12.81 17.94
C VAL E 233 -10.48 -13.06 17.04
N ASN E 234 -11.20 -14.15 17.32
CA ASN E 234 -12.37 -14.51 16.53
C ASN E 234 -13.62 -13.88 17.14
N THR E 235 -13.52 -13.48 18.40
CA THR E 235 -14.62 -12.85 19.11
C THR E 235 -14.95 -11.50 18.46
N THR E 236 -16.23 -11.24 18.23
CA THR E 236 -16.66 -9.99 17.61
C THR E 236 -16.20 -8.76 18.40
N ILE E 237 -15.59 -7.81 17.69
CA ILE E 237 -15.10 -6.57 18.31
C ILE E 237 -15.96 -5.39 17.86
N MET E 238 -16.43 -4.61 18.81
CA MET E 238 -17.28 -3.45 18.52
C MET E 238 -16.63 -2.13 18.91
N ALA E 239 -16.72 -1.14 18.04
CA ALA E 239 -16.17 0.16 18.35
C ALA E 239 -17.26 1.00 19.00
N ASP E 240 -16.88 1.77 20.01
CA ASP E 240 -17.85 2.66 20.65
C ASP E 240 -17.24 4.06 20.66
N GLU E 241 -16.39 4.34 21.65
CA GLU E 241 -15.80 5.65 21.76
C GLU E 241 -14.94 6.04 20.55
N SER E 242 -14.56 5.05 19.74
CA SER E 242 -13.74 5.29 18.54
C SER E 242 -14.62 5.77 17.38
N CYS E 243 -15.93 5.79 17.57
CA CYS E 243 -16.81 6.23 16.50
C CYS E 243 -17.92 7.13 17.00
N PHE E 244 -17.83 8.42 16.66
CA PHE E 244 -18.82 9.41 17.06
C PHE E 244 -19.82 9.72 15.94
N ASP E 245 -19.31 9.99 14.75
CA ASP E 245 -20.18 10.36 13.62
C ASP E 245 -19.94 9.56 12.34
N ALA E 246 -20.64 9.95 11.28
CA ALA E 246 -20.53 9.27 10.00
C ALA E 246 -19.13 9.27 9.42
N GLN E 247 -18.40 10.37 9.59
CA GLN E 247 -17.04 10.43 9.07
C GLN E 247 -16.16 9.41 9.79
N ASP E 248 -16.35 9.25 11.09
CA ASP E 248 -15.57 8.27 11.85
C ASP E 248 -15.92 6.88 11.34
N ALA E 249 -17.21 6.65 11.12
CA ALA E 249 -17.69 5.36 10.64
C ALA E 249 -17.03 5.01 9.31
N LEU E 250 -16.99 5.98 8.41
CA LEU E 250 -16.39 5.76 7.10
C LEU E 250 -14.90 5.45 7.25
N GLU E 251 -14.22 6.13 8.17
CA GLU E 251 -12.80 5.87 8.38
C GLU E 251 -12.61 4.44 8.86
N LEU E 252 -13.48 4.00 9.77
CA LEU E 252 -13.40 2.64 10.30
C LEU E 252 -13.68 1.59 9.22
N VAL E 253 -14.64 1.87 8.33
CA VAL E 253 -14.93 0.91 7.26
C VAL E 253 -13.75 0.83 6.30
N LYS E 254 -13.12 1.98 6.03
CA LYS E 254 -11.96 2.03 5.14
C LYS E 254 -10.81 1.21 5.71
N LYS E 255 -10.60 1.31 7.02
CA LYS E 255 -9.52 0.61 7.69
C LYS E 255 -9.82 -0.82 8.13
N GLY E 256 -11.09 -1.19 8.14
CA GLY E 256 -11.49 -2.52 8.56
C GLY E 256 -11.15 -2.71 10.03
N THR E 257 -11.32 -1.64 10.80
CA THR E 257 -11.00 -1.62 12.22
C THR E 257 -11.79 -2.56 13.12
N VAL E 258 -13.10 -2.63 12.94
CA VAL E 258 -13.94 -3.48 13.78
C VAL E 258 -14.98 -4.30 13.00
N ASP E 259 -15.77 -5.08 13.73
CA ASP E 259 -16.81 -5.91 13.15
C ASP E 259 -18.19 -5.25 13.27
N VAL E 260 -18.37 -4.53 14.37
CA VAL E 260 -19.64 -3.87 14.65
C VAL E 260 -19.40 -2.48 15.24
N ILE E 261 -20.41 -1.61 15.14
CA ILE E 261 -20.29 -0.26 15.65
C ILE E 261 -21.46 0.15 16.54
N ASN E 262 -21.14 0.75 17.69
CA ASN E 262 -22.15 1.22 18.65
C ASN E 262 -22.54 2.64 18.27
N ILE E 263 -23.83 2.84 18.02
CA ILE E 263 -24.36 4.16 17.66
C ILE E 263 -25.06 4.79 18.85
N LYS E 264 -24.75 6.05 19.14
CA LYS E 264 -25.41 6.78 20.24
C LYS E 264 -25.82 8.15 19.73
N LEU E 265 -27.09 8.51 19.90
CA LEU E 265 -27.55 9.82 19.46
C LEU E 265 -26.75 10.92 20.13
N MET E 266 -26.33 10.69 21.37
CA MET E 266 -25.55 11.69 22.11
C MET E 266 -24.10 11.80 21.61
N LYS E 267 -23.65 10.82 20.84
CA LYS E 267 -22.30 10.86 20.28
C LYS E 267 -22.29 11.51 18.90
N CYS E 268 -23.32 11.23 18.11
CA CYS E 268 -23.42 11.74 16.75
C CYS E 268 -24.26 13.01 16.57
N GLY E 269 -24.92 13.45 17.63
CA GLY E 269 -25.72 14.65 17.55
C GLY E 269 -27.15 14.49 17.03
N GLY E 270 -27.70 13.29 17.13
CA GLY E 270 -29.07 13.12 16.68
C GLY E 270 -29.39 12.00 15.69
N ILE E 271 -30.68 11.85 15.44
CA ILE E 271 -31.19 10.82 14.53
C ILE E 271 -30.68 11.02 13.10
N HIS E 272 -30.62 12.28 12.66
CA HIS E 272 -30.15 12.59 11.31
C HIS E 272 -28.79 11.98 11.02
N GLU E 273 -27.84 12.19 11.93
CA GLU E 273 -26.48 11.66 11.77
C GLU E 273 -26.46 10.15 12.04
N ALA E 274 -27.25 9.70 13.00
CA ALA E 274 -27.31 8.27 13.32
C ALA E 274 -27.71 7.46 12.08
N LEU E 275 -28.64 7.98 11.30
CA LEU E 275 -29.08 7.29 10.09
C LEU E 275 -27.91 7.17 9.10
N LYS E 276 -27.11 8.21 9.02
CA LYS E 276 -25.96 8.21 8.13
C LYS E 276 -24.96 7.11 8.51
N ILE E 277 -24.65 7.04 9.79
CA ILE E 277 -23.72 6.06 10.32
C ILE E 277 -24.19 4.65 9.97
N ASN E 278 -25.44 4.37 10.30
CA ASN E 278 -25.99 3.05 10.04
C ASN E 278 -25.95 2.66 8.55
N GLN E 279 -26.21 3.63 7.68
CA GLN E 279 -26.19 3.33 6.25
C GLN E 279 -24.78 3.05 5.75
N ILE E 280 -23.81 3.80 6.26
CA ILE E 280 -22.42 3.59 5.87
C ILE E 280 -22.02 2.19 6.31
N CYS E 281 -22.36 1.85 7.56
CA CYS E 281 -22.04 0.54 8.09
C CYS E 281 -22.74 -0.57 7.32
N GLU E 282 -24.06 -0.43 7.14
CA GLU E 282 -24.82 -1.44 6.41
C GLU E 282 -24.18 -1.74 5.06
N THR E 283 -23.90 -0.70 4.29
CA THR E 283 -23.31 -0.88 2.97
C THR E 283 -21.94 -1.55 3.05
N ALA E 284 -21.26 -1.38 4.18
CA ALA E 284 -19.95 -1.96 4.38
C ALA E 284 -20.05 -3.36 4.99
N GLY E 285 -21.26 -3.78 5.31
CA GLY E 285 -21.47 -5.09 5.91
C GLY E 285 -21.19 -5.09 7.40
N ILE E 286 -21.33 -3.93 8.03
CA ILE E 286 -21.11 -3.76 9.46
C ILE E 286 -22.44 -3.49 10.18
N GLU E 287 -22.84 -4.39 11.07
CA GLU E 287 -24.07 -4.22 11.82
C GLU E 287 -23.84 -3.20 12.93
N CYS E 288 -24.91 -2.58 13.40
CA CYS E 288 -24.78 -1.59 14.46
C CYS E 288 -25.63 -1.91 15.67
N MET E 289 -25.18 -1.43 16.83
CA MET E 289 -25.93 -1.60 18.07
C MET E 289 -26.26 -0.20 18.53
N ILE E 290 -27.52 0.04 18.85
CA ILE E 290 -27.93 1.34 19.34
C ILE E 290 -27.56 1.34 20.84
N GLY E 291 -26.94 2.41 21.31
CA GLY E 291 -26.56 2.52 22.71
C GLY E 291 -27.12 3.76 23.37
N CYS E 292 -26.64 4.07 24.58
CA CYS E 292 -27.11 5.23 25.32
C CYS E 292 -26.14 5.68 26.41
N MET E 293 -26.30 6.91 26.88
CA MET E 293 -25.50 7.44 27.97
C MET E 293 -26.34 7.23 29.21
N ALA E 294 -25.71 7.08 30.37
CA ALA E 294 -26.47 6.88 31.60
C ALA E 294 -27.16 8.18 31.98
N GLU E 295 -26.70 9.28 31.41
CA GLU E 295 -27.28 10.60 31.68
C GLU E 295 -28.61 10.84 30.97
N GLU E 296 -28.94 10.06 29.95
CA GLU E 296 -30.20 10.31 29.29
C GLU E 296 -31.35 9.55 29.91
N THR E 297 -32.55 10.03 29.65
CA THR E 297 -33.72 9.42 30.22
C THR E 297 -34.78 9.04 29.18
N THR E 298 -36.04 9.17 29.57
CA THR E 298 -37.16 8.83 28.70
C THR E 298 -37.06 9.29 27.25
N ILE E 299 -36.82 10.56 27.03
CA ILE E 299 -36.77 11.08 25.68
C ILE E 299 -35.65 10.50 24.82
N GLY E 300 -34.43 10.53 25.33
CA GLY E 300 -33.31 10.01 24.56
C GLY E 300 -33.45 8.53 24.24
N ILE E 301 -33.86 7.75 25.23
CA ILE E 301 -34.04 6.32 25.04
C ILE E 301 -35.17 6.00 24.07
N THR E 302 -36.26 6.75 24.18
CA THR E 302 -37.40 6.54 23.30
C THR E 302 -37.03 6.83 21.84
N ALA E 303 -36.31 7.93 21.59
CA ALA E 303 -35.93 8.23 20.22
C ALA E 303 -35.03 7.13 19.67
N ALA E 304 -34.06 6.69 20.48
CA ALA E 304 -33.14 5.65 20.06
C ALA E 304 -33.88 4.34 19.76
N ALA E 305 -34.90 4.06 20.55
CA ALA E 305 -35.68 2.83 20.36
C ALA E 305 -36.45 2.86 19.05
N HIS E 306 -37.04 4.00 18.71
CA HIS E 306 -37.78 4.10 17.46
C HIS E 306 -36.81 3.90 16.30
N LEU E 307 -35.65 4.53 16.40
CA LEU E 307 -34.63 4.41 15.36
C LEU E 307 -34.18 2.95 15.19
N ALA E 308 -33.83 2.31 16.30
CA ALA E 308 -33.37 0.93 16.27
C ALA E 308 -34.43 -0.03 15.71
N ALA E 309 -35.68 0.14 16.14
CA ALA E 309 -36.75 -0.72 15.64
C ALA E 309 -36.94 -0.53 14.13
N ALA E 310 -36.78 0.72 13.69
CA ALA E 310 -36.99 1.07 12.28
C ALA E 310 -35.93 0.56 11.32
N GLN E 311 -34.71 0.35 11.81
CA GLN E 311 -33.61 -0.09 10.96
C GLN E 311 -33.15 -1.53 11.12
N LYS E 312 -33.19 -2.27 10.01
CA LYS E 312 -32.79 -3.66 10.01
C LYS E 312 -31.34 -3.86 10.43
N ASN E 313 -30.45 -2.98 9.99
CA ASN E 313 -29.04 -3.12 10.32
C ASN E 313 -28.67 -2.82 11.77
N ILE E 314 -29.59 -2.20 12.51
CA ILE E 314 -29.34 -1.95 13.93
C ILE E 314 -29.91 -3.22 14.55
N THR E 315 -29.04 -4.22 14.69
CA THR E 315 -29.40 -5.56 15.17
C THR E 315 -29.30 -5.85 16.67
N ARG E 316 -28.68 -4.94 17.41
CA ARG E 316 -28.53 -5.11 18.85
C ARG E 316 -28.96 -3.82 19.52
N ALA E 317 -29.30 -3.91 20.81
CA ALA E 317 -29.72 -2.73 21.54
C ALA E 317 -29.30 -2.74 23.00
N ASP E 318 -28.73 -1.62 23.43
CA ASP E 318 -28.30 -1.42 24.80
C ASP E 318 -28.96 -0.12 25.22
N LEU E 319 -30.26 -0.19 25.51
CA LEU E 319 -31.06 0.98 25.90
C LEU E 319 -31.64 0.75 27.28
N ASP E 320 -30.78 0.85 28.29
CA ASP E 320 -31.16 0.60 29.67
C ASP E 320 -31.06 1.75 30.65
N ALA E 321 -30.85 2.96 30.17
CA ALA E 321 -30.69 4.11 31.05
C ALA E 321 -31.90 4.43 31.92
N THR E 322 -33.11 4.12 31.46
CA THR E 322 -34.28 4.43 32.27
C THR E 322 -34.45 3.52 33.49
N PHE E 323 -33.92 2.30 33.42
CA PHE E 323 -34.07 1.35 34.51
C PHE E 323 -33.63 1.84 35.89
N GLY E 324 -32.56 2.64 35.93
CA GLY E 324 -32.08 3.13 37.22
C GLY E 324 -32.62 4.47 37.69
N LEU E 325 -33.43 5.13 36.86
CA LEU E 325 -33.99 6.42 37.24
C LEU E 325 -35.02 6.33 38.37
N GLU E 326 -34.95 7.28 39.30
CA GLU E 326 -35.91 7.27 40.40
C GLU E 326 -37.26 7.75 39.89
N THR E 327 -37.25 8.60 38.86
CA THR E 327 -38.48 9.13 38.30
C THR E 327 -38.33 9.39 36.80
N ALA E 328 -39.46 9.60 36.13
CA ALA E 328 -39.47 9.90 34.70
C ALA E 328 -39.80 11.38 34.61
N PRO E 329 -39.05 12.14 33.80
CA PRO E 329 -39.27 13.58 33.66
C PRO E 329 -40.42 13.96 32.73
N VAL E 330 -41.01 12.95 32.10
CA VAL E 330 -42.09 13.18 31.16
C VAL E 330 -43.02 11.97 31.12
N THR E 331 -44.14 12.09 30.43
CA THR E 331 -45.11 11.00 30.33
C THR E 331 -45.01 10.25 29.00
N GLY E 332 -45.21 8.94 29.04
CA GLY E 332 -45.15 8.15 27.82
C GLY E 332 -43.74 7.72 27.42
N GLY E 333 -43.61 7.26 26.18
CA GLY E 333 -42.32 6.80 25.68
C GLY E 333 -41.89 5.54 26.40
N VAL E 334 -40.62 5.17 26.27
CA VAL E 334 -40.12 3.97 26.94
C VAL E 334 -40.19 4.21 28.44
N SER E 335 -40.81 3.28 29.15
CA SER E 335 -40.99 3.41 30.59
C SER E 335 -39.78 3.10 31.44
N LEU E 336 -39.92 3.39 32.73
CA LEU E 336 -38.87 3.16 33.72
C LEU E 336 -38.70 1.67 34.04
N GLU E 337 -39.63 0.85 33.56
CA GLU E 337 -39.61 -0.58 33.81
C GLU E 337 -38.38 -1.33 33.33
N ALA E 338 -37.74 -2.06 34.24
CA ALA E 338 -36.57 -2.85 33.87
C ALA E 338 -37.10 -4.11 33.19
N LYS E 339 -37.20 -4.04 31.86
CA LYS E 339 -37.69 -5.14 31.04
C LYS E 339 -36.92 -5.18 29.72
N PRO E 340 -36.72 -6.38 29.17
CA PRO E 340 -35.98 -6.53 27.90
C PRO E 340 -36.73 -6.03 26.67
N LEU E 341 -38.06 -6.13 26.68
CA LEU E 341 -38.84 -5.70 25.53
C LEU E 341 -39.22 -4.24 25.56
N LEU E 342 -38.81 -3.51 24.53
CA LEU E 342 -39.15 -2.11 24.40
C LEU E 342 -40.07 -2.03 23.20
N GLU E 343 -41.38 -2.12 23.45
CA GLU E 343 -42.38 -2.07 22.37
C GLU E 343 -42.87 -0.64 22.21
N LEU E 344 -42.79 -0.12 21.00
CA LEU E 344 -43.24 1.23 20.72
C LEU E 344 -44.73 1.24 20.44
N GLY E 345 -45.42 2.24 20.98
CA GLY E 345 -46.85 2.33 20.77
C GLY E 345 -47.20 2.89 19.41
N GLU E 346 -48.47 3.22 19.20
CA GLU E 346 -48.91 3.78 17.94
C GLU E 346 -49.07 5.29 18.00
N ALA E 347 -48.78 5.88 19.16
CA ALA E 347 -48.89 7.32 19.29
C ALA E 347 -47.94 7.95 18.27
N ALA E 348 -48.30 9.12 17.76
CA ALA E 348 -47.47 9.80 16.77
C ALA E 348 -46.17 10.30 17.37
N GLY E 349 -45.14 10.38 16.53
CA GLY E 349 -43.85 10.86 17.00
C GLY E 349 -43.26 9.96 18.06
N LEU E 350 -42.80 10.56 19.15
CA LEU E 350 -42.22 9.82 20.26
C LEU E 350 -43.30 9.32 21.22
N GLY E 351 -44.51 9.81 21.04
CA GLY E 351 -45.61 9.41 21.91
C GLY E 351 -45.39 9.91 23.32
N ILE E 352 -44.69 11.03 23.44
CA ILE E 352 -44.38 11.63 24.74
C ILE E 352 -45.17 12.92 24.98
N SER E 353 -45.58 13.13 26.23
CA SER E 353 -46.34 14.32 26.60
C SER E 353 -45.94 14.82 27.99
N MET F 1 -51.21 0.41 7.22
CA MET F 1 -51.41 0.34 5.74
C MET F 1 -50.94 -1.03 5.23
N LYS F 2 -51.69 -1.62 4.30
CA LYS F 2 -51.35 -2.92 3.76
C LYS F 2 -51.61 -3.02 2.27
N ILE F 3 -50.63 -3.56 1.55
CA ILE F 3 -50.74 -3.73 0.11
C ILE F 3 -51.76 -4.82 -0.20
N LYS F 4 -52.75 -4.47 -1.02
CA LYS F 4 -53.79 -5.42 -1.39
C LYS F 4 -53.51 -6.04 -2.76
N GLN F 5 -53.11 -5.20 -3.71
CA GLN F 5 -52.82 -5.66 -5.06
C GLN F 5 -51.86 -4.73 -5.80
N VAL F 6 -51.10 -5.30 -6.72
CA VAL F 6 -50.15 -4.54 -7.51
C VAL F 6 -50.49 -4.67 -8.98
N HIS F 7 -50.72 -3.54 -9.66
CA HIS F 7 -51.05 -3.57 -11.07
C HIS F 7 -49.91 -3.00 -11.89
N VAL F 8 -49.69 -3.55 -13.08
CA VAL F 8 -48.63 -3.06 -13.95
C VAL F 8 -49.12 -2.99 -15.38
N ARG F 9 -48.74 -1.93 -16.09
CA ARG F 9 -49.13 -1.74 -17.48
C ARG F 9 -47.93 -1.30 -18.29
N ALA F 10 -47.95 -1.59 -19.58
CA ALA F 10 -46.86 -1.18 -20.46
C ALA F 10 -47.23 0.18 -21.02
N SER F 11 -46.22 1.03 -21.20
CA SER F 11 -46.43 2.36 -21.74
C SER F 11 -45.36 2.66 -22.78
N LYS F 12 -45.80 3.03 -23.97
CA LYS F 12 -44.89 3.36 -25.06
C LYS F 12 -45.25 4.73 -25.60
N ILE F 13 -44.41 5.72 -25.30
CA ILE F 13 -44.65 7.10 -25.73
C ILE F 13 -43.55 7.56 -26.69
N LYS F 14 -43.89 7.65 -27.98
CA LYS F 14 -42.91 8.07 -28.97
C LYS F 14 -42.34 9.44 -28.62
N LEU F 15 -41.06 9.64 -28.93
CA LEU F 15 -40.39 10.91 -28.65
C LEU F 15 -40.52 11.86 -29.82
N LYS F 16 -40.64 13.15 -29.52
CA LYS F 16 -40.76 14.17 -30.56
C LYS F 16 -39.52 14.14 -31.44
N GLU F 17 -38.37 13.90 -30.82
CA GLU F 17 -37.10 13.85 -31.56
C GLU F 17 -36.30 12.62 -31.18
N THR F 18 -35.50 12.13 -32.12
CA THR F 18 -34.65 10.98 -31.87
C THR F 18 -33.40 11.51 -31.18
N PHE F 19 -32.97 10.85 -30.11
CA PHE F 19 -31.76 11.27 -29.39
C PHE F 19 -30.65 10.25 -29.57
N THR F 20 -29.45 10.73 -29.86
CA THR F 20 -28.31 9.86 -30.06
C THR F 20 -27.19 10.13 -29.06
N ILE F 21 -26.69 9.06 -28.44
CA ILE F 21 -25.59 9.15 -27.50
C ILE F 21 -24.57 8.13 -27.97
N ALA F 22 -23.38 8.14 -27.37
CA ALA F 22 -22.33 7.21 -27.76
C ALA F 22 -22.76 5.74 -27.74
N LEU F 23 -23.68 5.40 -26.83
CA LEU F 23 -24.15 4.02 -26.70
C LEU F 23 -25.24 3.61 -27.67
N GLY F 24 -25.90 4.58 -28.27
CA GLY F 24 -26.96 4.27 -29.20
C GLY F 24 -27.97 5.39 -29.36
N THR F 25 -29.13 5.05 -29.92
CA THR F 25 -30.19 6.04 -30.15
C THR F 25 -31.51 5.56 -29.55
N ILE F 26 -32.36 6.52 -29.21
CA ILE F 26 -33.67 6.21 -28.64
C ILE F 26 -34.74 7.04 -29.36
N GLU F 27 -35.86 6.40 -29.69
CA GLU F 27 -36.93 7.10 -30.39
C GLU F 27 -38.28 6.95 -29.69
N SER F 28 -38.31 6.20 -28.60
CA SER F 28 -39.55 5.99 -27.87
C SER F 28 -39.30 5.67 -26.41
N ALA F 29 -40.10 6.27 -25.53
CA ALA F 29 -39.97 6.02 -24.09
C ALA F 29 -40.94 4.92 -23.69
N ASP F 30 -40.40 3.71 -23.57
CA ASP F 30 -41.23 2.57 -23.19
C ASP F 30 -40.89 2.17 -21.76
N SER F 31 -41.88 2.30 -20.88
CA SER F 31 -41.68 1.97 -19.48
C SER F 31 -42.85 1.19 -18.92
N ALA F 32 -42.66 0.63 -17.73
CA ALA F 32 -43.71 -0.11 -17.05
C ALA F 32 -44.27 0.81 -16.00
N ILE F 33 -45.60 0.94 -15.97
CA ILE F 33 -46.26 1.80 -15.00
C ILE F 33 -46.94 0.95 -13.93
N VAL F 34 -46.61 1.20 -12.68
CA VAL F 34 -47.17 0.43 -11.58
C VAL F 34 -48.12 1.22 -10.69
N GLU F 35 -49.13 0.52 -10.19
CA GLU F 35 -50.11 1.11 -9.29
C GLU F 35 -50.23 0.13 -8.13
N ILE F 36 -49.72 0.51 -6.96
CA ILE F 36 -49.83 -0.35 -5.81
C ILE F 36 -51.07 0.08 -5.04
N GLU F 37 -52.03 -0.83 -4.98
CA GLU F 37 -53.31 -0.59 -4.31
C GLU F 37 -53.30 -1.14 -2.90
N THR F 38 -53.69 -0.30 -1.94
CA THR F 38 -53.74 -0.73 -0.53
C THR F 38 -55.14 -1.16 -0.17
N GLU F 39 -55.26 -1.86 0.95
CA GLU F 39 -56.54 -2.35 1.44
C GLU F 39 -57.54 -1.21 1.67
N GLU F 40 -57.05 -0.10 2.21
CA GLU F 40 -57.89 1.05 2.50
C GLU F 40 -58.33 1.82 1.25
N GLY F 41 -57.70 1.52 0.11
CA GLY F 41 -58.08 2.18 -1.12
C GLY F 41 -57.02 3.09 -1.73
N LEU F 42 -56.02 3.47 -0.96
CA LEU F 42 -54.98 4.35 -1.49
C LEU F 42 -54.17 3.64 -2.57
N VAL F 43 -53.75 4.40 -3.57
CA VAL F 43 -52.96 3.85 -4.68
C VAL F 43 -51.70 4.69 -4.90
N GLY F 44 -50.57 4.01 -5.02
CA GLY F 44 -49.31 4.70 -5.26
C GLY F 44 -48.84 4.39 -6.67
N TYR F 45 -48.26 5.38 -7.35
CA TYR F 45 -47.77 5.18 -8.70
C TYR F 45 -46.26 4.97 -8.73
N GLY F 46 -45.83 4.06 -9.59
CA GLY F 46 -44.41 3.79 -9.73
C GLY F 46 -44.08 3.58 -11.19
N GLU F 47 -42.81 3.65 -11.54
CA GLU F 47 -42.44 3.47 -12.94
C GLU F 47 -41.07 2.82 -13.07
N GLY F 48 -40.95 1.98 -14.09
CA GLY F 48 -39.69 1.32 -14.38
C GLY F 48 -39.36 1.60 -15.83
N GLY F 49 -38.36 2.45 -16.06
CA GLY F 49 -37.98 2.79 -17.42
C GLY F 49 -36.62 2.20 -17.76
N PRO F 50 -36.57 0.93 -18.17
CA PRO F 50 -35.32 0.24 -18.53
C PRO F 50 -34.64 0.69 -19.81
N GLY F 51 -33.34 0.95 -19.70
CA GLY F 51 -32.56 1.36 -20.85
C GLY F 51 -31.65 0.19 -21.19
N ILE F 52 -31.95 -0.50 -22.27
CA ILE F 52 -31.18 -1.67 -22.66
C ILE F 52 -29.67 -1.47 -22.82
N PHE F 53 -29.23 -0.35 -23.41
CA PHE F 53 -27.78 -0.15 -23.55
C PHE F 53 -27.11 0.42 -22.30
N ILE F 54 -27.85 0.50 -21.21
CA ILE F 54 -27.31 0.99 -19.94
C ILE F 54 -27.28 -0.16 -18.93
N THR F 55 -28.43 -0.79 -18.71
CA THR F 55 -28.49 -1.89 -17.76
C THR F 55 -28.77 -3.23 -18.42
N GLY F 56 -29.25 -3.20 -19.67
CA GLY F 56 -29.57 -4.42 -20.37
C GLY F 56 -31.01 -4.86 -20.11
N GLU F 57 -31.73 -4.10 -19.29
CA GLU F 57 -33.12 -4.44 -19.00
C GLU F 57 -34.04 -4.11 -20.17
N THR F 58 -35.08 -4.92 -20.33
CA THR F 58 -36.06 -4.73 -21.40
C THR F 58 -37.44 -4.54 -20.79
N LEU F 59 -38.40 -4.08 -21.59
CA LEU F 59 -39.75 -3.86 -21.10
C LEU F 59 -40.39 -5.19 -20.70
N ALA F 60 -40.27 -6.19 -21.57
CA ALA F 60 -40.85 -7.50 -21.28
C ALA F 60 -40.28 -8.08 -20.01
N GLY F 61 -38.96 -7.97 -19.85
CA GLY F 61 -38.32 -8.49 -18.65
C GLY F 61 -38.75 -7.75 -17.41
N THR F 62 -38.82 -6.42 -17.51
CA THR F 62 -39.22 -5.60 -16.38
C THR F 62 -40.68 -5.90 -15.98
N LEU F 63 -41.55 -5.99 -16.97
CA LEU F 63 -42.95 -6.30 -16.72
C LEU F 63 -43.12 -7.61 -15.98
N GLU F 64 -42.44 -8.65 -16.47
CA GLU F 64 -42.52 -9.96 -15.83
C GLU F 64 -41.97 -9.94 -14.41
N THR F 65 -40.85 -9.23 -14.22
CA THR F 65 -40.25 -9.15 -12.89
C THR F 65 -41.19 -8.42 -11.92
N ILE F 66 -41.79 -7.32 -12.39
CA ILE F 66 -42.70 -6.56 -11.53
C ILE F 66 -43.86 -7.42 -11.08
N GLU F 67 -44.44 -8.20 -11.99
CA GLU F 67 -45.56 -9.06 -11.62
C GLU F 67 -45.16 -10.04 -10.52
N LEU F 68 -43.92 -10.50 -10.58
CA LEU F 68 -43.42 -11.44 -9.56
C LEU F 68 -43.29 -10.72 -8.23
N PHE F 69 -42.79 -9.49 -8.26
CA PHE F 69 -42.64 -8.69 -7.05
C PHE F 69 -44.01 -8.40 -6.44
N GLY F 70 -44.91 -7.90 -7.28
CA GLY F 70 -46.25 -7.55 -6.85
C GLY F 70 -46.95 -8.61 -6.02
N GLN F 71 -46.89 -9.86 -6.48
CA GLN F 71 -47.53 -10.95 -5.77
C GLN F 71 -46.82 -11.22 -4.44
N ALA F 72 -45.50 -11.08 -4.44
CA ALA F 72 -44.69 -11.31 -3.26
C ALA F 72 -44.87 -10.28 -2.13
N ILE F 73 -45.24 -9.05 -2.48
CA ILE F 73 -45.40 -8.02 -1.46
C ILE F 73 -46.83 -7.78 -0.96
N ILE F 74 -47.77 -8.63 -1.35
CA ILE F 74 -49.14 -8.46 -0.89
C ILE F 74 -49.18 -8.65 0.62
N GLY F 75 -49.83 -7.73 1.32
CA GLY F 75 -49.94 -7.83 2.77
C GLY F 75 -48.92 -7.00 3.54
N LEU F 76 -47.88 -6.57 2.84
CA LEU F 76 -46.83 -5.77 3.46
C LEU F 76 -47.22 -4.30 3.58
N ASN F 77 -46.61 -3.60 4.51
CA ASN F 77 -46.86 -2.18 4.73
C ASN F 77 -45.89 -1.41 3.85
N PRO F 78 -46.38 -0.45 3.04
CA PRO F 78 -45.48 0.32 2.17
C PRO F 78 -44.35 1.00 2.93
N PHE F 79 -44.59 1.32 4.21
CA PHE F 79 -43.59 1.97 5.04
C PHE F 79 -42.42 1.06 5.37
N ASN F 80 -42.64 -0.25 5.30
CA ASN F 80 -41.60 -1.22 5.61
C ASN F 80 -40.78 -1.39 4.34
N ILE F 81 -40.16 -0.31 3.90
CA ILE F 81 -39.39 -0.26 2.67
C ILE F 81 -38.21 -1.23 2.62
N GLU F 82 -37.61 -1.51 3.78
CA GLU F 82 -36.49 -2.44 3.83
C GLU F 82 -36.96 -3.87 3.57
N LYS F 83 -38.11 -4.24 4.13
CA LYS F 83 -38.63 -5.59 3.90
C LYS F 83 -39.05 -5.76 2.45
N ILE F 84 -39.64 -4.71 1.87
CA ILE F 84 -40.07 -4.73 0.48
C ILE F 84 -38.86 -5.00 -0.41
N HIS F 85 -37.74 -4.32 -0.14
CA HIS F 85 -36.55 -4.54 -0.94
C HIS F 85 -35.94 -5.92 -0.67
N GLU F 86 -36.07 -6.41 0.56
CA GLU F 86 -35.54 -7.75 0.91
C GLU F 86 -36.22 -8.79 0.03
N VAL F 87 -37.55 -8.70 -0.02
CA VAL F 87 -38.37 -9.60 -0.81
C VAL F 87 -37.99 -9.56 -2.28
N MET F 88 -37.85 -8.35 -2.83
CA MET F 88 -37.50 -8.21 -4.24
C MET F 88 -36.10 -8.74 -4.52
N ASP F 89 -35.17 -8.49 -3.60
CA ASP F 89 -33.81 -8.95 -3.78
C ASP F 89 -33.69 -10.47 -3.75
N LYS F 90 -34.56 -11.13 -2.98
CA LYS F 90 -34.56 -12.59 -2.88
C LYS F 90 -35.05 -13.17 -4.20
N ILE F 91 -36.05 -12.50 -4.79
CA ILE F 91 -36.63 -12.94 -6.05
C ILE F 91 -35.74 -12.69 -7.25
N SER F 92 -35.12 -11.52 -7.32
CA SER F 92 -34.25 -11.18 -8.44
C SER F 92 -32.89 -10.64 -8.05
N ALA F 93 -31.85 -11.23 -8.64
CA ALA F 93 -30.48 -10.83 -8.37
C ALA F 93 -30.14 -9.49 -9.01
N PHE F 94 -30.94 -9.07 -9.98
CA PHE F 94 -30.70 -7.82 -10.68
C PHE F 94 -31.86 -7.36 -11.55
N ALA F 95 -32.53 -6.29 -11.12
CA ALA F 95 -33.67 -5.72 -11.85
C ALA F 95 -33.98 -4.37 -11.24
N PRO F 96 -33.05 -3.41 -11.36
CA PRO F 96 -33.26 -2.07 -10.80
C PRO F 96 -34.48 -1.30 -11.30
N ALA F 97 -34.80 -1.46 -12.58
CA ALA F 97 -35.96 -0.74 -13.13
C ALA F 97 -37.24 -1.28 -12.49
N ALA F 98 -37.34 -2.60 -12.38
CA ALA F 98 -38.51 -3.23 -11.78
C ALA F 98 -38.59 -2.92 -10.29
N LYS F 99 -37.44 -2.91 -9.62
CA LYS F 99 -37.40 -2.62 -8.19
C LYS F 99 -37.74 -1.16 -7.92
N ALA F 100 -37.25 -0.28 -8.78
CA ALA F 100 -37.52 1.15 -8.64
C ALA F 100 -39.01 1.42 -8.78
N ALA F 101 -39.66 0.72 -9.71
CA ALA F 101 -41.10 0.90 -9.93
C ALA F 101 -41.89 0.65 -8.64
N ILE F 102 -41.59 -0.48 -7.99
CA ILE F 102 -42.26 -0.82 -6.74
C ILE F 102 -41.91 0.19 -5.65
N ASP F 103 -40.62 0.47 -5.52
CA ASP F 103 -40.08 1.41 -4.55
C ASP F 103 -40.76 2.78 -4.63
N ILE F 104 -40.78 3.35 -5.83
CA ILE F 104 -41.40 4.66 -6.02
C ILE F 104 -42.86 4.68 -5.60
N ALA F 105 -43.60 3.65 -5.99
CA ALA F 105 -45.01 3.53 -5.65
C ALA F 105 -45.17 3.50 -4.13
N CYS F 106 -44.23 2.83 -3.45
CA CYS F 106 -44.33 2.76 -2.01
C CYS F 106 -44.13 4.12 -1.39
N TYR F 107 -43.13 4.86 -1.87
CA TYR F 107 -42.89 6.18 -1.33
C TYR F 107 -44.08 7.11 -1.60
N ASP F 108 -44.72 6.93 -2.74
CA ASP F 108 -45.88 7.75 -3.07
C ASP F 108 -46.95 7.49 -2.02
N LEU F 109 -47.16 6.21 -1.69
CA LEU F 109 -48.14 5.82 -0.67
C LEU F 109 -47.73 6.36 0.69
N MET F 110 -46.43 6.31 1.00
CA MET F 110 -45.96 6.82 2.28
C MET F 110 -46.30 8.30 2.42
N GLY F 111 -46.00 9.08 1.40
CA GLY F 111 -46.29 10.50 1.43
C GLY F 111 -47.78 10.75 1.57
N GLN F 112 -48.59 9.99 0.84
CA GLN F 112 -50.04 10.14 0.91
C GLN F 112 -50.58 9.85 2.30
N LYS F 113 -50.11 8.76 2.89
CA LYS F 113 -50.58 8.39 4.22
C LYS F 113 -50.21 9.44 5.26
N ALA F 114 -49.00 9.98 5.14
CA ALA F 114 -48.53 11.01 6.06
C ALA F 114 -49.05 12.40 5.71
N GLN F 115 -49.69 12.54 4.56
CA GLN F 115 -50.20 13.82 4.08
C GLN F 115 -49.07 14.83 3.98
N LEU F 116 -47.98 14.37 3.36
CA LEU F 116 -46.78 15.19 3.16
C LEU F 116 -46.28 15.05 1.73
N PRO F 117 -45.83 16.15 1.12
CA PRO F 117 -45.33 15.99 -0.24
C PRO F 117 -44.06 15.15 -0.09
N LEU F 118 -43.74 14.34 -1.10
CA LEU F 118 -42.58 13.48 -1.02
C LEU F 118 -41.27 14.18 -0.66
N TYR F 119 -41.04 15.36 -1.22
CA TYR F 119 -39.81 16.10 -0.96
C TYR F 119 -39.63 16.43 0.53
N GLN F 120 -40.75 16.57 1.25
CA GLN F 120 -40.67 16.85 2.68
C GLN F 120 -40.31 15.58 3.41
N LEU F 121 -40.93 14.47 3.01
CA LEU F 121 -40.68 13.19 3.65
C LEU F 121 -39.23 12.75 3.44
N LEU F 122 -38.67 13.09 2.28
CA LEU F 122 -37.31 12.67 1.94
C LEU F 122 -36.15 13.56 2.40
N GLY F 123 -36.44 14.71 3.02
CA GLY F 123 -35.36 15.57 3.46
C GLY F 123 -35.76 17.02 3.71
N GLY F 124 -36.65 17.54 2.86
CA GLY F 124 -37.15 18.90 3.01
C GLY F 124 -36.20 20.07 2.86
N TYR F 125 -35.07 19.87 2.19
CA TYR F 125 -34.11 20.96 2.03
C TYR F 125 -34.61 22.07 1.10
N ASP F 126 -35.36 21.70 0.07
CA ASP F 126 -35.91 22.67 -0.89
C ASP F 126 -37.17 22.06 -1.49
N ASN F 127 -37.90 22.84 -2.27
CA ASN F 127 -39.12 22.34 -2.89
C ASN F 127 -39.11 22.54 -4.40
N GLN F 128 -37.91 22.61 -4.97
CA GLN F 128 -37.76 22.78 -6.40
C GLN F 128 -36.34 22.40 -6.80
N VAL F 129 -36.14 22.20 -8.10
CA VAL F 129 -34.84 21.86 -8.62
C VAL F 129 -34.70 22.47 -10.01
N ILE F 130 -33.48 22.86 -10.36
CA ILE F 130 -33.18 23.43 -11.67
C ILE F 130 -32.44 22.35 -12.44
N THR F 131 -32.98 22.00 -13.61
CA THR F 131 -32.37 20.96 -14.42
C THR F 131 -31.69 21.52 -15.66
N ASP F 132 -30.74 20.76 -16.18
CA ASP F 132 -30.05 21.15 -17.40
C ASP F 132 -30.91 20.51 -18.48
N ILE F 133 -30.46 20.59 -19.72
CA ILE F 133 -31.15 19.96 -20.82
C ILE F 133 -30.06 19.34 -21.67
N THR F 134 -30.32 18.14 -22.17
CA THR F 134 -29.35 17.40 -22.97
C THR F 134 -29.44 17.70 -24.46
N LEU F 135 -28.28 17.76 -25.09
CA LEU F 135 -28.17 17.97 -26.54
C LEU F 135 -27.59 16.67 -27.06
N GLY F 136 -28.35 15.97 -27.91
CA GLY F 136 -27.89 14.71 -28.46
C GLY F 136 -26.76 14.90 -29.45
N ILE F 137 -26.04 13.80 -29.73
CA ILE F 137 -24.92 13.86 -30.66
C ILE F 137 -25.38 14.22 -32.07
N ASP F 138 -24.69 15.18 -32.68
CA ASP F 138 -25.00 15.62 -34.03
C ASP F 138 -23.84 16.46 -34.53
N GLU F 139 -23.97 16.99 -35.75
CA GLU F 139 -22.93 17.82 -36.32
C GLU F 139 -22.74 19.06 -35.45
N PRO F 140 -21.50 19.55 -35.33
CA PRO F 140 -21.20 20.74 -34.53
C PRO F 140 -22.18 21.90 -34.72
N ASN F 141 -22.36 22.31 -35.97
CA ASN F 141 -23.27 23.42 -36.26
C ASN F 141 -24.72 23.12 -35.85
N VAL F 142 -25.14 21.86 -35.97
CA VAL F 142 -26.49 21.47 -35.60
C VAL F 142 -26.67 21.53 -34.07
N MET F 143 -25.68 21.04 -33.34
CA MET F 143 -25.74 21.05 -31.88
C MET F 143 -25.64 22.49 -31.37
N ALA F 144 -24.83 23.30 -32.05
CA ALA F 144 -24.66 24.70 -31.66
C ALA F 144 -25.97 25.45 -31.90
N GLN F 145 -26.70 25.03 -32.92
CA GLN F 145 -27.97 25.65 -33.26
C GLN F 145 -28.97 25.36 -32.13
N LYS F 146 -29.11 24.09 -31.79
CA LYS F 146 -30.02 23.69 -30.72
C LYS F 146 -29.64 24.31 -29.38
N ALA F 147 -28.35 24.46 -29.14
CA ALA F 147 -27.86 25.07 -27.91
C ALA F 147 -28.50 26.45 -27.77
N VAL F 148 -28.38 27.25 -28.82
CA VAL F 148 -28.93 28.59 -28.85
C VAL F 148 -30.43 28.53 -28.59
N GLU F 149 -31.10 27.54 -29.18
CA GLU F 149 -32.53 27.37 -29.02
C GLU F 149 -32.90 27.07 -27.57
N LYS F 150 -32.14 26.22 -26.91
CA LYS F 150 -32.44 25.89 -25.52
C LYS F 150 -32.16 27.07 -24.60
N VAL F 151 -31.12 27.84 -24.91
CA VAL F 151 -30.78 28.99 -24.09
C VAL F 151 -31.97 29.96 -24.07
N LYS F 152 -32.56 30.22 -25.22
CA LYS F 152 -33.70 31.13 -25.25
C LYS F 152 -34.87 30.57 -24.46
N LEU F 153 -34.85 29.27 -24.21
CA LEU F 153 -35.91 28.64 -23.43
C LEU F 153 -35.70 28.84 -21.93
N GLY F 154 -34.57 29.45 -21.58
CA GLY F 154 -34.29 29.70 -20.17
C GLY F 154 -33.24 28.81 -19.52
N PHE F 155 -32.73 27.84 -20.26
CA PHE F 155 -31.72 26.93 -19.73
C PHE F 155 -30.35 27.60 -19.65
N ASP F 156 -29.75 27.57 -18.47
CA ASP F 156 -28.44 28.17 -18.27
C ASP F 156 -27.35 27.10 -18.21
N THR F 157 -27.76 25.84 -18.22
CA THR F 157 -26.82 24.72 -18.18
C THR F 157 -27.20 23.70 -19.24
N LEU F 158 -26.23 23.34 -20.09
CA LEU F 158 -26.46 22.38 -21.17
C LEU F 158 -25.57 21.15 -21.02
N LYS F 159 -26.17 19.97 -21.19
CA LYS F 159 -25.43 18.71 -21.11
C LYS F 159 -25.13 18.27 -22.53
N ILE F 160 -23.87 18.44 -22.95
CA ILE F 160 -23.44 18.08 -24.30
C ILE F 160 -23.03 16.62 -24.45
N LYS F 161 -23.73 15.88 -25.30
CA LYS F 161 -23.40 14.48 -25.55
C LYS F 161 -22.30 14.41 -26.60
N VAL F 162 -21.33 13.53 -26.38
CA VAL F 162 -20.20 13.35 -27.31
C VAL F 162 -19.74 11.90 -27.27
N GLY F 163 -18.83 11.53 -28.17
CA GLY F 163 -18.35 10.16 -28.16
C GLY F 163 -18.14 9.44 -29.48
N THR F 164 -18.01 10.18 -30.58
CA THR F 164 -17.79 9.53 -31.87
C THR F 164 -16.31 9.57 -32.20
N GLY F 165 -15.61 10.53 -31.64
CA GLY F 165 -14.18 10.66 -31.90
C GLY F 165 -13.62 11.94 -31.33
N ILE F 166 -12.40 11.86 -30.81
CA ILE F 166 -11.70 13.01 -30.21
C ILE F 166 -11.88 14.31 -30.98
N GLU F 167 -11.35 14.37 -32.19
CA GLU F 167 -11.44 15.57 -33.01
C GLU F 167 -12.87 16.05 -33.23
N ALA F 168 -13.77 15.13 -33.54
CA ALA F 168 -15.17 15.47 -33.76
C ALA F 168 -15.84 16.01 -32.50
N ASP F 169 -15.65 15.30 -31.39
CA ASP F 169 -16.24 15.71 -30.12
C ASP F 169 -15.76 17.09 -29.69
N ILE F 170 -14.46 17.34 -29.86
CA ILE F 170 -13.88 18.64 -29.52
C ILE F 170 -14.51 19.73 -30.38
N ALA F 171 -14.72 19.43 -31.65
CA ALA F 171 -15.30 20.39 -32.58
C ALA F 171 -16.72 20.73 -32.16
N ARG F 172 -17.45 19.74 -31.66
CA ARG F 172 -18.82 19.94 -31.22
C ARG F 172 -18.87 20.94 -30.08
N VAL F 173 -18.01 20.74 -29.08
CA VAL F 173 -17.98 21.62 -27.91
C VAL F 173 -17.56 23.05 -28.26
N LYS F 174 -16.51 23.21 -29.06
CA LYS F 174 -16.05 24.54 -29.44
C LYS F 174 -17.16 25.30 -30.17
N ALA F 175 -17.87 24.60 -31.04
CA ALA F 175 -18.94 25.21 -31.82
C ALA F 175 -20.08 25.68 -30.91
N ILE F 176 -20.40 24.87 -29.89
CA ILE F 176 -21.46 25.22 -28.97
C ILE F 176 -21.08 26.42 -28.10
N ARG F 177 -19.86 26.39 -27.58
CA ARG F 177 -19.37 27.47 -26.73
C ARG F 177 -19.33 28.82 -27.43
N GLU F 178 -18.84 28.84 -28.66
CA GLU F 178 -18.76 30.08 -29.41
C GLU F 178 -20.13 30.63 -29.79
N ALA F 179 -21.13 29.75 -29.80
CA ALA F 179 -22.49 30.13 -30.16
C ALA F 179 -23.30 30.72 -29.00
N VAL F 180 -23.13 30.19 -27.80
CA VAL F 180 -23.89 30.66 -26.65
C VAL F 180 -23.14 31.57 -25.69
N GLY F 181 -21.83 31.67 -25.86
CA GLY F 181 -21.05 32.52 -24.96
C GLY F 181 -20.62 31.80 -23.70
N PHE F 182 -19.98 32.54 -22.80
CA PHE F 182 -19.49 31.98 -21.54
C PHE F 182 -20.42 32.13 -20.33
N ASP F 183 -21.61 32.67 -20.56
CA ASP F 183 -22.57 32.84 -19.45
C ASP F 183 -23.32 31.54 -19.22
N ILE F 184 -23.24 30.63 -20.18
CA ILE F 184 -23.91 29.33 -20.09
C ILE F 184 -22.97 28.23 -19.59
N LYS F 185 -23.45 27.45 -18.62
CA LYS F 185 -22.65 26.37 -18.07
C LYS F 185 -22.75 25.16 -19.01
N LEU F 186 -21.59 24.57 -19.34
CA LEU F 186 -21.57 23.41 -20.24
C LEU F 186 -20.91 22.19 -19.58
N ARG F 187 -21.68 21.11 -19.48
CA ARG F 187 -21.14 19.87 -18.92
C ARG F 187 -21.14 18.84 -20.04
N LEU F 188 -20.07 18.05 -20.12
CA LEU F 188 -19.95 17.05 -21.18
C LEU F 188 -20.23 15.64 -20.68
N ASP F 189 -20.67 14.78 -21.58
CA ASP F 189 -20.94 13.38 -21.23
C ASP F 189 -20.52 12.55 -22.44
N ALA F 190 -19.45 11.78 -22.29
CA ALA F 190 -18.97 10.95 -23.39
C ALA F 190 -19.53 9.56 -23.36
N ASN F 191 -20.34 9.25 -22.35
CA ASN F 191 -20.92 7.93 -22.21
C ASN F 191 -19.95 6.78 -22.50
N GLN F 192 -18.80 6.80 -21.82
CA GLN F 192 -17.79 5.74 -21.93
C GLN F 192 -17.05 5.63 -23.26
N ALA F 193 -17.19 6.60 -24.13
CA ALA F 193 -16.56 6.54 -25.45
C ALA F 193 -15.06 6.69 -25.60
N TRP F 194 -14.41 7.42 -24.69
CA TRP F 194 -12.97 7.64 -24.82
C TRP F 194 -12.04 6.76 -24.02
N THR F 195 -10.82 6.58 -24.53
CA THR F 195 -9.80 5.80 -23.81
C THR F 195 -9.33 6.80 -22.77
N PRO F 196 -8.71 6.33 -21.68
CA PRO F 196 -8.23 7.26 -20.64
C PRO F 196 -7.39 8.42 -21.17
N LYS F 197 -6.37 8.12 -21.98
CA LYS F 197 -5.52 9.18 -22.50
C LYS F 197 -6.19 10.11 -23.51
N ASP F 198 -7.11 9.58 -24.29
CA ASP F 198 -7.83 10.43 -25.25
C ASP F 198 -8.72 11.38 -24.46
N ALA F 199 -9.26 10.89 -23.34
CA ALA F 199 -10.12 11.71 -22.50
C ALA F 199 -9.35 12.90 -21.95
N VAL F 200 -8.14 12.65 -21.45
CA VAL F 200 -7.32 13.73 -20.92
C VAL F 200 -6.95 14.69 -22.04
N LYS F 201 -6.70 14.14 -23.23
CA LYS F 201 -6.33 14.95 -24.38
C LYS F 201 -7.48 15.88 -24.74
N ALA F 202 -8.68 15.33 -24.86
CA ALA F 202 -9.84 16.13 -25.20
C ALA F 202 -10.14 17.18 -24.13
N ILE F 203 -10.03 16.79 -22.87
CA ILE F 203 -10.30 17.73 -21.78
C ILE F 203 -9.29 18.88 -21.76
N GLN F 204 -8.03 18.58 -22.04
CA GLN F 204 -7.01 19.62 -22.06
C GLN F 204 -7.21 20.52 -23.28
N ALA F 205 -7.66 19.93 -24.38
CA ALA F 205 -7.89 20.67 -25.62
C ALA F 205 -9.02 21.67 -25.43
N LEU F 206 -9.91 21.39 -24.48
CA LEU F 206 -11.04 22.26 -24.20
C LEU F 206 -10.82 23.05 -22.92
N ALA F 207 -9.55 23.23 -22.54
CA ALA F 207 -9.18 23.95 -21.34
C ALA F 207 -9.71 25.37 -21.27
N ASP F 208 -9.64 26.10 -22.38
CA ASP F 208 -10.10 27.48 -22.40
C ASP F 208 -11.56 27.66 -22.78
N TYR F 209 -12.33 26.57 -22.72
CA TYR F 209 -13.74 26.63 -23.06
C TYR F 209 -14.65 26.55 -21.83
N GLN F 210 -14.02 26.63 -20.65
CA GLN F 210 -14.75 26.61 -19.39
C GLN F 210 -15.74 25.44 -19.25
N ILE F 211 -15.21 24.22 -19.25
CA ILE F 211 -16.07 23.05 -19.11
C ILE F 211 -16.35 22.82 -17.63
N GLU F 212 -17.63 22.67 -17.28
CA GLU F 212 -18.00 22.46 -15.88
C GLU F 212 -17.54 21.10 -15.36
N LEU F 213 -17.89 20.05 -16.10
CA LEU F 213 -17.52 18.70 -15.69
C LEU F 213 -17.66 17.77 -16.88
N VAL F 214 -17.04 16.60 -16.77
CA VAL F 214 -17.12 15.59 -17.80
C VAL F 214 -17.65 14.31 -17.17
N GLU F 215 -18.73 13.80 -17.75
CA GLU F 215 -19.39 12.60 -17.25
C GLU F 215 -18.89 11.32 -17.91
N GLN F 216 -18.58 10.32 -17.09
CA GLN F 216 -18.15 8.99 -17.53
C GLN F 216 -17.38 8.96 -18.85
N PRO F 217 -16.15 9.50 -18.86
CA PRO F 217 -15.32 9.53 -20.07
C PRO F 217 -14.89 8.17 -20.60
N VAL F 218 -14.72 7.20 -19.69
CA VAL F 218 -14.27 5.87 -20.09
C VAL F 218 -15.23 4.73 -19.75
N LYS F 219 -14.90 3.54 -20.24
CA LYS F 219 -15.71 2.35 -19.99
C LYS F 219 -16.02 2.22 -18.51
N ARG F 220 -17.25 1.79 -18.20
CA ARG F 220 -17.70 1.66 -16.84
C ARG F 220 -16.90 0.73 -15.92
N ARG F 221 -16.29 -0.32 -16.48
CA ARG F 221 -15.52 -1.25 -15.66
C ARG F 221 -14.04 -0.87 -15.54
N ASP F 222 -13.65 0.23 -16.19
CA ASP F 222 -12.27 0.68 -16.15
C ASP F 222 -12.08 1.74 -15.07
N LEU F 223 -12.24 1.33 -13.81
CA LEU F 223 -12.10 2.23 -12.68
C LEU F 223 -10.71 2.83 -12.55
N GLU F 224 -9.70 2.09 -12.98
CA GLU F 224 -8.33 2.59 -12.92
C GLU F 224 -8.19 3.68 -13.97
N GLY F 225 -8.76 3.44 -15.15
CA GLY F 225 -8.67 4.42 -16.22
C GLY F 225 -9.45 5.67 -15.87
N LEU F 226 -10.58 5.50 -15.21
CA LEU F 226 -11.40 6.63 -14.81
C LEU F 226 -10.66 7.49 -13.79
N LYS F 227 -10.05 6.85 -12.80
CA LYS F 227 -9.30 7.57 -11.78
C LYS F 227 -8.10 8.27 -12.43
N TYR F 228 -7.52 7.65 -13.46
CA TYR F 228 -6.40 8.24 -14.17
C TYR F 228 -6.82 9.61 -14.70
N VAL F 229 -7.98 9.66 -15.33
CA VAL F 229 -8.48 10.92 -15.88
C VAL F 229 -8.65 11.97 -14.78
N THR F 230 -9.28 11.57 -13.68
CA THR F 230 -9.51 12.47 -12.56
C THR F 230 -8.20 13.02 -11.99
N SER F 231 -7.15 12.20 -12.01
CA SER F 231 -5.86 12.64 -11.48
C SER F 231 -5.07 13.50 -12.47
N GLN F 232 -5.40 13.37 -13.76
CA GLN F 232 -4.70 14.09 -14.81
C GLN F 232 -5.23 15.49 -15.13
N VAL F 233 -6.51 15.72 -14.82
CA VAL F 233 -7.10 17.02 -15.11
C VAL F 233 -7.78 17.66 -13.90
N ASN F 234 -8.00 18.97 -13.99
CA ASN F 234 -8.67 19.69 -12.91
C ASN F 234 -10.17 19.81 -13.18
N THR F 235 -10.57 19.52 -14.42
CA THR F 235 -11.98 19.58 -14.79
C THR F 235 -12.70 18.49 -14.01
N THR F 236 -13.82 18.85 -13.40
CA THR F 236 -14.61 17.92 -12.61
C THR F 236 -14.99 16.65 -13.38
N ILE F 237 -14.73 15.49 -12.77
CA ILE F 237 -15.03 14.21 -13.41
C ILE F 237 -16.17 13.52 -12.65
N MET F 238 -17.21 13.14 -13.37
CA MET F 238 -18.36 12.47 -12.76
C MET F 238 -18.54 11.04 -13.22
N ALA F 239 -18.81 10.15 -12.27
CA ALA F 239 -19.04 8.75 -12.61
C ALA F 239 -20.53 8.57 -12.85
N ASP F 240 -20.90 7.79 -13.85
CA ASP F 240 -22.30 7.53 -14.12
C ASP F 240 -22.46 6.02 -14.21
N GLU F 241 -22.21 5.45 -15.39
CA GLU F 241 -22.34 4.01 -15.56
C GLU F 241 -21.44 3.20 -14.63
N SER F 242 -20.39 3.84 -14.12
CA SER F 242 -19.47 3.14 -13.22
C SER F 242 -20.06 3.01 -11.81
N CYS F 243 -21.18 3.66 -11.57
CA CYS F 243 -21.79 3.59 -10.25
C CYS F 243 -23.31 3.38 -10.32
N PHE F 244 -23.75 2.18 -9.94
CA PHE F 244 -25.16 1.85 -9.95
C PHE F 244 -25.82 1.92 -8.57
N ASP F 245 -25.14 1.37 -7.56
CA ASP F 245 -25.70 1.35 -6.21
C ASP F 245 -24.76 1.80 -5.11
N ALA F 246 -25.24 1.71 -3.87
CA ALA F 246 -24.47 2.13 -2.70
C ALA F 246 -23.11 1.43 -2.59
N GLN F 247 -23.07 0.14 -2.90
CA GLN F 247 -21.81 -0.58 -2.82
C GLN F 247 -20.81 -0.03 -3.83
N ASP F 248 -21.29 0.31 -5.01
CA ASP F 248 -20.41 0.88 -6.03
C ASP F 248 -19.89 2.22 -5.55
N ALA F 249 -20.78 2.99 -4.95
CA ALA F 249 -20.43 4.30 -4.43
C ALA F 249 -19.35 4.17 -3.37
N LEU F 250 -19.54 3.26 -2.43
CA LEU F 250 -18.55 3.07 -1.38
C LEU F 250 -17.21 2.68 -1.98
N GLU F 251 -17.25 1.86 -3.03
CA GLU F 251 -16.03 1.43 -3.71
C GLU F 251 -15.32 2.63 -4.34
N LEU F 252 -16.10 3.51 -4.97
CA LEU F 252 -15.51 4.68 -5.61
C LEU F 252 -14.93 5.65 -4.60
N VAL F 253 -15.52 5.76 -3.42
CA VAL F 253 -14.99 6.66 -2.40
C VAL F 253 -13.68 6.09 -1.86
N LYS F 254 -13.66 4.78 -1.65
CA LYS F 254 -12.45 4.11 -1.14
C LYS F 254 -11.29 4.29 -2.11
N LYS F 255 -11.58 4.27 -3.40
CA LYS F 255 -10.55 4.43 -4.42
C LYS F 255 -10.30 5.86 -4.87
N GLY F 256 -11.19 6.79 -4.50
CA GLY F 256 -11.02 8.17 -4.89
C GLY F 256 -11.05 8.31 -6.40
N THR F 257 -11.92 7.52 -7.02
CA THR F 257 -12.07 7.47 -8.46
C THR F 257 -12.52 8.75 -9.16
N VAL F 258 -13.57 9.38 -8.62
CA VAL F 258 -14.14 10.58 -9.22
C VAL F 258 -14.42 11.72 -8.23
N ASP F 259 -14.96 12.83 -8.76
CA ASP F 259 -15.26 14.01 -7.95
C ASP F 259 -16.74 14.08 -7.58
N VAL F 260 -17.57 13.62 -8.49
CA VAL F 260 -19.03 13.65 -8.34
C VAL F 260 -19.63 12.35 -8.87
N ILE F 261 -20.84 12.02 -8.42
CA ILE F 261 -21.50 10.80 -8.86
C ILE F 261 -22.92 11.04 -9.33
N ASN F 262 -23.27 10.43 -10.46
CA ASN F 262 -24.60 10.53 -11.03
C ASN F 262 -25.48 9.46 -10.41
N ILE F 263 -26.60 9.87 -9.80
CA ILE F 263 -27.55 8.95 -9.19
C ILE F 263 -28.77 8.83 -10.08
N LYS F 264 -29.15 7.60 -10.41
CA LYS F 264 -30.35 7.35 -11.22
C LYS F 264 -31.21 6.33 -10.51
N LEU F 265 -32.47 6.66 -10.29
CA LEU F 265 -33.37 5.74 -9.62
C LEU F 265 -33.43 4.43 -10.41
N MET F 266 -33.33 4.52 -11.73
CA MET F 266 -33.37 3.32 -12.55
C MET F 266 -32.08 2.51 -12.51
N LYS F 267 -31.02 3.10 -11.97
CA LYS F 267 -29.75 2.38 -11.86
C LYS F 267 -29.65 1.69 -10.50
N CYS F 268 -30.08 2.39 -9.45
CA CYS F 268 -29.99 1.88 -8.09
C CYS F 268 -31.20 1.11 -7.56
N GLY F 269 -32.32 1.14 -8.29
CA GLY F 269 -33.48 0.40 -7.85
C GLY F 269 -34.44 1.15 -6.93
N GLY F 270 -34.45 2.47 -7.01
CA GLY F 270 -35.36 3.22 -6.17
C GLY F 270 -34.79 4.27 -5.25
N ILE F 271 -35.71 4.99 -4.62
CA ILE F 271 -35.38 6.07 -3.70
C ILE F 271 -34.61 5.57 -2.48
N HIS F 272 -35.01 4.40 -1.98
CA HIS F 272 -34.38 3.81 -0.82
C HIS F 272 -32.87 3.67 -1.01
N GLU F 273 -32.47 3.12 -2.15
CA GLU F 273 -31.06 2.92 -2.47
C GLU F 273 -30.39 4.25 -2.83
N ALA F 274 -31.13 5.13 -3.49
CA ALA F 274 -30.58 6.44 -3.86
C ALA F 274 -30.16 7.22 -2.63
N LEU F 275 -30.98 7.12 -1.58
CA LEU F 275 -30.69 7.82 -0.35
C LEU F 275 -29.37 7.32 0.24
N LYS F 276 -29.14 6.02 0.13
CA LYS F 276 -27.91 5.41 0.65
C LYS F 276 -26.70 5.93 -0.10
N ILE F 277 -26.80 5.98 -1.42
CA ILE F 277 -25.71 6.46 -2.24
C ILE F 277 -25.36 7.90 -1.86
N ASN F 278 -26.38 8.74 -1.80
CA ASN F 278 -26.17 10.14 -1.46
C ASN F 278 -25.53 10.31 -0.08
N GLN F 279 -25.96 9.50 0.88
CA GLN F 279 -25.41 9.59 2.22
C GLN F 279 -23.94 9.21 2.22
N ILE F 280 -23.60 8.15 1.49
CA ILE F 280 -22.21 7.69 1.39
C ILE F 280 -21.36 8.77 0.75
N CYS F 281 -21.86 9.35 -0.34
CA CYS F 281 -21.13 10.40 -1.05
C CYS F 281 -20.96 11.64 -0.20
N GLU F 282 -22.05 12.06 0.45
CA GLU F 282 -22.00 13.25 1.29
C GLU F 282 -20.93 13.13 2.37
N THR F 283 -20.89 11.98 3.04
CA THR F 283 -19.93 11.74 4.10
C THR F 283 -18.50 11.74 3.56
N ALA F 284 -18.35 11.39 2.29
CA ALA F 284 -17.04 11.35 1.65
C ALA F 284 -16.69 12.68 0.98
N GLY F 285 -17.61 13.64 1.06
CA GLY F 285 -17.37 14.94 0.46
C GLY F 285 -17.57 14.96 -1.04
N ILE F 286 -18.38 14.03 -1.53
CA ILE F 286 -18.66 13.92 -2.96
C ILE F 286 -20.11 14.35 -3.20
N GLU F 287 -20.30 15.36 -4.05
CA GLU F 287 -21.66 15.83 -4.36
C GLU F 287 -22.25 14.91 -5.41
N CYS F 288 -23.58 14.89 -5.51
CA CYS F 288 -24.24 14.03 -6.47
C CYS F 288 -25.13 14.80 -7.42
N MET F 289 -25.37 14.22 -8.59
CA MET F 289 -26.27 14.82 -9.56
C MET F 289 -27.35 13.77 -9.81
N ILE F 290 -28.60 14.19 -9.76
CA ILE F 290 -29.70 13.28 -10.03
C ILE F 290 -29.86 13.23 -11.55
N GLY F 291 -29.96 12.02 -12.09
CA GLY F 291 -30.10 11.88 -13.54
C GLY F 291 -31.33 11.08 -13.90
N CYS F 292 -31.41 10.63 -15.16
CA CYS F 292 -32.58 9.88 -15.60
C CYS F 292 -32.31 9.12 -16.90
N MET F 293 -33.21 8.20 -17.22
CA MET F 293 -33.14 7.42 -18.46
C MET F 293 -34.12 8.08 -19.40
N ALA F 294 -33.87 7.99 -20.71
CA ALA F 294 -34.79 8.59 -21.67
C ALA F 294 -36.09 7.80 -21.70
N GLU F 295 -36.06 6.58 -21.18
CA GLU F 295 -37.23 5.72 -21.16
C GLU F 295 -38.25 6.03 -20.06
N GLU F 296 -37.90 6.88 -19.10
CA GLU F 296 -38.88 7.17 -18.06
C GLU F 296 -39.70 8.41 -18.39
N THR F 297 -40.86 8.51 -17.73
CA THR F 297 -41.76 9.60 -17.97
C THR F 297 -42.04 10.42 -16.72
N THR F 298 -43.24 10.98 -16.67
CA THR F 298 -43.66 11.81 -15.56
C THR F 298 -43.44 11.21 -14.18
N ILE F 299 -43.82 9.95 -13.99
CA ILE F 299 -43.67 9.29 -12.69
C ILE F 299 -42.25 9.21 -12.18
N GLY F 300 -41.35 8.67 -13.00
CA GLY F 300 -39.96 8.54 -12.58
C GLY F 300 -39.29 9.88 -12.38
N ILE F 301 -39.56 10.83 -13.26
CA ILE F 301 -38.95 12.15 -13.16
C ILE F 301 -39.46 12.91 -11.96
N THR F 302 -40.75 12.76 -11.65
CA THR F 302 -41.32 13.45 -10.51
C THR F 302 -40.72 12.89 -9.21
N ALA F 303 -40.54 11.57 -9.16
CA ALA F 303 -39.96 10.95 -7.97
C ALA F 303 -38.53 11.45 -7.77
N ALA F 304 -37.75 11.50 -8.85
CA ALA F 304 -36.37 11.97 -8.80
C ALA F 304 -36.31 13.46 -8.41
N ALA F 305 -37.28 14.24 -8.85
CA ALA F 305 -37.29 15.67 -8.53
C ALA F 305 -37.54 15.89 -7.03
N HIS F 306 -38.44 15.12 -6.44
CA HIS F 306 -38.71 15.27 -5.00
C HIS F 306 -37.44 14.89 -4.24
N LEU F 307 -36.79 13.82 -4.68
CA LEU F 307 -35.56 13.38 -4.02
C LEU F 307 -34.47 14.45 -4.11
N ALA F 308 -34.24 14.95 -5.32
CA ALA F 308 -33.22 15.98 -5.53
C ALA F 308 -33.50 17.25 -4.73
N ALA F 309 -34.75 17.71 -4.72
CA ALA F 309 -35.07 18.92 -3.96
C ALA F 309 -34.85 18.67 -2.46
N ALA F 310 -35.20 17.47 -2.01
CA ALA F 310 -35.09 17.11 -0.60
C ALA F 310 -33.68 17.04 -0.02
N GLN F 311 -32.72 16.65 -0.85
CA GLN F 311 -31.35 16.46 -0.39
C GLN F 311 -30.33 17.52 -0.81
N LYS F 312 -29.72 18.13 0.19
CA LYS F 312 -28.73 19.17 -0.03
C LYS F 312 -27.51 18.72 -0.84
N ASN F 313 -27.10 17.46 -0.67
CA ASN F 313 -25.92 16.97 -1.38
C ASN F 313 -26.17 16.65 -2.85
N ILE F 314 -27.43 16.61 -3.25
CA ILE F 314 -27.74 16.38 -4.67
C ILE F 314 -27.79 17.81 -5.17
N THR F 315 -26.63 18.30 -5.60
CA THR F 315 -26.46 19.67 -6.05
C THR F 315 -26.69 19.99 -7.51
N ARG F 316 -26.80 18.96 -8.35
CA ARG F 316 -27.05 19.16 -9.77
C ARG F 316 -28.21 18.28 -10.21
N ALA F 317 -28.82 18.61 -11.33
CA ALA F 317 -29.96 17.82 -11.83
C ALA F 317 -30.00 17.74 -13.35
N ASP F 318 -30.23 16.52 -13.83
CA ASP F 318 -30.35 16.25 -15.27
C ASP F 318 -31.61 15.42 -15.41
N LEU F 319 -32.75 16.10 -15.28
CA LEU F 319 -34.07 15.47 -15.35
C LEU F 319 -34.84 16.07 -16.52
N ASP F 320 -34.51 15.63 -17.73
CA ASP F 320 -35.13 16.15 -18.96
C ASP F 320 -35.89 15.13 -19.80
N ALA F 321 -36.13 13.94 -19.25
CA ALA F 321 -36.83 12.88 -19.97
C ALA F 321 -38.24 13.24 -20.45
N THR F 322 -38.96 14.08 -19.71
CA THR F 322 -40.33 14.44 -20.10
C THR F 322 -40.41 15.44 -21.26
N PHE F 323 -39.31 16.14 -21.53
CA PHE F 323 -39.28 17.15 -22.59
C PHE F 323 -39.55 16.63 -23.99
N GLY F 324 -39.13 15.41 -24.27
CA GLY F 324 -39.32 14.84 -25.60
C GLY F 324 -40.53 13.94 -25.77
N LEU F 325 -41.28 13.73 -24.70
CA LEU F 325 -42.46 12.87 -24.76
C LEU F 325 -43.57 13.57 -25.54
N GLU F 326 -44.32 12.81 -26.33
CA GLU F 326 -45.42 13.41 -27.07
C GLU F 326 -46.59 13.58 -26.12
N THR F 327 -46.66 12.72 -25.11
CA THR F 327 -47.72 12.75 -24.12
C THR F 327 -47.27 12.32 -22.72
N ALA F 328 -48.13 12.58 -21.74
CA ALA F 328 -47.87 12.21 -20.35
C ALA F 328 -48.88 11.11 -20.04
N PRO F 329 -48.42 10.01 -19.41
CA PRO F 329 -49.29 8.88 -19.07
C PRO F 329 -50.16 9.08 -17.84
N VAL F 330 -49.96 10.19 -17.14
CA VAL F 330 -50.71 10.48 -15.93
C VAL F 330 -50.85 11.98 -15.73
N THR F 331 -51.68 12.38 -14.76
CA THR F 331 -51.90 13.79 -14.47
C THR F 331 -51.09 14.23 -13.25
N GLY F 332 -50.58 15.47 -13.28
CA GLY F 332 -49.80 15.97 -12.17
C GLY F 332 -48.30 15.70 -12.33
N GLY F 333 -47.52 16.19 -11.37
CA GLY F 333 -46.07 16.00 -11.41
C GLY F 333 -45.36 16.89 -12.41
N VAL F 334 -44.10 16.55 -12.67
CA VAL F 334 -43.27 17.31 -13.60
C VAL F 334 -43.92 17.29 -14.98
N SER F 335 -44.15 18.47 -15.56
CA SER F 335 -44.80 18.54 -16.87
C SER F 335 -43.88 18.22 -18.04
N LEU F 336 -44.49 18.17 -19.21
CA LEU F 336 -43.79 17.87 -20.45
C LEU F 336 -43.03 19.09 -20.97
N GLU F 337 -43.35 20.26 -20.42
CA GLU F 337 -42.71 21.48 -20.86
C GLU F 337 -41.20 21.53 -20.65
N ALA F 338 -40.48 21.86 -21.71
CA ALA F 338 -39.03 21.98 -21.63
C ALA F 338 -38.73 23.30 -20.93
N LYS F 339 -38.47 23.21 -19.62
CA LYS F 339 -38.17 24.38 -18.80
C LYS F 339 -37.18 23.94 -17.73
N PRO F 340 -36.25 24.83 -17.33
CA PRO F 340 -35.25 24.49 -16.32
C PRO F 340 -35.74 24.36 -14.89
N LEU F 341 -36.79 25.10 -14.54
CA LEU F 341 -37.30 25.04 -13.18
C LEU F 341 -38.37 23.98 -12.98
N LEU F 342 -38.12 23.08 -12.03
CA LEU F 342 -39.09 22.04 -11.72
C LEU F 342 -39.53 22.35 -10.29
N GLU F 343 -40.72 22.94 -10.17
CA GLU F 343 -41.24 23.30 -8.86
C GLU F 343 -42.20 22.23 -8.38
N LEU F 344 -42.04 21.81 -7.13
CA LEU F 344 -42.90 20.79 -6.56
C LEU F 344 -44.00 21.49 -5.75
N GLY F 345 -45.23 21.02 -5.92
CA GLY F 345 -46.33 21.62 -5.19
C GLY F 345 -46.50 20.99 -3.81
N GLU F 346 -47.61 21.31 -3.15
CA GLU F 346 -47.86 20.79 -1.81
C GLU F 346 -48.71 19.52 -1.77
N ALA F 347 -48.95 18.91 -2.93
CA ALA F 347 -49.74 17.69 -2.98
C ALA F 347 -48.99 16.59 -2.22
N ALA F 348 -49.75 15.69 -1.59
CA ALA F 348 -49.13 14.60 -0.82
C ALA F 348 -48.45 13.61 -1.75
N GLY F 349 -47.39 12.97 -1.26
CA GLY F 349 -46.68 12.00 -2.08
C GLY F 349 -46.12 12.61 -3.35
N LEU F 350 -46.28 11.90 -4.45
CA LEU F 350 -45.79 12.37 -5.73
C LEU F 350 -46.64 13.53 -6.26
N GLY F 351 -47.93 13.50 -5.94
CA GLY F 351 -48.84 14.54 -6.41
C GLY F 351 -49.30 14.16 -7.80
N ILE F 352 -49.54 12.85 -7.97
CA ILE F 352 -49.95 12.31 -9.26
C ILE F 352 -51.24 11.49 -9.16
N SER F 353 -52.04 11.52 -10.22
CA SER F 353 -53.29 10.76 -10.26
C SER F 353 -53.71 10.49 -11.70
N MET G 1 47.13 -8.45 -19.41
CA MET G 1 46.68 -9.75 -19.99
C MET G 1 45.67 -9.47 -21.13
N LYS G 2 45.79 -10.22 -22.22
CA LYS G 2 44.89 -10.03 -23.36
C LYS G 2 44.43 -11.33 -23.98
N ILE G 3 43.13 -11.42 -24.22
CA ILE G 3 42.54 -12.61 -24.82
C ILE G 3 42.99 -12.69 -26.27
N LYS G 4 43.57 -13.83 -26.64
CA LYS G 4 44.05 -14.01 -28.01
C LYS G 4 43.08 -14.85 -28.81
N GLN G 5 42.57 -15.92 -28.21
CA GLN G 5 41.64 -16.80 -28.88
C GLN G 5 40.74 -17.54 -27.90
N VAL G 6 39.53 -17.86 -28.35
CA VAL G 6 38.58 -18.58 -27.53
C VAL G 6 38.20 -19.88 -28.21
N HIS G 7 38.44 -21.00 -27.54
CA HIS G 7 38.12 -22.30 -28.11
C HIS G 7 36.94 -22.90 -27.37
N VAL G 8 36.16 -23.72 -28.06
CA VAL G 8 35.01 -24.36 -27.46
C VAL G 8 34.76 -25.71 -28.11
N ARG G 9 34.40 -26.69 -27.29
CA ARG G 9 34.11 -28.02 -27.80
C ARG G 9 32.95 -28.62 -27.04
N ALA G 10 32.29 -29.59 -27.65
CA ALA G 10 31.16 -30.25 -27.03
C ALA G 10 31.65 -31.40 -26.16
N SER G 11 30.93 -31.64 -25.07
CA SER G 11 31.28 -32.72 -24.16
C SER G 11 30.00 -33.44 -23.76
N LYS G 12 29.94 -34.73 -24.04
CA LYS G 12 28.78 -35.54 -23.70
C LYS G 12 29.25 -36.70 -22.84
N ILE G 13 28.88 -36.66 -21.57
CA ILE G 13 29.29 -37.70 -20.63
C ILE G 13 28.07 -38.40 -20.04
N LYS G 14 27.91 -39.68 -20.41
CA LYS G 14 26.78 -40.46 -19.91
C LYS G 14 26.79 -40.53 -18.39
N LEU G 15 25.61 -40.55 -17.80
CA LEU G 15 25.50 -40.63 -16.35
C LEU G 15 25.40 -42.09 -15.91
N LYS G 16 25.94 -42.40 -14.74
CA LYS G 16 25.90 -43.76 -14.22
C LYS G 16 24.45 -44.21 -14.01
N GLU G 17 23.58 -43.25 -13.68
CA GLU G 17 22.17 -43.53 -13.45
C GLU G 17 21.33 -42.42 -14.03
N THR G 18 20.10 -42.74 -14.45
CA THR G 18 19.21 -41.73 -14.97
C THR G 18 18.55 -41.06 -13.76
N PHE G 19 18.51 -39.74 -13.74
CA PHE G 19 17.90 -39.01 -12.64
C PHE G 19 16.59 -38.40 -13.07
N THR G 20 15.59 -38.50 -12.20
CA THR G 20 14.27 -37.96 -12.49
C THR G 20 13.80 -36.91 -11.49
N ILE G 21 13.32 -35.79 -12.01
CA ILE G 21 12.79 -34.71 -11.19
C ILE G 21 11.44 -34.37 -11.79
N ALA G 22 10.65 -33.58 -11.08
CA ALA G 22 9.32 -33.20 -11.55
C ALA G 22 9.31 -32.64 -12.98
N LEU G 23 10.39 -31.99 -13.39
CA LEU G 23 10.46 -31.39 -14.72
C LEU G 23 10.88 -32.36 -15.83
N GLY G 24 11.42 -33.50 -15.44
CA GLY G 24 11.84 -34.47 -16.44
C GLY G 24 12.98 -35.35 -15.97
N THR G 25 13.64 -36.00 -16.93
CA THR G 25 14.74 -36.90 -16.61
C THR G 25 15.97 -36.59 -17.46
N ILE G 26 17.14 -36.93 -16.93
CA ILE G 26 18.39 -36.72 -17.65
C ILE G 26 19.21 -37.99 -17.58
N GLU G 27 19.84 -38.36 -18.70
CA GLU G 27 20.66 -39.56 -18.75
C GLU G 27 22.10 -39.26 -19.12
N SER G 28 22.35 -38.05 -19.58
CA SER G 28 23.70 -37.67 -19.99
C SER G 28 23.99 -36.20 -19.72
N ALA G 29 25.23 -35.91 -19.32
CA ALA G 29 25.65 -34.55 -19.04
C ALA G 29 26.34 -33.99 -20.27
N ASP G 30 25.62 -33.19 -21.05
CA ASP G 30 26.18 -32.60 -22.25
C ASP G 30 26.40 -31.12 -22.01
N SER G 31 27.65 -30.69 -22.13
CA SER G 31 27.99 -29.29 -21.90
C SER G 31 29.04 -28.79 -22.88
N ALA G 32 29.21 -27.47 -22.91
CA ALA G 32 30.20 -26.84 -23.77
C ALA G 32 31.40 -26.49 -22.91
N ILE G 33 32.57 -26.94 -23.34
CA ILE G 33 33.80 -26.66 -22.60
C ILE G 33 34.60 -25.59 -23.35
N VAL G 34 34.93 -24.52 -22.63
CA VAL G 34 35.67 -23.41 -23.22
C VAL G 34 37.09 -23.26 -22.70
N GLU G 35 37.98 -22.82 -23.60
CA GLU G 35 39.37 -22.57 -23.25
C GLU G 35 39.73 -21.19 -23.77
N ILE G 36 39.85 -20.21 -22.88
CA ILE G 36 40.23 -18.89 -23.30
C ILE G 36 41.74 -18.76 -23.23
N GLU G 37 42.35 -18.59 -24.40
CA GLU G 37 43.80 -18.47 -24.52
C GLU G 37 44.24 -17.01 -24.61
N THR G 38 45.19 -16.63 -23.76
CA THR G 38 45.70 -15.27 -23.74
C THR G 38 46.95 -15.17 -24.61
N GLU G 39 47.35 -13.95 -24.93
CA GLU G 39 48.52 -13.71 -25.76
C GLU G 39 49.80 -14.26 -25.13
N GLU G 40 49.90 -14.20 -23.81
CA GLU G 40 51.08 -14.69 -23.11
C GLU G 40 51.15 -16.21 -23.06
N GLY G 41 50.01 -16.88 -23.26
CA GLY G 41 49.99 -18.32 -23.24
C GLY G 41 49.09 -18.95 -22.20
N LEU G 42 48.67 -18.17 -21.20
CA LEU G 42 47.80 -18.71 -20.16
C LEU G 42 46.45 -19.09 -20.73
N VAL G 43 45.87 -20.19 -20.24
CA VAL G 43 44.57 -20.65 -20.69
C VAL G 43 43.64 -20.86 -19.50
N GLY G 44 42.40 -20.40 -19.67
CA GLY G 44 41.42 -20.56 -18.61
C GLY G 44 40.32 -21.48 -19.10
N TYR G 45 39.82 -22.33 -18.22
CA TYR G 45 38.76 -23.26 -18.56
C TYR G 45 37.40 -22.75 -18.09
N GLY G 46 36.41 -22.94 -18.95
CA GLY G 46 35.05 -22.53 -18.62
C GLY G 46 34.09 -23.58 -19.10
N GLU G 47 32.87 -23.57 -18.57
CA GLU G 47 31.89 -24.56 -18.97
C GLU G 47 30.47 -24.01 -18.97
N GLY G 48 29.69 -24.49 -19.93
CA GLY G 48 28.30 -24.09 -20.03
C GLY G 48 27.47 -25.35 -20.12
N GLY G 49 26.75 -25.67 -19.04
CA GLY G 49 25.91 -26.86 -19.03
C GLY G 49 24.45 -26.48 -19.06
N PRO G 50 23.86 -26.35 -20.25
CA PRO G 50 22.45 -25.97 -20.42
C PRO G 50 21.42 -27.05 -20.10
N GLY G 51 20.49 -26.72 -19.22
CA GLY G 51 19.43 -27.64 -18.86
C GLY G 51 18.20 -27.14 -19.57
N ILE G 52 17.78 -27.85 -20.62
CA ILE G 52 16.63 -27.44 -21.42
C ILE G 52 15.32 -27.23 -20.65
N PHE G 53 15.00 -28.10 -19.70
CA PHE G 53 13.76 -27.91 -18.95
C PHE G 53 13.89 -26.92 -17.80
N ILE G 54 15.00 -26.20 -17.76
CA ILE G 54 15.21 -25.18 -16.72
C ILE G 54 15.32 -23.81 -17.37
N THR G 55 16.20 -23.67 -18.36
CA THR G 55 16.38 -22.39 -19.04
C THR G 55 15.99 -22.44 -20.52
N GLY G 56 15.79 -23.65 -21.03
CA GLY G 56 15.44 -23.78 -22.43
C GLY G 56 16.66 -23.82 -23.33
N GLU G 57 17.84 -23.63 -22.76
CA GLU G 57 19.08 -23.65 -23.55
C GLU G 57 19.44 -25.07 -24.00
N THR G 58 20.04 -25.16 -25.18
CA THR G 58 20.47 -26.44 -25.75
C THR G 58 21.96 -26.40 -26.01
N LEU G 59 22.57 -27.57 -26.20
CA LEU G 59 24.00 -27.63 -26.46
C LEU G 59 24.35 -26.88 -27.75
N ALA G 60 23.58 -27.13 -28.81
CA ALA G 60 23.80 -26.48 -30.10
C ALA G 60 23.71 -24.96 -29.98
N GLY G 61 22.68 -24.49 -29.29
CA GLY G 61 22.51 -23.06 -29.13
C GLY G 61 23.62 -22.45 -28.30
N THR G 62 24.01 -23.16 -27.23
CA THR G 62 25.07 -22.67 -26.36
C THR G 62 26.40 -22.61 -27.11
N LEU G 63 26.70 -23.65 -27.87
CA LEU G 63 27.95 -23.71 -28.65
C LEU G 63 28.01 -22.55 -29.64
N GLU G 64 26.91 -22.31 -30.34
CA GLU G 64 26.86 -21.23 -31.32
C GLU G 64 27.05 -19.87 -30.65
N THR G 65 26.36 -19.67 -29.52
CA THR G 65 26.46 -18.40 -28.81
C THR G 65 27.88 -18.16 -28.28
N ILE G 66 28.51 -19.21 -27.76
CA ILE G 66 29.86 -19.07 -27.23
C ILE G 66 30.82 -18.65 -28.34
N GLU G 67 30.65 -19.21 -29.53
CA GLU G 67 31.52 -18.84 -30.65
C GLU G 67 31.39 -17.35 -30.94
N LEU G 68 30.16 -16.84 -30.87
CA LEU G 68 29.93 -15.43 -31.13
C LEU G 68 30.63 -14.58 -30.07
N PHE G 69 30.51 -15.00 -28.81
CA PHE G 69 31.13 -14.28 -27.70
C PHE G 69 32.66 -14.28 -27.87
N GLY G 70 33.22 -15.47 -28.03
CA GLY G 70 34.65 -15.63 -28.18
C GLY G 70 35.29 -14.65 -29.15
N GLN G 71 34.72 -14.53 -30.34
CA GLN G 71 35.28 -13.62 -31.35
C GLN G 71 35.14 -12.16 -30.92
N ALA G 72 34.06 -11.86 -30.21
CA ALA G 72 33.81 -10.50 -29.75
C ALA G 72 34.72 -10.02 -28.63
N ILE G 73 35.24 -10.95 -27.83
CA ILE G 73 36.10 -10.57 -26.71
C ILE G 73 37.61 -10.65 -26.95
N ILE G 74 38.03 -10.85 -28.20
CA ILE G 74 39.45 -10.90 -28.49
C ILE G 74 40.08 -9.54 -28.24
N GLY G 75 41.19 -9.53 -27.51
CA GLY G 75 41.87 -8.28 -27.22
C GLY G 75 41.57 -7.70 -25.85
N LEU G 76 40.50 -8.18 -25.22
CA LEU G 76 40.12 -7.69 -23.90
C LEU G 76 40.90 -8.39 -22.78
N ASN G 77 41.02 -7.72 -21.65
CA ASN G 77 41.72 -8.25 -20.49
C ASN G 77 40.68 -9.04 -19.69
N PRO G 78 40.96 -10.32 -19.38
CA PRO G 78 39.98 -11.09 -18.61
C PRO G 78 39.58 -10.45 -17.28
N PHE G 79 40.44 -9.56 -16.76
CA PHE G 79 40.15 -8.87 -15.50
C PHE G 79 39.03 -7.85 -15.66
N ASN G 80 38.79 -7.42 -16.89
CA ASN G 80 37.75 -6.44 -17.18
C ASN G 80 36.46 -7.22 -17.33
N ILE G 81 36.04 -7.86 -16.24
CA ILE G 81 34.85 -8.70 -16.24
C ILE G 81 33.55 -7.98 -16.58
N GLU G 82 33.42 -6.71 -16.21
CA GLU G 82 32.20 -5.98 -16.53
C GLU G 82 32.10 -5.70 -18.04
N LYS G 83 33.23 -5.41 -18.68
CA LYS G 83 33.23 -5.15 -20.12
C LYS G 83 32.94 -6.44 -20.88
N ILE G 84 33.51 -7.55 -20.40
CA ILE G 84 33.29 -8.85 -21.01
C ILE G 84 31.77 -9.16 -21.00
N HIS G 85 31.12 -8.92 -19.86
CA HIS G 85 29.69 -9.18 -19.78
C HIS G 85 28.90 -8.19 -20.63
N GLU G 86 29.39 -6.96 -20.69
CA GLU G 86 28.75 -5.90 -21.47
C GLU G 86 28.72 -6.32 -22.95
N VAL G 87 29.84 -6.85 -23.44
CA VAL G 87 29.93 -7.30 -24.81
C VAL G 87 28.98 -8.48 -25.07
N MET G 88 28.95 -9.43 -24.13
CA MET G 88 28.09 -10.60 -24.26
C MET G 88 26.60 -10.23 -24.19
N ASP G 89 26.25 -9.30 -23.31
CA ASP G 89 24.87 -8.88 -23.18
C ASP G 89 24.38 -8.14 -24.42
N LYS G 90 25.29 -7.46 -25.11
CA LYS G 90 24.94 -6.73 -26.32
C LYS G 90 24.66 -7.72 -27.45
N ILE G 91 25.40 -8.82 -27.46
CA ILE G 91 25.24 -9.86 -28.47
C ILE G 91 24.01 -10.75 -28.24
N SER G 92 23.78 -11.14 -26.99
CA SER G 92 22.66 -12.02 -26.67
C SER G 92 21.79 -11.52 -25.52
N ALA G 93 20.49 -11.50 -25.76
CA ALA G 93 19.53 -11.05 -24.76
C ALA G 93 19.35 -12.07 -23.64
N PHE G 94 19.72 -13.33 -23.91
CA PHE G 94 19.57 -14.39 -22.92
C PHE G 94 20.34 -15.66 -23.29
N ALA G 95 21.38 -15.97 -22.51
CA ALA G 95 22.20 -17.16 -22.73
C ALA G 95 23.14 -17.32 -21.54
N PRO G 96 22.58 -17.54 -20.33
CA PRO G 96 23.36 -17.69 -19.11
C PRO G 96 24.41 -18.79 -19.14
N ALA G 97 24.10 -19.92 -19.78
CA ALA G 97 25.06 -21.02 -19.85
C ALA G 97 26.28 -20.59 -20.67
N ALA G 98 26.02 -19.98 -21.82
CA ALA G 98 27.08 -19.50 -22.70
C ALA G 98 27.89 -18.40 -22.03
N LYS G 99 27.21 -17.51 -21.32
CA LYS G 99 27.88 -16.40 -20.64
C LYS G 99 28.69 -16.92 -19.47
N ALA G 100 28.16 -17.90 -18.76
CA ALA G 100 28.85 -18.50 -17.62
C ALA G 100 30.14 -19.17 -18.08
N ALA G 101 30.10 -19.82 -19.25
CA ALA G 101 31.29 -20.50 -19.77
C ALA G 101 32.44 -19.50 -19.94
N ILE G 102 32.15 -18.37 -20.56
CA ILE G 102 33.16 -17.34 -20.78
C ILE G 102 33.61 -16.75 -19.44
N ASP G 103 32.64 -16.42 -18.60
CA ASP G 103 32.87 -15.85 -17.28
C ASP G 103 33.80 -16.72 -16.42
N ILE G 104 33.47 -17.99 -16.29
CA ILE G 104 34.28 -18.90 -15.48
C ILE G 104 35.73 -18.96 -15.98
N ALA G 105 35.91 -19.03 -17.29
CA ALA G 105 37.26 -19.08 -17.86
C ALA G 105 38.03 -17.81 -17.51
N CYS G 106 37.33 -16.67 -17.52
CA CYS G 106 38.00 -15.43 -17.19
C CYS G 106 38.47 -15.43 -15.75
N TYR G 107 37.63 -15.88 -14.83
CA TYR G 107 38.04 -15.92 -13.43
C TYR G 107 39.20 -16.89 -13.22
N ASP G 108 39.20 -17.99 -13.98
CA ASP G 108 40.29 -18.96 -13.88
C ASP G 108 41.58 -18.25 -14.25
N LEU G 109 41.54 -17.47 -15.33
CA LEU G 109 42.70 -16.71 -15.78
C LEU G 109 43.10 -15.65 -14.75
N MET G 110 42.11 -15.00 -14.14
CA MET G 110 42.40 -13.99 -13.14
C MET G 110 43.17 -14.62 -11.98
N GLY G 111 42.70 -15.78 -11.53
CA GLY G 111 43.35 -16.46 -10.43
C GLY G 111 44.77 -16.87 -10.79
N GLN G 112 44.95 -17.36 -12.00
CA GLN G 112 46.27 -17.78 -12.46
C GLN G 112 47.23 -16.60 -12.54
N LYS G 113 46.77 -15.49 -13.10
CA LYS G 113 47.61 -14.31 -13.22
C LYS G 113 48.04 -13.81 -11.85
N ALA G 114 47.09 -13.80 -10.91
CA ALA G 114 47.36 -13.33 -9.56
C ALA G 114 48.05 -14.39 -8.69
N GLN G 115 48.14 -15.61 -9.21
CA GLN G 115 48.75 -16.73 -8.48
C GLN G 115 48.02 -16.93 -7.15
N LEU G 116 46.70 -16.95 -7.24
CA LEU G 116 45.82 -17.14 -6.09
C LEU G 116 44.73 -18.15 -6.39
N PRO G 117 44.37 -18.99 -5.40
CA PRO G 117 43.30 -19.97 -5.64
C PRO G 117 42.08 -19.10 -5.88
N LEU G 118 41.14 -19.54 -6.72
CA LEU G 118 39.96 -18.73 -6.99
C LEU G 118 39.18 -18.39 -5.72
N TYR G 119 39.07 -19.34 -4.81
CA TYR G 119 38.31 -19.10 -3.58
C TYR G 119 38.88 -17.92 -2.77
N GLN G 120 40.18 -17.67 -2.91
CA GLN G 120 40.81 -16.55 -2.20
C GLN G 120 40.47 -15.25 -2.92
N LEU G 121 40.50 -15.29 -4.25
CA LEU G 121 40.21 -14.12 -5.05
C LEU G 121 38.75 -13.70 -4.87
N LEU G 122 37.87 -14.68 -4.68
CA LEU G 122 36.44 -14.39 -4.56
C LEU G 122 35.89 -14.06 -3.17
N GLY G 123 36.72 -14.11 -2.14
CA GLY G 123 36.24 -13.80 -0.81
C GLY G 123 37.07 -14.35 0.34
N GLY G 124 37.60 -15.56 0.13
CA GLY G 124 38.47 -16.20 1.11
C GLY G 124 37.93 -16.55 2.48
N TYR G 125 36.62 -16.71 2.62
CA TYR G 125 36.05 -17.03 3.92
C TYR G 125 36.40 -18.45 4.39
N ASP G 126 36.54 -19.36 3.43
CA ASP G 126 36.88 -20.75 3.75
C ASP G 126 37.53 -21.37 2.51
N ASN G 127 38.03 -22.60 2.64
CA ASN G 127 38.67 -23.27 1.51
C ASN G 127 38.05 -24.64 1.26
N GLN G 128 36.81 -24.80 1.68
CA GLN G 128 36.10 -26.05 1.50
C GLN G 128 34.61 -25.82 1.64
N VAL G 129 33.84 -26.79 1.17
CA VAL G 129 32.40 -26.73 1.29
C VAL G 129 31.88 -28.15 1.44
N ILE G 130 30.79 -28.28 2.17
CA ILE G 130 30.15 -29.57 2.36
C ILE G 130 28.87 -29.53 1.54
N THR G 131 28.69 -30.52 0.69
CA THR G 131 27.50 -30.58 -0.15
C THR G 131 26.57 -31.70 0.23
N ASP G 132 25.30 -31.55 -0.16
CA ASP G 132 24.32 -32.59 0.09
C ASP G 132 24.44 -33.47 -1.13
N ILE G 133 23.54 -34.43 -1.26
CA ILE G 133 23.50 -35.28 -2.42
C ILE G 133 22.02 -35.40 -2.73
N THR G 134 21.69 -35.42 -4.01
CA THR G 134 20.30 -35.50 -4.45
C THR G 134 19.81 -36.94 -4.66
N LEU G 135 18.55 -37.16 -4.31
CA LEU G 135 17.90 -38.46 -4.49
C LEU G 135 16.80 -38.20 -5.52
N GLY G 136 16.93 -38.81 -6.70
CA GLY G 136 15.95 -38.62 -7.74
C GLY G 136 14.61 -39.24 -7.39
N ILE G 137 13.56 -38.80 -8.09
CA ILE G 137 12.22 -39.31 -7.84
C ILE G 137 12.11 -40.81 -8.12
N ASP G 138 11.54 -41.54 -7.16
CA ASP G 138 11.35 -42.97 -7.32
C ASP G 138 10.36 -43.44 -6.25
N GLU G 139 10.11 -44.75 -6.21
CA GLU G 139 9.18 -45.28 -5.23
C GLU G 139 9.72 -45.02 -3.82
N PRO G 140 8.81 -44.82 -2.85
CA PRO G 140 9.18 -44.56 -1.46
C PRO G 140 10.28 -45.46 -0.91
N ASN G 141 10.12 -46.77 -1.08
CA ASN G 141 11.11 -47.72 -0.58
C ASN G 141 12.43 -47.67 -1.36
N VAL G 142 12.35 -47.39 -2.67
CA VAL G 142 13.55 -47.30 -3.48
C VAL G 142 14.38 -46.09 -3.08
N MET G 143 13.72 -44.96 -2.84
CA MET G 143 14.41 -43.74 -2.43
C MET G 143 14.95 -43.92 -1.01
N ALA G 144 14.18 -44.59 -0.16
CA ALA G 144 14.56 -44.82 1.22
C ALA G 144 15.82 -45.67 1.30
N GLN G 145 15.93 -46.66 0.42
CA GLN G 145 17.09 -47.53 0.41
C GLN G 145 18.31 -46.74 -0.03
N LYS G 146 18.12 -45.91 -1.06
CA LYS G 146 19.21 -45.07 -1.58
C LYS G 146 19.68 -44.10 -0.50
N ALA G 147 18.74 -43.57 0.28
CA ALA G 147 19.08 -42.64 1.34
C ALA G 147 20.07 -43.32 2.29
N VAL G 148 19.77 -44.54 2.68
CA VAL G 148 20.63 -45.31 3.58
C VAL G 148 22.01 -45.50 2.94
N GLU G 149 22.03 -45.80 1.66
CA GLU G 149 23.28 -46.00 0.94
C GLU G 149 24.14 -44.74 0.98
N LYS G 150 23.52 -43.60 0.72
CA LYS G 150 24.25 -42.34 0.72
C LYS G 150 24.72 -41.95 2.12
N VAL G 151 23.89 -42.24 3.13
CA VAL G 151 24.28 -41.93 4.50
C VAL G 151 25.56 -42.70 4.81
N LYS G 152 25.68 -43.90 4.25
CA LYS G 152 26.85 -44.73 4.47
C LYS G 152 28.09 -44.07 3.86
N LEU G 153 27.88 -43.24 2.84
CA LEU G 153 28.97 -42.55 2.17
C LEU G 153 29.46 -41.33 2.93
N GLY G 154 28.80 -41.01 4.04
CA GLY G 154 29.21 -39.87 4.84
C GLY G 154 28.35 -38.63 4.69
N PHE G 155 27.31 -38.70 3.88
CA PHE G 155 26.42 -37.57 3.67
C PHE G 155 25.49 -37.41 4.87
N ASP G 156 25.42 -36.20 5.40
CA ASP G 156 24.56 -35.91 6.53
C ASP G 156 23.36 -35.06 6.13
N THR G 157 23.30 -34.68 4.86
CA THR G 157 22.20 -33.88 4.32
C THR G 157 21.79 -34.47 2.98
N LEU G 158 20.50 -34.75 2.83
CA LEU G 158 19.99 -35.33 1.60
C LEU G 158 18.94 -34.43 0.95
N LYS G 159 19.06 -34.23 -0.35
CA LYS G 159 18.10 -33.41 -1.11
C LYS G 159 17.11 -34.36 -1.76
N ILE G 160 15.89 -34.37 -1.22
CA ILE G 160 14.83 -35.27 -1.72
C ILE G 160 13.99 -34.64 -2.82
N LYS G 161 14.04 -35.21 -4.01
CA LYS G 161 13.24 -34.72 -5.13
C LYS G 161 11.84 -35.31 -5.01
N VAL G 162 10.84 -34.48 -5.29
CA VAL G 162 9.43 -34.91 -5.22
C VAL G 162 8.63 -34.11 -6.25
N GLY G 163 7.36 -34.43 -6.40
CA GLY G 163 6.55 -33.69 -7.36
C GLY G 163 5.64 -34.46 -8.30
N THR G 164 5.24 -35.68 -7.92
CA THR G 164 4.35 -36.45 -8.77
C THR G 164 2.93 -36.35 -8.23
N GLY G 165 2.82 -36.00 -6.96
CA GLY G 165 1.52 -35.88 -6.32
C GLY G 165 1.68 -35.81 -4.82
N ILE G 166 0.85 -34.98 -4.18
CA ILE G 166 0.87 -34.79 -2.72
C ILE G 166 0.99 -36.09 -1.94
N GLU G 167 0.07 -37.02 -2.20
CA GLU G 167 0.05 -38.31 -1.52
C GLU G 167 1.37 -39.05 -1.67
N ALA G 168 1.78 -39.25 -2.92
CA ALA G 168 3.01 -39.97 -3.23
C ALA G 168 4.26 -39.27 -2.70
N ASP G 169 4.32 -37.95 -2.86
CA ASP G 169 5.47 -37.18 -2.39
C ASP G 169 5.62 -37.29 -0.88
N ILE G 170 4.52 -37.19 -0.16
CA ILE G 170 4.53 -37.29 1.30
C ILE G 170 5.03 -38.67 1.70
N ALA G 171 4.59 -39.68 0.96
CA ALA G 171 4.98 -41.07 1.23
C ALA G 171 6.48 -41.24 1.10
N ARG G 172 7.04 -40.65 0.05
CA ARG G 172 8.48 -40.73 -0.19
C ARG G 172 9.28 -40.19 0.98
N VAL G 173 8.95 -38.98 1.42
CA VAL G 173 9.66 -38.34 2.52
C VAL G 173 9.56 -39.11 3.84
N LYS G 174 8.35 -39.54 4.20
CA LYS G 174 8.16 -40.28 5.45
C LYS G 174 8.97 -41.59 5.44
N ALA G 175 9.03 -42.25 4.28
CA ALA G 175 9.76 -43.50 4.16
C ALA G 175 11.26 -43.27 4.32
N ILE G 176 11.75 -42.16 3.76
CA ILE G 176 13.17 -41.84 3.85
C ILE G 176 13.55 -41.48 5.27
N ARG G 177 12.71 -40.68 5.93
CA ARG G 177 12.97 -40.27 7.31
C ARG G 177 13.05 -41.45 8.27
N GLU G 178 12.10 -42.36 8.18
CA GLU G 178 12.08 -43.52 9.06
C GLU G 178 13.26 -44.45 8.81
N ALA G 179 13.78 -44.43 7.58
CA ALA G 179 14.90 -45.27 7.21
C ALA G 179 16.26 -44.78 7.71
N VAL G 180 16.47 -43.47 7.70
CA VAL G 180 17.74 -42.91 8.12
C VAL G 180 17.76 -42.27 9.51
N GLY G 181 16.59 -42.10 10.10
CA GLY G 181 16.54 -41.49 11.42
C GLY G 181 16.49 -39.97 11.38
N PHE G 182 16.59 -39.33 12.54
CA PHE G 182 16.53 -37.88 12.63
C PHE G 182 17.88 -37.18 12.73
N ASP G 183 18.95 -37.94 12.60
CA ASP G 183 20.29 -37.34 12.67
C ASP G 183 20.69 -36.79 11.31
N ILE G 184 19.94 -37.17 10.28
CA ILE G 184 20.20 -36.73 8.92
C ILE G 184 19.31 -35.55 8.55
N LYS G 185 19.90 -34.54 7.93
CA LYS G 185 19.16 -33.35 7.51
C LYS G 185 18.51 -33.64 6.16
N LEU G 186 17.22 -33.34 6.05
CA LEU G 186 16.50 -33.58 4.80
C LEU G 186 15.90 -32.30 4.23
N ARG G 187 16.24 -31.98 2.98
CA ARG G 187 15.68 -30.79 2.34
C ARG G 187 14.89 -31.31 1.14
N LEU G 188 13.72 -30.74 0.89
CA LEU G 188 12.87 -31.19 -0.21
C LEU G 188 12.94 -30.24 -1.40
N ASP G 189 12.65 -30.78 -2.60
CA ASP G 189 12.66 -29.96 -3.81
C ASP G 189 11.55 -30.49 -4.72
N ALA G 190 10.47 -29.72 -4.84
CA ALA G 190 9.35 -30.15 -5.67
C ALA G 190 9.46 -29.66 -7.11
N ASN G 191 10.52 -28.91 -7.41
CA ASN G 191 10.71 -28.36 -8.75
C ASN G 191 9.43 -27.83 -9.39
N GLN G 192 8.74 -26.93 -8.69
CA GLN G 192 7.53 -26.28 -9.18
C GLN G 192 6.28 -27.16 -9.35
N ALA G 193 6.30 -28.36 -8.79
CA ALA G 193 5.18 -29.29 -8.97
C ALA G 193 3.85 -29.04 -8.24
N TRP G 194 3.90 -28.40 -7.09
CA TRP G 194 2.67 -28.20 -6.32
C TRP G 194 1.96 -26.86 -6.46
N THR G 195 0.65 -26.89 -6.23
CA THR G 195 -0.14 -25.66 -6.24
C THR G 195 0.16 -25.09 -4.86
N PRO G 196 -0.02 -23.78 -4.67
CA PRO G 196 0.26 -23.18 -3.37
C PRO G 196 -0.41 -23.88 -2.18
N LYS G 197 -1.71 -24.17 -2.31
CA LYS G 197 -2.47 -24.83 -1.25
C LYS G 197 -1.94 -26.23 -0.97
N ASP G 198 -1.64 -26.99 -2.03
CA ASP G 198 -1.13 -28.34 -1.86
C ASP G 198 0.26 -28.32 -1.23
N ALA G 199 1.03 -27.29 -1.54
CA ALA G 199 2.38 -27.15 -0.98
C ALA G 199 2.28 -27.01 0.53
N VAL G 200 1.38 -26.14 0.98
CA VAL G 200 1.20 -25.95 2.42
C VAL G 200 0.66 -27.24 3.05
N LYS G 201 -0.22 -27.91 2.33
CA LYS G 201 -0.82 -29.15 2.79
C LYS G 201 0.26 -30.20 3.05
N ALA G 202 1.14 -30.39 2.07
CA ALA G 202 2.22 -31.37 2.18
C ALA G 202 3.23 -30.99 3.26
N ILE G 203 3.57 -29.71 3.35
CA ILE G 203 4.53 -29.26 4.35
C ILE G 203 4.00 -29.43 5.77
N GLN G 204 2.70 -29.22 5.96
CA GLN G 204 2.12 -29.39 7.28
C GLN G 204 2.02 -30.87 7.63
N ALA G 205 1.75 -31.69 6.62
CA ALA G 205 1.65 -33.13 6.81
C ALA G 205 2.99 -33.69 7.25
N LEU G 206 4.06 -33.00 6.90
CA LEU G 206 5.41 -33.44 7.25
C LEU G 206 6.00 -32.67 8.43
N ALA G 207 5.13 -32.01 9.19
CA ALA G 207 5.54 -31.23 10.34
C ALA G 207 6.39 -32.00 11.34
N ASP G 208 6.06 -33.27 11.58
CA ASP G 208 6.80 -34.07 12.54
C ASP G 208 7.97 -34.86 11.94
N TYR G 209 8.33 -34.54 10.71
CA TYR G 209 9.43 -35.23 10.05
C TYR G 209 10.71 -34.40 9.98
N GLN G 210 10.71 -33.26 10.65
CA GLN G 210 11.88 -32.38 10.71
C GLN G 210 12.44 -32.00 9.34
N ILE G 211 11.63 -31.32 8.53
CA ILE G 211 12.09 -30.90 7.20
C ILE G 211 12.91 -29.63 7.36
N GLU G 212 14.12 -29.62 6.80
CA GLU G 212 14.97 -28.44 6.89
C GLU G 212 14.43 -27.28 6.07
N LEU G 213 14.11 -27.55 4.81
CA LEU G 213 13.60 -26.51 3.92
C LEU G 213 12.96 -27.15 2.70
N VAL G 214 12.16 -26.36 1.99
CA VAL G 214 11.51 -26.84 0.78
C VAL G 214 11.87 -25.89 -0.35
N GLU G 215 12.38 -26.47 -1.44
CA GLU G 215 12.81 -25.71 -2.60
C GLU G 215 11.72 -25.58 -3.67
N GLN G 216 11.54 -24.35 -4.16
CA GLN G 216 10.59 -24.02 -5.22
C GLN G 216 9.36 -24.92 -5.30
N PRO G 217 8.48 -24.84 -4.29
CA PRO G 217 7.26 -25.66 -4.27
C PRO G 217 6.28 -25.38 -5.40
N VAL G 218 6.23 -24.14 -5.87
CA VAL G 218 5.30 -23.77 -6.93
C VAL G 218 5.96 -23.25 -8.21
N LYS G 219 5.16 -23.08 -9.25
CA LYS G 219 5.63 -22.59 -10.54
C LYS G 219 6.46 -21.32 -10.38
N ARG G 220 7.55 -21.23 -11.13
CA ARG G 220 8.47 -20.10 -11.07
C ARG G 220 7.88 -18.71 -11.25
N ARG G 221 6.85 -18.57 -12.08
CA ARG G 221 6.26 -17.26 -12.32
C ARG G 221 5.21 -16.89 -11.28
N ASP G 222 4.84 -17.85 -10.43
CA ASP G 222 3.82 -17.60 -9.41
C ASP G 222 4.44 -17.06 -8.12
N LEU G 223 4.98 -15.84 -8.18
CA LEU G 223 5.60 -15.23 -7.01
C LEU G 223 4.61 -15.02 -5.87
N GLU G 224 3.36 -14.77 -6.20
CA GLU G 224 2.34 -14.58 -5.17
C GLU G 224 2.11 -15.91 -4.47
N GLY G 225 2.01 -16.98 -5.26
CA GLY G 225 1.79 -18.30 -4.70
C GLY G 225 2.95 -18.74 -3.83
N LEU G 226 4.17 -18.43 -4.29
CA LEU G 226 5.36 -18.79 -3.55
C LEU G 226 5.38 -18.09 -2.20
N LYS G 227 5.12 -16.78 -2.20
CA LYS G 227 5.10 -16.01 -0.96
C LYS G 227 4.01 -16.53 -0.03
N TYR G 228 2.89 -16.95 -0.62
CA TYR G 228 1.77 -17.49 0.16
C TYR G 228 2.28 -18.67 0.97
N VAL G 229 3.00 -19.58 0.31
CA VAL G 229 3.55 -20.75 0.99
C VAL G 229 4.45 -20.31 2.13
N THR G 230 5.33 -19.36 1.84
CA THR G 230 6.27 -18.85 2.84
C THR G 230 5.54 -18.25 4.04
N SER G 231 4.38 -17.65 3.79
CA SER G 231 3.63 -17.03 4.88
C SER G 231 2.77 -18.02 5.66
N GLN G 232 2.48 -19.18 5.07
CA GLN G 232 1.65 -20.17 5.72
C GLN G 232 2.39 -21.23 6.55
N VAL G 233 3.67 -21.41 6.30
CA VAL G 233 4.44 -22.40 7.05
C VAL G 233 5.70 -21.83 7.68
N ASN G 234 6.21 -22.52 8.69
CA ASN G 234 7.44 -22.10 9.36
C ASN G 234 8.64 -22.81 8.78
N THR G 235 8.39 -23.79 7.91
CA THR G 235 9.47 -24.53 7.26
C THR G 235 10.12 -23.60 6.26
N THR G 236 11.45 -23.54 6.27
CA THR G 236 12.21 -22.68 5.37
C THR G 236 11.81 -22.91 3.91
N ILE G 237 11.57 -21.82 3.18
CA ILE G 237 11.19 -21.91 1.77
C ILE G 237 12.28 -21.28 0.90
N MET G 238 12.77 -22.04 -0.08
CA MET G 238 13.84 -21.55 -0.95
C MET G 238 13.39 -21.35 -2.40
N ALA G 239 13.75 -20.22 -2.98
CA ALA G 239 13.43 -19.96 -4.38
C ALA G 239 14.57 -20.50 -5.23
N ASP G 240 14.25 -21.11 -6.36
CA ASP G 240 15.26 -21.63 -7.26
C ASP G 240 14.94 -21.08 -8.65
N GLU G 241 14.06 -21.77 -9.37
CA GLU G 241 13.69 -21.33 -10.72
C GLU G 241 13.06 -19.93 -10.74
N SER G 242 12.54 -19.47 -9.60
CA SER G 242 11.94 -18.14 -9.54
C SER G 242 13.00 -17.04 -9.50
N CYS G 243 14.27 -17.43 -9.32
CA CYS G 243 15.34 -16.45 -9.26
C CYS G 243 16.56 -16.83 -10.09
N PHE G 244 16.76 -16.14 -11.21
CA PHE G 244 17.89 -16.41 -12.09
C PHE G 244 19.05 -15.45 -11.89
N ASP G 245 18.74 -14.16 -11.81
CA ASP G 245 19.80 -13.15 -11.67
C ASP G 245 19.58 -12.13 -10.55
N ALA G 246 20.51 -11.18 -10.47
CA ALA G 246 20.46 -10.14 -9.44
C ALA G 246 19.15 -9.36 -9.43
N GLN G 247 18.62 -9.05 -10.61
CA GLN G 247 17.37 -8.29 -10.67
C GLN G 247 16.24 -9.12 -10.06
N ASP G 248 16.23 -10.42 -10.33
CA ASP G 248 15.20 -11.29 -9.77
C ASP G 248 15.34 -11.34 -8.26
N ALA G 249 16.58 -11.41 -7.80
CA ALA G 249 16.87 -11.46 -6.37
C ALA G 249 16.36 -10.20 -5.70
N LEU G 250 16.66 -9.05 -6.30
CA LEU G 250 16.22 -7.79 -5.72
C LEU G 250 14.70 -7.75 -5.65
N GLU G 251 14.05 -8.30 -6.68
CA GLU G 251 12.58 -8.33 -6.70
C GLU G 251 12.04 -9.19 -5.58
N LEU G 252 12.66 -10.34 -5.37
CA LEU G 252 12.22 -11.25 -4.31
C LEU G 252 12.44 -10.65 -2.92
N VAL G 253 13.47 -9.82 -2.77
CA VAL G 253 13.74 -9.22 -1.47
C VAL G 253 12.73 -8.12 -1.19
N LYS G 254 12.36 -7.37 -2.22
CA LYS G 254 11.39 -6.30 -2.08
C LYS G 254 10.01 -6.85 -1.75
N LYS G 255 9.70 -8.03 -2.28
CA LYS G 255 8.41 -8.67 -2.04
C LYS G 255 8.40 -9.60 -0.82
N GLY G 256 9.59 -9.94 -0.31
CA GLY G 256 9.68 -10.83 0.83
C GLY G 256 9.10 -12.19 0.48
N THR G 257 9.37 -12.63 -0.74
CA THR G 257 8.86 -13.89 -1.26
C THR G 257 9.32 -15.16 -0.57
N VAL G 258 10.63 -15.29 -0.34
CA VAL G 258 11.18 -16.49 0.26
C VAL G 258 12.16 -16.23 1.41
N ASP G 259 12.68 -17.31 1.99
CA ASP G 259 13.63 -17.24 3.11
C ASP G 259 15.08 -17.36 2.65
N VAL G 260 15.27 -18.18 1.62
CA VAL G 260 16.61 -18.45 1.07
C VAL G 260 16.54 -18.50 -0.45
N ILE G 261 17.67 -18.31 -1.11
CA ILE G 261 17.69 -18.34 -2.57
C ILE G 261 18.80 -19.25 -3.09
N ASN G 262 18.46 -20.04 -4.10
CA ASN G 262 19.39 -20.97 -4.73
C ASN G 262 20.11 -20.25 -5.86
N ILE G 263 21.44 -20.22 -5.80
CA ILE G 263 22.26 -19.56 -6.81
C ILE G 263 22.90 -20.61 -7.72
N LYS G 264 22.71 -20.47 -9.03
CA LYS G 264 23.33 -21.38 -9.99
C LYS G 264 24.10 -20.57 -11.02
N LEU G 265 25.37 -20.88 -11.20
CA LEU G 265 26.16 -20.17 -12.19
C LEU G 265 25.49 -20.30 -13.55
N MET G 266 24.84 -21.43 -13.79
CA MET G 266 24.17 -21.63 -15.07
C MET G 266 22.86 -20.86 -15.22
N LYS G 267 22.34 -20.33 -14.11
CA LYS G 267 21.11 -19.54 -14.16
C LYS G 267 21.44 -18.05 -14.30
N CYS G 268 22.47 -17.60 -13.59
CA CYS G 268 22.83 -16.19 -13.60
C CYS G 268 23.88 -15.76 -14.62
N GLY G 269 24.52 -16.72 -15.27
CA GLY G 269 25.50 -16.38 -16.28
C GLY G 269 26.92 -16.18 -15.80
N GLY G 270 27.28 -16.82 -14.69
CA GLY G 270 28.64 -16.69 -14.20
C GLY G 270 28.83 -16.21 -12.78
N ILE G 271 30.10 -16.22 -12.37
CA ILE G 271 30.50 -15.80 -11.04
C ILE G 271 30.23 -14.31 -10.78
N HIS G 272 30.45 -13.50 -11.81
CA HIS G 272 30.24 -12.06 -11.70
C HIS G 272 28.82 -11.75 -11.21
N GLU G 273 27.84 -12.37 -11.86
CA GLU G 273 26.43 -12.17 -11.50
C GLU G 273 26.08 -12.87 -10.19
N ALA G 274 26.71 -14.02 -9.94
CA ALA G 274 26.44 -14.75 -8.70
C ALA G 274 26.81 -13.92 -7.48
N LEU G 275 27.93 -13.22 -7.60
CA LEU G 275 28.42 -12.37 -6.52
C LEU G 275 27.41 -11.27 -6.23
N LYS G 276 26.77 -10.75 -7.28
CA LYS G 276 25.78 -9.69 -7.15
C LYS G 276 24.56 -10.22 -6.40
N ILE G 277 24.10 -11.39 -6.81
CA ILE G 277 22.95 -12.01 -6.17
C ILE G 277 23.21 -12.20 -4.67
N ASN G 278 24.37 -12.78 -4.36
CA ASN G 278 24.70 -13.03 -2.96
C ASN G 278 24.81 -11.76 -2.13
N GLN G 279 25.36 -10.70 -2.71
CA GLN G 279 25.49 -9.45 -1.98
C GLN G 279 24.11 -8.85 -1.70
N ILE G 280 23.22 -8.91 -2.68
CA ILE G 280 21.86 -8.39 -2.52
C ILE G 280 21.15 -9.19 -1.44
N CYS G 281 21.32 -10.51 -1.47
CA CYS G 281 20.68 -11.37 -0.48
C CYS G 281 21.24 -11.14 0.91
N GLU G 282 22.57 -11.10 1.02
CA GLU G 282 23.21 -10.89 2.31
C GLU G 282 22.71 -9.61 2.98
N THR G 283 22.64 -8.54 2.21
CA THR G 283 22.20 -7.25 2.74
C THR G 283 20.74 -7.32 3.20
N ALA G 284 19.96 -8.19 2.56
CA ALA G 284 18.55 -8.36 2.89
C ALA G 284 18.33 -9.39 4.00
N GLY G 285 19.41 -10.02 4.47
CA GLY G 285 19.31 -11.00 5.53
C GLY G 285 18.85 -12.35 5.00
N ILE G 286 19.09 -12.57 3.70
CA ILE G 286 18.71 -13.81 3.05
C ILE G 286 19.96 -14.63 2.73
N GLU G 287 20.01 -15.85 3.23
CA GLU G 287 21.15 -16.74 2.96
C GLU G 287 20.96 -17.40 1.60
N CYS G 288 22.07 -17.84 1.00
CA CYS G 288 21.99 -18.49 -0.30
C CYS G 288 22.57 -19.89 -0.28
N MET G 289 22.10 -20.70 -1.22
CA MET G 289 22.63 -22.06 -1.37
C MET G 289 23.16 -22.13 -2.79
N ILE G 290 24.39 -22.61 -2.96
CA ILE G 290 24.96 -22.74 -4.29
C ILE G 290 24.42 -24.05 -4.85
N GLY G 291 23.95 -24.03 -6.10
CA GLY G 291 23.42 -25.24 -6.70
C GLY G 291 24.10 -25.56 -8.02
N CYS G 292 23.53 -26.48 -8.80
CA CYS G 292 24.12 -26.86 -10.08
C CYS G 292 23.12 -27.55 -11.00
N MET G 293 23.49 -27.68 -12.27
CA MET G 293 22.67 -28.34 -13.27
C MET G 293 23.26 -29.74 -13.41
N ALA G 294 22.43 -30.73 -13.71
CA ALA G 294 22.95 -32.09 -13.86
C ALA G 294 23.87 -32.16 -15.08
N GLU G 295 23.76 -31.19 -15.98
CA GLU G 295 24.58 -31.17 -17.19
C GLU G 295 25.98 -30.60 -16.99
N GLU G 296 26.29 -30.17 -15.78
CA GLU G 296 27.61 -29.60 -15.50
C GLU G 296 28.58 -30.70 -15.09
N THR G 297 29.86 -30.43 -15.30
CA THR G 297 30.88 -31.40 -14.94
C THR G 297 31.90 -30.76 -14.02
N THR G 298 33.11 -31.30 -14.02
CA THR G 298 34.18 -30.81 -13.17
C THR G 298 34.39 -29.30 -13.16
N ILE G 299 34.41 -28.69 -14.34
CA ILE G 299 34.65 -27.26 -14.48
C ILE G 299 33.62 -26.37 -13.78
N GLY G 300 32.35 -26.56 -14.12
CA GLY G 300 31.30 -25.74 -13.50
C GLY G 300 31.18 -25.98 -12.01
N ILE G 301 31.34 -27.23 -11.59
CA ILE G 301 31.22 -27.56 -10.17
C ILE G 301 32.39 -27.01 -9.37
N THR G 302 33.59 -27.04 -9.96
CA THR G 302 34.75 -26.51 -9.25
C THR G 302 34.63 -24.99 -9.09
N ALA G 303 34.16 -24.31 -10.13
CA ALA G 303 34.00 -22.87 -10.07
C ALA G 303 33.00 -22.49 -8.97
N ALA G 304 31.89 -23.21 -8.92
CA ALA G 304 30.85 -22.98 -7.91
C ALA G 304 31.37 -23.28 -6.51
N ALA G 305 32.24 -24.29 -6.39
CA ALA G 305 32.79 -24.65 -5.08
C ALA G 305 33.70 -23.53 -4.55
N HIS G 306 34.54 -22.97 -5.42
CA HIS G 306 35.40 -21.88 -4.99
C HIS G 306 34.54 -20.70 -4.55
N LEU G 307 33.47 -20.45 -5.30
CA LEU G 307 32.58 -19.34 -4.95
C LEU G 307 31.92 -19.57 -3.60
N ALA G 308 31.35 -20.76 -3.42
CA ALA G 308 30.68 -21.12 -2.17
C ALA G 308 31.62 -21.04 -0.98
N ALA G 309 32.82 -21.58 -1.11
CA ALA G 309 33.78 -21.54 -0.02
C ALA G 309 34.15 -20.09 0.32
N ALA G 310 34.34 -19.28 -0.72
CA ALA G 310 34.73 -17.89 -0.56
C ALA G 310 33.74 -16.97 0.16
N GLN G 311 32.45 -17.23 -0.01
CA GLN G 311 31.40 -16.39 0.56
C GLN G 311 30.65 -16.92 1.77
N LYS G 312 30.71 -16.16 2.85
CA LYS G 312 30.04 -16.52 4.09
C LYS G 312 28.53 -16.67 3.96
N ASN G 313 27.90 -15.81 3.17
CA ASN G 313 26.44 -15.87 3.01
C ASN G 313 25.95 -17.07 2.22
N ILE G 314 26.85 -17.74 1.49
CA ILE G 314 26.46 -18.94 0.76
C ILE G 314 26.68 -20.01 1.83
N THR G 315 25.64 -20.26 2.60
CA THR G 315 25.66 -21.18 3.73
C THR G 315 25.33 -22.65 3.46
N ARG G 316 24.76 -22.93 2.29
CA ARG G 316 24.41 -24.31 1.94
C ARG G 316 24.99 -24.62 0.57
N ALA G 317 25.13 -25.91 0.25
CA ALA G 317 25.67 -26.32 -1.04
C ALA G 317 25.05 -27.61 -1.56
N ASP G 318 24.70 -27.58 -2.84
CA ASP G 318 24.12 -28.72 -3.54
C ASP G 318 24.92 -28.84 -4.83
N LEU G 319 26.15 -29.34 -4.71
CA LEU G 319 27.07 -29.49 -5.83
C LEU G 319 27.40 -30.98 -6.02
N ASP G 320 26.45 -31.71 -6.57
CA ASP G 320 26.61 -33.16 -6.77
C ASP G 320 26.62 -33.66 -8.20
N ALA G 321 26.73 -32.75 -9.16
CA ALA G 321 26.72 -33.12 -10.58
C ALA G 321 27.82 -34.08 -11.03
N THR G 322 29.00 -33.99 -10.43
CA THR G 322 30.11 -34.86 -10.83
C THR G 322 29.96 -36.31 -10.37
N PHE G 323 29.13 -36.52 -9.35
CA PHE G 323 28.92 -37.86 -8.79
C PHE G 323 28.37 -38.90 -9.76
N GLY G 324 27.57 -38.46 -10.72
CA GLY G 324 26.99 -39.40 -11.66
C GLY G 324 27.73 -39.52 -12.98
N LEU G 325 28.79 -38.75 -13.15
CA LEU G 325 29.56 -38.77 -14.38
C LEU G 325 30.38 -40.04 -14.55
N GLU G 326 30.44 -40.53 -15.80
CA GLU G 326 31.22 -41.73 -16.09
C GLU G 326 32.68 -41.35 -16.08
N THR G 327 32.96 -40.13 -16.57
CA THR G 327 34.32 -39.62 -16.64
C THR G 327 34.40 -38.12 -16.39
N ALA G 328 35.63 -37.64 -16.23
CA ALA G 328 35.88 -36.21 -16.01
C ALA G 328 36.57 -35.73 -17.30
N PRO G 329 36.08 -34.64 -17.88
CA PRO G 329 36.66 -34.10 -19.12
C PRO G 329 37.99 -33.37 -18.96
N VAL G 330 38.42 -33.21 -17.71
CA VAL G 330 39.66 -32.50 -17.42
C VAL G 330 40.31 -33.03 -16.13
N THR G 331 41.55 -32.63 -15.88
CA THR G 331 42.28 -33.05 -14.68
C THR G 331 42.23 -31.96 -13.60
N GLY G 332 42.09 -32.38 -12.35
CA GLY G 332 42.04 -31.43 -11.26
C GLY G 332 40.62 -31.02 -10.91
N GLY G 333 40.48 -30.20 -9.86
CA GLY G 333 39.17 -29.76 -9.43
C GLY G 333 38.38 -30.78 -8.63
N VAL G 334 37.10 -30.51 -8.45
CA VAL G 334 36.21 -31.40 -7.71
C VAL G 334 36.16 -32.76 -8.38
N SER G 335 36.48 -33.81 -7.62
CA SER G 335 36.49 -35.17 -8.18
C SER G 335 35.12 -35.77 -8.45
N LEU G 336 35.14 -36.92 -9.12
CA LEU G 336 33.92 -37.63 -9.46
C LEU G 336 33.39 -38.40 -8.26
N GLU G 337 34.23 -38.53 -7.23
CA GLU G 337 33.84 -39.27 -6.03
C GLU G 337 32.65 -38.67 -5.31
N ALA G 338 31.67 -39.52 -4.98
CA ALA G 338 30.49 -39.09 -4.27
C ALA G 338 30.89 -38.97 -2.80
N LYS G 339 31.19 -37.74 -2.39
CA LYS G 339 31.59 -37.46 -1.02
C LYS G 339 31.05 -36.07 -0.66
N PRO G 340 30.71 -35.86 0.61
CA PRO G 340 30.17 -34.57 1.07
C PRO G 340 31.18 -33.43 1.15
N LEU G 341 32.44 -33.75 1.42
CA LEU G 341 33.45 -32.71 1.54
C LEU G 341 34.14 -32.38 0.23
N LEU G 342 34.11 -31.10 -0.14
CA LEU G 342 34.76 -30.65 -1.35
C LEU G 342 35.85 -29.68 -0.89
N GLU G 343 37.07 -30.20 -0.77
CA GLU G 343 38.20 -29.39 -0.32
C GLU G 343 38.94 -28.78 -1.49
N LEU G 344 39.18 -27.47 -1.42
CA LEU G 344 39.88 -26.78 -2.50
C LEU G 344 41.37 -26.70 -2.12
N GLY G 345 42.23 -27.04 -3.08
CA GLY G 345 43.66 -26.99 -2.82
C GLY G 345 44.21 -25.59 -3.05
N GLU G 346 45.54 -25.46 -3.04
CA GLU G 346 46.16 -24.15 -3.24
C GLU G 346 46.55 -23.80 -4.67
N ALA G 347 46.09 -24.58 -5.64
CA ALA G 347 46.41 -24.31 -7.04
C ALA G 347 45.80 -22.97 -7.42
N ALA G 348 46.45 -22.23 -8.32
CA ALA G 348 45.95 -20.92 -8.74
C ALA G 348 44.68 -21.09 -9.57
N GLY G 349 43.79 -20.10 -9.51
CA GLY G 349 42.56 -20.19 -10.28
C GLY G 349 41.71 -21.39 -9.93
N LEU G 350 41.20 -22.07 -10.95
CA LEU G 350 40.36 -23.25 -10.73
C LEU G 350 41.20 -24.43 -10.26
N GLY G 351 42.43 -24.49 -10.72
CA GLY G 351 43.32 -25.59 -10.37
C GLY G 351 43.02 -26.75 -11.29
N ILE G 352 42.73 -26.43 -12.54
CA ILE G 352 42.38 -27.41 -13.55
C ILE G 352 43.29 -27.33 -14.78
N SER G 353 43.54 -28.47 -15.41
CA SER G 353 44.37 -28.51 -16.62
C SER G 353 44.05 -29.73 -17.46
N MET H 1 49.11 -15.84 3.55
CA MET H 1 49.52 -14.52 4.13
C MET H 1 48.88 -14.34 5.50
N LYS H 2 49.68 -13.89 6.47
CA LYS H 2 49.20 -13.70 7.83
C LYS H 2 49.60 -12.38 8.43
N ILE H 3 48.66 -11.70 9.08
CA ILE H 3 48.93 -10.43 9.71
C ILE H 3 49.83 -10.64 10.93
N LYS H 4 50.95 -9.93 10.95
CA LYS H 4 51.90 -10.04 12.05
C LYS H 4 51.64 -8.96 13.09
N GLN H 5 51.51 -7.72 12.63
CA GLN H 5 51.28 -6.60 13.53
C GLN H 5 50.56 -5.46 12.83
N VAL H 6 49.81 -4.67 13.60
CA VAL H 6 49.08 -3.54 13.06
C VAL H 6 49.57 -2.28 13.73
N HIS H 7 50.14 -1.37 12.94
CA HIS H 7 50.65 -0.11 13.47
C HIS H 7 49.73 1.03 13.07
N VAL H 8 49.60 2.02 13.95
CA VAL H 8 48.77 3.17 13.66
C VAL H 8 49.37 4.43 14.26
N ARG H 9 49.25 5.54 13.55
CA ARG H 9 49.78 6.81 14.02
C ARG H 9 48.85 7.93 13.60
N ALA H 10 48.90 9.05 14.31
CA ALA H 10 48.05 10.19 14.00
C ALA H 10 48.73 11.08 12.98
N SER H 11 47.95 11.58 12.03
CA SER H 11 48.46 12.49 11.01
C SER H 11 47.62 13.75 11.08
N LYS H 12 48.29 14.90 11.19
CA LYS H 12 47.60 16.18 11.24
C LYS H 12 48.25 17.08 10.19
N ILE H 13 47.53 17.30 9.10
CA ILE H 13 48.05 18.11 8.01
C ILE H 13 47.20 19.36 7.80
N LYS H 14 47.82 20.52 7.97
CA LYS H 14 47.09 21.78 7.80
C LYS H 14 46.64 21.97 6.36
N LEU H 15 45.48 22.58 6.18
CA LEU H 15 44.97 22.83 4.84
C LEU H 15 45.45 24.21 4.36
N LYS H 16 45.68 24.35 3.07
CA LYS H 16 46.14 25.60 2.48
C LYS H 16 45.06 26.68 2.62
N GLU H 17 43.81 26.23 2.65
CA GLU H 17 42.65 27.12 2.78
C GLU H 17 41.62 26.42 3.66
N THR H 18 40.88 27.19 4.44
CA THR H 18 39.85 26.59 5.27
C THR H 18 38.65 26.43 4.34
N PHE H 19 37.91 25.34 4.50
CA PHE H 19 36.71 25.12 3.69
C PHE H 19 35.51 25.15 4.61
N THR H 20 34.42 25.73 4.11
CA THR H 20 33.18 25.84 4.86
C THR H 20 32.04 25.20 4.11
N ILE H 21 31.27 24.36 4.80
CA ILE H 21 30.10 23.75 4.20
C ILE H 21 28.96 24.08 5.17
N ALA H 22 27.75 23.66 4.85
CA ALA H 22 26.60 23.98 5.71
C ALA H 22 26.75 23.43 7.14
N LEU H 23 27.51 22.35 7.29
CA LEU H 23 27.70 21.70 8.59
C LEU H 23 28.82 22.25 9.45
N GLY H 24 29.74 23.00 8.86
CA GLY H 24 30.83 23.55 9.65
C GLY H 24 32.05 23.88 8.80
N THR H 25 33.19 24.08 9.45
CA THR H 25 34.41 24.41 8.73
C THR H 25 35.57 23.50 9.09
N ILE H 26 36.48 23.30 8.13
CA ILE H 26 37.64 22.47 8.40
C ILE H 26 38.90 23.26 8.03
N GLU H 27 39.95 23.11 8.82
CA GLU H 27 41.18 23.83 8.55
C GLU H 27 42.39 22.90 8.65
N SER H 28 42.13 21.65 9.00
CA SER H 28 43.20 20.66 9.11
C SER H 28 42.66 19.27 8.83
N ALA H 29 43.45 18.48 8.10
CA ALA H 29 43.08 17.11 7.78
C ALA H 29 43.76 16.21 8.80
N ASP H 30 43.01 15.79 9.81
CA ASP H 30 43.58 14.94 10.85
C ASP H 30 43.02 13.53 10.70
N SER H 31 43.92 12.58 10.48
CA SER H 31 43.49 11.21 10.27
C SER H 31 44.40 10.20 10.95
N ALA H 32 43.97 8.94 10.91
CA ALA H 32 44.74 7.85 11.48
C ALA H 32 45.34 7.08 10.31
N ILE H 33 46.66 6.92 10.32
CA ILE H 33 47.32 6.16 9.26
C ILE H 33 47.76 4.81 9.80
N VAL H 34 47.27 3.76 9.15
CA VAL H 34 47.54 2.38 9.55
C VAL H 34 48.51 1.70 8.61
N GLU H 35 49.36 0.84 9.17
CA GLU H 35 50.30 0.05 8.41
C GLU H 35 50.14 -1.37 8.95
N ILE H 36 49.63 -2.28 8.13
CA ILE H 36 49.44 -3.67 8.56
C ILE H 36 50.60 -4.49 8.02
N GLU H 37 51.42 -4.99 8.93
CA GLU H 37 52.59 -5.77 8.57
C GLU H 37 52.29 -7.27 8.60
N THR H 38 52.67 -7.99 7.55
CA THR H 38 52.44 -9.42 7.49
C THR H 38 53.71 -10.16 7.89
N GLU H 39 53.57 -11.45 8.17
CA GLU H 39 54.70 -12.29 8.56
C GLU H 39 55.77 -12.31 7.48
N GLU H 40 55.34 -12.32 6.21
CA GLU H 40 56.28 -12.36 5.09
C GLU H 40 56.98 -11.03 4.83
N GLY H 41 56.50 -9.96 5.45
CA GLY H 41 57.14 -8.66 5.26
C GLY H 41 56.37 -7.62 4.47
N LEU H 42 55.30 -8.03 3.80
CA LEU H 42 54.50 -7.07 3.04
C LEU H 42 53.76 -6.17 4.01
N VAL H 43 53.70 -4.89 3.68
CA VAL H 43 53.01 -3.89 4.52
C VAL H 43 51.93 -3.17 3.73
N GLY H 44 50.71 -3.20 4.24
CA GLY H 44 49.59 -2.53 3.59
C GLY H 44 49.27 -1.23 4.31
N TYR H 45 48.88 -0.21 3.55
CA TYR H 45 48.56 1.10 4.10
C TYR H 45 47.06 1.34 4.13
N GLY H 46 46.60 1.93 5.23
CA GLY H 46 45.19 2.23 5.40
C GLY H 46 45.04 3.58 6.07
N GLU H 47 43.85 4.15 6.04
CA GLU H 47 43.64 5.44 6.66
C GLU H 47 42.20 5.64 7.14
N GLY H 48 42.06 6.32 8.27
CA GLY H 48 40.75 6.61 8.82
C GLY H 48 40.66 8.11 9.00
N GLY H 49 39.86 8.78 8.17
CA GLY H 49 39.72 10.22 8.28
C GLY H 49 38.32 10.55 8.76
N PRO H 50 38.12 10.67 10.08
CA PRO H 50 36.82 10.98 10.68
C PRO H 50 36.37 12.44 10.66
N GLY H 51 35.18 12.67 10.10
CA GLY H 51 34.62 14.01 10.05
C GLY H 51 33.58 14.05 11.15
N ILE H 52 33.87 14.78 12.22
CA ILE H 52 32.96 14.86 13.36
C ILE H 52 31.55 15.32 13.02
N PHE H 53 31.41 16.27 12.11
CA PHE H 53 30.06 16.73 11.79
C PHE H 53 29.36 15.88 10.72
N ILE H 54 29.98 14.75 10.37
CA ILE H 54 29.35 13.86 9.40
C ILE H 54 28.97 12.57 10.12
N THR H 55 29.92 11.98 10.84
CA THR H 55 29.68 10.73 11.55
C THR H 55 29.81 10.81 13.07
N GLY H 56 30.36 11.91 13.57
CA GLY H 56 30.56 12.07 15.00
C GLY H 56 31.90 11.50 15.45
N GLU H 57 32.60 10.82 14.54
CA GLU H 57 33.88 10.24 14.88
C GLU H 57 34.97 11.29 15.06
N THR H 58 35.89 11.00 15.98
CA THR H 58 36.99 11.89 16.30
C THR H 58 38.30 11.13 16.10
N LEU H 59 39.41 11.84 16.03
CA LEU H 59 40.70 11.18 15.85
C LEU H 59 41.02 10.31 17.06
N ALA H 60 40.73 10.82 18.27
CA ALA H 60 41.02 10.07 19.48
C ALA H 60 40.23 8.76 19.51
N GLY H 61 38.94 8.83 19.22
CA GLY H 61 38.11 7.63 19.21
C GLY H 61 38.54 6.67 18.13
N THR H 62 38.90 7.21 16.97
CA THR H 62 39.32 6.36 15.85
C THR H 62 40.62 5.63 16.16
N LEU H 63 41.59 6.34 16.74
CA LEU H 63 42.87 5.73 17.08
C LEU H 63 42.66 4.62 18.13
N GLU H 64 41.84 4.89 19.13
CA GLU H 64 41.59 3.89 20.16
C GLU H 64 40.93 2.66 19.55
N THR H 65 39.94 2.88 18.68
CA THR H 65 39.24 1.76 18.07
C THR H 65 40.16 0.94 17.16
N ILE H 66 40.96 1.60 16.35
CA ILE H 66 41.86 0.88 15.45
C ILE H 66 42.84 0.00 16.24
N GLU H 67 43.27 0.48 17.41
CA GLU H 67 44.19 -0.28 18.23
C GLU H 67 43.52 -1.56 18.71
N LEU H 68 42.23 -1.49 19.03
CA LEU H 68 41.49 -2.66 19.49
C LEU H 68 41.37 -3.64 18.32
N PHE H 69 41.07 -3.12 17.15
CA PHE H 69 40.94 -3.94 15.94
C PHE H 69 42.28 -4.61 15.63
N GLY H 70 43.34 -3.80 15.66
CA GLY H 70 44.67 -4.30 15.35
C GLY H 70 45.06 -5.54 16.11
N GLN H 71 44.89 -5.50 17.43
CA GLN H 71 45.23 -6.64 18.26
C GLN H 71 44.34 -7.85 18.02
N ALA H 72 43.10 -7.59 17.60
CA ALA H 72 42.16 -8.68 17.36
C ALA H 72 42.32 -9.42 16.03
N ILE H 73 43.00 -8.82 15.06
CA ILE H 73 43.15 -9.48 13.77
C ILE H 73 44.51 -10.09 13.50
N ILE H 74 45.41 -10.05 14.48
CA ILE H 74 46.72 -10.65 14.31
C ILE H 74 46.52 -12.14 14.03
N GLY H 75 47.21 -12.65 13.02
CA GLY H 75 47.10 -14.05 12.68
C GLY H 75 46.16 -14.35 11.53
N LEU H 76 45.33 -13.37 11.16
CA LEU H 76 44.38 -13.58 10.08
C LEU H 76 45.00 -13.26 8.73
N ASN H 77 44.37 -13.81 7.70
CA ASN H 77 44.78 -13.61 6.31
C ASN H 77 44.05 -12.37 5.79
N PRO H 78 44.78 -11.40 5.25
CA PRO H 78 44.15 -10.18 4.73
C PRO H 78 43.04 -10.47 3.71
N PHE H 79 43.16 -11.61 3.01
CA PHE H 79 42.18 -12.01 2.01
C PHE H 79 40.84 -12.43 2.59
N ASN H 80 40.84 -12.81 3.86
CA ASN H 80 39.62 -13.24 4.50
C ASN H 80 38.94 -11.96 4.99
N ILE H 81 38.61 -11.10 4.05
CA ILE H 81 38.02 -9.80 4.34
C ILE H 81 36.72 -9.86 5.14
N GLU H 82 35.90 -10.89 4.91
CA GLU H 82 34.67 -10.98 5.67
C GLU H 82 34.94 -11.28 7.15
N LYS H 83 35.90 -12.17 7.43
CA LYS H 83 36.21 -12.49 8.83
C LYS H 83 36.79 -11.26 9.51
N ILE H 84 37.65 -10.52 8.79
CA ILE H 84 38.24 -9.31 9.35
C ILE H 84 37.10 -8.38 9.80
N HIS H 85 36.09 -8.22 8.94
CA HIS H 85 34.98 -7.34 9.28
C HIS H 85 34.08 -7.90 10.39
N GLU H 86 33.93 -9.22 10.46
CA GLU H 86 33.08 -9.76 11.51
C GLU H 86 33.77 -9.52 12.85
N VAL H 87 35.10 -9.61 12.85
CA VAL H 87 35.88 -9.37 14.05
C VAL H 87 35.71 -7.91 14.49
N MET H 88 35.81 -6.98 13.55
CA MET H 88 35.68 -5.56 13.87
C MET H 88 34.27 -5.19 14.32
N ASP H 89 33.27 -5.77 13.68
CA ASP H 89 31.87 -5.47 14.01
C ASP H 89 31.48 -6.01 15.39
N LYS H 90 32.13 -7.09 15.80
CA LYS H 90 31.86 -7.68 17.11
C LYS H 90 32.43 -6.73 18.16
N ILE H 91 33.56 -6.11 17.84
CA ILE H 91 34.21 -5.19 18.74
C ILE H 91 33.49 -3.86 18.87
N SER H 92 33.11 -3.27 17.74
CA SER H 92 32.45 -1.97 17.73
C SER H 92 31.17 -1.92 16.92
N ALA H 93 30.13 -1.36 17.55
CA ALA H 93 28.82 -1.23 16.91
C ALA H 93 28.79 -0.16 15.82
N PHE H 94 29.75 0.76 15.85
CA PHE H 94 29.82 1.83 14.86
C PHE H 94 31.15 2.59 14.88
N ALA H 95 31.92 2.45 13.80
CA ALA H 95 33.21 3.12 13.68
C ALA H 95 33.70 2.91 12.26
N PRO H 96 32.97 3.47 11.28
CA PRO H 96 33.34 3.32 9.87
C PRO H 96 34.76 3.79 9.52
N ALA H 97 35.22 4.87 10.13
CA ALA H 97 36.56 5.37 9.83
C ALA H 97 37.64 4.40 10.29
N ALA H 98 37.46 3.82 11.47
CA ALA H 98 38.42 2.87 12.00
C ALA H 98 38.37 1.58 11.21
N LYS H 99 37.15 1.18 10.83
CA LYS H 99 36.99 -0.04 10.06
C LYS H 99 37.55 0.14 8.66
N ALA H 100 37.36 1.33 8.08
CA ALA H 100 37.90 1.61 6.74
C ALA H 100 39.42 1.56 6.74
N ALA H 101 40.04 2.05 7.80
CA ALA H 101 41.49 2.08 7.91
C ALA H 101 42.07 0.68 7.81
N ILE H 102 41.44 -0.27 8.51
CA ILE H 102 41.89 -1.66 8.49
C ILE H 102 41.57 -2.29 7.13
N ASP H 103 40.34 -2.09 6.68
CA ASP H 103 39.86 -2.62 5.41
C ASP H 103 40.76 -2.21 4.24
N ILE H 104 41.09 -0.93 4.18
CA ILE H 104 41.93 -0.42 3.09
C ILE H 104 43.32 -1.05 3.08
N ALA H 105 43.92 -1.18 4.26
CA ALA H 105 45.25 -1.78 4.37
C ALA H 105 45.20 -3.25 3.94
N CYS H 106 44.08 -3.92 4.21
CA CYS H 106 43.95 -5.32 3.81
C CYS H 106 43.86 -5.44 2.28
N TYR H 107 43.15 -4.52 1.64
CA TYR H 107 43.05 -4.58 0.19
C TYR H 107 44.38 -4.21 -0.46
N ASP H 108 45.12 -3.31 0.19
CA ASP H 108 46.44 -2.92 -0.31
C ASP H 108 47.30 -4.19 -0.29
N LEU H 109 47.22 -4.95 0.80
CA LEU H 109 47.97 -6.19 0.93
C LEU H 109 47.53 -7.24 -0.08
N MET H 110 46.23 -7.33 -0.35
CA MET H 110 45.75 -8.32 -1.32
C MET H 110 46.34 -7.99 -2.69
N GLY H 111 46.33 -6.71 -3.06
CA GLY H 111 46.87 -6.30 -4.33
C GLY H 111 48.37 -6.59 -4.43
N GLN H 112 49.10 -6.35 -3.34
CA GLN H 112 50.54 -6.58 -3.34
C GLN H 112 50.86 -8.07 -3.46
N LYS H 113 50.10 -8.91 -2.79
CA LYS H 113 50.32 -10.36 -2.85
C LYS H 113 49.99 -10.86 -4.25
N ALA H 114 48.91 -10.31 -4.82
CA ALA H 114 48.46 -10.69 -6.15
C ALA H 114 49.33 -10.05 -7.23
N GLN H 115 50.15 -9.10 -6.81
CA GLN H 115 51.04 -8.37 -7.72
C GLN H 115 50.22 -7.68 -8.82
N LEU H 116 49.11 -7.07 -8.40
CA LEU H 116 48.21 -6.37 -9.30
C LEU H 116 47.78 -5.03 -8.71
N PRO H 117 47.60 -4.01 -9.55
CA PRO H 117 47.18 -2.70 -9.07
C PRO H 117 45.78 -2.94 -8.50
N LEU H 118 45.43 -2.28 -7.41
CA LEU H 118 44.13 -2.50 -6.79
C LEU H 118 42.94 -2.41 -7.75
N TYR H 119 42.95 -1.45 -8.65
CA TYR H 119 41.82 -1.31 -9.57
C TYR H 119 41.55 -2.57 -10.39
N GLN H 120 42.58 -3.38 -10.64
CA GLN H 120 42.37 -4.60 -11.40
C GLN H 120 41.66 -5.61 -10.51
N LEU H 121 42.12 -5.70 -9.27
CA LEU H 121 41.54 -6.62 -8.30
C LEU H 121 40.08 -6.27 -8.01
N LEU H 122 39.75 -4.98 -7.98
CA LEU H 122 38.39 -4.56 -7.65
C LEU H 122 37.36 -4.52 -8.78
N GLY H 123 37.75 -4.85 -10.01
CA GLY H 123 36.79 -4.84 -11.09
C GLY H 123 37.38 -4.63 -12.47
N GLY H 124 38.47 -3.86 -12.53
CA GLY H 124 39.18 -3.60 -13.77
C GLY H 124 38.49 -2.91 -14.94
N TYR H 125 37.42 -2.15 -14.69
CA TYR H 125 36.74 -1.50 -15.81
C TYR H 125 37.58 -0.39 -16.44
N ASP H 126 38.34 0.33 -15.62
CA ASP H 126 39.19 1.40 -16.12
C ASP H 126 40.39 1.54 -15.19
N ASN H 127 41.31 2.44 -15.53
CA ASN H 127 42.49 2.64 -14.70
C ASN H 127 42.65 4.09 -14.32
N GLN H 128 41.58 4.87 -14.45
CA GLN H 128 41.63 6.28 -14.13
C GLN H 128 40.23 6.82 -13.88
N VAL H 129 40.16 7.98 -13.23
CA VAL H 129 38.88 8.62 -12.96
C VAL H 129 39.05 10.12 -13.08
N ILE H 130 37.98 10.80 -13.47
CA ILE H 130 38.01 12.25 -13.59
C ILE H 130 37.24 12.79 -12.40
N THR H 131 37.90 13.62 -11.59
CA THR H 131 37.25 14.18 -10.40
C THR H 131 36.83 15.62 -10.59
N ASP H 132 35.82 16.01 -9.81
CA ASP H 132 35.37 17.39 -9.84
C ASP H 132 36.25 18.05 -8.79
N ILE H 133 36.00 19.32 -8.51
CA ILE H 133 36.72 20.02 -7.46
C ILE H 133 35.64 20.81 -6.73
N THR H 134 35.76 20.89 -5.41
CA THR H 134 34.78 21.58 -4.57
C THR H 134 35.06 23.05 -4.31
N LEU H 135 33.99 23.85 -4.29
CA LEU H 135 34.09 25.28 -3.99
C LEU H 135 33.39 25.45 -2.64
N GLY H 136 34.13 25.84 -1.61
CA GLY H 136 33.52 26.03 -0.30
C GLY H 136 32.61 27.25 -0.25
N ILE H 137 31.67 27.26 0.70
CA ILE H 137 30.75 28.38 0.83
C ILE H 137 31.49 29.70 1.04
N ASP H 138 31.00 30.74 0.38
CA ASP H 138 31.57 32.08 0.48
C ASP H 138 30.62 33.02 -0.26
N GLU H 139 30.96 34.31 -0.32
CA GLU H 139 30.13 35.27 -1.01
C GLU H 139 30.05 34.92 -2.49
N PRO H 140 28.91 35.18 -3.14
CA PRO H 140 28.74 34.89 -4.56
C PRO H 140 29.91 35.27 -5.46
N ASN H 141 30.35 36.53 -5.38
CA ASN H 141 31.46 36.98 -6.22
C ASN H 141 32.77 36.26 -5.94
N VAL H 142 32.99 35.89 -4.69
CA VAL H 142 34.21 35.18 -4.32
C VAL H 142 34.17 33.75 -4.85
N MET H 143 33.02 33.09 -4.69
CA MET H 143 32.86 31.73 -5.20
C MET H 143 33.02 31.74 -6.72
N ALA H 144 32.48 32.77 -7.36
CA ALA H 144 32.55 32.89 -8.82
C ALA H 144 34.00 33.04 -9.27
N GLN H 145 34.75 33.89 -8.59
CA GLN H 145 36.16 34.11 -8.91
C GLN H 145 36.92 32.80 -8.77
N LYS H 146 36.67 32.10 -7.66
CA LYS H 146 37.30 30.80 -7.39
C LYS H 146 36.95 29.79 -8.47
N ALA H 147 35.71 29.84 -8.94
CA ALA H 147 35.26 28.92 -9.99
C ALA H 147 36.12 29.07 -11.23
N VAL H 148 36.30 30.31 -11.66
CA VAL H 148 37.11 30.60 -12.85
C VAL H 148 38.54 30.08 -12.66
N GLU H 149 39.11 30.32 -11.48
CA GLU H 149 40.48 29.88 -11.19
C GLU H 149 40.64 28.37 -11.28
N LYS H 150 39.64 27.63 -10.82
CA LYS H 150 39.74 26.18 -10.85
C LYS H 150 39.52 25.64 -12.26
N VAL H 151 38.67 26.30 -13.04
CA VAL H 151 38.46 25.85 -14.41
C VAL H 151 39.77 26.05 -15.17
N LYS H 152 40.55 27.05 -14.78
CA LYS H 152 41.84 27.29 -15.44
C LYS H 152 42.77 26.09 -15.20
N LEU H 153 42.49 25.31 -14.16
CA LEU H 153 43.30 24.14 -13.84
C LEU H 153 42.85 22.91 -14.62
N GLY H 154 41.86 23.09 -15.49
CA GLY H 154 41.39 21.98 -16.29
C GLY H 154 40.15 21.26 -15.78
N PHE H 155 39.58 21.73 -14.67
CA PHE H 155 38.39 21.10 -14.14
C PHE H 155 37.16 21.48 -14.97
N ASP H 156 36.44 20.48 -15.44
CA ASP H 156 35.25 20.69 -16.26
C ASP H 156 33.98 20.48 -15.45
N THR H 157 34.14 20.09 -14.19
CA THR H 157 33.00 19.88 -13.30
C THR H 157 33.30 20.45 -11.93
N LEU H 158 32.43 21.34 -11.45
CA LEU H 158 32.63 21.97 -10.16
C LEU H 158 31.51 21.56 -9.20
N LYS H 159 31.89 21.31 -7.95
CA LYS H 159 30.92 20.95 -6.92
C LYS H 159 30.77 22.20 -6.07
N ILE H 160 29.59 22.80 -6.13
CA ILE H 160 29.31 24.03 -5.41
C ILE H 160 28.65 23.78 -4.06
N LYS H 161 29.29 24.24 -2.99
CA LYS H 161 28.71 24.08 -1.65
C LYS H 161 27.79 25.28 -1.38
N VAL H 162 26.62 24.99 -0.84
CA VAL H 162 25.63 26.02 -0.51
C VAL H 162 24.92 25.57 0.77
N GLY H 163 24.00 26.41 1.26
CA GLY H 163 23.27 26.03 2.45
C GLY H 163 23.06 27.08 3.53
N THR H 164 23.35 28.35 3.24
CA THR H 164 23.16 29.37 4.26
C THR H 164 21.75 29.94 4.23
N GLY H 165 21.09 29.77 3.09
CA GLY H 165 19.73 30.27 2.94
C GLY H 165 19.39 30.36 1.46
N ILE H 166 18.18 29.93 1.14
CA ILE H 166 17.64 29.91 -0.22
C ILE H 166 18.08 31.08 -1.11
N GLU H 167 17.78 32.30 -0.67
CA GLU H 167 18.14 33.46 -1.46
C GLU H 167 19.64 33.58 -1.72
N ALA H 168 20.45 33.49 -0.68
CA ALA H 168 21.89 33.60 -0.84
C ALA H 168 22.47 32.43 -1.65
N ASP H 169 21.95 31.23 -1.42
CA ASP H 169 22.44 30.06 -2.15
C ASP H 169 22.15 30.19 -3.64
N ILE H 170 20.95 30.66 -3.97
CA ILE H 170 20.58 30.85 -5.36
C ILE H 170 21.54 31.85 -6.01
N ALA H 171 21.81 32.95 -5.31
CA ALA H 171 22.71 33.99 -5.81
C ALA H 171 24.11 33.45 -6.07
N ARG H 172 24.57 32.53 -5.23
CA ARG H 172 25.89 31.95 -5.40
C ARG H 172 25.98 31.19 -6.70
N VAL H 173 24.98 30.34 -6.96
CA VAL H 173 24.97 29.54 -8.18
C VAL H 173 24.89 30.41 -9.44
N LYS H 174 24.01 31.40 -9.43
CA LYS H 174 23.86 32.30 -10.58
C LYS H 174 25.19 32.96 -10.90
N ALA H 175 25.85 33.49 -9.87
CA ALA H 175 27.14 34.17 -10.05
C ALA H 175 28.21 33.26 -10.65
N ILE H 176 28.29 32.03 -10.15
CA ILE H 176 29.26 31.08 -10.66
C ILE H 176 28.97 30.70 -12.11
N ARG H 177 27.71 30.44 -12.41
CA ARG H 177 27.32 30.07 -13.77
C ARG H 177 27.67 31.19 -14.75
N GLU H 178 27.38 32.43 -14.35
CA GLU H 178 27.66 33.57 -15.22
C GLU H 178 29.16 33.75 -15.43
N ALA H 179 29.95 33.40 -14.42
CA ALA H 179 31.39 33.54 -14.51
C ALA H 179 32.09 32.47 -15.36
N VAL H 180 31.59 31.25 -15.32
CA VAL H 180 32.21 30.15 -16.07
C VAL H 180 31.51 29.72 -17.36
N GLY H 181 30.24 30.09 -17.52
CA GLY H 181 29.52 29.71 -18.72
C GLY H 181 28.88 28.33 -18.66
N PHE H 182 28.20 27.95 -19.74
CA PHE H 182 27.51 26.68 -19.79
C PHE H 182 28.31 25.46 -20.25
N ASP H 183 29.61 25.63 -20.49
CA ASP H 183 30.43 24.49 -20.91
C ASP H 183 30.88 23.72 -19.67
N ILE H 184 30.72 24.31 -18.50
CA ILE H 184 31.13 23.69 -17.25
C ILE H 184 29.96 23.02 -16.53
N LYS H 185 30.19 21.80 -16.05
CA LYS H 185 29.14 21.08 -15.33
C LYS H 185 29.15 21.55 -13.89
N LEU H 186 27.96 21.87 -13.38
CA LEU H 186 27.84 22.35 -12.01
C LEU H 186 26.93 21.46 -11.18
N ARG H 187 27.48 20.88 -10.12
CA ARG H 187 26.70 20.04 -9.22
C ARG H 187 26.64 20.80 -7.90
N LEU H 188 25.48 20.77 -7.25
CA LEU H 188 25.32 21.47 -6.00
C LEU H 188 25.27 20.52 -4.82
N ASP H 189 25.63 21.01 -3.66
CA ASP H 189 25.59 20.18 -2.46
C ASP H 189 25.16 21.09 -1.31
N ALA H 190 23.96 20.85 -0.80
CA ALA H 190 23.44 21.68 0.29
C ALA H 190 23.79 21.12 1.67
N ASN H 191 24.33 19.91 1.70
CA ASN H 191 24.69 19.26 2.96
C ASN H 191 23.57 19.37 4.00
N GLN H 192 22.37 18.92 3.62
CA GLN H 192 21.18 18.89 4.48
C GLN H 192 20.57 20.21 4.94
N ALA H 193 21.04 21.31 4.38
CA ALA H 193 20.59 22.63 4.80
C ALA H 193 19.17 23.11 4.52
N TRP H 194 18.51 22.57 3.49
CA TRP H 194 17.19 23.06 3.12
C TRP H 194 16.00 22.20 3.56
N THR H 195 14.84 22.84 3.66
CA THR H 195 13.62 22.13 3.99
C THR H 195 13.19 21.59 2.64
N PRO H 196 12.33 20.56 2.63
CA PRO H 196 11.89 19.99 1.35
C PRO H 196 11.38 21.02 0.34
N LYS H 197 10.45 21.88 0.77
CA LYS H 197 9.92 22.88 -0.15
C LYS H 197 10.93 23.96 -0.53
N ASP H 198 11.79 24.36 0.39
CA ASP H 198 12.79 25.36 0.06
C ASP H 198 13.75 24.81 -1.00
N ALA H 199 14.05 23.51 -0.92
CA ALA H 199 14.95 22.89 -1.88
C ALA H 199 14.28 22.88 -3.26
N VAL H 200 13.00 22.53 -3.30
CA VAL H 200 12.29 22.50 -4.58
C VAL H 200 12.25 23.91 -5.15
N LYS H 201 12.02 24.89 -4.29
CA LYS H 201 11.96 26.28 -4.72
C LYS H 201 13.30 26.72 -5.31
N ALA H 202 14.38 26.44 -4.60
CA ALA H 202 15.71 26.81 -5.07
C ALA H 202 16.08 26.11 -6.37
N ILE H 203 15.75 24.83 -6.45
CA ILE H 203 16.05 24.05 -7.64
C ILE H 203 15.28 24.54 -8.87
N GLN H 204 14.01 24.89 -8.69
CA GLN H 204 13.22 25.39 -9.82
C GLN H 204 13.69 26.80 -10.19
N ALA H 205 14.18 27.54 -9.21
CA ALA H 205 14.65 28.90 -9.46
C ALA H 205 15.94 28.87 -10.28
N LEU H 206 16.64 27.74 -10.23
CA LEU H 206 17.90 27.58 -10.95
C LEU H 206 17.75 26.75 -12.21
N ALA H 207 16.50 26.51 -12.60
CA ALA H 207 16.18 25.70 -13.77
C ALA H 207 16.94 26.05 -15.04
N ASP H 208 17.03 27.34 -15.35
CA ASP H 208 17.72 27.76 -16.57
C ASP H 208 19.23 27.85 -16.42
N TYR H 209 19.75 27.39 -15.29
CA TYR H 209 21.18 27.45 -15.07
C TYR H 209 21.90 26.13 -15.27
N GLN H 210 21.18 25.15 -15.84
CA GLN H 210 21.76 23.84 -16.16
C GLN H 210 22.46 23.17 -14.96
N ILE H 211 21.70 22.81 -13.94
CA ILE H 211 22.27 22.15 -12.77
C ILE H 211 22.36 20.67 -13.04
N GLU H 212 23.55 20.08 -12.90
CA GLU H 212 23.70 18.65 -13.15
C GLU H 212 22.95 17.83 -12.11
N LEU H 213 23.20 18.13 -10.83
CA LEU H 213 22.54 17.41 -9.75
C LEU H 213 22.64 18.19 -8.45
N VAL H 214 21.83 17.80 -7.48
CA VAL H 214 21.84 18.42 -6.16
C VAL H 214 22.04 17.29 -5.15
N GLU H 215 23.07 17.45 -4.32
CA GLU H 215 23.40 16.46 -3.31
C GLU H 215 22.74 16.77 -1.97
N GLN H 216 22.18 15.74 -1.34
CA GLN H 216 21.53 15.81 -0.03
C GLN H 216 20.96 17.19 0.34
N PRO H 217 19.86 17.59 -0.29
CA PRO H 217 19.24 18.89 -0.01
C PRO H 217 18.59 19.01 1.37
N VAL H 218 18.14 17.89 1.93
CA VAL H 218 17.47 17.92 3.22
C VAL H 218 18.17 17.09 4.30
N LYS H 219 17.65 17.19 5.53
CA LYS H 219 18.23 16.46 6.66
C LYS H 219 18.34 14.97 6.37
N ARG H 220 19.44 14.36 6.80
CA ARG H 220 19.70 12.95 6.54
C ARG H 220 18.60 11.97 6.97
N ARG H 221 17.94 12.24 8.08
CA ARG H 221 16.88 11.34 8.55
C ARG H 221 15.53 11.58 7.88
N ASP H 222 15.41 12.70 7.16
CA ASP H 222 14.15 13.03 6.48
C ASP H 222 14.05 12.37 5.11
N LEU H 223 13.87 11.05 5.10
CA LEU H 223 13.78 10.32 3.85
C LEU H 223 12.51 10.63 3.05
N GLU H 224 11.43 10.93 3.75
CA GLU H 224 10.18 11.27 3.08
C GLU H 224 10.43 12.60 2.40
N GLY H 225 11.09 13.50 3.13
CA GLY H 225 11.38 14.82 2.60
C GLY H 225 12.30 14.76 1.39
N LEU H 226 13.30 13.88 1.45
CA LEU H 226 14.26 13.73 0.37
C LEU H 226 13.54 13.21 -0.87
N LYS H 227 12.67 12.22 -0.67
CA LYS H 227 11.92 11.65 -1.79
C LYS H 227 10.98 12.71 -2.37
N TYR H 228 10.43 13.56 -1.51
CA TYR H 228 9.55 14.62 -1.97
C TYR H 228 10.28 15.48 -3.00
N VAL H 229 11.49 15.91 -2.65
CA VAL H 229 12.28 16.73 -3.56
C VAL H 229 12.50 16.01 -4.89
N THR H 230 12.94 14.75 -4.81
CA THR H 230 13.19 13.96 -6.01
C THR H 230 11.92 13.83 -6.86
N SER H 231 10.76 13.76 -6.20
CA SER H 231 9.52 13.61 -6.95
C SER H 231 9.01 14.91 -7.56
N GLN H 232 9.49 16.05 -7.05
CA GLN H 232 9.03 17.35 -7.53
C GLN H 232 9.87 18.05 -8.58
N VAL H 233 11.11 17.61 -8.77
CA VAL H 233 11.98 18.25 -9.75
C VAL H 233 12.62 17.22 -10.69
N ASN H 234 13.03 17.68 -11.87
CA ASN H 234 13.66 16.79 -12.83
C ASN H 234 15.17 16.77 -12.66
N THR H 235 15.68 17.73 -11.88
CA THR H 235 17.12 17.80 -11.61
C THR H 235 17.49 16.59 -10.75
N THR H 236 18.52 15.86 -11.18
CA THR H 236 19.00 14.67 -10.47
C THR H 236 19.28 14.96 -8.99
N ILE H 237 18.74 14.12 -8.11
CA ILE H 237 18.94 14.27 -6.66
C ILE H 237 19.82 13.12 -6.16
N MET H 238 20.87 13.46 -5.41
CA MET H 238 21.78 12.45 -4.88
C MET H 238 21.77 12.40 -3.36
N ALA H 239 21.77 11.18 -2.81
CA ALA H 239 21.81 11.04 -1.36
C ALA H 239 23.25 10.92 -0.92
N ASP H 240 23.58 11.55 0.19
CA ASP H 240 24.94 11.44 0.72
C ASP H 240 24.79 11.01 2.18
N GLU H 241 24.57 11.96 3.06
CA GLU H 241 24.45 11.66 4.48
C GLU H 241 23.30 10.70 4.81
N SER H 242 22.34 10.55 3.90
CA SER H 242 21.21 9.65 4.12
C SER H 242 21.60 8.20 3.83
N CYS H 243 22.80 8.00 3.29
CA CYS H 243 23.24 6.65 2.97
C CYS H 243 24.67 6.38 3.42
N PHE H 244 24.82 5.55 4.45
CA PHE H 244 26.13 5.20 4.99
C PHE H 244 26.58 3.82 4.51
N ASP H 245 25.71 2.82 4.65
CA ASP H 245 26.05 1.46 4.26
C ASP H 245 25.09 0.76 3.30
N ALA H 246 25.36 -0.51 3.04
CA ALA H 246 24.54 -1.29 2.12
C ALA H 246 23.08 -1.37 2.53
N GLN H 247 22.83 -1.52 3.83
CA GLN H 247 21.45 -1.60 4.28
C GLN H 247 20.71 -0.29 3.99
N ASP H 248 21.40 0.82 4.17
CA ASP H 248 20.78 2.12 3.89
C ASP H 248 20.46 2.20 2.40
N ALA H 249 21.42 1.75 1.58
CA ALA H 249 21.22 1.79 0.14
C ALA H 249 20.01 0.96 -0.25
N LEU H 250 19.89 -0.23 0.34
CA LEU H 250 18.76 -1.08 0.04
C LEU H 250 17.45 -0.39 0.44
N GLU H 251 17.48 0.31 1.56
CA GLU H 251 16.27 1.01 2.01
C GLU H 251 15.90 2.11 1.01
N LEU H 252 16.91 2.83 0.50
CA LEU H 252 16.66 3.89 -0.45
C LEU H 252 16.12 3.35 -1.79
N VAL H 253 16.60 2.18 -2.21
CA VAL H 253 16.12 1.59 -3.47
C VAL H 253 14.68 1.11 -3.28
N LYS H 254 14.38 0.59 -2.10
CA LYS H 254 13.03 0.12 -1.80
C LYS H 254 12.04 1.28 -1.83
N LYS H 255 12.48 2.43 -1.31
CA LYS H 255 11.63 3.61 -1.25
C LYS H 255 11.68 4.50 -2.48
N GLY H 256 12.69 4.30 -3.33
CA GLY H 256 12.83 5.13 -4.52
C GLY H 256 13.10 6.56 -4.11
N THR H 257 13.89 6.71 -3.05
CA THR H 257 14.22 8.01 -2.49
C THR H 257 15.01 8.99 -3.35
N VAL H 258 16.03 8.50 -4.03
CA VAL H 258 16.87 9.38 -4.86
C VAL H 258 17.20 8.77 -6.20
N ASP H 259 17.97 9.51 -7.00
CA ASP H 259 18.38 9.08 -8.33
C ASP H 259 19.79 8.51 -8.34
N VAL H 260 20.64 9.06 -7.49
CA VAL H 260 22.04 8.64 -7.41
C VAL H 260 22.49 8.63 -5.95
N ILE H 261 23.53 7.87 -5.64
CA ILE H 261 24.03 7.78 -4.27
C ILE H 261 25.54 8.03 -4.18
N ASN H 262 25.94 8.82 -3.20
CA ASN H 262 27.34 9.14 -2.95
C ASN H 262 27.92 8.09 -2.01
N ILE H 263 28.96 7.41 -2.46
CA ILE H 263 29.62 6.39 -1.66
C ILE H 263 30.90 6.94 -1.08
N LYS H 264 31.12 6.73 0.22
CA LYS H 264 32.35 7.19 0.87
C LYS H 264 32.89 6.05 1.72
N LEU H 265 34.16 5.71 1.53
CA LEU H 265 34.76 4.64 2.32
C LEU H 265 34.66 4.96 3.80
N MET H 266 34.74 6.24 4.14
CA MET H 266 34.67 6.64 5.55
C MET H 266 33.25 6.58 6.11
N LYS H 267 32.25 6.41 5.26
CA LYS H 267 30.88 6.29 5.72
C LYS H 267 30.49 4.83 5.88
N CYS H 268 30.95 4.00 4.95
CA CYS H 268 30.60 2.58 4.95
C CYS H 268 31.60 1.64 5.64
N GLY H 269 32.75 2.16 6.02
CA GLY H 269 33.74 1.33 6.69
C GLY H 269 34.67 0.54 5.80
N GLY H 270 34.90 1.02 4.57
CA GLY H 270 35.82 0.31 3.71
C GLY H 270 35.35 -0.13 2.34
N ILE H 271 36.31 -0.62 1.55
CA ILE H 271 36.06 -1.09 0.19
C ILE H 271 35.06 -2.25 0.15
N HIS H 272 35.19 -3.16 1.11
CA HIS H 272 34.30 -4.32 1.17
C HIS H 272 32.83 -3.92 1.15
N GLU H 273 32.46 -2.98 2.02
CA GLU H 273 31.08 -2.49 2.11
C GLU H 273 30.73 -1.59 0.92
N ALA H 274 31.69 -0.80 0.45
CA ALA H 274 31.45 0.08 -0.70
C ALA H 274 31.04 -0.74 -1.91
N LEU H 275 31.68 -1.89 -2.11
CA LEU H 275 31.36 -2.75 -3.24
C LEU H 275 29.90 -3.22 -3.13
N LYS H 276 29.46 -3.51 -1.92
CA LYS H 276 28.08 -3.95 -1.70
C LYS H 276 27.09 -2.85 -2.08
N ILE H 277 27.36 -1.64 -1.61
CA ILE H 277 26.50 -0.49 -1.89
C ILE H 277 26.36 -0.32 -3.40
N ASN H 278 27.49 -0.29 -4.09
CA ASN H 278 27.47 -0.12 -5.53
C ASN H 278 26.69 -1.21 -6.27
N GLN H 279 26.80 -2.45 -5.83
CA GLN H 279 26.09 -3.54 -6.49
C GLN H 279 24.59 -3.41 -6.31
N ILE H 280 24.17 -3.07 -5.10
CA ILE H 280 22.75 -2.88 -4.81
C ILE H 280 22.22 -1.78 -5.71
N CYS H 281 22.94 -0.66 -5.78
CA CYS H 281 22.53 0.46 -6.60
C CYS H 281 22.50 0.08 -8.08
N GLU H 282 23.58 -0.52 -8.55
CA GLU H 282 23.66 -0.91 -9.97
C GLU H 282 22.45 -1.74 -10.36
N THR H 283 22.16 -2.77 -9.57
CA THR H 283 21.05 -3.66 -9.86
C THR H 283 19.72 -2.91 -9.87
N ALA H 284 19.64 -1.86 -9.05
CA ALA H 284 18.42 -1.06 -8.97
C ALA H 284 18.39 0.05 -10.01
N GLY H 285 19.46 0.17 -10.78
CA GLY H 285 19.53 1.20 -11.81
C GLY H 285 19.93 2.55 -11.26
N ILE H 286 20.63 2.53 -10.13
CA ILE H 286 21.09 3.76 -9.48
C ILE H 286 22.61 3.88 -9.62
N GLU H 287 23.07 4.96 -10.24
CA GLU H 287 24.51 5.18 -10.41
C GLU H 287 25.06 5.73 -9.12
N CYS H 288 26.36 5.58 -8.92
CA CYS H 288 26.98 6.07 -7.70
C CYS H 288 28.13 7.03 -7.98
N MET H 289 28.40 7.91 -7.03
CA MET H 289 29.51 8.83 -7.13
C MET H 289 30.41 8.54 -5.95
N ILE H 290 31.70 8.37 -6.20
CA ILE H 290 32.62 8.12 -5.11
C ILE H 290 32.98 9.49 -4.51
N GLY H 291 32.93 9.59 -3.19
CA GLY H 291 33.25 10.85 -2.53
C GLY H 291 34.36 10.71 -1.50
N CYS H 292 34.55 11.74 -0.69
CA CYS H 292 35.59 11.72 0.34
C CYS H 292 35.34 12.75 1.44
N MET H 293 36.04 12.58 2.56
CA MET H 293 35.97 13.50 3.69
C MET H 293 37.18 14.41 3.52
N ALA H 294 37.08 15.65 3.99
CA ALA H 294 38.20 16.56 3.86
C ALA H 294 39.33 16.12 4.77
N GLU H 295 39.02 15.28 5.75
CA GLU H 295 40.02 14.78 6.69
C GLU H 295 40.88 13.67 6.10
N GLU H 296 40.49 13.16 4.94
CA GLU H 296 41.24 12.10 4.29
C GLU H 296 42.39 12.66 3.49
N THR H 297 43.41 11.84 3.28
CA THR H 297 44.56 12.27 2.51
C THR H 297 44.90 11.22 1.45
N THR H 298 46.18 11.14 1.10
CA THR H 298 46.66 10.22 0.08
C THR H 298 46.09 8.80 0.08
N ILE H 299 46.17 8.12 1.22
CA ILE H 299 45.70 6.76 1.29
C ILE H 299 44.22 6.59 1.01
N GLY H 300 43.38 7.33 1.73
CA GLY H 300 41.93 7.21 1.53
C GLY H 300 41.51 7.54 0.11
N ILE H 301 42.07 8.60 -0.44
CA ILE H 301 41.74 9.04 -1.79
C ILE H 301 42.21 8.03 -2.84
N THR H 302 43.39 7.48 -2.64
CA THR H 302 43.94 6.49 -3.56
C THR H 302 43.07 5.24 -3.56
N ALA H 303 42.68 4.76 -2.38
CA ALA H 303 41.84 3.56 -2.33
C ALA H 303 40.52 3.83 -3.07
N ALA H 304 39.94 5.00 -2.83
CA ALA H 304 38.67 5.36 -3.45
C ALA H 304 38.80 5.48 -4.95
N ALA H 305 39.94 5.99 -5.42
CA ALA H 305 40.15 6.14 -6.86
C ALA H 305 40.25 4.77 -7.54
N HIS H 306 40.94 3.83 -6.91
CA HIS H 306 41.07 2.49 -7.49
C HIS H 306 39.69 1.85 -7.60
N LEU H 307 38.89 2.00 -6.55
CA LEU H 307 37.55 1.44 -6.53
C LEU H 307 36.68 2.05 -7.63
N ALA H 308 36.67 3.38 -7.70
CA ALA H 308 35.87 4.08 -8.69
C ALA H 308 36.26 3.71 -10.12
N ALA H 309 37.55 3.66 -10.40
CA ALA H 309 38.03 3.30 -11.73
C ALA H 309 37.60 1.89 -12.09
N ALA H 310 37.64 1.00 -11.10
CA ALA H 310 37.30 -0.41 -11.29
C ALA H 310 35.84 -0.71 -11.56
N GLN H 311 34.93 0.13 -11.06
CA GLN H 311 33.50 -0.09 -11.21
C GLN H 311 32.78 0.82 -12.20
N LYS H 312 32.16 0.20 -13.20
CA LYS H 312 31.41 0.91 -14.22
C LYS H 312 30.29 1.76 -13.64
N ASN H 313 29.56 1.22 -12.66
CA ASN H 313 28.44 1.95 -12.07
C ASN H 313 28.83 3.18 -11.23
N ILE H 314 30.10 3.28 -10.86
CA ILE H 314 30.56 4.45 -10.13
C ILE H 314 30.96 5.38 -11.28
N THR H 315 30.00 6.19 -11.71
CA THR H 315 30.17 7.08 -12.86
C THR H 315 30.63 8.51 -12.62
N ARG H 316 30.70 8.90 -11.35
CA ARG H 316 31.12 10.25 -11.00
C ARG H 316 32.16 10.15 -9.90
N ALA H 317 32.93 11.22 -9.71
CA ALA H 317 33.94 11.22 -8.68
C ALA H 317 34.21 12.60 -8.11
N ASP H 318 34.26 12.65 -6.79
CA ASP H 318 34.53 13.86 -6.04
C ASP H 318 35.65 13.47 -5.07
N LEU H 319 36.86 13.37 -5.60
CA LEU H 319 38.04 12.98 -4.81
C LEU H 319 39.07 14.09 -4.87
N ASP H 320 38.78 15.16 -4.12
CA ASP H 320 39.63 16.33 -4.11
C ASP H 320 40.29 16.68 -2.78
N ALA H 321 40.22 15.78 -1.81
CA ALA H 321 40.80 16.06 -0.50
C ALA H 321 42.30 16.34 -0.48
N THR H 322 43.06 15.74 -1.41
CA THR H 322 44.51 15.97 -1.41
C THR H 322 44.91 17.36 -1.88
N PHE H 323 44.06 17.98 -2.71
CA PHE H 323 44.37 19.29 -3.27
C PHE H 323 44.72 20.38 -2.27
N GLY H 324 44.07 20.40 -1.11
CA GLY H 324 44.36 21.42 -0.12
C GLY H 324 45.41 21.08 0.91
N LEU H 325 45.92 19.86 0.90
CA LEU H 325 46.93 19.45 1.86
C LEU H 325 48.26 20.17 1.70
N GLU H 326 48.85 20.58 2.82
CA GLU H 326 50.15 21.24 2.78
C GLU H 326 51.22 20.22 2.42
N THR H 327 51.02 18.98 2.86
CA THR H 327 51.97 17.90 2.61
C THR H 327 51.28 16.56 2.46
N ALA H 328 52.02 15.57 1.95
CA ALA H 328 51.50 14.22 1.78
C ALA H 328 52.21 13.39 2.85
N PRO H 329 51.45 12.59 3.62
CA PRO H 329 51.99 11.76 4.70
C PRO H 329 52.68 10.47 4.24
N VAL H 330 52.60 10.20 2.94
CA VAL H 330 53.18 8.99 2.40
C VAL H 330 53.64 9.23 0.96
N THR H 331 54.32 8.25 0.37
CA THR H 331 54.82 8.38 -1.00
C THR H 331 53.93 7.62 -2.00
N GLY H 332 53.76 8.19 -3.19
CA GLY H 332 52.96 7.54 -4.20
C GLY H 332 51.47 7.75 -4.08
N GLY H 333 50.71 6.93 -4.78
CA GLY H 333 49.26 7.04 -4.76
C GLY H 333 48.83 8.33 -5.43
N VAL H 334 47.58 8.73 -5.24
CA VAL H 334 47.08 9.97 -5.83
C VAL H 334 47.86 11.14 -5.22
N SER H 335 48.41 11.97 -6.08
CA SER H 335 49.22 13.11 -5.65
C SER H 335 48.45 14.32 -5.14
N LEU H 336 49.21 15.24 -4.55
CA LEU H 336 48.69 16.49 -4.00
C LEU H 336 48.28 17.48 -5.09
N GLU H 337 48.64 17.18 -6.33
CA GLU H 337 48.31 18.07 -7.45
C GLU H 337 46.84 18.29 -7.70
N ALA H 338 46.45 19.54 -7.83
CA ALA H 338 45.06 19.89 -8.11
C ALA H 338 44.87 19.70 -9.61
N LYS H 339 44.40 18.52 -9.99
CA LYS H 339 44.16 18.16 -11.39
C LYS H 339 42.94 17.26 -11.47
N PRO H 340 42.19 17.33 -12.58
CA PRO H 340 40.99 16.52 -12.76
C PRO H 340 41.25 15.03 -13.03
N LEU H 341 42.36 14.73 -13.70
CA LEU H 341 42.67 13.33 -14.01
C LEU H 341 43.42 12.63 -12.90
N LEU H 342 42.81 11.57 -12.38
CA LEU H 342 43.44 10.78 -11.34
C LEU H 342 43.68 9.44 -12.02
N GLU H 343 44.88 9.29 -12.59
CA GLU H 343 45.25 8.06 -13.29
C GLU H 343 46.08 7.17 -12.38
N LEU H 344 45.64 5.92 -12.24
CA LEU H 344 46.31 4.96 -11.39
C LEU H 344 47.48 4.29 -12.10
N GLY H 345 48.59 4.14 -11.38
CA GLY H 345 49.76 3.51 -11.95
C GLY H 345 49.64 2.00 -12.00
N GLU H 346 50.73 1.33 -12.36
CA GLU H 346 50.71 -0.13 -12.43
C GLU H 346 51.28 -0.78 -11.18
N ALA H 347 51.75 0.02 -10.23
CA ALA H 347 52.30 -0.54 -9.00
C ALA H 347 51.22 -1.39 -8.34
N ALA H 348 51.62 -2.46 -7.68
CA ALA H 348 50.66 -3.35 -7.03
C ALA H 348 49.97 -2.67 -5.85
N GLY H 349 48.76 -3.13 -5.54
CA GLY H 349 48.01 -2.57 -4.43
C GLY H 349 47.71 -1.11 -4.64
N LEU H 350 47.94 -0.29 -3.62
CA LEU H 350 47.69 1.14 -3.69
C LEU H 350 48.90 1.89 -4.27
N GLY H 351 50.00 1.18 -4.48
CA GLY H 351 51.19 1.81 -5.03
C GLY H 351 51.74 2.86 -4.08
N ILE H 352 51.51 2.65 -2.79
CA ILE H 352 51.95 3.59 -1.78
C ILE H 352 53.12 3.00 -0.96
N SER H 353 54.05 3.85 -0.57
CA SER H 353 55.20 3.42 0.23
C SER H 353 55.58 4.49 1.24
#